data_6TD3
#
_entry.id   6TD3
#
_cell.length_a   250.749
_cell.length_b   250.749
_cell.length_c   217.92
_cell.angle_alpha   90
_cell.angle_beta   90
_cell.angle_gamma   120
#
_symmetry.space_group_name_H-M   'P 31 2 1'
#
loop_
_entity.id
_entity.type
_entity.pdbx_description
1 polymer 'DNA damage-binding protein 1'
2 polymer 'Cyclin-dependent kinase 12'
3 polymer Cyclin-K
4 non-polymer (2R)-2-({9-(1-methylethyl)-6-[(4-pyridin-2-ylbenzyl)amino]-9H-purin-2-yl}amino)butan-1-ol
#
loop_
_entity_poly.entity_id
_entity_poly.type
_entity_poly.pdbx_seq_one_letter_code
_entity_poly.pdbx_strand_id
1 'polypeptide(L)'
;GGGRMSYNYVVTAQKPTAVNGCVTGHFTSAEDLNLLIAKNTRLEIYVVTAEGLRPVKEVGMYGKIAVMELFRPKGESKDL
LFILTAKYNACILEYKQSGESIDIITRAHGNVQDRIGRPSETGIIGIIDPECRMIGLRLYDGLFKVIPLDRDNKELKAFN
IRLEELHVIDVKFLYGCQAPTICFVYQDPQGRHVKTYEVSLREKEFNKGPWKQENVEAEASMVIAVPEPFGGAIIIGQES
ITYHNGDKYLAIAPPIIKQSTIVCHNRVDPNGSRYLLGDMEGRLFMLLLEKEEQMDGTVTLKDLRVELLGETSIAECLTY
LDNGVVFVGSRLGDSQLVKLNVDSNEQGSYVVAMETFTNLGPIVDMCVVDLERQGQGQLVTCSGAFKEGSLRIIRNGIGG
NGNSGEIQKLHIRTVPLYESPRKICYQEVSQCFGVLSSRIEVQDTSGGTTALRPSASTQALSSSVSSSKLFSSSTAPHET
SFGEEVEVHNLLIIDQHTFEVLHAHQFLQNEYALSLVSCKLGKDPNTYFIVGTAMVYPEEAEPKQGRIVVFQYSDGKLQT
VAEKEVKGAVYSMVEFNGKLLASINSTVRLYEWTTEKELRTECNHYNNIMALYLKTKGDFILVGDLMRSVLLLAYKPMEG
NFEEIARDFNPNWMSAVEILDDDNFLGAENAFNLFVCQKDSAATTDEERQHLQEVGLFHLGEFVNVFCHGSLVMQNLGET
STPTQGSVLFGTVNGMIGLVTSLSESWYNLLLDMQNRLNKVIKSVGKIEHSFWRSFHTERKTEPATGFIDGDLIESFLDI
SRPKMQEVVANLQYDDGSGMKREATADDLIKVVEELTRIH
;
A,D,G
2 'polypeptide(L)'
;GGGRRQTESDWGKRCVDKFDIIGIIGEGTYGQVYKAKDKDTGELVALKKVRLDNEKEGFPITAIREIKILRQLIHRSVVN
MKEIVTDKQDALDFKKDKGAFYLVFEYMDHDLMGLLESGLVHFSEDHIKSFMKQLMEGLEYCHKKNFLHRDIKCSNILLN
NSGQIKLADFGLARLYNSEESRPY(TPO)NKVITLWYRPPELLLGEERYTPAIDVWSCGCILGELFTKKPIFQANLELAQ
LELISRLCGSPCPAVWPDVIRLPYFNTMKPKKQYRRRLREEFSFIPSAALDLLDHMLTLDPSKRCTAEQTLQSDFLKDVE
LSKMAPPDLPHWQDCHELWSKKRRRQRQ
;
B,E,H
3 'polypeptide(L)'
;GGGRMKENKENSSPSVTSANLDHTKPCWYWDKKDLAHTPSQLEGLDPATEARYRREGARFIFDVGTRLGLHYDTLATGII
YFHRFYMFHSFKQFPRYVTGACCLFLAGKVEETPKKCKDIIKTARSLLNDVQFGQFGDDPKEEVMVLERILLQTIKFDLQ
VEHPYQFLLKYAKQLKGDKNKIQKLVQMAWTFVNDSLCTTLSLQWEPEIIAVAVMYLAGRLCKFEIQEWTSKPMYRRWWE
QFVQDVPVDVLEDICHQILDLYSQGKQQMPH
;
C,F,I
#
loop_
_chem_comp.id
_chem_comp.type
_chem_comp.name
_chem_comp.formula
RC8 non-polymer (2R)-2-({9-(1-methylethyl)-6-[(4-pyridin-2-ylbenzyl)amino]-9H-purin-2-yl}amino)butan-1-ol 'C24 H29 N7 O'
#
# COMPACT_ATOMS: atom_id res chain seq x y z
N MET A 5 -25.53 -52.09 -18.78
CA MET A 5 -25.54 -52.72 -20.11
C MET A 5 -24.24 -52.48 -20.92
N SER A 6 -23.09 -52.94 -20.36
CA SER A 6 -21.78 -52.84 -21.03
C SER A 6 -21.32 -54.23 -21.40
N TYR A 7 -20.74 -54.38 -22.59
CA TYR A 7 -20.28 -55.68 -23.04
C TYR A 7 -18.84 -55.56 -23.55
N ASN A 8 -17.84 -56.10 -22.82
CA ASN A 8 -16.45 -56.00 -23.22
C ASN A 8 -15.74 -57.37 -23.23
N TYR A 9 -14.68 -57.48 -24.03
CA TYR A 9 -13.83 -58.65 -24.20
C TYR A 9 -12.41 -58.26 -23.73
N VAL A 10 -11.69 -59.17 -23.06
CA VAL A 10 -10.34 -58.88 -22.60
C VAL A 10 -9.44 -60.10 -22.80
N VAL A 11 -8.42 -59.97 -23.65
CA VAL A 11 -7.51 -61.07 -23.97
C VAL A 11 -6.07 -60.67 -23.74
N THR A 12 -5.24 -61.67 -23.42
CA THR A 12 -3.81 -61.47 -23.20
C THR A 12 -3.08 -61.51 -24.52
N ALA A 13 -2.29 -60.46 -24.83
CA ALA A 13 -1.49 -60.38 -26.04
C ALA A 13 -0.08 -60.91 -25.78
N GLN A 14 0.49 -60.57 -24.62
CA GLN A 14 1.78 -61.07 -24.18
C GLN A 14 1.60 -61.58 -22.77
N LYS A 15 1.90 -62.87 -22.52
CA LYS A 15 1.81 -63.47 -21.19
C LYS A 15 2.74 -62.73 -20.20
N PRO A 16 2.44 -62.71 -18.87
CA PRO A 16 3.36 -62.04 -17.93
C PRO A 16 4.77 -62.63 -18.00
N THR A 17 5.77 -61.81 -18.33
CA THR A 17 7.15 -62.26 -18.49
C THR A 17 7.99 -62.20 -17.19
N ALA A 18 7.52 -61.48 -16.15
CA ALA A 18 8.29 -61.35 -14.90
C ALA A 18 8.27 -62.61 -14.04
N VAL A 19 9.48 -63.03 -13.57
CA VAL A 19 9.66 -64.20 -12.71
C VAL A 19 9.38 -63.86 -11.23
N ASN A 20 8.38 -64.53 -10.65
CA ASN A 20 7.97 -64.35 -9.25
C ASN A 20 8.53 -65.42 -8.33
N GLY A 21 8.82 -66.61 -8.86
CA GLY A 21 9.36 -67.70 -8.07
C GLY A 21 9.92 -68.82 -8.94
N CYS A 22 10.87 -69.60 -8.41
CA CYS A 22 11.44 -70.71 -9.15
C CYS A 22 12.11 -71.74 -8.21
N VAL A 23 11.69 -73.03 -8.34
CA VAL A 23 12.18 -74.16 -7.54
C VAL A 23 12.81 -75.24 -8.41
N THR A 24 13.68 -76.07 -7.81
CA THR A 24 14.36 -77.19 -8.47
C THR A 24 14.09 -78.47 -7.69
N GLY A 25 13.99 -79.59 -8.40
CA GLY A 25 13.74 -80.87 -7.77
C GLY A 25 13.64 -81.98 -8.79
N HIS A 26 12.85 -83.01 -8.48
CA HIS A 26 12.66 -84.18 -9.35
C HIS A 26 11.17 -84.42 -9.50
N PHE A 27 10.52 -83.51 -10.20
CA PHE A 27 9.08 -83.46 -10.40
C PHE A 27 8.53 -84.34 -11.54
N THR A 28 9.13 -84.30 -12.75
CA THR A 28 8.68 -85.07 -13.90
C THR A 28 9.01 -86.57 -13.74
N SER A 29 10.23 -86.88 -13.27
CA SER A 29 10.66 -88.25 -12.97
C SER A 29 11.74 -88.22 -11.86
N ALA A 30 11.96 -89.34 -11.18
CA ALA A 30 12.95 -89.39 -10.11
C ALA A 30 14.37 -89.07 -10.59
N GLU A 31 14.68 -89.32 -11.88
CA GLU A 31 16.00 -89.11 -12.46
C GLU A 31 16.21 -87.67 -12.95
N ASP A 32 15.26 -87.12 -13.71
CA ASP A 32 15.35 -85.77 -14.27
C ASP A 32 15.51 -84.68 -13.22
N LEU A 33 16.45 -83.74 -13.39
CA LEU A 33 16.52 -82.57 -12.52
C LEU A 33 15.64 -81.51 -13.18
N ASN A 34 14.63 -81.00 -12.47
CA ASN A 34 13.70 -80.02 -13.02
C ASN A 34 13.93 -78.61 -12.49
N LEU A 35 13.35 -77.62 -13.20
CA LEU A 35 13.35 -76.22 -12.80
C LEU A 35 11.97 -75.69 -13.13
N LEU A 36 11.17 -75.36 -12.11
CA LEU A 36 9.83 -74.82 -12.30
C LEU A 36 9.88 -73.32 -12.08
N ILE A 37 9.33 -72.52 -13.00
CA ILE A 37 9.34 -71.07 -12.90
C ILE A 37 7.90 -70.59 -12.95
N ALA A 38 7.47 -69.85 -11.93
CA ALA A 38 6.11 -69.31 -11.91
C ALA A 38 6.17 -67.83 -12.26
N LYS A 39 5.49 -67.45 -13.35
CA LYS A 39 5.43 -66.08 -13.82
C LYS A 39 4.00 -65.61 -13.64
N ASN A 40 3.68 -65.27 -12.40
CA ASN A 40 2.37 -64.76 -11.96
C ASN A 40 1.28 -65.87 -12.06
N THR A 41 0.52 -65.93 -13.14
CA THR A 41 -0.52 -66.94 -13.33
C THR A 41 -0.03 -68.17 -14.10
N ARG A 42 1.07 -68.04 -14.83
CA ARG A 42 1.64 -69.12 -15.62
C ARG A 42 2.63 -69.95 -14.76
N LEU A 43 2.86 -71.21 -15.17
CA LEU A 43 3.81 -72.13 -14.54
C LEU A 43 4.56 -72.86 -15.65
N GLU A 44 5.89 -72.64 -15.74
CA GLU A 44 6.75 -73.27 -16.73
C GLU A 44 7.51 -74.42 -16.07
N ILE A 45 7.62 -75.57 -16.76
CA ILE A 45 8.35 -76.75 -16.28
C ILE A 45 9.46 -77.01 -17.29
N TYR A 46 10.69 -77.14 -16.80
CA TYR A 46 11.87 -77.40 -17.64
C TYR A 46 12.66 -78.60 -17.09
N VAL A 47 13.46 -79.23 -17.98
CA VAL A 47 14.37 -80.31 -17.60
C VAL A 47 15.78 -79.75 -17.83
N VAL A 48 16.62 -79.85 -16.79
CA VAL A 48 17.99 -79.35 -16.82
C VAL A 48 18.85 -80.29 -17.65
N THR A 49 19.59 -79.72 -18.61
CA THR A 49 20.51 -80.47 -19.48
C THR A 49 21.91 -79.84 -19.43
N ALA A 50 22.92 -80.55 -19.97
CA ALA A 50 24.30 -80.05 -20.02
C ALA A 50 24.37 -78.77 -20.85
N GLU A 51 23.59 -78.70 -21.96
CA GLU A 51 23.57 -77.52 -22.83
C GLU A 51 22.96 -76.32 -22.09
N GLY A 52 21.79 -76.51 -21.49
CA GLY A 52 21.11 -75.46 -20.75
C GLY A 52 19.82 -75.95 -20.14
N LEU A 53 18.67 -75.42 -20.61
CA LEU A 53 17.34 -75.79 -20.13
C LEU A 53 16.53 -76.29 -21.30
N ARG A 54 15.84 -77.43 -21.14
CA ARG A 54 14.96 -77.93 -22.20
C ARG A 54 13.50 -77.82 -21.72
N PRO A 55 12.64 -77.09 -22.43
CA PRO A 55 11.24 -76.96 -21.98
C PRO A 55 10.46 -78.28 -22.14
N VAL A 56 9.56 -78.61 -21.19
CA VAL A 56 8.78 -79.85 -21.24
C VAL A 56 7.26 -79.65 -21.05
N LYS A 57 6.81 -78.55 -20.43
CA LYS A 57 5.36 -78.29 -20.29
C LYS A 57 5.14 -76.90 -19.67
N GLU A 58 4.05 -76.21 -20.06
CA GLU A 58 3.70 -74.89 -19.52
C GLU A 58 2.19 -74.88 -19.34
N VAL A 59 1.74 -74.51 -18.13
CA VAL A 59 0.31 -74.50 -17.78
C VAL A 59 -0.10 -73.22 -17.15
N GLY A 60 -1.39 -72.92 -17.28
CA GLY A 60 -2.00 -71.75 -16.67
C GLY A 60 -2.89 -72.18 -15.54
N MET A 61 -2.99 -71.33 -14.52
CA MET A 61 -3.83 -71.55 -13.36
C MET A 61 -4.87 -70.47 -13.27
N TYR A 62 -6.00 -70.76 -12.61
CA TYR A 62 -7.02 -69.73 -12.41
C TYR A 62 -6.75 -69.03 -11.07
N GLY A 63 -5.52 -68.52 -10.90
CA GLY A 63 -5.10 -67.84 -9.68
C GLY A 63 -3.68 -67.31 -9.75
N LYS A 64 -3.36 -66.30 -8.93
CA LYS A 64 -2.01 -65.74 -8.88
C LYS A 64 -1.17 -66.69 -8.03
N ILE A 65 -0.09 -67.26 -8.57
CA ILE A 65 0.73 -68.22 -7.81
C ILE A 65 1.52 -67.55 -6.68
N ALA A 66 1.10 -67.76 -5.41
CA ALA A 66 1.74 -67.15 -4.24
C ALA A 66 2.84 -68.07 -3.63
N VAL A 67 2.52 -69.35 -3.36
CA VAL A 67 3.50 -70.31 -2.84
C VAL A 67 3.71 -71.39 -3.88
N MET A 68 4.95 -71.87 -4.01
CA MET A 68 5.30 -72.95 -4.93
C MET A 68 6.47 -73.70 -4.32
N GLU A 69 6.26 -74.97 -3.88
CA GLU A 69 7.31 -75.77 -3.25
C GLU A 69 7.22 -77.24 -3.63
N LEU A 70 8.34 -77.82 -4.05
CA LEU A 70 8.41 -79.25 -4.35
C LEU A 70 8.78 -79.99 -3.08
N PHE A 71 8.30 -81.21 -2.93
CA PHE A 71 8.60 -82.03 -1.77
C PHE A 71 8.38 -83.50 -2.10
N ARG A 72 9.19 -84.38 -1.51
CA ARG A 72 9.10 -85.82 -1.74
C ARG A 72 8.55 -86.52 -0.48
N PRO A 73 7.23 -86.77 -0.37
CA PRO A 73 6.73 -87.45 0.85
C PRO A 73 7.10 -88.93 0.92
N LYS A 74 6.93 -89.52 2.11
CA LYS A 74 7.23 -90.92 2.36
C LYS A 74 6.43 -91.81 1.41
N GLY A 75 7.11 -92.71 0.71
CA GLY A 75 6.49 -93.64 -0.22
C GLY A 75 6.38 -93.19 -1.66
N GLU A 76 6.68 -91.91 -1.98
CA GLU A 76 6.60 -91.43 -3.36
C GLU A 76 7.92 -91.66 -4.07
N SER A 77 7.86 -92.11 -5.33
CA SER A 77 9.05 -92.36 -6.15
C SER A 77 9.66 -91.06 -6.67
N LYS A 78 8.83 -90.03 -6.91
CA LYS A 78 9.27 -88.72 -7.42
C LYS A 78 8.57 -87.59 -6.63
N ASP A 79 9.07 -86.34 -6.75
CA ASP A 79 8.53 -85.15 -6.05
C ASP A 79 7.12 -84.74 -6.54
N LEU A 80 6.34 -84.16 -5.62
CA LEU A 80 5.01 -83.61 -5.87
C LEU A 80 5.09 -82.10 -5.65
N LEU A 81 4.24 -81.33 -6.35
CA LEU A 81 4.26 -79.88 -6.23
C LEU A 81 3.16 -79.35 -5.35
N PHE A 82 3.42 -78.28 -4.61
CA PHE A 82 2.41 -77.62 -3.80
C PHE A 82 2.31 -76.17 -4.25
N ILE A 83 1.07 -75.68 -4.48
CA ILE A 83 0.82 -74.30 -4.88
C ILE A 83 -0.34 -73.73 -4.08
N LEU A 84 -0.27 -72.45 -3.80
CA LEU A 84 -1.30 -71.71 -3.09
C LEU A 84 -1.49 -70.40 -3.85
N THR A 85 -2.72 -70.06 -4.23
CA THR A 85 -2.98 -68.83 -4.97
C THR A 85 -3.20 -67.65 -4.02
N ALA A 86 -3.19 -66.42 -4.55
CA ALA A 86 -3.45 -65.21 -3.78
C ALA A 86 -4.85 -65.25 -3.15
N LYS A 87 -5.83 -65.90 -3.83
CA LYS A 87 -7.20 -66.04 -3.32
C LYS A 87 -7.34 -67.23 -2.31
N TYR A 88 -6.20 -67.81 -1.86
CA TYR A 88 -6.04 -68.89 -0.90
C TYR A 88 -6.41 -70.29 -1.42
N ASN A 89 -6.26 -70.55 -2.73
CA ASN A 89 -6.56 -71.87 -3.27
C ASN A 89 -5.31 -72.74 -3.15
N ALA A 90 -5.32 -73.72 -2.26
CA ALA A 90 -4.21 -74.66 -2.06
C ALA A 90 -4.42 -75.92 -2.89
N CYS A 91 -3.33 -76.54 -3.37
CA CYS A 91 -3.43 -77.77 -4.14
C CYS A 91 -2.09 -78.48 -4.27
N ILE A 92 -2.12 -79.82 -4.25
CA ILE A 92 -0.94 -80.65 -4.42
C ILE A 92 -1.08 -81.29 -5.78
N LEU A 93 -0.17 -80.98 -6.70
CA LEU A 93 -0.20 -81.49 -8.06
C LEU A 93 0.86 -82.58 -8.29
N GLU A 94 0.67 -83.39 -9.34
CA GLU A 94 1.60 -84.46 -9.73
C GLU A 94 1.76 -84.45 -11.26
N TYR A 95 3.00 -84.58 -11.74
CA TYR A 95 3.30 -84.67 -13.18
C TYR A 95 3.10 -86.14 -13.59
N LYS A 96 2.39 -86.41 -14.69
CA LYS A 96 2.19 -87.80 -15.13
C LYS A 96 2.10 -87.83 -16.63
N GLN A 97 3.06 -88.49 -17.28
CA GLN A 97 3.16 -88.59 -18.73
C GLN A 97 2.95 -90.01 -19.18
N SER A 98 2.15 -90.18 -20.23
CA SER A 98 1.86 -91.49 -20.81
C SER A 98 2.25 -91.45 -22.27
N GLY A 99 3.55 -91.63 -22.53
CA GLY A 99 4.12 -91.56 -23.87
C GLY A 99 4.29 -90.10 -24.26
N GLU A 100 3.24 -89.54 -24.87
CA GLU A 100 3.19 -88.14 -25.32
C GLU A 100 2.22 -87.30 -24.46
N SER A 101 1.13 -87.93 -23.96
CA SER A 101 0.09 -87.27 -23.15
C SER A 101 0.63 -86.71 -21.83
N ILE A 102 0.94 -85.40 -21.80
CA ILE A 102 1.45 -84.72 -20.60
C ILE A 102 0.30 -84.07 -19.85
N ASP A 103 0.08 -84.47 -18.59
CA ASP A 103 -1.01 -83.98 -17.73
C ASP A 103 -0.50 -83.61 -16.34
N ILE A 104 -1.18 -82.65 -15.70
CA ILE A 104 -0.87 -82.21 -14.34
C ILE A 104 -2.07 -82.60 -13.45
N ILE A 105 -1.97 -83.76 -12.80
CA ILE A 105 -3.03 -84.29 -11.94
C ILE A 105 -3.14 -83.47 -10.68
N THR A 106 -4.37 -83.26 -10.20
CA THR A 106 -4.60 -82.54 -8.96
C THR A 106 -4.87 -83.58 -7.87
N ARG A 107 -3.78 -84.01 -7.18
CA ARG A 107 -3.85 -85.02 -6.11
C ARG A 107 -4.68 -84.59 -4.88
N ALA A 108 -4.66 -83.30 -4.52
CA ALA A 108 -5.40 -82.77 -3.37
C ALA A 108 -5.71 -81.29 -3.59
N HIS A 109 -6.85 -80.77 -3.10
CA HIS A 109 -7.20 -79.35 -3.30
C HIS A 109 -8.21 -78.81 -2.29
N GLY A 110 -8.28 -77.49 -2.19
CA GLY A 110 -9.20 -76.78 -1.30
C GLY A 110 -8.77 -75.35 -1.01
N ASN A 111 -9.71 -74.50 -0.56
CA ASN A 111 -9.43 -73.09 -0.23
C ASN A 111 -9.15 -72.95 1.27
N VAL A 112 -8.01 -72.37 1.64
CA VAL A 112 -7.57 -72.28 3.04
C VAL A 112 -7.82 -70.92 3.69
N GLN A 113 -8.76 -70.13 3.15
CA GLN A 113 -9.05 -68.81 3.71
C GLN A 113 -9.79 -68.96 5.03
N ASP A 114 -9.42 -68.13 6.03
CA ASP A 114 -10.08 -68.17 7.34
C ASP A 114 -11.17 -67.12 7.37
N ARG A 115 -12.20 -67.43 8.12
CA ARG A 115 -13.39 -66.60 8.26
C ARG A 115 -13.02 -65.19 8.77
N ILE A 116 -12.15 -65.13 9.79
CA ILE A 116 -11.66 -63.90 10.43
C ILE A 116 -10.15 -63.96 10.54
N GLY A 117 -9.49 -62.88 10.10
CA GLY A 117 -8.04 -62.75 10.14
C GLY A 117 -7.56 -61.45 9.54
N ARG A 118 -6.36 -61.00 9.94
CA ARG A 118 -5.74 -59.78 9.41
C ARG A 118 -4.63 -60.22 8.49
N PRO A 119 -4.65 -59.92 7.17
CA PRO A 119 -3.54 -60.36 6.31
C PRO A 119 -2.22 -59.73 6.74
N SER A 120 -1.14 -60.54 6.73
CA SER A 120 0.18 -60.11 7.20
C SER A 120 0.88 -59.12 6.30
N GLU A 121 1.74 -58.28 6.89
CA GLU A 121 2.46 -57.27 6.14
C GLU A 121 3.46 -57.87 5.13
N THR A 122 4.33 -58.79 5.57
CA THR A 122 5.32 -59.43 4.69
C THR A 122 4.70 -60.47 3.70
N GLY A 123 3.37 -60.53 3.62
CA GLY A 123 2.67 -61.41 2.68
C GLY A 123 2.55 -62.86 3.12
N ILE A 124 2.05 -63.73 2.21
CA ILE A 124 1.89 -65.15 2.50
C ILE A 124 3.27 -65.78 2.53
N ILE A 125 3.48 -66.70 3.49
CA ILE A 125 4.73 -67.45 3.59
C ILE A 125 4.31 -68.91 3.69
N GLY A 126 4.86 -69.74 2.83
CA GLY A 126 4.55 -71.16 2.83
C GLY A 126 5.82 -71.96 2.89
N ILE A 127 5.92 -72.86 3.88
CA ILE A 127 7.11 -73.68 4.14
C ILE A 127 6.72 -75.11 4.44
N ILE A 128 7.53 -76.09 4.01
CA ILE A 128 7.24 -77.49 4.27
C ILE A 128 8.33 -78.08 5.16
N ASP A 129 7.89 -78.89 6.10
CA ASP A 129 8.70 -79.63 7.08
C ASP A 129 9.68 -80.54 6.33
N PRO A 130 10.99 -80.61 6.68
CA PRO A 130 11.90 -81.52 5.95
C PRO A 130 11.44 -83.00 5.88
N GLU A 131 10.82 -83.52 6.95
CA GLU A 131 10.29 -84.89 6.97
C GLU A 131 8.95 -85.03 6.18
N CYS A 132 8.41 -83.91 5.63
CA CYS A 132 7.15 -83.84 4.90
C CYS A 132 5.96 -84.33 5.73
N ARG A 133 5.86 -83.80 6.96
CA ARG A 133 4.78 -84.12 7.89
C ARG A 133 3.70 -83.03 7.88
N MET A 134 4.02 -81.79 7.41
CA MET A 134 3.02 -80.72 7.36
C MET A 134 3.44 -79.56 6.44
N ILE A 135 2.45 -78.78 5.97
CA ILE A 135 2.70 -77.57 5.19
C ILE A 135 2.35 -76.45 6.15
N GLY A 136 3.34 -75.65 6.49
CA GLY A 136 3.15 -74.50 7.36
C GLY A 136 2.86 -73.26 6.55
N LEU A 137 1.71 -72.61 6.79
CA LEU A 137 1.32 -71.40 6.09
C LEU A 137 1.10 -70.26 7.08
N ARG A 138 1.69 -69.09 6.82
CA ARG A 138 1.53 -67.88 7.62
C ARG A 138 0.74 -66.93 6.75
N LEU A 139 -0.59 -66.95 6.90
CA LEU A 139 -1.46 -66.09 6.10
C LEU A 139 -1.79 -64.83 6.91
N TYR A 140 -2.29 -65.00 8.14
CA TYR A 140 -2.73 -63.91 8.98
C TYR A 140 -1.79 -63.68 10.16
N ASP A 141 -1.75 -62.42 10.67
CA ASP A 141 -0.90 -62.08 11.80
C ASP A 141 -1.40 -62.83 13.03
N GLY A 142 -0.49 -63.30 13.88
CA GLY A 142 -0.85 -63.99 15.12
C GLY A 142 -1.46 -65.37 14.97
N LEU A 143 -1.38 -65.97 13.77
CA LEU A 143 -1.92 -67.30 13.48
C LEU A 143 -1.02 -68.04 12.50
N PHE A 144 -0.74 -69.32 12.81
CA PHE A 144 0.08 -70.20 11.99
C PHE A 144 -0.76 -71.41 11.59
N LYS A 145 -1.19 -71.47 10.32
CA LYS A 145 -2.02 -72.57 9.79
C LYS A 145 -1.16 -73.80 9.46
N VAL A 146 -1.69 -75.02 9.70
CA VAL A 146 -0.96 -76.27 9.50
C VAL A 146 -1.82 -77.27 8.74
N ILE A 147 -1.42 -77.64 7.51
CA ILE A 147 -2.12 -78.65 6.72
C ILE A 147 -1.33 -79.94 6.95
N PRO A 148 -1.84 -80.92 7.73
CA PRO A 148 -1.07 -82.16 7.92
C PRO A 148 -0.96 -82.94 6.62
N LEU A 149 0.26 -83.26 6.20
CA LEU A 149 0.48 -84.01 4.97
C LEU A 149 0.24 -85.46 5.26
N ASP A 150 -1.04 -85.85 5.25
CA ASP A 150 -1.47 -87.21 5.53
C ASP A 150 -2.02 -87.86 4.26
N ARG A 151 -2.08 -89.18 4.28
CA ARG A 151 -2.61 -89.96 3.16
C ARG A 151 -4.09 -89.64 2.97
N ASP A 152 -4.86 -89.56 4.08
CA ASP A 152 -6.30 -89.31 4.03
C ASP A 152 -6.66 -87.85 3.79
N ASN A 153 -5.74 -86.91 4.02
CA ASN A 153 -6.03 -85.49 3.84
C ASN A 153 -5.97 -85.06 2.36
N LYS A 154 -7.08 -85.31 1.65
CA LYS A 154 -7.25 -84.98 0.25
C LYS A 154 -7.87 -83.58 0.11
N GLU A 155 -8.78 -83.20 1.03
CA GLU A 155 -9.42 -81.87 1.01
C GLU A 155 -8.49 -80.75 1.53
N LEU A 156 -7.31 -81.09 2.11
CA LEU A 156 -6.35 -80.12 2.66
C LEU A 156 -6.95 -79.34 3.81
N LYS A 157 -7.51 -80.08 4.78
CA LYS A 157 -8.09 -79.53 6.00
C LYS A 157 -6.92 -79.07 6.88
N ALA A 158 -7.06 -77.90 7.52
CA ALA A 158 -6.00 -77.32 8.33
C ALA A 158 -6.53 -76.69 9.62
N PHE A 159 -5.63 -76.51 10.61
CA PHE A 159 -5.95 -75.89 11.90
C PHE A 159 -4.97 -74.78 12.17
N ASN A 160 -5.45 -73.75 12.85
CA ASN A 160 -4.61 -72.63 13.20
C ASN A 160 -4.12 -72.79 14.60
N ILE A 161 -2.81 -72.62 14.81
CA ILE A 161 -2.23 -72.61 16.14
C ILE A 161 -2.03 -71.15 16.44
N ARG A 162 -2.37 -70.73 17.67
CA ARG A 162 -2.21 -69.34 18.06
C ARG A 162 -0.72 -69.00 18.09
N LEU A 163 -0.37 -67.80 17.63
CA LEU A 163 1.02 -67.34 17.62
C LEU A 163 1.08 -66.04 18.42
N GLU A 164 1.94 -66.04 19.46
CA GLU A 164 2.11 -64.90 20.37
C GLU A 164 2.67 -63.68 19.68
N GLU A 165 3.67 -63.87 18.81
CA GLU A 165 4.34 -62.80 18.09
C GLU A 165 3.50 -62.38 16.89
N LEU A 166 2.94 -61.18 16.93
CA LEU A 166 2.07 -60.73 15.85
C LEU A 166 2.80 -60.40 14.51
N HIS A 167 3.76 -59.47 14.55
CA HIS A 167 4.50 -59.05 13.37
C HIS A 167 5.66 -60.02 13.10
N VAL A 168 5.46 -61.00 12.18
CA VAL A 168 6.52 -61.96 11.81
C VAL A 168 7.13 -61.50 10.51
N ILE A 169 8.46 -61.46 10.44
CA ILE A 169 9.20 -61.03 9.25
C ILE A 169 9.36 -62.21 8.27
N ASP A 170 9.90 -63.34 8.74
CA ASP A 170 10.09 -64.55 7.92
C ASP A 170 10.19 -65.78 8.83
N VAL A 171 9.81 -66.95 8.31
CA VAL A 171 9.84 -68.22 9.04
C VAL A 171 10.26 -69.36 8.11
N LYS A 172 11.00 -70.34 8.65
CA LYS A 172 11.46 -71.53 7.95
C LYS A 172 11.35 -72.75 8.89
N PHE A 173 11.39 -73.97 8.33
CA PHE A 173 11.40 -75.17 9.15
C PHE A 173 12.87 -75.57 9.30
N LEU A 174 13.33 -75.82 10.54
CA LEU A 174 14.73 -76.19 10.79
C LEU A 174 15.02 -77.65 10.48
N TYR A 175 16.27 -77.93 10.11
CA TYR A 175 16.73 -79.29 9.84
C TYR A 175 17.38 -79.88 11.10
N GLY A 176 17.43 -81.21 11.18
CA GLY A 176 18.08 -81.91 12.28
C GLY A 176 17.44 -81.72 13.63
N CYS A 177 16.13 -81.98 13.72
CA CYS A 177 15.39 -81.84 14.96
C CYS A 177 14.56 -83.08 15.19
N GLN A 178 14.54 -83.53 16.47
CA GLN A 178 13.74 -84.68 16.92
C GLN A 178 12.25 -84.44 16.69
N ALA A 179 11.80 -83.17 16.76
CA ALA A 179 10.42 -82.78 16.52
C ALA A 179 10.38 -81.67 15.46
N PRO A 180 9.31 -81.58 14.62
CA PRO A 180 9.28 -80.51 13.60
C PRO A 180 9.32 -79.10 14.19
N THR A 181 10.44 -78.37 13.99
CA THR A 181 10.62 -77.05 14.57
C THR A 181 10.58 -75.93 13.53
N ILE A 182 9.99 -74.77 13.89
CA ILE A 182 9.99 -73.56 13.04
C ILE A 182 10.92 -72.54 13.68
N CYS A 183 11.58 -71.75 12.86
CA CYS A 183 12.48 -70.69 13.30
C CYS A 183 12.05 -69.46 12.57
N PHE A 184 11.79 -68.39 13.31
CA PHE A 184 11.31 -67.16 12.70
C PHE A 184 11.88 -65.91 13.32
N VAL A 185 11.97 -64.85 12.49
CA VAL A 185 12.40 -63.53 12.91
C VAL A 185 11.12 -62.73 13.01
N TYR A 186 10.92 -62.04 14.13
CA TYR A 186 9.75 -61.23 14.35
C TYR A 186 10.13 -59.83 14.84
N GLN A 187 9.16 -58.91 14.84
CA GLN A 187 9.37 -57.53 15.27
C GLN A 187 8.35 -57.16 16.35
N ASP A 188 8.81 -56.39 17.32
CA ASP A 188 8.02 -55.88 18.43
C ASP A 188 8.60 -54.49 18.85
N PRO A 189 8.07 -53.80 19.88
CA PRO A 189 8.63 -52.48 20.22
C PRO A 189 10.11 -52.50 20.56
N GLN A 190 10.57 -53.59 21.18
CA GLN A 190 11.97 -53.73 21.57
C GLN A 190 12.94 -54.01 20.40
N GLY A 191 12.43 -54.10 19.17
CA GLY A 191 13.25 -54.37 17.99
C GLY A 191 12.95 -55.72 17.36
N ARG A 192 13.94 -56.30 16.62
CA ARG A 192 13.76 -57.61 15.98
C ARG A 192 14.48 -58.69 16.75
N HIS A 193 13.89 -59.90 16.75
CA HIS A 193 14.40 -61.06 17.48
C HIS A 193 14.16 -62.34 16.70
N VAL A 194 14.95 -63.39 16.97
CA VAL A 194 14.80 -64.70 16.34
C VAL A 194 14.36 -65.67 17.43
N LYS A 195 13.32 -66.46 17.18
CA LYS A 195 12.74 -67.40 18.14
C LYS A 195 12.45 -68.75 17.47
N THR A 196 12.24 -69.81 18.27
CA THR A 196 11.93 -71.15 17.75
C THR A 196 10.78 -71.79 18.56
N TYR A 197 10.00 -72.66 17.90
CA TYR A 197 8.87 -73.37 18.50
C TYR A 197 8.77 -74.76 17.91
N GLU A 198 8.44 -75.77 18.72
CA GLU A 198 8.19 -77.11 18.21
C GLU A 198 6.70 -77.21 17.85
N VAL A 199 6.36 -77.86 16.72
CA VAL A 199 4.99 -77.96 16.21
C VAL A 199 4.43 -79.38 16.43
N SER A 200 3.66 -79.57 17.51
CA SER A 200 3.07 -80.87 17.83
C SER A 200 1.77 -81.08 17.06
N LEU A 201 1.75 -81.98 16.06
CA LEU A 201 0.54 -82.27 15.28
C LEU A 201 -0.49 -83.02 16.14
N ARG A 202 0.00 -83.99 16.91
CA ARG A 202 -0.77 -84.81 17.85
C ARG A 202 -1.59 -83.90 18.81
N GLU A 203 -0.91 -82.94 19.45
CA GLU A 203 -1.51 -82.02 20.43
C GLU A 203 -2.13 -80.76 19.79
N LYS A 204 -1.81 -80.46 18.52
CA LYS A 204 -2.31 -79.31 17.77
C LYS A 204 -2.00 -78.00 18.50
N GLU A 205 -0.73 -77.77 18.78
CA GLU A 205 -0.26 -76.57 19.47
C GLU A 205 1.28 -76.47 19.43
N PHE A 206 1.84 -75.29 19.74
CA PHE A 206 3.30 -75.14 19.80
C PHE A 206 3.80 -75.57 21.17
N ASN A 207 5.06 -76.00 21.21
CA ASN A 207 5.75 -76.37 22.44
C ASN A 207 7.06 -75.56 22.51
N LYS A 208 7.79 -75.62 23.64
CA LYS A 208 9.02 -74.85 23.83
C LYS A 208 10.04 -75.14 22.73
N GLY A 209 10.57 -74.08 22.15
CA GLY A 209 11.55 -74.22 21.09
C GLY A 209 12.84 -74.85 21.56
N PRO A 210 13.59 -75.52 20.67
CA PRO A 210 14.85 -76.14 21.09
C PRO A 210 15.90 -75.15 21.58
N TRP A 211 16.00 -73.94 20.97
CA TRP A 211 16.96 -72.95 21.44
C TRP A 211 16.37 -71.59 21.71
N LYS A 212 16.99 -70.89 22.68
CA LYS A 212 16.60 -69.57 23.18
C LYS A 212 16.47 -68.49 22.12
N GLN A 213 15.57 -67.55 22.39
CA GLN A 213 15.39 -66.38 21.56
C GLN A 213 16.65 -65.50 21.68
N GLU A 214 16.97 -64.75 20.62
CA GLU A 214 18.13 -63.85 20.62
C GLU A 214 17.77 -62.56 19.92
N ASN A 215 18.28 -61.41 20.41
CA ASN A 215 17.99 -60.11 19.80
C ASN A 215 18.85 -59.93 18.55
N VAL A 216 18.21 -59.74 17.37
CA VAL A 216 18.89 -59.63 16.07
C VAL A 216 18.84 -58.20 15.51
N GLU A 217 19.57 -57.97 14.38
CA GLU A 217 19.67 -56.69 13.71
C GLU A 217 18.30 -56.09 13.39
N ALA A 218 18.23 -54.75 13.41
CA ALA A 218 17.01 -54.01 13.13
C ALA A 218 16.36 -54.33 11.77
N GLU A 219 17.16 -54.67 10.75
CA GLU A 219 16.63 -54.99 9.43
C GLU A 219 16.90 -56.45 9.06
N ALA A 220 16.69 -57.36 10.02
CA ALA A 220 16.85 -58.79 9.77
C ALA A 220 15.74 -59.22 8.82
N SER A 221 16.05 -59.41 7.53
CA SER A 221 15.05 -59.69 6.52
C SER A 221 14.77 -61.18 6.22
N MET A 222 15.80 -62.06 6.21
CA MET A 222 15.58 -63.46 5.82
C MET A 222 16.13 -64.51 6.75
N VAL A 223 15.42 -65.65 6.86
CA VAL A 223 15.80 -66.82 7.65
C VAL A 223 16.22 -67.92 6.66
N ILE A 224 17.32 -68.61 6.95
CA ILE A 224 17.80 -69.69 6.08
C ILE A 224 18.00 -70.89 6.94
N ALA A 225 17.23 -71.98 6.72
CA ALA A 225 17.40 -73.22 7.46
C ALA A 225 18.63 -73.95 6.92
N VAL A 226 19.62 -74.23 7.78
CA VAL A 226 20.85 -74.88 7.33
C VAL A 226 20.71 -76.39 7.49
N PRO A 227 20.98 -77.19 6.44
CA PRO A 227 20.91 -78.66 6.62
C PRO A 227 22.06 -79.21 7.46
N GLU A 228 21.87 -80.47 7.88
CA GLU A 228 22.84 -81.20 8.69
C GLU A 228 24.21 -81.28 7.99
N PRO A 229 25.32 -81.44 8.74
CA PRO A 229 25.43 -81.62 10.21
C PRO A 229 25.52 -80.33 11.01
N PHE A 230 25.17 -79.18 10.42
CA PHE A 230 25.25 -77.92 11.13
C PHE A 230 23.95 -77.64 11.87
N GLY A 231 22.84 -77.70 11.15
CA GLY A 231 21.54 -77.36 11.73
C GLY A 231 21.44 -75.87 11.94
N GLY A 232 20.57 -75.46 12.84
CA GLY A 232 20.39 -74.04 13.15
C GLY A 232 19.91 -73.22 11.97
N ALA A 233 20.22 -71.91 12.00
CA ALA A 233 19.79 -70.99 10.96
C ALA A 233 20.71 -69.81 10.76
N ILE A 234 20.67 -69.18 9.55
CA ILE A 234 21.40 -67.96 9.24
C ILE A 234 20.36 -66.87 9.03
N ILE A 235 20.63 -65.68 9.58
CA ILE A 235 19.76 -64.53 9.48
C ILE A 235 20.52 -63.45 8.70
N ILE A 236 20.02 -63.12 7.52
CA ILE A 236 20.57 -62.09 6.65
C ILE A 236 19.92 -60.76 7.02
N GLY A 237 20.72 -59.72 7.14
CA GLY A 237 20.24 -58.38 7.44
C GLY A 237 20.67 -57.40 6.38
N GLN A 238 20.81 -56.14 6.76
CA GLN A 238 21.26 -55.08 5.88
C GLN A 238 22.78 -54.97 5.98
N GLU A 239 23.31 -55.00 7.22
CA GLU A 239 24.73 -54.86 7.53
C GLU A 239 25.38 -56.11 8.10
N SER A 240 24.61 -57.18 8.39
CA SER A 240 25.18 -58.35 9.04
C SER A 240 24.48 -59.66 8.72
N ILE A 241 25.26 -60.73 8.63
CA ILE A 241 24.79 -62.10 8.45
C ILE A 241 25.18 -62.82 9.75
N THR A 242 24.22 -63.45 10.45
CA THR A 242 24.50 -64.11 11.74
C THR A 242 24.00 -65.57 11.78
N TYR A 243 24.75 -66.46 12.42
CA TYR A 243 24.36 -67.87 12.54
C TYR A 243 23.97 -68.16 13.98
N HIS A 244 22.84 -68.84 14.16
CA HIS A 244 22.33 -69.18 15.48
C HIS A 244 22.06 -70.67 15.54
N ASN A 245 22.45 -71.33 16.63
CA ASN A 245 22.17 -72.76 16.80
C ASN A 245 22.28 -73.11 18.28
N GLY A 246 21.50 -72.42 19.07
CA GLY A 246 21.53 -72.60 20.51
C GLY A 246 22.77 -71.99 21.11
N ASP A 247 23.61 -72.83 21.72
CA ASP A 247 24.85 -72.35 22.31
C ASP A 247 25.79 -71.65 21.29
N LYS A 248 25.85 -72.15 20.03
CA LYS A 248 26.72 -71.56 19.00
C LYS A 248 26.13 -70.25 18.44
N TYR A 249 27.01 -69.25 18.20
CA TYR A 249 26.62 -67.96 17.63
C TYR A 249 27.80 -67.29 16.93
N LEU A 250 27.62 -66.98 15.65
CA LEU A 250 28.62 -66.28 14.84
C LEU A 250 27.97 -65.06 14.22
N ALA A 251 28.75 -64.02 13.99
CA ALA A 251 28.26 -62.79 13.41
C ALA A 251 29.35 -62.12 12.60
N ILE A 252 29.11 -61.93 11.31
CA ILE A 252 30.04 -61.25 10.42
C ILE A 252 29.33 -60.01 9.85
N ALA A 253 30.05 -58.89 9.80
CA ALA A 253 29.53 -57.63 9.28
C ALA A 253 30.50 -57.11 8.21
N PRO A 254 30.55 -57.79 7.06
CA PRO A 254 31.48 -57.36 6.02
C PRO A 254 31.07 -56.03 5.40
N PRO A 255 31.97 -55.05 5.17
CA PRO A 255 31.52 -53.77 4.61
C PRO A 255 30.90 -53.81 3.21
N ILE A 256 31.25 -54.82 2.38
CA ILE A 256 30.70 -54.91 1.03
C ILE A 256 29.18 -55.01 1.01
N ILE A 257 28.59 -55.81 1.92
CA ILE A 257 27.14 -56.05 1.89
C ILE A 257 26.31 -54.83 2.30
N LYS A 258 26.89 -53.92 3.10
CA LYS A 258 26.19 -52.73 3.59
C LYS A 258 25.79 -51.76 2.48
N GLN A 259 26.54 -51.70 1.35
CA GLN A 259 26.28 -50.70 0.32
C GLN A 259 25.02 -50.98 -0.54
N SER A 260 24.48 -52.20 -0.50
CA SER A 260 23.19 -52.50 -1.13
C SER A 260 22.48 -53.62 -0.38
N THR A 261 21.14 -53.59 -0.41
CA THR A 261 20.30 -54.52 0.34
C THR A 261 20.26 -55.91 -0.27
N ILE A 262 20.64 -56.95 0.52
CA ILE A 262 20.57 -58.32 0.05
C ILE A 262 19.11 -58.69 0.04
N VAL A 263 18.60 -59.14 -1.12
CA VAL A 263 17.18 -59.41 -1.35
C VAL A 263 16.83 -60.90 -1.50
N CYS A 264 17.78 -61.79 -1.88
CA CYS A 264 17.45 -63.22 -2.04
C CYS A 264 18.64 -64.13 -1.83
N HIS A 265 18.36 -65.40 -1.50
CA HIS A 265 19.35 -66.42 -1.19
C HIS A 265 19.02 -67.76 -1.87
N ASN A 266 19.99 -68.69 -1.85
CA ASN A 266 19.83 -70.04 -2.37
C ASN A 266 20.96 -70.95 -1.89
N ARG A 267 20.68 -72.25 -1.68
CA ARG A 267 21.70 -73.21 -1.26
C ARG A 267 22.40 -73.82 -2.48
N VAL A 268 23.73 -73.74 -2.55
CA VAL A 268 24.48 -74.35 -3.65
C VAL A 268 24.69 -75.86 -3.34
N ASP A 269 25.52 -76.20 -2.33
CA ASP A 269 25.83 -77.57 -1.99
C ASP A 269 24.75 -78.15 -1.07
N PRO A 270 24.27 -79.39 -1.28
CA PRO A 270 23.25 -79.95 -0.37
C PRO A 270 23.63 -79.91 1.11
N ASN A 271 24.91 -80.20 1.47
CA ASN A 271 25.35 -80.17 2.88
C ASN A 271 25.29 -78.76 3.54
N GLY A 272 25.11 -77.72 2.72
CA GLY A 272 24.98 -76.34 3.19
C GLY A 272 26.29 -75.63 3.40
N SER A 273 27.33 -75.93 2.60
CA SER A 273 28.62 -75.27 2.77
C SER A 273 28.62 -73.94 2.00
N ARG A 274 28.18 -73.94 0.74
CA ARG A 274 28.15 -72.71 -0.05
C ARG A 274 26.72 -72.28 -0.31
N TYR A 275 26.46 -70.97 -0.26
CA TYR A 275 25.15 -70.36 -0.48
C TYR A 275 25.30 -69.11 -1.34
N LEU A 276 24.43 -68.92 -2.33
CA LEU A 276 24.47 -67.71 -3.16
C LEU A 276 23.56 -66.64 -2.58
N LEU A 277 24.01 -65.37 -2.68
CA LEU A 277 23.27 -64.19 -2.22
C LEU A 277 23.22 -63.18 -3.36
N GLY A 278 22.08 -62.52 -3.52
CA GLY A 278 21.89 -61.50 -4.54
C GLY A 278 21.33 -60.25 -3.93
N ASP A 279 21.85 -59.07 -4.30
CA ASP A 279 21.36 -57.80 -3.76
C ASP A 279 20.77 -56.89 -4.84
N MET A 280 20.12 -55.80 -4.41
CA MET A 280 19.48 -54.86 -5.33
C MET A 280 20.37 -54.35 -6.44
N GLU A 281 21.69 -54.32 -6.24
CA GLU A 281 22.60 -53.86 -7.29
C GLU A 281 22.96 -54.94 -8.33
N GLY A 282 22.29 -56.08 -8.28
CA GLY A 282 22.58 -57.18 -9.16
C GLY A 282 23.74 -58.03 -8.66
N ARG A 283 24.69 -57.42 -7.87
CA ARG A 283 25.88 -58.09 -7.31
C ARG A 283 25.52 -59.44 -6.70
N LEU A 284 26.31 -60.45 -7.05
CA LEU A 284 26.07 -61.83 -6.66
C LEU A 284 27.25 -62.27 -5.81
N PHE A 285 26.99 -62.69 -4.56
CA PHE A 285 28.05 -63.15 -3.67
C PHE A 285 27.88 -64.65 -3.35
N MET A 286 28.89 -65.21 -2.70
CA MET A 286 28.91 -66.58 -2.23
C MET A 286 29.22 -66.49 -0.73
N LEU A 287 28.33 -67.05 0.10
CA LEU A 287 28.48 -67.10 1.54
C LEU A 287 28.94 -68.51 1.85
N LEU A 288 30.22 -68.64 2.23
CA LEU A 288 30.86 -69.93 2.49
C LEU A 288 30.95 -70.23 3.99
N LEU A 289 30.43 -71.40 4.41
CA LEU A 289 30.46 -71.87 5.80
C LEU A 289 31.71 -72.77 6.04
N GLU A 290 32.71 -72.20 6.73
CA GLU A 290 34.00 -72.84 7.01
C GLU A 290 33.82 -73.88 8.13
N LYS A 291 34.08 -75.15 7.80
CA LYS A 291 33.96 -76.26 8.75
C LYS A 291 35.20 -76.43 9.65
N GLU A 292 35.04 -77.19 10.75
CA GLU A 292 36.13 -77.53 11.66
C GLU A 292 35.83 -78.89 12.29
N GLU A 293 36.44 -79.95 11.72
CA GLU A 293 36.21 -81.31 12.19
C GLU A 293 36.79 -81.54 13.60
N GLN A 294 35.90 -81.70 14.59
CA GLN A 294 36.28 -81.93 15.98
C GLN A 294 36.78 -83.37 16.17
N MET A 295 37.54 -83.63 17.23
CA MET A 295 37.99 -85.00 17.52
C MET A 295 36.83 -85.94 17.88
N ASP A 296 35.74 -85.38 18.42
CA ASP A 296 34.46 -86.06 18.68
C ASP A 296 33.98 -86.85 17.43
N GLY A 297 34.12 -86.25 16.26
CA GLY A 297 33.64 -86.79 14.99
C GLY A 297 32.76 -85.76 14.30
N THR A 298 31.98 -85.00 15.10
CA THR A 298 31.11 -83.92 14.61
C THR A 298 31.94 -82.81 13.95
N VAL A 299 31.31 -82.03 13.07
CA VAL A 299 31.98 -80.94 12.38
C VAL A 299 31.27 -79.61 12.69
N THR A 300 31.88 -78.82 13.60
CA THR A 300 31.35 -77.54 14.04
C THR A 300 31.66 -76.40 13.05
N LEU A 301 30.77 -75.42 12.98
CA LEU A 301 30.92 -74.28 12.08
C LEU A 301 31.89 -73.24 12.64
N LYS A 302 33.10 -73.16 12.08
CA LYS A 302 34.16 -72.27 12.55
C LYS A 302 33.95 -70.79 12.25
N ASP A 303 33.53 -70.44 11.02
CA ASP A 303 33.37 -69.02 10.61
C ASP A 303 32.51 -68.91 9.34
N LEU A 304 32.02 -67.68 9.04
CA LEU A 304 31.26 -67.32 7.85
C LEU A 304 32.10 -66.36 7.01
N ARG A 305 31.99 -66.45 5.69
CA ARG A 305 32.77 -65.62 4.79
C ARG A 305 31.94 -65.24 3.57
N VAL A 306 32.13 -64.00 3.07
CA VAL A 306 31.43 -63.53 1.87
C VAL A 306 32.46 -63.24 0.80
N GLU A 307 32.14 -63.56 -0.44
CA GLU A 307 33.02 -63.35 -1.58
C GLU A 307 32.16 -62.88 -2.76
N LEU A 308 32.47 -61.70 -3.34
CA LEU A 308 31.72 -61.17 -4.47
C LEU A 308 32.13 -61.89 -5.76
N LEU A 309 31.17 -62.55 -6.42
CA LEU A 309 31.44 -63.28 -7.66
C LEU A 309 31.43 -62.32 -8.87
N GLY A 310 30.35 -61.57 -9.05
CA GLY A 310 30.21 -60.62 -10.15
C GLY A 310 28.87 -59.90 -10.13
N GLU A 311 28.40 -59.45 -11.31
CA GLU A 311 27.12 -58.76 -11.43
C GLU A 311 26.18 -59.54 -12.32
N THR A 312 24.91 -59.66 -11.93
CA THR A 312 23.84 -60.31 -12.70
C THR A 312 22.60 -59.35 -12.78
N SER A 313 21.44 -59.79 -13.33
CA SER A 313 20.24 -58.95 -13.30
C SER A 313 19.75 -58.86 -11.87
N ILE A 314 18.98 -57.81 -11.52
CA ILE A 314 18.48 -57.62 -10.15
C ILE A 314 17.53 -58.79 -9.82
N ALA A 315 18.05 -59.81 -9.13
CA ALA A 315 17.29 -61.02 -8.89
C ALA A 315 16.12 -60.86 -7.98
N GLU A 316 15.03 -61.54 -8.32
CA GLU A 316 13.86 -61.76 -7.46
C GLU A 316 14.15 -63.07 -6.71
N CYS A 317 14.68 -64.10 -7.43
CA CYS A 317 15.04 -65.38 -6.85
C CYS A 317 16.12 -66.06 -7.68
N LEU A 318 17.11 -66.59 -6.96
CA LEU A 318 18.21 -67.36 -7.52
C LEU A 318 17.90 -68.80 -7.32
N THR A 319 18.39 -69.63 -8.23
CA THR A 319 18.25 -71.08 -8.11
C THR A 319 19.34 -71.73 -8.96
N TYR A 320 20.41 -72.28 -8.32
CA TYR A 320 21.46 -72.92 -9.12
C TYR A 320 20.93 -74.29 -9.59
N LEU A 321 21.32 -74.69 -10.80
CA LEU A 321 20.86 -75.96 -11.35
C LEU A 321 21.94 -77.01 -11.10
N ASP A 322 23.10 -76.90 -11.78
CA ASP A 322 24.22 -77.80 -11.60
C ASP A 322 25.42 -77.29 -12.35
N ASN A 323 26.62 -77.60 -11.83
CA ASN A 323 27.86 -77.08 -12.37
C ASN A 323 27.87 -75.56 -12.04
N GLY A 324 28.56 -74.74 -12.83
CA GLY A 324 28.56 -73.32 -12.61
C GLY A 324 27.25 -72.66 -12.99
N VAL A 325 26.34 -73.37 -13.70
CA VAL A 325 25.10 -72.75 -14.18
C VAL A 325 24.07 -72.42 -13.10
N VAL A 326 23.66 -71.11 -13.06
CA VAL A 326 22.65 -70.54 -12.16
C VAL A 326 21.54 -69.90 -12.96
N PHE A 327 20.28 -70.05 -12.50
CA PHE A 327 19.17 -69.36 -13.14
C PHE A 327 18.81 -68.16 -12.26
N VAL A 328 19.05 -66.95 -12.82
CA VAL A 328 18.77 -65.68 -12.18
C VAL A 328 17.36 -65.28 -12.62
N GLY A 329 16.37 -65.52 -11.76
CA GLY A 329 14.99 -65.16 -12.05
C GLY A 329 14.74 -63.73 -11.64
N SER A 330 14.75 -62.81 -12.63
CA SER A 330 14.62 -61.37 -12.39
C SER A 330 13.21 -60.87 -12.65
N ARG A 331 12.72 -59.98 -11.79
CA ARG A 331 11.40 -59.40 -11.96
C ARG A 331 11.47 -57.99 -12.55
N LEU A 332 12.56 -57.26 -12.31
CA LEU A 332 12.71 -55.90 -12.82
C LEU A 332 13.25 -55.88 -14.25
N GLY A 333 14.25 -56.71 -14.52
CA GLY A 333 14.87 -56.83 -15.84
C GLY A 333 14.83 -58.24 -16.41
N ASP A 334 15.56 -58.43 -17.52
CA ASP A 334 15.66 -59.73 -18.20
C ASP A 334 16.20 -60.85 -17.27
N SER A 335 15.61 -62.05 -17.32
CA SER A 335 16.13 -63.18 -16.54
C SER A 335 17.32 -63.80 -17.28
N GLN A 336 18.20 -64.54 -16.57
CA GLN A 336 19.41 -65.07 -17.20
C GLN A 336 19.79 -66.48 -16.76
N LEU A 337 20.69 -67.11 -17.51
CA LEU A 337 21.40 -68.36 -17.19
C LEU A 337 22.84 -67.88 -17.20
N VAL A 338 23.52 -67.98 -16.07
CA VAL A 338 24.89 -67.48 -15.94
C VAL A 338 25.81 -68.60 -15.48
N LYS A 339 27.04 -68.61 -15.98
CA LYS A 339 28.03 -69.61 -15.63
C LYS A 339 28.98 -69.05 -14.59
N LEU A 340 29.07 -69.68 -13.41
CA LEU A 340 30.01 -69.31 -12.37
C LEU A 340 31.25 -70.12 -12.63
N ASN A 341 32.40 -69.47 -12.72
CA ASN A 341 33.66 -70.18 -12.96
C ASN A 341 34.55 -70.08 -11.74
N VAL A 342 35.41 -71.09 -11.57
CA VAL A 342 36.40 -71.14 -10.48
C VAL A 342 37.47 -70.03 -10.67
N ASP A 343 37.78 -69.66 -11.94
CA ASP A 343 38.76 -68.60 -12.24
C ASP A 343 38.06 -67.31 -12.70
N SER A 344 38.46 -66.16 -12.12
CA SER A 344 37.89 -64.85 -12.45
C SER A 344 38.47 -64.37 -13.78
N ASN A 345 37.66 -63.71 -14.58
CA ASN A 345 38.10 -63.20 -15.90
C ASN A 345 39.08 -61.97 -15.75
N GLU A 346 39.37 -61.22 -16.84
CA GLU A 346 40.26 -60.06 -16.77
C GLU A 346 39.65 -58.90 -15.96
N GLN A 347 38.31 -58.82 -15.90
CA GLN A 347 37.60 -57.80 -15.12
C GLN A 347 37.49 -58.18 -13.60
N GLY A 348 38.00 -59.35 -13.20
CA GLY A 348 37.93 -59.85 -11.84
C GLY A 348 36.63 -60.57 -11.50
N SER A 349 35.70 -60.69 -12.50
CA SER A 349 34.39 -61.31 -12.32
C SER A 349 34.39 -62.82 -12.60
N TYR A 350 33.80 -63.59 -11.70
CA TYR A 350 33.68 -65.03 -11.86
C TYR A 350 32.37 -65.40 -12.59
N VAL A 351 31.47 -64.44 -12.92
CA VAL A 351 30.21 -64.73 -13.62
C VAL A 351 30.33 -64.41 -15.13
N VAL A 352 29.75 -65.27 -15.96
CA VAL A 352 29.74 -65.13 -17.42
C VAL A 352 28.29 -65.33 -17.88
N ALA A 353 27.71 -64.33 -18.54
CA ALA A 353 26.32 -64.41 -18.99
C ALA A 353 26.19 -65.37 -20.14
N MET A 354 25.38 -66.41 -19.99
CA MET A 354 25.17 -67.40 -21.06
C MET A 354 23.98 -67.04 -21.97
N GLU A 355 22.75 -67.06 -21.42
CA GLU A 355 21.53 -66.83 -22.18
C GLU A 355 20.65 -65.83 -21.46
N THR A 356 19.99 -64.96 -22.22
CA THR A 356 19.11 -63.94 -21.64
C THR A 356 17.71 -64.16 -22.14
N PHE A 357 16.75 -64.24 -21.21
CA PHE A 357 15.34 -64.42 -21.54
C PHE A 357 14.66 -63.07 -21.34
N THR A 358 13.91 -62.61 -22.34
CA THR A 358 13.28 -61.30 -22.29
C THR A 358 12.23 -61.19 -21.22
N ASN A 359 12.28 -60.09 -20.48
CA ASN A 359 11.31 -59.76 -19.45
C ASN A 359 10.93 -58.32 -19.68
N LEU A 360 9.69 -58.10 -20.15
CA LEU A 360 9.19 -56.74 -20.32
C LEU A 360 9.05 -55.98 -18.97
N GLY A 361 9.40 -56.63 -17.83
CA GLY A 361 9.45 -56.09 -16.48
C GLY A 361 8.32 -55.14 -16.16
N PRO A 362 8.41 -54.32 -15.11
CA PRO A 362 7.34 -53.34 -14.85
C PRO A 362 7.15 -52.39 -16.04
N ILE A 363 6.03 -52.50 -16.78
CA ILE A 363 5.76 -51.60 -17.91
C ILE A 363 5.14 -50.39 -17.26
N VAL A 364 5.94 -49.36 -16.98
CA VAL A 364 5.46 -48.18 -16.25
C VAL A 364 4.65 -47.20 -17.14
N ASP A 365 4.92 -47.16 -18.45
CA ASP A 365 4.18 -46.30 -19.41
C ASP A 365 4.47 -46.79 -20.83
N MET A 366 3.60 -46.48 -21.79
CA MET A 366 3.80 -46.91 -23.18
C MET A 366 3.04 -46.00 -24.15
N CYS A 367 3.35 -46.11 -25.44
CA CYS A 367 2.67 -45.36 -26.50
C CYS A 367 2.67 -46.19 -27.78
N VAL A 368 1.61 -46.04 -28.57
CA VAL A 368 1.50 -46.75 -29.84
C VAL A 368 1.89 -45.77 -30.93
N VAL A 369 2.86 -46.12 -31.79
CA VAL A 369 3.32 -45.26 -32.87
C VAL A 369 3.57 -46.05 -34.14
N ASP A 370 3.45 -45.40 -35.29
CA ASP A 370 3.74 -46.03 -36.56
C ASP A 370 5.06 -45.46 -37.05
N LEU A 371 6.17 -46.14 -36.74
CA LEU A 371 7.49 -45.66 -37.14
C LEU A 371 7.74 -45.78 -38.63
N GLU A 372 7.06 -46.73 -39.32
CA GLU A 372 7.20 -46.99 -40.78
C GLU A 372 5.90 -46.76 -41.60
N ARG A 373 4.97 -45.87 -41.14
CA ARG A 373 3.69 -45.47 -41.79
C ARG A 373 2.82 -46.65 -42.34
N GLN A 374 2.91 -47.85 -41.70
CA GLN A 374 2.30 -49.14 -42.11
C GLN A 374 0.78 -49.29 -41.91
N GLY A 375 0.23 -48.66 -40.87
CA GLY A 375 -1.17 -48.82 -40.48
C GLY A 375 -1.38 -49.96 -39.48
N GLN A 376 -0.28 -50.54 -38.94
CA GLN A 376 -0.32 -51.62 -37.95
C GLN A 376 -0.01 -51.01 -36.56
N GLY A 377 1.12 -50.29 -36.47
CA GLY A 377 1.55 -49.66 -35.23
C GLY A 377 2.59 -50.50 -34.50
N GLN A 378 3.26 -49.87 -33.56
CA GLN A 378 4.29 -50.48 -32.72
C GLN A 378 4.13 -49.93 -31.32
N LEU A 379 4.44 -50.74 -30.31
CA LEU A 379 4.32 -50.32 -28.94
C LEU A 379 5.70 -50.10 -28.38
N VAL A 380 6.06 -48.84 -28.03
CA VAL A 380 7.33 -48.49 -27.39
C VAL A 380 6.99 -48.34 -25.91
N THR A 381 7.56 -49.20 -25.04
CA THR A 381 7.26 -49.17 -23.62
C THR A 381 8.44 -48.64 -22.81
N CYS A 382 8.13 -48.18 -21.58
CA CYS A 382 9.04 -47.78 -20.53
C CYS A 382 9.01 -49.00 -19.61
N SER A 383 10.01 -49.89 -19.74
CA SER A 383 10.08 -51.17 -19.01
C SER A 383 11.33 -51.31 -18.13
N GLY A 384 11.18 -51.97 -16.99
CA GLY A 384 12.26 -52.19 -16.04
C GLY A 384 12.43 -51.07 -15.03
N ALA A 385 13.45 -51.20 -14.19
CA ALA A 385 13.78 -50.20 -13.19
C ALA A 385 15.25 -50.32 -12.79
N PHE A 386 15.83 -49.21 -12.32
CA PHE A 386 17.23 -49.19 -11.86
C PHE A 386 18.17 -49.58 -13.02
N LYS A 387 19.29 -50.33 -12.82
CA LYS A 387 20.17 -50.68 -13.95
C LYS A 387 19.42 -51.44 -15.06
N GLU A 388 18.27 -52.07 -14.72
CA GLU A 388 17.41 -52.78 -15.66
C GLU A 388 16.53 -51.87 -16.53
N GLY A 389 16.68 -50.55 -16.40
CA GLY A 389 15.88 -49.59 -17.16
C GLY A 389 16.10 -49.74 -18.65
N SER A 390 15.00 -49.72 -19.41
CA SER A 390 15.05 -49.92 -20.86
C SER A 390 13.76 -49.52 -21.55
N LEU A 391 13.82 -49.37 -22.89
CA LEU A 391 12.65 -49.18 -23.72
C LEU A 391 12.53 -50.46 -24.54
N ARG A 392 11.30 -50.90 -24.80
CA ARG A 392 11.07 -52.12 -25.58
C ARG A 392 10.20 -51.75 -26.75
N ILE A 393 10.62 -52.07 -27.97
CA ILE A 393 9.82 -51.81 -29.16
C ILE A 393 9.21 -53.15 -29.55
N ILE A 394 7.91 -53.34 -29.26
CA ILE A 394 7.19 -54.58 -29.58
C ILE A 394 6.41 -54.34 -30.88
N ARG A 395 6.50 -55.30 -31.83
CA ARG A 395 5.80 -55.26 -33.11
C ARG A 395 5.33 -56.70 -33.41
N ASN A 396 4.17 -56.84 -34.06
CA ASN A 396 3.63 -58.18 -34.37
C ASN A 396 4.40 -58.85 -35.53
N GLY A 397 4.38 -60.17 -35.57
CA GLY A 397 5.07 -60.93 -36.61
C GLY A 397 4.47 -62.30 -36.85
N GLN A 408 4.56 -66.82 -36.25
CA GLN A 408 3.63 -65.97 -35.52
C GLN A 408 4.18 -65.70 -34.11
N LYS A 409 5.18 -64.79 -34.00
CA LYS A 409 5.84 -64.46 -32.73
C LYS A 409 6.04 -62.93 -32.64
N LEU A 410 6.00 -62.36 -31.43
CA LEU A 410 6.19 -60.91 -31.27
C LEU A 410 7.66 -60.58 -31.41
N HIS A 411 8.02 -59.56 -32.20
CA HIS A 411 9.42 -59.12 -32.32
C HIS A 411 9.61 -58.03 -31.29
N ILE A 412 10.62 -58.18 -30.42
CA ILE A 412 10.89 -57.19 -29.38
C ILE A 412 12.35 -56.72 -29.45
N ARG A 413 12.58 -55.42 -29.63
CA ARG A 413 13.92 -54.84 -29.65
C ARG A 413 14.09 -54.07 -28.35
N THR A 414 15.14 -54.37 -27.58
CA THR A 414 15.41 -53.71 -26.32
C THR A 414 16.43 -52.58 -26.50
N VAL A 415 16.25 -51.48 -25.73
CA VAL A 415 17.13 -50.30 -25.72
C VAL A 415 17.52 -50.08 -24.27
N PRO A 416 18.67 -50.60 -23.81
CA PRO A 416 19.04 -50.40 -22.41
C PRO A 416 19.39 -48.96 -22.08
N LEU A 417 18.82 -48.45 -20.98
CA LEU A 417 19.04 -47.10 -20.47
C LEU A 417 19.90 -47.10 -19.20
N TYR A 418 19.96 -48.23 -18.46
CA TYR A 418 20.71 -48.35 -17.21
C TYR A 418 20.23 -47.37 -16.12
N GLU A 419 18.92 -46.96 -16.21
CA GLU A 419 18.19 -46.10 -15.25
C GLU A 419 16.67 -46.24 -15.43
N SER A 420 15.90 -45.97 -14.36
CA SER A 420 14.44 -46.13 -14.32
C SER A 420 13.62 -45.20 -15.26
N PRO A 421 12.94 -45.71 -16.32
CA PRO A 421 12.07 -44.83 -17.15
C PRO A 421 10.69 -44.65 -16.50
N ARG A 422 10.08 -43.45 -16.60
CA ARG A 422 8.80 -43.10 -15.94
C ARG A 422 7.60 -42.83 -16.89
N LYS A 423 7.81 -41.95 -17.90
CA LYS A 423 6.79 -41.61 -18.89
C LYS A 423 7.43 -41.47 -20.27
N ILE A 424 6.71 -41.90 -21.31
CA ILE A 424 7.15 -41.79 -22.71
C ILE A 424 6.07 -41.08 -23.51
N CYS A 425 6.52 -40.43 -24.57
CA CYS A 425 5.65 -39.79 -25.52
C CYS A 425 6.40 -39.55 -26.82
N TYR A 426 5.66 -39.51 -27.89
CA TYR A 426 6.22 -39.39 -29.24
C TYR A 426 5.97 -38.01 -29.83
N GLN A 427 7.00 -37.43 -30.47
CA GLN A 427 6.94 -36.14 -31.15
C GLN A 427 7.33 -36.39 -32.60
N GLU A 428 6.33 -36.51 -33.51
CA GLU A 428 6.58 -36.78 -34.92
C GLU A 428 7.30 -35.64 -35.61
N VAL A 429 7.00 -34.40 -35.24
CA VAL A 429 7.61 -33.20 -35.82
C VAL A 429 9.15 -33.25 -35.73
N SER A 430 9.67 -33.84 -34.66
CA SER A 430 11.09 -33.97 -34.41
C SER A 430 11.64 -35.37 -34.62
N GLN A 431 10.84 -36.34 -35.13
CA GLN A 431 11.30 -37.71 -35.37
C GLN A 431 12.00 -38.31 -34.14
N CYS A 432 11.36 -38.20 -32.99
CA CYS A 432 11.95 -38.69 -31.75
C CYS A 432 10.93 -38.78 -30.63
N PHE A 433 11.33 -39.46 -29.55
CA PHE A 433 10.54 -39.62 -28.35
C PHE A 433 11.12 -38.75 -27.21
N GLY A 434 10.25 -38.41 -26.28
CA GLY A 434 10.61 -37.74 -25.04
C GLY A 434 10.36 -38.75 -23.95
N VAL A 435 11.34 -39.02 -23.08
CA VAL A 435 11.21 -40.01 -22.00
C VAL A 435 11.69 -39.42 -20.68
N LEU A 436 10.83 -39.41 -19.64
CA LEU A 436 11.22 -38.96 -18.30
C LEU A 436 11.93 -40.16 -17.61
N SER A 437 13.05 -39.92 -16.91
CA SER A 437 13.80 -41.00 -16.28
C SER A 437 14.47 -40.57 -14.99
N SER A 438 14.64 -41.52 -14.08
CA SER A 438 15.22 -41.29 -12.76
C SER A 438 16.44 -42.17 -12.54
N ARG A 439 17.55 -41.58 -12.06
CA ARG A 439 18.74 -42.34 -11.72
C ARG A 439 19.11 -42.09 -10.28
N ILE A 440 19.63 -43.09 -9.57
CA ILE A 440 20.04 -42.92 -8.17
C ILE A 440 21.50 -42.49 -8.06
N GLU A 441 21.73 -41.40 -7.37
CA GLU A 441 23.06 -40.95 -7.02
C GLU A 441 23.08 -40.99 -5.48
N VAL A 442 24.23 -41.29 -4.88
CA VAL A 442 24.34 -41.32 -3.42
C VAL A 442 25.19 -40.15 -2.94
N GLN A 443 25.03 -39.78 -1.68
CA GLN A 443 25.72 -38.62 -1.13
C GLN A 443 27.18 -38.96 -0.89
N ASP A 444 28.12 -38.23 -1.54
CA ASP A 444 29.57 -38.48 -1.47
C ASP A 444 30.31 -37.49 -0.54
N THR A 445 31.59 -37.75 -0.25
CA THR A 445 32.38 -36.91 0.66
C THR A 445 32.56 -35.50 0.15
N SER A 446 32.41 -35.24 -1.14
CA SER A 446 32.55 -33.89 -1.68
C SER A 446 31.43 -32.95 -1.28
N GLY A 447 30.33 -33.48 -0.76
CA GLY A 447 29.15 -32.69 -0.45
C GLY A 447 28.06 -33.03 -1.43
N GLY A 448 28.42 -33.07 -2.72
CA GLY A 448 27.48 -33.42 -3.78
C GLY A 448 27.08 -34.89 -3.79
N THR A 449 26.74 -35.39 -4.97
CA THR A 449 26.31 -36.79 -5.14
C THR A 449 27.02 -37.39 -6.35
N THR A 450 27.09 -38.72 -6.39
CA THR A 450 27.82 -39.43 -7.43
C THR A 450 27.03 -40.67 -7.87
N ALA A 451 27.01 -40.94 -9.18
CA ALA A 451 26.27 -42.06 -9.75
C ALA A 451 27.05 -43.33 -9.68
N LEU A 452 26.36 -44.44 -9.42
CA LEU A 452 26.95 -45.78 -9.26
C LEU A 452 27.53 -46.30 -10.57
N ARG A 453 26.85 -46.01 -11.69
CA ARG A 453 27.24 -46.41 -13.04
C ARG A 453 26.80 -45.34 -14.03
N PRO A 454 27.36 -45.28 -15.24
CA PRO A 454 26.87 -44.30 -16.23
C PRO A 454 25.62 -44.82 -16.91
N SER A 455 24.66 -43.92 -17.19
CA SER A 455 23.37 -44.27 -17.77
C SER A 455 22.95 -43.31 -18.89
N ALA A 456 21.78 -43.56 -19.52
CA ALA A 456 21.22 -42.77 -20.61
C ALA A 456 21.34 -41.26 -20.42
N SER A 457 21.02 -40.75 -19.22
CA SER A 457 21.09 -39.32 -18.91
C SER A 457 22.53 -38.79 -18.83
N THR A 458 23.47 -39.56 -18.25
CA THR A 458 24.86 -39.08 -18.15
C THR A 458 25.59 -39.20 -19.51
N GLN A 459 25.21 -40.21 -20.31
CA GLN A 459 25.81 -40.51 -21.60
C GLN A 459 25.01 -39.90 -22.78
N ALA A 460 24.46 -38.69 -22.59
CA ALA A 460 23.73 -38.00 -23.66
C ALA A 460 24.73 -37.24 -24.52
N LEU A 461 24.41 -37.11 -25.81
CA LEU A 461 25.26 -36.39 -26.75
C LEU A 461 25.40 -34.92 -26.34
N SER A 462 24.26 -34.24 -26.11
CA SER A 462 24.22 -32.87 -25.60
C SER A 462 23.42 -32.91 -24.29
N SER A 463 23.79 -32.10 -23.29
CA SER A 463 23.06 -32.12 -22.01
C SER A 463 22.91 -30.74 -21.41
N SER A 464 21.91 -30.59 -20.54
CA SER A 464 21.59 -29.34 -19.89
C SER A 464 21.09 -29.59 -18.45
N VAL A 465 21.08 -28.54 -17.62
CA VAL A 465 20.59 -28.60 -16.22
C VAL A 465 19.66 -27.40 -16.04
N SER A 466 18.49 -27.60 -15.42
CA SER A 466 17.53 -26.50 -15.26
C SER A 466 18.10 -25.40 -14.39
N SER A 467 18.14 -24.16 -14.92
CA SER A 467 18.66 -22.99 -14.21
C SER A 467 17.52 -22.14 -13.63
N SER A 468 16.41 -22.77 -13.18
CA SER A 468 15.31 -21.99 -12.63
C SER A 468 15.65 -21.45 -11.23
N LYS A 469 15.13 -20.26 -10.96
CA LYS A 469 15.25 -19.56 -9.69
C LYS A 469 13.82 -19.31 -9.17
N LEU A 470 12.88 -20.28 -9.37
CA LEU A 470 11.50 -20.14 -8.90
C LEU A 470 11.42 -20.42 -7.41
N PHE A 471 12.15 -21.44 -6.94
CA PHE A 471 12.11 -21.83 -5.53
C PHE A 471 13.15 -21.04 -4.67
N SER A 472 14.09 -20.30 -5.33
CA SER A 472 15.09 -19.36 -4.76
C SER A 472 15.83 -19.95 -3.53
N SER A 473 16.13 -19.15 -2.45
CA SER A 473 16.82 -19.65 -1.27
C SER A 473 16.03 -20.83 -0.65
N SER A 474 14.68 -20.71 -0.57
CA SER A 474 13.79 -21.73 0.02
C SER A 474 13.93 -21.84 1.59
N THR A 475 15.06 -21.28 2.22
CA THR A 475 15.43 -21.35 3.66
C THR A 475 14.93 -22.70 4.29
N ALA A 476 15.04 -23.81 3.51
CA ALA A 476 14.53 -25.15 3.87
C ALA A 476 15.62 -26.04 4.52
N PRO A 477 15.54 -26.38 5.86
CA PRO A 477 16.58 -27.26 6.45
C PRO A 477 16.52 -28.69 5.89
N HIS A 478 17.38 -28.94 4.90
CA HIS A 478 17.45 -30.19 4.15
C HIS A 478 18.80 -30.90 4.40
N GLU A 479 19.48 -30.65 5.54
CA GLU A 479 20.79 -31.26 5.79
C GLU A 479 20.81 -32.79 5.61
N THR A 480 21.76 -33.26 4.78
CA THR A 480 21.92 -34.66 4.37
C THR A 480 23.23 -35.29 4.80
N SER A 481 23.16 -36.55 5.28
CA SER A 481 24.30 -37.36 5.71
C SER A 481 24.88 -38.14 4.50
N PHE A 482 26.09 -38.71 4.66
CA PHE A 482 26.75 -39.46 3.60
C PHE A 482 26.06 -40.78 3.34
N GLY A 483 26.22 -41.29 2.14
CA GLY A 483 25.63 -42.56 1.76
C GLY A 483 24.14 -42.56 1.45
N GLU A 484 23.42 -41.48 1.76
CA GLU A 484 21.98 -41.41 1.49
C GLU A 484 21.73 -41.40 0.00
N GLU A 485 20.72 -42.14 -0.47
CA GLU A 485 20.38 -42.14 -1.89
C GLU A 485 19.49 -40.94 -2.21
N VAL A 486 19.55 -40.45 -3.45
CA VAL A 486 18.65 -39.38 -3.95
C VAL A 486 18.36 -39.69 -5.41
N GLU A 487 17.14 -39.43 -5.89
CA GLU A 487 16.83 -39.63 -7.30
C GLU A 487 17.18 -38.35 -8.06
N VAL A 488 17.57 -38.50 -9.32
CA VAL A 488 17.89 -37.39 -10.19
C VAL A 488 17.04 -37.57 -11.44
N HIS A 489 16.07 -36.67 -11.64
CA HIS A 489 15.14 -36.75 -12.77
C HIS A 489 15.64 -35.99 -14.00
N ASN A 490 15.43 -36.60 -15.18
CA ASN A 490 15.86 -36.06 -16.45
C ASN A 490 14.79 -36.26 -17.51
N LEU A 491 14.83 -35.46 -18.57
CA LEU A 491 13.99 -35.61 -19.72
C LEU A 491 14.96 -36.00 -20.84
N LEU A 492 14.83 -37.21 -21.36
CA LEU A 492 15.68 -37.73 -22.43
C LEU A 492 14.97 -37.52 -23.77
N ILE A 493 15.73 -37.15 -24.84
CA ILE A 493 15.24 -36.97 -26.20
C ILE A 493 15.93 -38.06 -27.00
N ILE A 494 15.19 -39.11 -27.40
CA ILE A 494 15.73 -40.30 -28.06
C ILE A 494 15.24 -40.41 -29.49
N ASP A 495 16.18 -40.57 -30.48
CA ASP A 495 15.84 -40.70 -31.91
C ASP A 495 14.88 -41.88 -32.18
N GLN A 496 13.86 -41.69 -33.05
CA GLN A 496 12.85 -42.73 -33.32
C GLN A 496 13.32 -43.93 -34.16
N HIS A 497 14.54 -43.89 -34.71
CA HIS A 497 15.08 -44.98 -35.54
C HIS A 497 16.31 -45.64 -34.90
N THR A 498 17.32 -44.84 -34.50
CA THR A 498 18.54 -45.35 -33.85
C THR A 498 18.41 -45.51 -32.34
N PHE A 499 17.45 -44.82 -31.73
CA PHE A 499 17.25 -44.81 -30.29
C PHE A 499 18.46 -44.30 -29.52
N GLU A 500 19.16 -43.34 -30.11
CA GLU A 500 20.34 -42.74 -29.53
C GLU A 500 19.89 -41.59 -28.67
N VAL A 501 20.51 -41.43 -27.50
CA VAL A 501 20.16 -40.35 -26.59
C VAL A 501 20.73 -39.05 -27.12
N LEU A 502 19.88 -38.26 -27.77
CA LEU A 502 20.30 -37.02 -28.42
C LEU A 502 20.55 -35.92 -27.41
N HIS A 503 19.68 -35.81 -26.43
CA HIS A 503 19.81 -34.80 -25.40
C HIS A 503 19.25 -35.32 -24.10
N ALA A 504 19.77 -34.82 -23.01
CA ALA A 504 19.26 -35.14 -21.70
C ALA A 504 19.22 -33.84 -20.93
N HIS A 505 18.05 -33.49 -20.39
CA HIS A 505 17.91 -32.31 -19.56
C HIS A 505 17.66 -32.73 -18.14
N GLN A 506 18.58 -32.41 -17.22
CA GLN A 506 18.43 -32.72 -15.83
C GLN A 506 17.58 -31.67 -15.11
N PHE A 507 16.69 -32.11 -14.23
CA PHE A 507 15.81 -31.24 -13.48
C PHE A 507 16.45 -30.77 -12.17
N LEU A 508 15.79 -29.81 -11.50
CA LEU A 508 16.20 -29.21 -10.24
C LEU A 508 16.46 -30.25 -9.15
N GLN A 509 17.28 -29.88 -8.16
CA GLN A 509 17.62 -30.80 -7.07
C GLN A 509 16.38 -31.03 -6.23
N ASN A 510 16.05 -32.31 -6.02
CA ASN A 510 14.85 -32.76 -5.29
C ASN A 510 13.57 -32.49 -6.10
N GLU A 511 13.68 -32.49 -7.46
CA GLU A 511 12.54 -32.31 -8.36
C GLU A 511 12.29 -33.61 -9.09
N TYR A 512 11.03 -34.08 -9.05
CA TYR A 512 10.61 -35.33 -9.69
C TYR A 512 9.72 -35.04 -10.88
N ALA A 513 10.09 -35.55 -12.07
CA ALA A 513 9.25 -35.39 -13.26
C ALA A 513 8.15 -36.47 -13.22
N LEU A 514 6.86 -36.03 -13.21
CA LEU A 514 5.69 -36.90 -13.09
C LEU A 514 4.84 -37.04 -14.34
N SER A 515 4.74 -35.97 -15.16
CA SER A 515 3.90 -36.02 -16.35
C SER A 515 4.59 -35.39 -17.56
N LEU A 516 4.28 -35.90 -18.77
CA LEU A 516 4.91 -35.44 -20.02
C LEU A 516 3.93 -35.51 -21.21
N VAL A 517 3.87 -34.44 -22.03
CA VAL A 517 3.04 -34.36 -23.25
C VAL A 517 3.81 -33.66 -24.37
N SER A 518 3.49 -34.01 -25.62
CA SER A 518 4.09 -33.36 -26.79
C SER A 518 2.93 -32.84 -27.59
N CYS A 519 2.91 -31.54 -27.88
CA CYS A 519 1.80 -30.94 -28.61
C CYS A 519 2.03 -29.47 -28.97
N LYS A 520 1.16 -28.93 -29.84
CA LYS A 520 1.08 -27.53 -30.15
C LYS A 520 -0.07 -27.02 -29.27
N LEU A 521 0.00 -25.75 -28.85
CA LEU A 521 -1.05 -25.14 -28.03
C LEU A 521 -1.44 -23.80 -28.61
N GLY A 522 -2.71 -23.41 -28.40
CA GLY A 522 -3.25 -22.16 -28.91
C GLY A 522 -3.01 -21.96 -30.39
N LYS A 523 -2.68 -20.73 -30.79
CA LYS A 523 -2.34 -20.44 -32.17
C LYS A 523 -0.80 -20.44 -32.35
N ASP A 524 -0.07 -21.24 -31.55
CA ASP A 524 1.38 -21.37 -31.62
C ASP A 524 1.66 -22.53 -32.53
N PRO A 525 2.45 -22.33 -33.60
CA PRO A 525 2.71 -23.45 -34.52
C PRO A 525 3.80 -24.44 -34.12
N ASN A 526 4.62 -24.14 -33.10
CA ASN A 526 5.68 -25.05 -32.65
C ASN A 526 5.11 -26.22 -31.85
N THR A 527 5.75 -27.40 -31.96
CA THR A 527 5.35 -28.59 -31.20
C THR A 527 6.28 -28.68 -29.98
N TYR A 528 5.75 -28.42 -28.78
CA TYR A 528 6.54 -28.42 -27.55
C TYR A 528 6.47 -29.74 -26.81
N PHE A 529 7.41 -29.94 -25.87
CA PHE A 529 7.47 -31.09 -24.96
C PHE A 529 7.25 -30.43 -23.61
N ILE A 530 6.12 -30.70 -22.94
CA ILE A 530 5.78 -30.08 -21.65
C ILE A 530 5.90 -31.12 -20.53
N VAL A 531 6.58 -30.76 -19.42
CA VAL A 531 6.80 -31.64 -18.28
C VAL A 531 6.15 -31.03 -17.03
N GLY A 532 5.62 -31.90 -16.17
CA GLY A 532 4.98 -31.54 -14.91
C GLY A 532 5.82 -32.14 -13.81
N THR A 533 6.20 -31.33 -12.82
CA THR A 533 7.09 -31.79 -11.75
C THR A 533 6.52 -31.53 -10.34
N ALA A 534 7.22 -32.03 -9.30
CA ALA A 534 6.89 -31.88 -7.90
C ALA A 534 8.18 -31.71 -7.09
N MET A 535 8.19 -30.83 -6.07
CA MET A 535 9.34 -30.69 -5.20
C MET A 535 9.12 -31.61 -4.02
N VAL A 536 9.87 -32.73 -4.06
CA VAL A 536 9.76 -33.83 -3.15
C VAL A 536 10.82 -33.77 -2.09
N TYR A 537 10.42 -33.41 -0.90
CA TYR A 537 11.29 -33.39 0.25
C TYR A 537 10.81 -34.51 1.19
N PRO A 538 11.70 -35.22 1.91
CA PRO A 538 11.20 -36.26 2.85
C PRO A 538 10.23 -35.71 3.92
N GLU A 539 10.49 -34.46 4.39
CA GLU A 539 9.70 -33.77 5.42
C GLU A 539 8.23 -33.59 5.00
N GLU A 540 7.99 -33.18 3.75
CA GLU A 540 6.64 -32.98 3.22
C GLU A 540 5.86 -34.29 3.12
N ALA A 541 4.62 -34.29 3.63
CA ALA A 541 3.74 -35.43 3.53
C ALA A 541 3.19 -35.52 2.08
N GLU A 542 2.84 -34.36 1.52
CA GLU A 542 2.39 -34.22 0.14
C GLU A 542 3.13 -32.98 -0.44
N PRO A 543 3.54 -32.93 -1.74
CA PRO A 543 4.34 -31.78 -2.20
C PRO A 543 3.57 -30.49 -2.25
N LYS A 544 4.22 -29.40 -1.89
CA LYS A 544 3.60 -28.08 -1.88
C LYS A 544 4.11 -27.15 -2.99
N GLN A 545 5.01 -27.62 -3.87
CA GLN A 545 5.51 -26.82 -4.98
C GLN A 545 5.70 -27.72 -6.21
N GLY A 546 5.69 -27.12 -7.38
CA GLY A 546 5.92 -27.83 -8.63
C GLY A 546 6.09 -26.88 -9.79
N ARG A 547 6.38 -27.42 -10.99
CA ARG A 547 6.54 -26.63 -12.21
C ARG A 547 5.84 -27.30 -13.38
N ILE A 548 5.37 -26.50 -14.34
CA ILE A 548 4.90 -26.97 -15.63
C ILE A 548 5.88 -26.26 -16.54
N VAL A 549 6.85 -27.02 -17.10
CA VAL A 549 7.90 -26.45 -17.95
C VAL A 549 7.61 -26.80 -19.40
N VAL A 550 7.68 -25.81 -20.30
CA VAL A 550 7.44 -25.97 -21.73
C VAL A 550 8.78 -25.90 -22.43
N PHE A 551 9.21 -26.97 -23.11
CA PHE A 551 10.48 -27.00 -23.82
C PHE A 551 10.24 -27.14 -25.32
N GLN A 552 11.24 -26.76 -26.13
CA GLN A 552 11.16 -26.97 -27.58
C GLN A 552 12.44 -27.62 -28.04
N TYR A 553 12.32 -28.74 -28.73
CA TYR A 553 13.48 -29.44 -29.25
C TYR A 553 13.74 -28.98 -30.70
N SER A 554 14.86 -28.32 -30.99
CA SER A 554 15.19 -27.90 -32.35
C SER A 554 16.69 -27.74 -32.47
N ASP A 555 17.26 -28.18 -33.59
CA ASP A 555 18.70 -28.12 -33.82
C ASP A 555 19.48 -28.86 -32.74
N GLY A 556 19.06 -30.07 -32.45
CA GLY A 556 19.71 -30.93 -31.47
C GLY A 556 19.77 -30.46 -30.03
N LYS A 557 19.05 -29.37 -29.65
CA LYS A 557 19.07 -28.85 -28.27
C LYS A 557 17.69 -28.39 -27.76
N LEU A 558 17.39 -28.66 -26.45
CA LEU A 558 16.11 -28.28 -25.81
C LEU A 558 16.18 -26.89 -25.24
N GLN A 559 15.36 -25.97 -25.73
CA GLN A 559 15.30 -24.62 -25.17
C GLN A 559 14.08 -24.52 -24.23
N THR A 560 14.23 -23.88 -23.05
CA THR A 560 13.10 -23.69 -22.14
C THR A 560 12.30 -22.49 -22.63
N VAL A 561 11.05 -22.73 -23.04
CA VAL A 561 10.14 -21.75 -23.62
C VAL A 561 9.40 -20.94 -22.57
N ALA A 562 8.87 -21.62 -21.55
CA ALA A 562 8.14 -20.96 -20.46
C ALA A 562 8.04 -21.92 -19.27
N GLU A 563 7.88 -21.37 -18.07
CA GLU A 563 7.66 -22.20 -16.89
C GLU A 563 6.60 -21.51 -16.05
N LYS A 564 5.69 -22.31 -15.51
CA LYS A 564 4.56 -21.85 -14.72
C LYS A 564 4.66 -22.53 -13.36
N GLU A 565 4.74 -21.77 -12.26
CA GLU A 565 4.82 -22.37 -10.94
C GLU A 565 3.44 -22.86 -10.51
N VAL A 566 3.40 -23.95 -9.71
CA VAL A 566 2.16 -24.52 -9.16
C VAL A 566 2.36 -24.87 -7.67
N LYS A 567 1.26 -24.94 -6.89
CA LYS A 567 1.34 -25.25 -5.45
C LYS A 567 0.97 -26.74 -5.17
N GLY A 568 1.70 -27.65 -5.80
CA GLY A 568 1.50 -29.08 -5.63
C GLY A 568 2.18 -29.86 -6.73
N ALA A 569 1.97 -31.17 -6.75
CA ALA A 569 2.56 -32.05 -7.76
C ALA A 569 1.71 -32.08 -9.00
N VAL A 570 2.32 -32.09 -10.18
CA VAL A 570 1.60 -32.17 -11.46
C VAL A 570 1.55 -33.64 -11.90
N TYR A 571 0.63 -34.41 -11.31
CA TYR A 571 0.51 -35.85 -11.54
C TYR A 571 0.22 -36.28 -12.99
N SER A 572 -0.58 -35.47 -13.74
CA SER A 572 -0.98 -35.83 -15.11
C SER A 572 -1.31 -34.58 -15.95
N MET A 573 -1.04 -34.66 -17.27
CA MET A 573 -1.34 -33.60 -18.24
C MET A 573 -1.82 -34.20 -19.56
N VAL A 574 -2.70 -33.49 -20.29
CA VAL A 574 -3.25 -33.92 -21.59
C VAL A 574 -3.52 -32.69 -22.49
N GLU A 575 -3.35 -32.84 -23.82
CA GLU A 575 -3.66 -31.75 -24.75
C GLU A 575 -5.16 -31.73 -24.86
N PHE A 576 -5.80 -30.65 -24.46
CA PHE A 576 -7.25 -30.55 -24.50
C PHE A 576 -7.71 -29.44 -25.42
N ASN A 577 -8.01 -29.77 -26.68
CA ASN A 577 -8.52 -28.79 -27.64
C ASN A 577 -7.65 -27.52 -27.71
N GLY A 578 -6.36 -27.70 -27.89
CA GLY A 578 -5.40 -26.59 -27.97
C GLY A 578 -4.99 -25.99 -26.65
N LYS A 579 -5.61 -26.41 -25.55
CA LYS A 579 -5.31 -25.92 -24.21
C LYS A 579 -4.57 -27.04 -23.44
N LEU A 580 -3.97 -26.70 -22.29
CA LEU A 580 -3.23 -27.68 -21.48
C LEU A 580 -4.01 -27.99 -20.23
N LEU A 581 -4.52 -29.23 -20.11
CA LEU A 581 -5.26 -29.65 -18.94
C LEU A 581 -4.29 -30.42 -18.03
N ALA A 582 -4.06 -29.93 -16.79
CA ALA A 582 -3.13 -30.54 -15.83
C ALA A 582 -3.78 -30.68 -14.48
N SER A 583 -3.33 -31.68 -13.69
CA SER A 583 -3.88 -31.97 -12.37
C SER A 583 -2.85 -31.72 -11.27
N ILE A 584 -3.08 -30.70 -10.43
CA ILE A 584 -2.19 -30.33 -9.31
C ILE A 584 -2.79 -30.79 -7.98
N ASN A 585 -2.30 -31.93 -7.46
CA ASN A 585 -2.74 -32.50 -6.18
C ASN A 585 -4.25 -32.81 -6.22
N SER A 586 -5.10 -32.02 -5.52
CA SER A 586 -6.53 -32.20 -5.47
C SER A 586 -7.25 -31.43 -6.60
N THR A 587 -6.55 -30.58 -7.38
CA THR A 587 -7.16 -29.73 -8.40
C THR A 587 -6.96 -30.25 -9.81
N VAL A 588 -7.91 -29.92 -10.72
CA VAL A 588 -7.88 -30.21 -12.15
C VAL A 588 -8.03 -28.85 -12.81
N ARG A 589 -6.94 -28.37 -13.43
CA ARG A 589 -6.84 -27.03 -14.00
C ARG A 589 -6.74 -27.08 -15.51
N LEU A 590 -7.25 -26.05 -16.17
CA LEU A 590 -7.17 -25.91 -17.62
C LEU A 590 -6.47 -24.60 -17.93
N TYR A 591 -5.26 -24.68 -18.50
CA TYR A 591 -4.46 -23.51 -18.86
C TYR A 591 -4.59 -23.20 -20.33
N GLU A 592 -4.45 -21.93 -20.69
CA GLU A 592 -4.47 -21.45 -22.06
C GLU A 592 -3.05 -20.98 -22.42
N TRP A 593 -2.62 -21.13 -23.69
CA TRP A 593 -1.29 -20.69 -24.11
C TRP A 593 -1.46 -19.32 -24.80
N THR A 594 -1.06 -18.23 -24.12
CA THR A 594 -1.23 -16.88 -24.63
C THR A 594 -0.32 -16.56 -25.81
N THR A 595 -0.67 -15.52 -26.57
CA THR A 595 0.18 -15.03 -27.65
C THR A 595 1.56 -14.57 -27.10
N GLU A 596 1.72 -14.41 -25.76
CA GLU A 596 3.00 -14.01 -25.13
C GLU A 596 3.86 -15.24 -24.78
N LYS A 597 3.55 -16.43 -25.33
CA LYS A 597 4.21 -17.70 -25.04
C LYS A 597 4.29 -17.94 -23.53
N GLU A 598 3.12 -17.88 -22.86
CA GLU A 598 2.97 -18.07 -21.41
C GLU A 598 1.64 -18.77 -21.10
N LEU A 599 1.61 -19.72 -20.16
CA LEU A 599 0.36 -20.39 -19.78
C LEU A 599 -0.41 -19.49 -18.84
N ARG A 600 -1.73 -19.36 -19.03
CA ARG A 600 -2.56 -18.60 -18.11
C ARG A 600 -3.82 -19.40 -17.85
N THR A 601 -4.09 -19.67 -16.56
CA THR A 601 -5.23 -20.44 -16.10
C THR A 601 -6.55 -19.89 -16.66
N GLU A 602 -7.47 -20.80 -16.98
CA GLU A 602 -8.82 -20.47 -17.45
C GLU A 602 -9.85 -20.86 -16.38
N CYS A 603 -9.77 -22.12 -15.88
CA CYS A 603 -10.74 -22.63 -14.90
C CYS A 603 -10.15 -23.80 -14.06
N ASN A 604 -10.80 -24.10 -12.91
CA ASN A 604 -10.39 -25.15 -11.99
C ASN A 604 -11.58 -26.00 -11.53
N HIS A 605 -11.28 -27.22 -11.07
CA HIS A 605 -12.23 -28.12 -10.44
C HIS A 605 -11.49 -28.69 -9.23
N TYR A 606 -11.95 -28.38 -8.01
CA TYR A 606 -11.26 -28.78 -6.80
C TYR A 606 -11.85 -29.97 -6.03
N ASN A 607 -12.97 -30.56 -6.50
CA ASN A 607 -13.58 -31.68 -5.78
C ASN A 607 -12.87 -33.03 -6.05
N ASN A 608 -11.69 -33.21 -5.44
CA ASN A 608 -10.90 -34.43 -5.57
C ASN A 608 -10.09 -34.69 -4.32
N ILE A 609 -9.81 -35.96 -4.01
CA ILE A 609 -8.92 -36.31 -2.91
C ILE A 609 -7.51 -36.09 -3.48
N MET A 610 -7.21 -36.71 -4.63
CA MET A 610 -5.93 -36.53 -5.30
C MET A 610 -6.07 -37.00 -6.76
N ALA A 611 -6.30 -36.06 -7.69
CA ALA A 611 -6.51 -36.30 -9.13
C ALA A 611 -5.24 -36.81 -9.81
N LEU A 612 -5.10 -38.13 -9.94
CA LEU A 612 -3.89 -38.74 -10.48
C LEU A 612 -3.88 -39.03 -11.97
N TYR A 613 -5.02 -39.40 -12.56
CA TYR A 613 -5.07 -39.82 -13.96
C TYR A 613 -6.05 -38.99 -14.78
N LEU A 614 -5.67 -38.60 -15.99
CA LEU A 614 -6.53 -37.80 -16.86
C LEU A 614 -6.59 -38.40 -18.26
N LYS A 615 -7.80 -38.46 -18.83
CA LYS A 615 -8.05 -38.91 -20.21
C LYS A 615 -9.22 -38.03 -20.76
N THR A 616 -9.15 -37.57 -22.03
CA THR A 616 -10.21 -36.71 -22.58
C THR A 616 -10.74 -37.24 -23.90
N LYS A 617 -12.02 -36.96 -24.16
CA LYS A 617 -12.69 -37.30 -25.41
C LYS A 617 -13.60 -36.14 -25.73
N GLY A 618 -13.13 -35.26 -26.62
CA GLY A 618 -13.90 -34.08 -26.99
C GLY A 618 -13.85 -33.11 -25.85
N ASP A 619 -15.01 -32.57 -25.44
CA ASP A 619 -15.08 -31.66 -24.30
C ASP A 619 -15.24 -32.41 -22.95
N PHE A 620 -15.24 -33.76 -22.94
CA PHE A 620 -15.35 -34.57 -21.74
C PHE A 620 -13.98 -34.92 -21.20
N ILE A 621 -13.88 -35.03 -19.86
CA ILE A 621 -12.64 -35.36 -19.17
C ILE A 621 -12.94 -36.42 -18.14
N LEU A 622 -12.18 -37.50 -18.12
CA LEU A 622 -12.34 -38.58 -17.16
C LEU A 622 -11.21 -38.45 -16.18
N VAL A 623 -11.52 -38.23 -14.91
CA VAL A 623 -10.53 -38.01 -13.88
C VAL A 623 -10.45 -39.24 -12.96
N GLY A 624 -9.28 -39.86 -12.88
CA GLY A 624 -9.03 -41.00 -12.00
C GLY A 624 -8.45 -40.52 -10.69
N ASP A 625 -9.24 -40.60 -9.62
CA ASP A 625 -8.87 -40.13 -8.27
C ASP A 625 -8.11 -41.21 -7.51
N LEU A 626 -7.40 -40.80 -6.45
CA LEU A 626 -6.66 -41.74 -5.62
C LEU A 626 -7.61 -42.75 -4.95
N MET A 627 -8.66 -42.26 -4.24
CA MET A 627 -9.58 -43.15 -3.53
C MET A 627 -11.04 -43.05 -3.96
N ARG A 628 -11.53 -41.91 -4.51
CA ARG A 628 -12.94 -41.81 -4.90
C ARG A 628 -13.20 -42.21 -6.34
N SER A 629 -12.64 -43.35 -6.74
CA SER A 629 -12.90 -43.96 -8.03
C SER A 629 -12.70 -42.96 -9.23
N VAL A 630 -13.67 -42.80 -10.19
CA VAL A 630 -13.54 -41.93 -11.37
C VAL A 630 -14.66 -40.88 -11.43
N LEU A 631 -14.38 -39.76 -12.15
CA LEU A 631 -15.33 -38.66 -12.33
C LEU A 631 -15.34 -38.24 -13.77
N LEU A 632 -16.52 -37.90 -14.29
CA LEU A 632 -16.71 -37.40 -15.65
C LEU A 632 -17.02 -35.91 -15.56
N LEU A 633 -16.03 -35.07 -15.86
CA LEU A 633 -16.13 -33.61 -15.90
C LEU A 633 -16.39 -33.23 -17.35
N ALA A 634 -16.77 -31.99 -17.58
CA ALA A 634 -16.98 -31.48 -18.92
C ALA A 634 -16.68 -30.02 -18.94
N TYR A 635 -15.98 -29.57 -19.97
CA TYR A 635 -15.68 -28.16 -20.12
C TYR A 635 -16.91 -27.54 -20.79
N LYS A 636 -17.52 -26.54 -20.15
CA LYS A 636 -18.66 -25.84 -20.70
C LYS A 636 -18.07 -24.65 -21.48
N PRO A 637 -18.00 -24.70 -22.84
CA PRO A 637 -17.38 -23.57 -23.57
C PRO A 637 -18.09 -22.25 -23.40
N MET A 638 -19.42 -22.32 -23.30
CA MET A 638 -20.25 -21.15 -23.15
C MET A 638 -19.97 -20.39 -21.86
N GLU A 639 -19.54 -21.07 -20.79
CA GLU A 639 -19.28 -20.42 -19.51
C GLU A 639 -17.79 -20.26 -19.19
N GLY A 640 -16.92 -21.03 -19.84
CA GLY A 640 -15.49 -20.96 -19.58
C GLY A 640 -15.11 -21.57 -18.25
N ASN A 641 -15.71 -22.72 -17.92
CA ASN A 641 -15.47 -23.45 -16.66
C ASN A 641 -15.81 -24.96 -16.79
N PHE A 642 -15.61 -25.75 -15.72
CA PHE A 642 -15.95 -27.18 -15.73
C PHE A 642 -17.35 -27.41 -15.15
N GLU A 643 -17.86 -28.65 -15.29
CA GLU A 643 -19.14 -29.05 -14.73
C GLU A 643 -19.11 -30.55 -14.48
N GLU A 644 -19.45 -30.97 -13.26
CA GLU A 644 -19.45 -32.38 -12.91
C GLU A 644 -20.63 -33.04 -13.58
N ILE A 645 -20.37 -33.92 -14.55
CA ILE A 645 -21.45 -34.63 -15.25
C ILE A 645 -21.97 -35.76 -14.36
N ALA A 646 -21.09 -36.67 -13.91
CA ALA A 646 -21.50 -37.79 -13.05
C ALA A 646 -20.28 -38.41 -12.38
N ARG A 647 -20.44 -38.93 -11.17
CA ARG A 647 -19.32 -39.53 -10.43
C ARG A 647 -19.59 -40.98 -10.05
N ASP A 648 -18.54 -41.80 -9.87
CA ASP A 648 -18.74 -43.19 -9.44
C ASP A 648 -18.59 -43.19 -7.91
N PHE A 649 -19.71 -43.42 -7.21
CA PHE A 649 -19.70 -43.39 -5.75
C PHE A 649 -19.28 -44.71 -5.12
N ASN A 650 -18.23 -45.32 -5.63
CA ASN A 650 -17.69 -46.56 -5.08
C ASN A 650 -16.25 -46.25 -4.71
N PRO A 651 -15.78 -46.43 -3.46
CA PRO A 651 -14.37 -46.14 -3.18
C PRO A 651 -13.49 -47.20 -3.85
N ASN A 652 -12.65 -46.76 -4.81
CA ASN A 652 -11.75 -47.65 -5.53
C ASN A 652 -10.40 -46.98 -5.64
N TRP A 653 -9.37 -47.63 -5.13
CA TRP A 653 -8.02 -47.12 -5.26
C TRP A 653 -7.54 -47.36 -6.73
N MET A 654 -7.45 -46.31 -7.56
CA MET A 654 -7.10 -46.47 -8.97
C MET A 654 -5.59 -46.67 -9.25
N SER A 655 -5.30 -47.23 -10.45
CA SER A 655 -3.96 -47.49 -11.02
C SER A 655 -3.86 -46.95 -12.46
N ALA A 656 -4.98 -46.92 -13.21
CA ALA A 656 -5.05 -46.35 -14.56
C ALA A 656 -6.53 -46.24 -15.03
N VAL A 657 -6.84 -45.26 -15.90
CA VAL A 657 -8.20 -45.02 -16.43
C VAL A 657 -8.17 -44.86 -17.96
N GLU A 658 -9.32 -45.05 -18.62
CA GLU A 658 -9.46 -44.88 -20.08
C GLU A 658 -10.91 -44.72 -20.46
N ILE A 659 -11.16 -43.87 -21.47
CA ILE A 659 -12.51 -43.65 -22.02
C ILE A 659 -12.64 -44.60 -23.19
N LEU A 660 -13.58 -45.56 -23.14
CA LEU A 660 -13.78 -46.50 -24.26
C LEU A 660 -14.54 -45.76 -25.35
N ASP A 661 -15.67 -45.13 -24.96
CA ASP A 661 -16.51 -44.34 -25.83
C ASP A 661 -17.26 -43.27 -25.00
N ASP A 662 -18.01 -42.38 -25.66
CA ASP A 662 -18.77 -41.27 -25.06
C ASP A 662 -19.51 -41.62 -23.75
N ASP A 663 -19.99 -42.86 -23.63
CA ASP A 663 -20.77 -43.32 -22.47
C ASP A 663 -20.08 -44.37 -21.59
N ASN A 664 -19.06 -45.08 -22.08
CA ASN A 664 -18.40 -46.17 -21.34
C ASN A 664 -16.96 -45.83 -20.92
N PHE A 665 -16.65 -46.02 -19.64
CA PHE A 665 -15.34 -45.68 -19.08
C PHE A 665 -14.71 -46.81 -18.27
N LEU A 666 -13.56 -47.31 -18.76
CA LEU A 666 -12.79 -48.40 -18.17
C LEU A 666 -11.82 -47.88 -17.17
N GLY A 667 -11.77 -48.53 -16.02
CA GLY A 667 -10.86 -48.21 -14.93
C GLY A 667 -10.21 -49.46 -14.35
N ALA A 668 -8.94 -49.33 -13.91
CA ALA A 668 -8.18 -50.43 -13.30
C ALA A 668 -7.85 -50.05 -11.85
N GLU A 669 -8.02 -51.03 -10.94
CA GLU A 669 -7.88 -50.86 -9.51
C GLU A 669 -6.62 -51.52 -8.96
N ASN A 670 -6.16 -51.08 -7.76
CA ASN A 670 -5.01 -51.66 -7.07
C ASN A 670 -5.14 -53.10 -6.55
N ALA A 671 -6.37 -53.67 -6.52
CA ALA A 671 -6.57 -55.07 -6.11
C ALA A 671 -6.61 -56.01 -7.30
N PHE A 672 -6.00 -55.62 -8.44
CA PHE A 672 -5.92 -56.40 -9.68
C PHE A 672 -7.28 -56.57 -10.33
N ASN A 673 -8.13 -55.54 -10.25
CA ASN A 673 -9.45 -55.60 -10.83
C ASN A 673 -9.65 -54.59 -11.92
N LEU A 674 -10.63 -54.85 -12.81
CA LEU A 674 -11.05 -53.97 -13.89
C LEU A 674 -12.53 -53.73 -13.73
N PHE A 675 -12.97 -52.53 -14.08
CA PHE A 675 -14.39 -52.19 -14.03
C PHE A 675 -14.72 -51.14 -15.10
N VAL A 676 -16.00 -51.07 -15.49
CA VAL A 676 -16.49 -50.14 -16.51
C VAL A 676 -17.72 -49.45 -15.97
N CYS A 677 -17.78 -48.13 -16.08
CA CYS A 677 -18.95 -47.36 -15.64
C CYS A 677 -19.58 -46.75 -16.84
N GLN A 678 -20.92 -46.63 -16.83
CA GLN A 678 -21.61 -45.96 -17.91
C GLN A 678 -22.54 -44.88 -17.40
N LYS A 679 -22.76 -43.86 -18.23
CA LYS A 679 -23.64 -42.73 -17.94
C LYS A 679 -25.05 -43.30 -17.81
N ASP A 680 -25.75 -42.99 -16.71
CA ASP A 680 -27.08 -43.59 -16.48
C ASP A 680 -28.06 -43.45 -17.67
N SER A 681 -28.02 -42.32 -18.42
CA SER A 681 -28.88 -42.09 -19.58
C SER A 681 -30.38 -42.30 -19.29
N ALA A 682 -30.85 -41.82 -18.12
CA ALA A 682 -32.25 -41.88 -17.66
C ALA A 682 -32.61 -40.49 -17.09
N ALA A 683 -33.38 -39.69 -17.84
CA ALA A 683 -33.73 -38.31 -17.46
C ALA A 683 -34.93 -38.18 -16.53
N THR A 684 -35.30 -39.22 -15.77
CA THR A 684 -36.44 -39.11 -14.84
C THR A 684 -36.09 -38.14 -13.68
N THR A 685 -34.79 -38.11 -13.23
CA THR A 685 -34.29 -37.21 -12.17
C THR A 685 -32.87 -36.67 -12.47
N ASP A 686 -32.49 -35.55 -11.85
CA ASP A 686 -31.14 -34.95 -11.98
C ASP A 686 -30.08 -35.70 -11.15
N GLU A 687 -30.52 -36.46 -10.13
CA GLU A 687 -29.65 -37.20 -9.22
C GLU A 687 -29.10 -38.45 -9.91
N GLU A 688 -30.00 -39.27 -10.49
CA GLU A 688 -29.60 -40.51 -11.16
C GLU A 688 -28.71 -40.23 -12.35
N ARG A 689 -28.94 -39.11 -13.06
CA ARG A 689 -28.09 -38.71 -14.19
C ARG A 689 -26.62 -38.52 -13.72
N GLN A 690 -26.45 -37.97 -12.51
CA GLN A 690 -25.14 -37.75 -11.90
C GLN A 690 -24.49 -38.99 -11.28
N HIS A 691 -25.17 -40.15 -11.29
CA HIS A 691 -24.62 -41.38 -10.75
C HIS A 691 -23.99 -42.21 -11.86
N LEU A 692 -22.68 -42.50 -11.76
CA LEU A 692 -22.03 -43.38 -12.71
C LEU A 692 -22.14 -44.76 -12.14
N GLN A 693 -22.80 -45.66 -12.87
CA GLN A 693 -23.07 -47.02 -12.42
C GLN A 693 -21.95 -47.96 -12.85
N GLU A 694 -21.38 -48.76 -11.92
CA GLU A 694 -20.37 -49.75 -12.28
C GLU A 694 -21.16 -50.90 -12.91
N VAL A 695 -21.01 -51.12 -14.23
CA VAL A 695 -21.74 -52.13 -15.00
C VAL A 695 -20.86 -53.32 -15.41
N GLY A 696 -19.55 -53.09 -15.58
CA GLY A 696 -18.59 -54.14 -15.89
C GLY A 696 -17.67 -54.38 -14.71
N LEU A 697 -17.36 -55.65 -14.36
CA LEU A 697 -16.48 -56.03 -13.23
C LEU A 697 -15.72 -57.29 -13.61
N PHE A 698 -14.41 -57.37 -13.31
CA PHE A 698 -13.60 -58.54 -13.72
C PHE A 698 -12.27 -58.55 -12.99
N HIS A 699 -11.93 -59.65 -12.29
CA HIS A 699 -10.65 -59.78 -11.60
C HIS A 699 -9.61 -60.15 -12.64
N LEU A 700 -8.85 -59.15 -13.12
CA LEU A 700 -7.83 -59.34 -14.14
C LEU A 700 -6.70 -60.21 -13.65
N GLY A 701 -6.27 -59.99 -12.41
CA GLY A 701 -5.16 -60.71 -11.80
C GLY A 701 -3.80 -60.02 -11.99
N GLU A 702 -3.77 -58.92 -12.76
CA GLU A 702 -2.55 -58.14 -13.04
C GLU A 702 -2.70 -56.71 -12.52
N PHE A 703 -1.58 -55.98 -12.39
CA PHE A 703 -1.66 -54.58 -11.97
C PHE A 703 -1.45 -53.69 -13.19
N VAL A 704 -2.51 -53.02 -13.68
CA VAL A 704 -2.42 -52.20 -14.89
C VAL A 704 -1.81 -50.86 -14.58
N ASN A 705 -0.64 -50.54 -15.16
CA ASN A 705 -0.02 -49.23 -14.97
C ASN A 705 -0.50 -48.24 -16.02
N VAL A 706 -0.67 -48.68 -17.31
CA VAL A 706 -1.04 -47.78 -18.41
C VAL A 706 -2.11 -48.33 -19.36
N PHE A 707 -3.04 -47.45 -19.79
CA PHE A 707 -4.04 -47.78 -20.79
C PHE A 707 -3.72 -46.95 -22.01
N CYS A 708 -3.80 -47.58 -23.18
CA CYS A 708 -3.39 -46.94 -24.42
C CYS A 708 -4.26 -47.36 -25.59
N HIS A 709 -4.90 -46.41 -26.27
CA HIS A 709 -5.72 -46.71 -27.44
C HIS A 709 -4.83 -47.08 -28.62
N GLY A 710 -5.12 -48.21 -29.27
CA GLY A 710 -4.39 -48.68 -30.44
C GLY A 710 -4.27 -50.19 -30.51
N SER A 711 -3.61 -50.71 -31.55
CA SER A 711 -3.38 -52.16 -31.74
C SER A 711 -2.18 -52.40 -32.65
N LEU A 712 -1.55 -53.58 -32.52
CA LEU A 712 -0.41 -53.98 -33.35
C LEU A 712 -0.81 -54.78 -34.60
N VAL A 713 -2.12 -55.09 -34.76
CA VAL A 713 -2.61 -55.88 -35.88
C VAL A 713 -2.70 -55.06 -37.14
N MET A 714 -2.29 -55.67 -38.24
CA MET A 714 -2.36 -55.03 -39.55
C MET A 714 -3.84 -54.85 -39.94
N GLN A 715 -4.35 -53.61 -39.82
CA GLN A 715 -5.73 -53.23 -40.17
C GLN A 715 -5.73 -52.72 -41.63
N ASN A 716 -6.52 -53.37 -42.50
CA ASN A 716 -6.55 -53.04 -43.94
C ASN A 716 -7.30 -51.73 -44.26
N LEU A 717 -7.27 -51.31 -45.55
CA LEU A 717 -7.88 -50.07 -46.06
C LEU A 717 -9.39 -49.97 -45.81
N GLY A 718 -10.07 -51.11 -45.77
CA GLY A 718 -11.52 -51.17 -45.53
C GLY A 718 -11.84 -51.62 -44.11
N GLU A 719 -13.10 -52.08 -43.90
CA GLU A 719 -13.53 -52.58 -42.60
C GLU A 719 -13.21 -54.10 -42.61
N THR A 720 -12.27 -54.54 -41.76
CA THR A 720 -11.86 -55.94 -41.73
C THR A 720 -11.73 -56.44 -40.29
N SER A 721 -11.46 -57.76 -40.14
CA SER A 721 -11.28 -58.41 -38.85
C SER A 721 -12.66 -58.74 -38.18
N THR A 722 -12.68 -58.94 -36.84
CA THR A 722 -13.83 -59.35 -36.03
C THR A 722 -14.78 -58.17 -35.75
N PRO A 723 -16.11 -58.41 -35.58
CA PRO A 723 -17.03 -57.31 -35.21
C PRO A 723 -16.78 -56.67 -33.82
N THR A 724 -15.71 -57.07 -33.12
CA THR A 724 -15.32 -56.44 -31.87
C THR A 724 -14.78 -55.05 -32.23
N GLN A 725 -15.55 -53.98 -31.96
CA GLN A 725 -15.09 -52.63 -32.29
C GLN A 725 -14.39 -51.96 -31.09
N GLY A 726 -13.35 -51.21 -31.41
CA GLY A 726 -12.50 -50.52 -30.44
C GLY A 726 -11.32 -51.37 -30.03
N SER A 727 -10.25 -50.73 -29.53
CA SER A 727 -9.06 -51.45 -29.10
C SER A 727 -8.25 -50.62 -28.12
N VAL A 728 -8.00 -51.17 -26.93
CA VAL A 728 -7.24 -50.52 -25.88
C VAL A 728 -6.23 -51.52 -25.35
N LEU A 729 -4.94 -51.28 -25.60
CA LEU A 729 -3.86 -52.09 -25.06
C LEU A 729 -3.54 -51.60 -23.64
N PHE A 730 -3.02 -52.49 -22.79
CA PHE A 730 -2.63 -52.11 -21.44
C PHE A 730 -1.36 -52.81 -21.00
N GLY A 731 -0.54 -52.09 -20.24
CA GLY A 731 0.73 -52.56 -19.71
C GLY A 731 0.59 -52.88 -18.24
N THR A 732 1.22 -53.96 -17.76
CA THR A 732 1.10 -54.37 -16.37
C THR A 732 2.45 -54.45 -15.65
N VAL A 733 2.42 -54.61 -14.33
CA VAL A 733 3.63 -54.69 -13.53
C VAL A 733 4.43 -55.95 -13.83
N ASN A 734 3.76 -57.06 -14.19
CA ASN A 734 4.48 -58.29 -14.51
C ASN A 734 4.90 -58.40 -15.99
N GLY A 735 4.82 -57.31 -16.76
CA GLY A 735 5.20 -57.33 -18.16
C GLY A 735 4.16 -57.89 -19.09
N MET A 736 3.01 -58.35 -18.56
CA MET A 736 1.93 -58.86 -19.40
C MET A 736 1.32 -57.68 -20.17
N ILE A 737 0.97 -57.89 -21.45
CA ILE A 737 0.29 -56.86 -22.25
C ILE A 737 -1.05 -57.46 -22.59
N GLY A 738 -2.13 -56.72 -22.32
CA GLY A 738 -3.48 -57.17 -22.63
C GLY A 738 -4.20 -56.25 -23.59
N LEU A 739 -5.42 -56.62 -23.99
CA LEU A 739 -6.23 -55.81 -24.90
C LEU A 739 -7.69 -55.89 -24.48
N VAL A 740 -8.38 -54.75 -24.55
CA VAL A 740 -9.80 -54.64 -24.23
C VAL A 740 -10.52 -54.10 -25.47
N THR A 741 -11.70 -54.61 -25.75
CA THR A 741 -12.52 -54.18 -26.89
C THR A 741 -14.00 -54.36 -26.54
N SER A 742 -14.87 -53.63 -27.25
CA SER A 742 -16.31 -53.69 -26.98
C SER A 742 -17.00 -54.72 -27.90
N LEU A 743 -18.11 -55.31 -27.42
CA LEU A 743 -18.90 -56.31 -28.14
C LEU A 743 -20.35 -55.88 -28.26
N SER A 744 -21.06 -56.39 -29.29
CA SER A 744 -22.48 -56.15 -29.41
C SER A 744 -23.22 -57.02 -28.38
N GLU A 745 -24.49 -56.71 -28.07
CA GLU A 745 -25.26 -57.49 -27.09
C GLU A 745 -25.35 -58.96 -27.48
N SER A 746 -25.74 -59.24 -28.74
CA SER A 746 -25.86 -60.62 -29.22
C SER A 746 -24.51 -61.35 -29.15
N TRP A 747 -23.41 -60.66 -29.49
CA TRP A 747 -22.07 -61.26 -29.44
C TRP A 747 -21.68 -61.63 -28.02
N TYR A 748 -22.01 -60.78 -27.06
CA TYR A 748 -21.69 -61.05 -25.67
C TYR A 748 -22.45 -62.27 -25.13
N ASN A 749 -23.80 -62.31 -25.28
CA ASN A 749 -24.58 -63.43 -24.77
C ASN A 749 -24.14 -64.77 -25.34
N LEU A 750 -23.72 -64.77 -26.62
CA LEU A 750 -23.23 -65.98 -27.26
C LEU A 750 -21.93 -66.42 -26.60
N LEU A 751 -20.98 -65.49 -26.49
CA LEU A 751 -19.69 -65.79 -25.89
C LEU A 751 -19.78 -66.14 -24.42
N LEU A 752 -20.75 -65.57 -23.69
CA LEU A 752 -20.96 -65.84 -22.28
C LEU A 752 -21.45 -67.27 -22.11
N ASP A 753 -22.37 -67.74 -22.98
CA ASP A 753 -22.85 -69.12 -22.94
C ASP A 753 -21.68 -70.07 -23.28
N MET A 754 -20.79 -69.67 -24.22
CA MET A 754 -19.60 -70.45 -24.57
C MET A 754 -18.73 -70.67 -23.35
N GLN A 755 -18.52 -69.62 -22.51
CA GLN A 755 -17.71 -69.70 -21.30
C GLN A 755 -18.28 -70.73 -20.31
N ASN A 756 -19.60 -70.75 -20.13
CA ASN A 756 -20.25 -71.69 -19.21
C ASN A 756 -20.06 -73.11 -19.72
N ARG A 757 -20.21 -73.32 -21.03
CA ARG A 757 -20.02 -74.63 -21.63
C ARG A 757 -18.54 -75.05 -21.58
N LEU A 758 -17.63 -74.12 -21.88
CA LEU A 758 -16.20 -74.37 -21.86
C LEU A 758 -15.72 -74.79 -20.47
N ASN A 759 -16.20 -74.12 -19.41
CA ASN A 759 -15.80 -74.45 -18.03
C ASN A 759 -16.22 -75.87 -17.64
N LYS A 760 -17.40 -76.31 -18.10
CA LYS A 760 -17.89 -77.63 -17.78
C LYS A 760 -17.01 -78.76 -18.36
N VAL A 761 -16.13 -78.48 -19.38
CA VAL A 761 -15.27 -79.51 -19.98
C VAL A 761 -13.77 -79.30 -19.72
N ILE A 762 -13.31 -78.04 -19.63
CA ILE A 762 -11.89 -77.76 -19.38
C ILE A 762 -11.54 -78.13 -17.94
N LYS A 763 -10.61 -79.07 -17.76
CA LYS A 763 -10.17 -79.49 -16.43
C LYS A 763 -9.11 -78.48 -15.96
N SER A 764 -9.38 -77.74 -14.85
CA SER A 764 -8.48 -76.70 -14.33
C SER A 764 -7.36 -77.25 -13.48
N VAL A 765 -6.22 -76.53 -13.45
CA VAL A 765 -5.07 -76.93 -12.64
C VAL A 765 -5.46 -76.60 -11.21
N GLY A 766 -5.37 -77.59 -10.34
CA GLY A 766 -5.76 -77.42 -8.94
C GLY A 766 -7.27 -77.43 -8.70
N LYS A 767 -8.07 -77.79 -9.74
CA LYS A 767 -9.54 -77.84 -9.68
C LYS A 767 -10.10 -76.49 -9.18
N ILE A 768 -9.55 -75.38 -9.70
CA ILE A 768 -9.96 -74.04 -9.33
C ILE A 768 -11.12 -73.62 -10.20
N GLU A 769 -12.21 -73.15 -9.58
CA GLU A 769 -13.38 -72.71 -10.34
C GLU A 769 -13.03 -71.43 -11.13
N HIS A 770 -13.31 -71.42 -12.44
CA HIS A 770 -13.03 -70.24 -13.26
C HIS A 770 -13.88 -69.07 -12.79
N SER A 771 -15.16 -69.32 -12.51
CA SER A 771 -16.10 -68.30 -12.02
C SER A 771 -15.55 -67.58 -10.77
N PHE A 772 -14.95 -68.35 -9.85
CA PHE A 772 -14.34 -67.85 -8.62
C PHE A 772 -13.12 -66.96 -8.90
N TRP A 773 -12.24 -67.43 -9.78
CA TRP A 773 -11.01 -66.72 -10.13
C TRP A 773 -11.31 -65.35 -10.72
N ARG A 774 -12.10 -65.27 -11.78
CA ARG A 774 -12.42 -63.98 -12.40
C ARG A 774 -13.40 -63.13 -11.57
N SER A 775 -13.97 -63.66 -10.46
CA SER A 775 -14.87 -62.88 -9.61
C SER A 775 -14.06 -61.74 -8.97
N PHE A 776 -14.49 -60.48 -9.24
CA PHE A 776 -13.95 -59.22 -8.71
C PHE A 776 -13.65 -59.34 -7.21
N HIS A 777 -12.44 -58.93 -6.76
CA HIS A 777 -12.07 -59.14 -5.38
C HIS A 777 -11.12 -58.11 -4.75
N THR A 778 -11.57 -57.57 -3.61
CA THR A 778 -10.83 -56.70 -2.69
C THR A 778 -10.93 -57.37 -1.31
N GLU A 779 -10.05 -56.99 -0.36
CA GLU A 779 -10.08 -57.59 0.97
C GLU A 779 -11.48 -57.56 1.61
N ARG A 780 -12.25 -56.50 1.34
CA ARG A 780 -13.60 -56.36 1.87
C ARG A 780 -14.70 -57.06 1.01
N LYS A 781 -14.92 -56.62 -0.25
CA LYS A 781 -15.96 -57.21 -1.09
C LYS A 781 -15.44 -58.19 -2.16
N THR A 782 -16.28 -59.19 -2.49
CA THR A 782 -16.01 -60.19 -3.53
C THR A 782 -17.31 -60.38 -4.33
N GLU A 783 -17.34 -59.89 -5.60
CA GLU A 783 -18.53 -59.94 -6.46
C GLU A 783 -18.27 -60.76 -7.71
N PRO A 784 -19.30 -61.43 -8.28
CA PRO A 784 -19.08 -62.21 -9.51
C PRO A 784 -18.84 -61.30 -10.71
N ALA A 785 -17.96 -61.72 -11.61
CA ALA A 785 -17.59 -60.93 -12.78
C ALA A 785 -18.79 -60.73 -13.71
N THR A 786 -19.03 -59.50 -14.17
CA THR A 786 -20.15 -59.21 -15.08
C THR A 786 -19.72 -58.27 -16.22
N GLY A 787 -20.37 -58.40 -17.37
CA GLY A 787 -20.08 -57.56 -18.53
C GLY A 787 -18.69 -57.71 -19.08
N PHE A 788 -18.07 -58.88 -18.87
CA PHE A 788 -16.71 -59.16 -19.31
C PHE A 788 -16.55 -60.61 -19.74
N ILE A 789 -15.86 -60.83 -20.88
CA ILE A 789 -15.60 -62.15 -21.45
C ILE A 789 -14.10 -62.45 -21.38
N ASP A 790 -13.72 -63.55 -20.70
CA ASP A 790 -12.33 -63.97 -20.59
C ASP A 790 -11.90 -64.47 -21.96
N GLY A 791 -11.20 -63.62 -22.69
CA GLY A 791 -10.75 -63.95 -24.03
C GLY A 791 -9.78 -65.09 -24.08
N ASP A 792 -9.02 -65.31 -23.01
CA ASP A 792 -8.07 -66.43 -22.94
C ASP A 792 -8.79 -67.78 -22.82
N LEU A 793 -9.95 -67.80 -22.12
CA LEU A 793 -10.77 -69.00 -22.00
C LEU A 793 -11.43 -69.27 -23.36
N ILE A 794 -11.92 -68.22 -24.04
CA ILE A 794 -12.55 -68.37 -25.35
C ILE A 794 -11.51 -68.87 -26.38
N GLU A 795 -10.29 -68.28 -26.41
CA GLU A 795 -9.24 -68.70 -27.35
C GLU A 795 -8.68 -70.10 -27.07
N SER A 796 -8.91 -70.65 -25.86
CA SER A 796 -8.47 -72.01 -25.53
C SER A 796 -9.38 -73.08 -26.15
N PHE A 797 -10.61 -72.72 -26.62
CA PHE A 797 -11.53 -73.65 -27.30
C PHE A 797 -10.85 -74.38 -28.45
N LEU A 798 -9.97 -73.68 -29.17
CA LEU A 798 -9.26 -74.27 -30.30
C LEU A 798 -8.26 -75.37 -29.88
N ASP A 799 -7.74 -75.31 -28.65
CA ASP A 799 -6.74 -76.26 -28.16
C ASP A 799 -7.30 -77.54 -27.49
N ILE A 800 -8.64 -77.72 -27.50
CA ILE A 800 -9.25 -78.92 -26.90
C ILE A 800 -9.51 -80.00 -27.99
N SER A 801 -9.82 -81.23 -27.55
CA SER A 801 -10.07 -82.33 -28.47
C SER A 801 -11.39 -82.15 -29.24
N ARG A 802 -11.54 -82.84 -30.39
CA ARG A 802 -12.75 -82.73 -31.21
C ARG A 802 -14.01 -83.21 -30.46
N PRO A 803 -13.99 -84.37 -29.77
CA PRO A 803 -15.19 -84.81 -29.02
C PRO A 803 -15.67 -83.80 -27.97
N LYS A 804 -14.73 -83.15 -27.26
CA LYS A 804 -15.06 -82.13 -26.27
C LYS A 804 -15.61 -80.85 -26.95
N MET A 805 -15.16 -80.54 -28.19
CA MET A 805 -15.68 -79.40 -28.95
C MET A 805 -17.15 -79.63 -29.28
N GLN A 806 -17.49 -80.83 -29.77
CA GLN A 806 -18.87 -81.19 -30.12
C GLN A 806 -19.80 -81.28 -28.89
N GLU A 807 -19.22 -81.53 -27.70
CA GLU A 807 -19.93 -81.55 -26.42
C GLU A 807 -20.35 -80.12 -26.07
N VAL A 808 -19.43 -79.16 -26.24
CA VAL A 808 -19.64 -77.72 -25.98
C VAL A 808 -20.72 -77.11 -26.89
N VAL A 809 -20.72 -77.45 -28.19
CA VAL A 809 -21.69 -76.89 -29.16
C VAL A 809 -23.09 -77.57 -29.08
N ALA A 810 -23.20 -78.73 -28.41
CA ALA A 810 -24.47 -79.47 -28.37
C ALA A 810 -25.61 -78.65 -27.75
N ASN A 811 -26.71 -78.50 -28.52
CA ASN A 811 -27.91 -77.76 -28.11
C ASN A 811 -27.59 -76.30 -27.79
N LEU A 812 -26.96 -75.56 -28.72
CA LEU A 812 -26.63 -74.14 -28.51
C LEU A 812 -27.47 -73.23 -29.44
N GLN A 813 -28.39 -72.45 -28.83
CA GLN A 813 -29.24 -71.52 -29.55
C GLN A 813 -28.76 -70.08 -29.32
N TYR A 814 -28.88 -69.24 -30.37
CA TYR A 814 -28.61 -67.79 -30.35
C TYR A 814 -29.85 -67.11 -30.95
N ASP A 815 -30.12 -65.87 -30.53
CA ASP A 815 -31.27 -65.13 -31.06
C ASP A 815 -31.02 -63.61 -31.05
N ASP A 816 -31.81 -62.90 -31.91
CA ASP A 816 -31.80 -61.46 -32.16
C ASP A 816 -30.41 -60.92 -32.56
N GLY A 817 -29.90 -61.52 -33.62
CA GLY A 817 -28.69 -61.12 -34.31
C GLY A 817 -28.98 -61.03 -35.81
N SER A 818 -30.27 -60.78 -36.19
CA SER A 818 -30.73 -60.76 -37.57
C SER A 818 -30.62 -62.16 -38.24
N GLY A 819 -30.62 -63.24 -37.42
CA GLY A 819 -30.51 -64.62 -37.87
C GLY A 819 -31.22 -65.60 -36.95
N MET A 820 -31.75 -66.71 -37.53
CA MET A 820 -32.56 -67.77 -36.87
C MET A 820 -31.91 -68.42 -35.57
N LYS A 821 -32.43 -69.60 -35.11
CA LYS A 821 -31.91 -70.31 -33.92
C LYS A 821 -30.49 -70.85 -34.17
N ARG A 822 -30.33 -71.58 -35.31
CA ARG A 822 -29.11 -72.21 -35.81
C ARG A 822 -28.22 -72.75 -34.66
N GLU A 823 -28.36 -74.08 -34.38
CA GLU A 823 -27.58 -74.74 -33.34
C GLU A 823 -26.14 -74.75 -33.82
N ALA A 824 -25.29 -74.02 -33.12
CA ALA A 824 -23.90 -73.90 -33.54
C ALA A 824 -23.20 -75.28 -33.53
N THR A 825 -22.28 -75.50 -34.49
CA THR A 825 -21.52 -76.75 -34.63
C THR A 825 -20.00 -76.47 -34.50
N ALA A 826 -19.16 -77.51 -34.57
CA ALA A 826 -17.72 -77.41 -34.39
C ALA A 826 -17.08 -76.44 -35.41
N ASP A 827 -17.41 -76.54 -36.69
CA ASP A 827 -16.83 -75.67 -37.71
C ASP A 827 -17.30 -74.23 -37.56
N ASP A 828 -18.51 -74.01 -37.03
CA ASP A 828 -19.03 -72.65 -36.83
C ASP A 828 -18.21 -71.93 -35.75
N LEU A 829 -18.04 -72.55 -34.57
CA LEU A 829 -17.27 -71.94 -33.49
C LEU A 829 -15.78 -71.93 -33.79
N ILE A 830 -15.22 -72.93 -34.52
CA ILE A 830 -13.77 -72.90 -34.81
C ILE A 830 -13.45 -71.68 -35.66
N LYS A 831 -14.32 -71.32 -36.63
CA LYS A 831 -14.09 -70.15 -37.48
C LYS A 831 -14.34 -68.84 -36.74
N VAL A 832 -15.31 -68.80 -35.79
CA VAL A 832 -15.58 -67.61 -34.97
C VAL A 832 -14.43 -67.36 -33.98
N VAL A 833 -13.88 -68.43 -33.33
CA VAL A 833 -12.77 -68.28 -32.37
C VAL A 833 -11.49 -67.90 -33.12
N GLU A 834 -11.24 -68.49 -34.29
CA GLU A 834 -10.08 -68.09 -35.11
C GLU A 834 -10.21 -66.62 -35.52
N GLU A 835 -11.44 -66.11 -35.72
CA GLU A 835 -11.67 -64.71 -36.05
C GLU A 835 -11.28 -63.82 -34.85
N LEU A 836 -11.62 -64.25 -33.63
CA LEU A 836 -11.30 -63.51 -32.39
C LEU A 836 -9.80 -63.52 -32.04
N THR A 837 -9.04 -64.53 -32.48
CA THR A 837 -7.59 -64.56 -32.25
C THR A 837 -6.86 -63.54 -33.17
N ARG A 838 -7.46 -63.15 -34.29
CA ARG A 838 -6.85 -62.19 -35.21
C ARG A 838 -6.88 -60.75 -34.67
N ILE A 839 -7.42 -60.48 -33.47
CA ILE A 839 -7.47 -59.12 -32.92
C ILE A 839 -6.17 -58.67 -32.18
N HIS A 840 -5.20 -59.60 -32.01
CA HIS A 840 -3.93 -59.32 -31.34
C HIS A 840 -2.76 -60.11 -32.00
N THR B 7 -30.51 -12.37 12.51
CA THR B 7 -29.77 -12.96 13.61
C THR B 7 -29.24 -14.39 13.22
N GLU B 8 -28.41 -14.98 14.08
CA GLU B 8 -27.81 -16.31 13.89
C GLU B 8 -28.82 -17.45 14.15
N SER B 9 -29.73 -17.21 15.13
CA SER B 9 -30.79 -18.14 15.56
C SER B 9 -31.83 -18.40 14.44
N ASP B 10 -32.17 -17.32 13.65
CA ASP B 10 -33.11 -17.35 12.52
C ASP B 10 -32.52 -18.21 11.38
N TRP B 11 -33.14 -19.37 11.11
CA TRP B 11 -32.72 -20.33 10.10
C TRP B 11 -33.72 -20.39 8.95
N GLY B 12 -33.25 -20.88 7.80
CA GLY B 12 -34.09 -21.01 6.62
C GLY B 12 -34.30 -19.72 5.83
N LYS B 13 -33.96 -18.58 6.41
CA LYS B 13 -34.12 -17.28 5.76
C LYS B 13 -32.97 -17.01 4.77
N ARG B 14 -31.73 -17.38 5.14
CA ARG B 14 -30.54 -17.15 4.30
C ARG B 14 -30.59 -18.04 3.05
N CYS B 15 -30.06 -17.55 1.93
CA CYS B 15 -30.08 -18.29 0.66
C CYS B 15 -28.87 -19.17 0.44
N VAL B 16 -29.06 -20.28 -0.28
CA VAL B 16 -27.97 -21.20 -0.65
C VAL B 16 -26.94 -20.54 -1.57
N ASP B 17 -27.33 -19.53 -2.35
CA ASP B 17 -26.39 -18.85 -3.24
C ASP B 17 -25.21 -18.20 -2.49
N LYS B 18 -25.30 -18.04 -1.15
CA LYS B 18 -24.17 -17.53 -0.38
C LYS B 18 -23.08 -18.59 -0.13
N PHE B 19 -23.20 -19.78 -0.74
CA PHE B 19 -22.21 -20.83 -0.69
C PHE B 19 -21.82 -21.10 -2.14
N ASP B 20 -20.53 -21.27 -2.35
CA ASP B 20 -19.99 -21.56 -3.66
C ASP B 20 -19.82 -23.08 -3.70
N ILE B 21 -20.65 -23.78 -4.50
CA ILE B 21 -20.61 -25.25 -4.52
C ILE B 21 -19.34 -25.75 -5.19
N ILE B 22 -18.68 -26.71 -4.54
CA ILE B 22 -17.44 -27.33 -5.00
C ILE B 22 -17.72 -28.61 -5.78
N GLY B 23 -18.75 -29.35 -5.39
CA GLY B 23 -19.12 -30.58 -6.08
C GLY B 23 -19.85 -31.59 -5.23
N ILE B 24 -20.49 -32.55 -5.90
CA ILE B 24 -21.22 -33.61 -5.22
C ILE B 24 -20.26 -34.64 -4.60
N ILE B 25 -20.45 -34.96 -3.29
CA ILE B 25 -19.63 -35.93 -2.53
C ILE B 25 -20.35 -37.24 -2.19
N GLY B 26 -21.68 -37.29 -2.35
CA GLY B 26 -22.42 -38.51 -2.06
C GLY B 26 -23.91 -38.36 -2.33
N GLU B 27 -24.60 -39.51 -2.41
CA GLU B 27 -26.04 -39.59 -2.62
C GLU B 27 -26.69 -39.96 -1.28
N GLY B 28 -27.34 -39.00 -0.61
CA GLY B 28 -27.93 -39.19 0.71
C GLY B 28 -29.25 -39.96 0.76
N THR B 29 -29.88 -39.93 1.95
CA THR B 29 -31.15 -40.64 2.20
C THR B 29 -32.34 -40.01 1.44
N TYR B 30 -32.39 -38.66 1.46
CA TYR B 30 -33.48 -37.83 0.89
C TYR B 30 -33.05 -36.86 -0.25
N GLY B 31 -31.74 -36.64 -0.39
CA GLY B 31 -31.16 -35.79 -1.42
C GLY B 31 -29.65 -35.90 -1.49
N GLN B 32 -29.03 -35.24 -2.46
CA GLN B 32 -27.58 -35.31 -2.63
C GLN B 32 -26.83 -34.53 -1.55
N VAL B 33 -25.53 -34.79 -1.40
CA VAL B 33 -24.70 -34.09 -0.44
C VAL B 33 -23.59 -33.41 -1.21
N TYR B 34 -23.42 -32.09 -1.05
CA TYR B 34 -22.40 -31.34 -1.78
C TYR B 34 -21.37 -30.74 -0.86
N LYS B 35 -20.13 -30.62 -1.34
CA LYS B 35 -19.04 -29.93 -0.65
C LYS B 35 -19.15 -28.48 -1.15
N ALA B 36 -19.06 -27.49 -0.27
CA ALA B 36 -19.21 -26.09 -0.66
C ALA B 36 -18.43 -25.18 0.28
N LYS B 37 -18.13 -23.95 -0.16
CA LYS B 37 -17.39 -23.00 0.67
C LYS B 37 -18.27 -21.78 0.92
N ASP B 38 -18.30 -21.28 2.18
CA ASP B 38 -19.07 -20.10 2.53
C ASP B 38 -18.41 -18.91 1.84
N LYS B 39 -19.12 -18.20 0.98
CA LYS B 39 -18.55 -17.07 0.24
C LYS B 39 -18.10 -15.93 1.15
N ASP B 40 -18.69 -15.79 2.36
CA ASP B 40 -18.33 -14.72 3.30
C ASP B 40 -17.12 -15.09 4.18
N THR B 41 -17.20 -16.23 4.90
CA THR B 41 -16.18 -16.69 5.85
C THR B 41 -15.11 -17.61 5.27
N GLY B 42 -15.32 -18.15 4.10
CA GLY B 42 -14.37 -19.08 3.50
C GLY B 42 -14.33 -20.46 4.13
N GLU B 43 -15.24 -20.76 5.07
CA GLU B 43 -15.28 -22.08 5.69
C GLU B 43 -15.79 -23.11 4.72
N LEU B 44 -15.35 -24.37 4.89
CA LEU B 44 -15.86 -25.46 4.07
C LEU B 44 -17.03 -26.09 4.81
N VAL B 45 -18.09 -26.42 4.07
CA VAL B 45 -19.29 -27.02 4.60
C VAL B 45 -19.78 -28.14 3.69
N ALA B 46 -20.60 -29.03 4.25
CA ALA B 46 -21.24 -30.10 3.51
C ALA B 46 -22.74 -29.78 3.55
N LEU B 47 -23.42 -29.77 2.38
CA LEU B 47 -24.84 -29.44 2.26
C LEU B 47 -25.69 -30.67 1.91
N LYS B 48 -26.69 -31.07 2.75
CA LYS B 48 -27.59 -32.17 2.39
C LYS B 48 -28.81 -31.51 1.78
N LYS B 49 -29.11 -31.81 0.51
CA LYS B 49 -30.25 -31.26 -0.23
C LYS B 49 -31.49 -31.99 0.20
N VAL B 50 -32.56 -31.26 0.50
CA VAL B 50 -33.83 -31.82 0.95
C VAL B 50 -34.84 -31.33 -0.05
N ARG B 51 -35.23 -32.20 -0.99
CA ARG B 51 -36.17 -31.84 -2.04
C ARG B 51 -37.58 -32.17 -1.57
N LEU B 52 -38.44 -31.15 -1.43
CA LEU B 52 -39.82 -31.36 -0.97
C LEU B 52 -40.87 -31.22 -2.08
N ASP B 53 -40.50 -30.61 -3.25
CA ASP B 53 -41.43 -30.43 -4.39
C ASP B 53 -41.89 -31.75 -5.05
N ASN B 54 -40.93 -32.68 -5.33
CA ASN B 54 -41.21 -34.03 -5.90
C ASN B 54 -41.88 -35.02 -4.88
N GLU B 55 -41.87 -34.64 -3.59
CA GLU B 55 -42.36 -35.44 -2.48
C GLU B 55 -43.87 -35.24 -2.13
N LYS B 56 -44.48 -36.36 -1.68
CA LYS B 56 -45.84 -36.44 -1.12
C LYS B 56 -45.66 -36.48 0.39
N GLU B 57 -46.58 -35.83 1.10
CA GLU B 57 -46.45 -35.63 2.55
C GLU B 57 -45.23 -34.69 2.86
N GLY B 58 -45.07 -33.70 1.97
CA GLY B 58 -44.13 -32.58 2.00
C GLY B 58 -42.74 -32.87 2.49
N PHE B 59 -42.32 -32.11 3.49
CA PHE B 59 -40.98 -32.22 4.06
C PHE B 59 -40.80 -33.64 4.61
N PRO B 60 -39.69 -34.33 4.29
CA PRO B 60 -39.55 -35.73 4.71
C PRO B 60 -39.31 -35.91 6.21
N ILE B 61 -39.92 -36.95 6.82
CA ILE B 61 -39.74 -37.19 8.25
C ILE B 61 -38.29 -37.45 8.60
N THR B 62 -37.53 -38.04 7.68
CA THR B 62 -36.10 -38.30 7.86
C THR B 62 -35.32 -36.98 8.07
N ALA B 63 -35.65 -35.91 7.32
CA ALA B 63 -34.98 -34.62 7.51
C ALA B 63 -35.45 -33.97 8.81
N ILE B 64 -36.75 -34.10 9.17
CA ILE B 64 -37.30 -33.58 10.43
C ILE B 64 -36.56 -34.23 11.61
N ARG B 65 -36.40 -35.58 11.62
CA ARG B 65 -35.68 -36.25 12.70
C ARG B 65 -34.27 -35.69 12.86
N GLU B 66 -33.53 -35.62 11.74
CA GLU B 66 -32.17 -35.13 11.74
C GLU B 66 -32.09 -33.67 12.23
N ILE B 67 -33.09 -32.82 11.94
CA ILE B 67 -33.10 -31.43 12.41
C ILE B 67 -33.42 -31.36 13.90
N LYS B 68 -34.49 -32.03 14.34
CA LYS B 68 -34.99 -32.04 15.72
C LYS B 68 -33.94 -32.60 16.68
N ILE B 69 -33.29 -33.70 16.29
CA ILE B 69 -32.30 -34.36 17.13
C ILE B 69 -30.96 -33.61 17.15
N LEU B 70 -30.45 -33.19 15.98
CA LEU B 70 -29.15 -32.51 15.94
C LEU B 70 -29.12 -31.10 16.52
N ARG B 71 -30.24 -30.33 16.50
CA ARG B 71 -30.24 -29.02 17.16
C ARG B 71 -30.22 -29.21 18.73
N GLN B 72 -30.67 -30.40 19.24
CA GLN B 72 -30.68 -30.78 20.66
C GLN B 72 -29.36 -31.38 21.14
N LEU B 73 -28.61 -32.05 20.23
CA LEU B 73 -27.35 -32.71 20.58
C LEU B 73 -26.11 -31.89 20.17
N ILE B 74 -25.29 -31.54 21.17
CA ILE B 74 -24.06 -30.76 21.02
C ILE B 74 -22.92 -31.53 21.68
N HIS B 75 -22.06 -32.18 20.87
CA HIS B 75 -20.93 -32.96 21.38
C HIS B 75 -19.79 -33.00 20.36
N ARG B 76 -18.53 -33.05 20.87
CA ARG B 76 -17.31 -33.08 20.06
C ARG B 76 -17.27 -34.25 19.07
N SER B 77 -17.93 -35.36 19.42
CA SER B 77 -17.97 -36.57 18.62
C SER B 77 -19.34 -36.81 17.97
N VAL B 78 -20.13 -35.73 17.74
CA VAL B 78 -21.41 -35.78 17.04
C VAL B 78 -21.40 -34.61 16.06
N VAL B 79 -21.78 -34.87 14.78
CA VAL B 79 -21.75 -33.86 13.72
C VAL B 79 -22.57 -32.63 14.03
N ASN B 80 -22.08 -31.49 13.55
CA ASN B 80 -22.71 -30.20 13.81
C ASN B 80 -23.49 -29.68 12.62
N MET B 81 -24.79 -29.36 12.84
CA MET B 81 -25.61 -28.74 11.81
C MET B 81 -25.54 -27.25 12.07
N LYS B 82 -24.88 -26.53 11.18
CA LYS B 82 -24.61 -25.12 11.36
C LYS B 82 -25.83 -24.22 11.12
N GLU B 83 -26.59 -24.48 10.05
CA GLU B 83 -27.81 -23.71 9.71
C GLU B 83 -28.59 -24.40 8.56
N ILE B 84 -29.71 -23.80 8.13
CA ILE B 84 -30.48 -24.30 7.01
C ILE B 84 -30.66 -23.11 6.05
N VAL B 85 -30.51 -23.36 4.74
CA VAL B 85 -30.62 -22.35 3.68
C VAL B 85 -31.58 -22.81 2.59
N THR B 86 -32.08 -21.89 1.81
CA THR B 86 -33.09 -22.18 0.80
C THR B 86 -32.70 -21.77 -0.59
N ASP B 87 -33.34 -22.37 -1.60
CA ASP B 87 -33.17 -22.00 -3.02
C ASP B 87 -33.73 -20.61 -3.23
N LYS B 88 -33.26 -19.91 -4.27
CA LYS B 88 -33.74 -18.57 -4.59
C LYS B 88 -35.26 -18.52 -4.73
N GLN B 89 -35.89 -17.71 -3.86
CA GLN B 89 -37.32 -17.40 -3.86
C GLN B 89 -37.64 -16.65 -5.18
N ASP B 90 -38.87 -16.77 -5.71
CA ASP B 90 -39.25 -16.02 -6.92
C ASP B 90 -40.78 -15.90 -7.11
N ALA B 91 -41.19 -14.90 -7.94
CA ALA B 91 -42.57 -14.53 -8.29
C ALA B 91 -43.44 -14.04 -7.11
N LEU B 92 -42.92 -14.08 -5.85
CA LEU B 92 -43.60 -13.69 -4.61
C LEU B 92 -44.76 -14.62 -4.23
N ASP B 93 -44.89 -15.80 -4.89
CA ASP B 93 -45.95 -16.75 -4.56
C ASP B 93 -45.32 -18.05 -4.08
N PHE B 94 -45.56 -18.35 -2.80
CA PHE B 94 -45.13 -19.56 -2.09
C PHE B 94 -45.74 -20.86 -2.64
N LYS B 95 -46.89 -20.75 -3.38
CA LYS B 95 -47.58 -21.90 -3.98
C LYS B 95 -46.73 -22.36 -5.17
N LYS B 96 -46.50 -21.46 -6.15
CA LYS B 96 -45.63 -21.72 -7.31
C LYS B 96 -44.20 -22.10 -6.85
N ASP B 97 -43.76 -21.66 -5.64
CA ASP B 97 -42.43 -21.97 -5.11
C ASP B 97 -42.31 -23.46 -4.87
N LYS B 98 -41.44 -24.08 -5.66
CA LYS B 98 -41.13 -25.50 -5.60
C LYS B 98 -39.62 -25.60 -5.34
N GLY B 99 -39.14 -24.89 -4.34
CA GLY B 99 -37.74 -24.88 -3.97
C GLY B 99 -37.35 -26.11 -3.18
N ALA B 100 -36.15 -26.04 -2.62
CA ALA B 100 -35.61 -27.12 -1.80
C ALA B 100 -34.69 -26.53 -0.75
N PHE B 101 -34.72 -27.08 0.46
CA PHE B 101 -33.88 -26.60 1.55
C PHE B 101 -32.57 -27.38 1.58
N TYR B 102 -31.53 -26.81 2.21
CA TYR B 102 -30.23 -27.46 2.34
C TYR B 102 -29.81 -27.41 3.77
N LEU B 103 -29.40 -28.55 4.35
CA LEU B 103 -28.94 -28.58 5.74
C LEU B 103 -27.44 -28.37 5.72
N VAL B 104 -26.96 -27.23 6.25
CA VAL B 104 -25.54 -26.89 6.27
C VAL B 104 -24.88 -27.62 7.43
N PHE B 105 -23.75 -28.23 7.16
CA PHE B 105 -22.99 -29.00 8.14
C PHE B 105 -21.53 -28.64 8.15
N GLU B 106 -20.81 -29.09 9.17
CA GLU B 106 -19.37 -28.95 9.24
C GLU B 106 -18.80 -29.92 8.18
N TYR B 107 -17.79 -29.52 7.37
CA TYR B 107 -17.23 -30.45 6.39
C TYR B 107 -16.19 -31.36 7.06
N MET B 108 -16.26 -32.68 6.79
CA MET B 108 -15.32 -33.69 7.30
C MET B 108 -14.46 -34.20 6.16
N ASP B 109 -13.21 -34.56 6.41
CA ASP B 109 -12.32 -34.95 5.33
C ASP B 109 -12.60 -36.36 4.78
N HIS B 110 -13.02 -37.34 5.61
CA HIS B 110 -13.35 -38.68 5.09
C HIS B 110 -14.44 -39.38 5.91
N ASP B 111 -14.87 -40.58 5.44
CA ASP B 111 -15.78 -41.50 6.11
C ASP B 111 -15.00 -42.80 6.29
N LEU B 112 -15.19 -43.52 7.42
CA LEU B 112 -14.43 -44.74 7.68
C LEU B 112 -14.51 -45.75 6.53
N MET B 113 -15.66 -45.77 5.84
CA MET B 113 -15.91 -46.64 4.68
C MET B 113 -14.85 -46.43 3.58
N GLY B 114 -14.70 -45.20 3.10
CA GLY B 114 -13.76 -44.87 2.05
C GLY B 114 -12.32 -45.18 2.38
N LEU B 115 -11.93 -44.98 3.64
CA LEU B 115 -10.56 -45.22 4.07
C LEU B 115 -10.23 -46.70 4.13
N LEU B 116 -11.16 -47.50 4.65
CA LEU B 116 -10.97 -48.94 4.72
C LEU B 116 -11.10 -49.58 3.33
N GLU B 117 -12.10 -49.14 2.53
CA GLU B 117 -12.33 -49.66 1.18
C GLU B 117 -11.18 -49.46 0.21
N SER B 118 -10.60 -48.25 0.19
CA SER B 118 -9.43 -48.00 -0.64
C SER B 118 -8.13 -48.59 0.00
N GLY B 119 -8.22 -49.31 1.13
CA GLY B 119 -7.09 -49.95 1.82
C GLY B 119 -5.87 -49.07 1.94
N LEU B 120 -6.13 -47.75 2.06
CA LEU B 120 -5.10 -46.70 2.14
C LEU B 120 -4.71 -46.34 3.58
N VAL B 121 -5.37 -46.91 4.62
CA VAL B 121 -5.05 -46.60 6.01
C VAL B 121 -4.63 -47.85 6.77
N HIS B 122 -3.88 -47.62 7.85
CA HIS B 122 -3.47 -48.66 8.78
C HIS B 122 -3.70 -48.09 10.19
N PHE B 123 -4.34 -48.88 11.07
CA PHE B 123 -4.60 -48.45 12.43
C PHE B 123 -3.84 -49.30 13.41
N SER B 124 -2.99 -48.64 14.23
CA SER B 124 -2.25 -49.29 15.30
C SER B 124 -3.17 -49.40 16.52
N GLU B 125 -2.72 -50.01 17.63
CA GLU B 125 -3.54 -50.12 18.83
C GLU B 125 -3.93 -48.73 19.36
N ASP B 126 -2.98 -47.79 19.33
CA ASP B 126 -3.23 -46.43 19.82
C ASP B 126 -4.18 -45.66 18.94
N HIS B 127 -4.23 -45.96 17.63
CA HIS B 127 -5.17 -45.31 16.72
C HIS B 127 -6.57 -45.82 17.04
N ILE B 128 -6.72 -47.15 17.24
CA ILE B 128 -8.01 -47.75 17.53
C ILE B 128 -8.53 -47.23 18.86
N LYS B 129 -7.66 -47.14 19.87
CA LYS B 129 -8.01 -46.60 21.17
C LYS B 129 -8.59 -45.18 21.06
N SER B 130 -7.91 -44.29 20.29
CA SER B 130 -8.32 -42.90 20.08
C SER B 130 -9.64 -42.81 19.37
N PHE B 131 -9.83 -43.66 18.35
CA PHE B 131 -11.05 -43.66 17.56
C PHE B 131 -12.23 -44.12 18.39
N MET B 132 -12.10 -45.26 19.06
CA MET B 132 -13.18 -45.84 19.83
C MET B 132 -13.56 -45.01 21.05
N LYS B 133 -12.60 -44.35 21.72
CA LYS B 133 -12.94 -43.49 22.85
C LYS B 133 -13.83 -42.33 22.37
N GLN B 134 -13.60 -41.80 21.15
CA GLN B 134 -14.43 -40.74 20.60
C GLN B 134 -15.78 -41.29 20.19
N LEU B 135 -15.81 -42.41 19.44
CA LEU B 135 -17.08 -43.00 19.01
C LEU B 135 -17.97 -43.35 20.19
N MET B 136 -17.42 -43.95 21.25
CA MET B 136 -18.19 -44.32 22.42
C MET B 136 -18.58 -43.11 23.25
N GLU B 137 -17.72 -42.07 23.34
CA GLU B 137 -18.08 -40.86 24.09
C GLU B 137 -19.25 -40.16 23.41
N GLY B 138 -19.22 -40.11 22.07
CA GLY B 138 -20.27 -39.51 21.28
C GLY B 138 -21.55 -40.30 21.42
N LEU B 139 -21.45 -41.62 21.35
CA LEU B 139 -22.61 -42.49 21.46
C LEU B 139 -23.20 -42.43 22.85
N GLU B 140 -22.38 -42.44 23.89
CA GLU B 140 -22.83 -42.33 25.28
C GLU B 140 -23.59 -41.02 25.50
N TYR B 141 -23.22 -39.93 24.83
CA TYR B 141 -23.94 -38.66 24.96
C TYR B 141 -25.37 -38.84 24.43
N CYS B 142 -25.53 -39.47 23.26
CA CYS B 142 -26.84 -39.70 22.67
C CYS B 142 -27.70 -40.58 23.55
N HIS B 143 -27.16 -41.71 23.98
CA HIS B 143 -27.89 -42.64 24.80
C HIS B 143 -28.30 -42.00 26.13
N LYS B 144 -27.45 -41.12 26.71
CA LYS B 144 -27.81 -40.44 27.95
C LYS B 144 -28.95 -39.44 27.72
N LYS B 145 -29.07 -38.89 26.49
CA LYS B 145 -30.18 -38.01 26.09
C LYS B 145 -31.41 -38.84 25.58
N ASN B 146 -31.38 -40.19 25.73
CA ASN B 146 -32.43 -41.11 25.33
C ASN B 146 -32.67 -41.16 23.82
N PHE B 147 -31.58 -41.23 23.03
CA PHE B 147 -31.70 -41.32 21.56
C PHE B 147 -31.02 -42.56 21.03
N LEU B 148 -31.72 -43.31 20.21
CA LEU B 148 -31.14 -44.47 19.54
C LEU B 148 -30.64 -43.94 18.17
N HIS B 149 -29.40 -44.27 17.74
CA HIS B 149 -28.93 -43.87 16.41
C HIS B 149 -29.62 -44.76 15.35
N ARG B 150 -29.64 -46.08 15.60
CA ARG B 150 -30.30 -47.08 14.77
C ARG B 150 -29.70 -47.27 13.39
N ASP B 151 -28.60 -46.60 13.03
CA ASP B 151 -28.05 -46.75 11.68
C ASP B 151 -26.52 -46.71 11.68
N ILE B 152 -25.89 -47.21 12.74
CA ILE B 152 -24.43 -47.15 12.80
C ILE B 152 -23.78 -48.05 11.72
N LYS B 153 -22.86 -47.46 10.96
CA LYS B 153 -22.14 -48.15 9.89
C LYS B 153 -20.86 -47.37 9.53
N CYS B 154 -19.97 -47.98 8.76
CA CYS B 154 -18.69 -47.37 8.37
C CYS B 154 -18.86 -46.02 7.70
N SER B 155 -19.82 -45.94 6.77
CA SER B 155 -20.12 -44.72 6.01
C SER B 155 -20.76 -43.58 6.86
N ASN B 156 -21.15 -43.89 8.13
CA ASN B 156 -21.73 -42.93 9.08
C ASN B 156 -20.77 -42.51 10.17
N ILE B 157 -19.48 -42.87 10.09
CA ILE B 157 -18.50 -42.45 11.08
C ILE B 157 -17.52 -41.58 10.32
N LEU B 158 -17.69 -40.26 10.43
CA LEU B 158 -16.81 -39.31 9.74
C LEU B 158 -15.58 -39.03 10.56
N LEU B 159 -14.49 -38.88 9.87
CA LEU B 159 -13.18 -38.71 10.45
C LEU B 159 -12.44 -37.67 9.64
N ASN B 160 -12.03 -36.56 10.25
CA ASN B 160 -11.26 -35.56 9.51
C ASN B 160 -9.75 -35.77 9.81
N ASN B 161 -8.85 -35.12 9.05
CA ASN B 161 -7.40 -35.31 9.17
C ASN B 161 -6.83 -35.07 10.57
N SER B 162 -7.50 -34.21 11.36
CA SER B 162 -7.14 -33.95 12.75
C SER B 162 -7.14 -35.23 13.62
N GLY B 163 -7.74 -36.30 13.13
CA GLY B 163 -7.95 -37.51 13.91
C GLY B 163 -9.24 -37.45 14.70
N GLN B 164 -10.10 -36.43 14.46
CA GLN B 164 -11.38 -36.32 15.15
C GLN B 164 -12.41 -37.20 14.51
N ILE B 165 -13.25 -37.80 15.32
CA ILE B 165 -14.35 -38.63 14.88
C ILE B 165 -15.64 -37.94 15.22
N LYS B 166 -16.60 -37.99 14.29
CA LYS B 166 -17.92 -37.45 14.49
C LYS B 166 -18.92 -38.47 13.93
N LEU B 167 -19.98 -38.71 14.70
CA LEU B 167 -21.05 -39.64 14.35
C LEU B 167 -22.08 -38.84 13.52
N ALA B 168 -22.63 -39.42 12.43
CA ALA B 168 -23.55 -38.66 11.56
C ALA B 168 -24.73 -39.52 10.94
N ASP B 169 -25.65 -38.87 10.15
CA ASP B 169 -26.83 -39.47 9.52
C ASP B 169 -27.80 -39.91 10.59
N PHE B 170 -28.36 -38.93 11.28
CA PHE B 170 -29.40 -39.19 12.26
C PHE B 170 -30.79 -39.22 11.56
N GLY B 171 -30.86 -39.60 10.28
CA GLY B 171 -32.11 -39.68 9.55
C GLY B 171 -33.00 -40.81 10.05
N LEU B 172 -32.39 -41.88 10.62
CA LEU B 172 -33.12 -43.02 11.19
C LEU B 172 -33.20 -42.99 12.71
N ALA B 173 -32.62 -41.96 13.37
CA ALA B 173 -32.65 -41.84 14.83
C ALA B 173 -34.05 -41.56 15.39
N ARG B 174 -34.33 -42.13 16.56
CA ARG B 174 -35.61 -42.01 17.27
C ARG B 174 -35.36 -41.86 18.75
N LEU B 175 -36.35 -41.32 19.46
CA LEU B 175 -36.28 -41.20 20.92
C LEU B 175 -36.56 -42.58 21.53
N TYR B 176 -36.15 -42.81 22.80
CA TYR B 176 -36.41 -44.08 23.48
C TYR B 176 -36.97 -43.83 24.89
N ASN B 177 -38.16 -44.39 25.19
CA ASN B 177 -38.76 -44.24 26.51
C ASN B 177 -38.62 -45.55 27.27
N SER B 178 -37.67 -45.56 28.22
CA SER B 178 -37.38 -46.69 29.11
C SER B 178 -38.63 -47.02 29.93
N GLU B 179 -39.33 -45.98 30.49
CA GLU B 179 -40.59 -46.15 31.24
C GLU B 179 -41.63 -46.72 30.29
N GLU B 180 -42.17 -47.90 30.62
CA GLU B 180 -43.12 -48.59 29.75
C GLU B 180 -42.47 -48.87 28.34
N SER B 181 -43.21 -49.44 27.38
CA SER B 181 -42.64 -49.80 26.09
C SER B 181 -43.39 -49.20 24.89
N ARG B 182 -42.62 -48.80 23.86
CA ARG B 182 -43.13 -48.17 22.63
C ARG B 182 -42.88 -49.08 21.40
N PRO B 183 -43.90 -49.35 20.54
CA PRO B 183 -43.67 -50.22 19.36
C PRO B 183 -42.90 -49.52 18.21
N TYR B 184 -41.60 -49.91 17.95
CA TYR B 184 -40.75 -49.33 16.88
C TYR B 184 -40.66 -50.22 15.63
N TPO B 185 -39.73 -49.86 14.71
CA TPO B 185 -39.51 -50.55 13.43
CB TPO B 185 -39.11 -49.41 12.41
CG2 TPO B 185 -38.71 -49.90 10.99
OG1 TPO B 185 -40.16 -48.35 12.36
P TPO B 185 -39.88 -46.77 12.30
O1P TPO B 185 -39.35 -46.23 13.65
O2P TPO B 185 -41.28 -46.16 11.94
O3P TPO B 185 -38.89 -46.36 11.18
C TPO B 185 -38.38 -51.59 13.53
O TPO B 185 -37.25 -51.27 13.92
HA TPO B 185 -40.42 -51.06 13.15
HB TPO B 185 -38.21 -48.96 12.84
HG21 TPO B 185 -38.64 -49.06 10.30
HG22 TPO B 185 -39.49 -50.56 10.63
HG23 TPO B 185 -37.77 -50.45 10.92
N ASN B 186 -38.72 -52.85 13.17
CA ASN B 186 -37.87 -54.06 13.13
C ASN B 186 -36.70 -54.00 12.13
N LYS B 187 -36.91 -53.36 10.94
CA LYS B 187 -35.90 -53.21 9.89
C LYS B 187 -35.01 -51.97 10.11
N VAL B 188 -33.98 -52.06 10.99
CA VAL B 188 -33.06 -50.94 11.19
C VAL B 188 -31.59 -51.46 11.11
N ILE B 189 -30.66 -50.54 10.70
CA ILE B 189 -29.20 -50.72 10.46
C ILE B 189 -28.95 -51.60 9.21
N THR B 190 -27.78 -51.45 8.51
CA THR B 190 -27.51 -52.34 7.36
C THR B 190 -27.20 -53.71 7.93
N LEU B 191 -27.49 -54.73 7.14
CA LEU B 191 -27.41 -56.10 7.59
C LEU B 191 -26.11 -56.50 8.27
N TRP B 192 -24.96 -56.01 7.81
CA TRP B 192 -23.67 -56.39 8.40
C TRP B 192 -23.49 -56.00 9.89
N TYR B 193 -24.03 -54.83 10.28
CA TYR B 193 -23.93 -54.28 11.65
C TYR B 193 -25.21 -54.48 12.46
N ARG B 194 -26.15 -55.35 12.03
CA ARG B 194 -27.41 -55.52 12.75
C ARG B 194 -27.27 -56.55 13.89
N PRO B 195 -27.80 -56.24 15.11
CA PRO B 195 -27.72 -57.19 16.23
C PRO B 195 -28.67 -58.38 16.09
N PRO B 196 -28.44 -59.46 16.84
CA PRO B 196 -29.30 -60.65 16.72
C PRO B 196 -30.76 -60.43 17.08
N GLU B 197 -31.04 -59.63 18.12
CA GLU B 197 -32.43 -59.37 18.53
C GLU B 197 -33.30 -58.82 17.39
N LEU B 198 -32.75 -57.91 16.56
CA LEU B 198 -33.52 -57.36 15.44
C LEU B 198 -33.70 -58.37 14.32
N LEU B 199 -32.68 -59.23 14.09
CA LEU B 199 -32.80 -60.29 13.10
C LEU B 199 -33.90 -61.27 13.52
N LEU B 200 -34.02 -61.54 14.84
CA LEU B 200 -35.04 -62.44 15.37
C LEU B 200 -36.41 -61.80 15.60
N GLY B 201 -36.62 -60.57 15.11
CA GLY B 201 -37.92 -59.90 15.15
C GLY B 201 -38.29 -59.00 16.31
N GLU B 202 -37.30 -58.48 17.07
CA GLU B 202 -37.61 -57.59 18.18
C GLU B 202 -38.05 -56.23 17.64
N GLU B 203 -39.17 -55.70 18.14
CA GLU B 203 -39.68 -54.39 17.76
C GLU B 203 -39.70 -53.39 18.94
N ARG B 204 -39.53 -53.87 20.18
CA ARG B 204 -39.49 -53.05 21.38
C ARG B 204 -38.09 -53.26 21.93
N TYR B 205 -37.12 -52.68 21.22
CA TYR B 205 -35.67 -52.84 21.48
C TYR B 205 -35.06 -51.66 22.23
N THR B 206 -33.87 -51.90 22.76
CA THR B 206 -33.12 -50.95 23.57
C THR B 206 -31.95 -50.32 22.84
N PRO B 207 -31.28 -49.34 23.47
CA PRO B 207 -30.08 -48.77 22.86
C PRO B 207 -28.90 -49.74 22.74
N ALA B 208 -28.97 -50.91 23.36
CA ALA B 208 -27.94 -51.93 23.21
C ALA B 208 -27.72 -52.32 21.74
N ILE B 209 -28.66 -51.97 20.82
CA ILE B 209 -28.53 -52.26 19.38
C ILE B 209 -27.36 -51.49 18.78
N ASP B 210 -27.19 -50.22 19.18
CA ASP B 210 -26.07 -49.41 18.70
C ASP B 210 -24.74 -49.94 19.20
N VAL B 211 -24.70 -50.51 20.41
CA VAL B 211 -23.47 -51.08 20.94
C VAL B 211 -23.03 -52.28 20.08
N TRP B 212 -23.98 -53.07 19.55
CA TRP B 212 -23.63 -54.19 18.67
C TRP B 212 -22.95 -53.68 17.42
N SER B 213 -23.49 -52.62 16.80
CA SER B 213 -22.91 -52.02 15.60
C SER B 213 -21.48 -51.56 15.85
N CYS B 214 -21.23 -50.97 17.02
CA CYS B 214 -19.91 -50.51 17.41
C CYS B 214 -18.96 -51.66 17.70
N GLY B 215 -19.47 -52.79 18.17
CA GLY B 215 -18.65 -53.98 18.36
C GLY B 215 -18.20 -54.51 16.99
N CYS B 216 -19.12 -54.53 16.02
CA CYS B 216 -18.83 -54.92 14.64
C CYS B 216 -17.74 -54.01 14.05
N ILE B 217 -17.78 -52.71 14.38
CA ILE B 217 -16.78 -51.74 13.94
C ILE B 217 -15.45 -52.02 14.63
N LEU B 218 -15.45 -52.30 15.94
CA LEU B 218 -14.21 -52.54 16.68
C LEU B 218 -13.41 -53.71 16.08
N GLY B 219 -14.04 -54.86 15.92
CA GLY B 219 -13.37 -56.03 15.34
C GLY B 219 -12.85 -55.75 13.94
N GLU B 220 -13.64 -55.01 13.18
CA GLU B 220 -13.32 -54.58 11.82
C GLU B 220 -12.07 -53.69 11.73
N LEU B 221 -11.80 -52.84 12.73
CA LEU B 221 -10.59 -52.01 12.73
C LEU B 221 -9.32 -52.85 12.92
N PHE B 222 -9.45 -54.03 13.56
CA PHE B 222 -8.34 -54.96 13.78
C PHE B 222 -8.16 -55.94 12.60
N THR B 223 -9.18 -56.12 11.72
CA THR B 223 -9.09 -57.05 10.58
C THR B 223 -9.09 -56.37 9.22
N LYS B 224 -9.47 -55.08 9.13
CA LYS B 224 -9.58 -54.36 7.85
C LYS B 224 -10.68 -54.99 6.95
N LYS B 225 -11.73 -55.56 7.57
CA LYS B 225 -12.79 -56.25 6.85
C LYS B 225 -14.01 -56.40 7.74
N PRO B 226 -15.25 -56.11 7.29
CA PRO B 226 -16.41 -56.33 8.18
C PRO B 226 -16.49 -57.78 8.67
N ILE B 227 -16.64 -57.97 9.97
CA ILE B 227 -16.59 -59.31 10.56
C ILE B 227 -17.74 -60.21 10.03
N PHE B 228 -18.98 -59.68 9.97
CA PHE B 228 -20.14 -60.43 9.46
C PHE B 228 -20.63 -59.88 8.14
N GLN B 229 -20.42 -60.61 7.02
CA GLN B 229 -20.89 -60.15 5.72
C GLN B 229 -21.78 -61.18 5.04
N ALA B 230 -23.10 -60.95 5.03
CA ALA B 230 -24.02 -61.88 4.38
C ALA B 230 -25.07 -61.12 3.58
N ASN B 231 -25.69 -61.79 2.61
CA ASN B 231 -26.72 -61.19 1.74
C ASN B 231 -28.13 -61.18 2.38
N LEU B 232 -28.47 -62.15 3.27
CA LEU B 232 -29.80 -62.25 3.88
C LEU B 232 -29.76 -62.42 5.40
N GLU B 233 -30.91 -62.16 6.05
CA GLU B 233 -31.07 -62.25 7.51
C GLU B 233 -30.69 -63.62 8.06
N LEU B 234 -31.18 -64.70 7.44
CA LEU B 234 -30.87 -66.04 7.92
C LEU B 234 -29.39 -66.36 7.78
N ALA B 235 -28.75 -65.99 6.66
CA ALA B 235 -27.33 -66.19 6.43
C ALA B 235 -26.48 -65.36 7.40
N GLN B 236 -26.97 -64.16 7.74
CA GLN B 236 -26.31 -63.24 8.68
C GLN B 236 -26.37 -63.82 10.08
N LEU B 237 -27.53 -64.34 10.49
CA LEU B 237 -27.70 -64.96 11.79
C LEU B 237 -26.81 -66.20 11.93
N GLU B 238 -26.55 -66.92 10.81
CA GLU B 238 -25.67 -68.08 10.80
C GLU B 238 -24.22 -67.64 11.09
N LEU B 239 -23.77 -66.52 10.48
CA LEU B 239 -22.41 -66.01 10.70
C LEU B 239 -22.22 -65.59 12.15
N ILE B 240 -23.19 -64.83 12.68
CA ILE B 240 -23.18 -64.35 14.05
C ILE B 240 -23.17 -65.56 15.01
N SER B 241 -23.98 -66.58 14.70
CA SER B 241 -24.03 -67.79 15.52
C SER B 241 -22.72 -68.56 15.50
N ARG B 242 -22.04 -68.67 14.34
CA ARG B 242 -20.75 -69.37 14.26
C ARG B 242 -19.70 -68.79 15.20
N LEU B 243 -19.74 -67.47 15.42
CA LEU B 243 -18.78 -66.77 16.27
C LEU B 243 -19.26 -66.59 17.73
N CYS B 244 -20.42 -65.97 17.92
CA CYS B 244 -20.98 -65.66 19.24
C CYS B 244 -21.66 -66.83 19.95
N GLY B 245 -21.97 -67.90 19.21
CA GLY B 245 -22.75 -69.00 19.74
C GLY B 245 -24.19 -68.86 19.28
N SER B 246 -24.89 -69.99 19.12
CA SER B 246 -26.28 -69.95 18.66
C SER B 246 -27.16 -69.30 19.72
N PRO B 247 -28.07 -68.36 19.39
CA PRO B 247 -28.95 -67.80 20.43
C PRO B 247 -29.83 -68.89 21.02
N CYS B 248 -29.74 -69.09 22.35
CA CYS B 248 -30.51 -70.12 23.03
C CYS B 248 -30.80 -69.69 24.47
N PRO B 249 -31.90 -70.18 25.11
CA PRO B 249 -32.21 -69.73 26.47
C PRO B 249 -31.10 -69.90 27.51
N ALA B 250 -30.15 -70.82 27.31
CA ALA B 250 -29.03 -71.01 28.24
C ALA B 250 -28.21 -69.72 28.44
N VAL B 251 -28.03 -68.96 27.36
CA VAL B 251 -27.27 -67.70 27.37
C VAL B 251 -28.14 -66.45 27.20
N TRP B 252 -29.39 -66.62 26.76
CA TRP B 252 -30.32 -65.51 26.47
C TRP B 252 -31.73 -66.00 26.82
N PRO B 253 -32.12 -65.97 28.11
CA PRO B 253 -33.42 -66.54 28.49
C PRO B 253 -34.64 -66.01 27.77
N ASP B 254 -34.66 -64.71 27.45
CA ASP B 254 -35.80 -64.10 26.78
C ASP B 254 -35.80 -64.28 25.26
N VAL B 255 -34.86 -65.08 24.70
CA VAL B 255 -34.85 -65.32 23.25
C VAL B 255 -36.10 -66.05 22.81
N ILE B 256 -36.67 -66.90 23.69
CA ILE B 256 -37.89 -67.65 23.45
C ILE B 256 -39.13 -66.73 23.24
N ARG B 257 -39.04 -65.46 23.68
CA ARG B 257 -40.13 -64.48 23.55
C ARG B 257 -40.15 -63.83 22.17
N LEU B 258 -39.04 -63.84 21.41
CA LEU B 258 -38.97 -63.19 20.10
C LEU B 258 -39.78 -63.94 19.03
N PRO B 259 -40.30 -63.27 17.98
CA PRO B 259 -41.15 -63.97 17.01
C PRO B 259 -40.47 -65.00 16.11
N TYR B 260 -39.35 -64.64 15.47
CA TYR B 260 -38.68 -65.56 14.55
C TYR B 260 -37.66 -66.44 15.24
N PHE B 261 -37.83 -66.74 16.55
CA PHE B 261 -36.88 -67.60 17.25
C PHE B 261 -36.94 -69.03 16.69
N ASN B 262 -38.15 -69.61 16.60
CA ASN B 262 -38.31 -70.96 16.05
C ASN B 262 -38.16 -71.00 14.53
N THR B 263 -38.51 -69.90 13.84
CA THR B 263 -38.41 -69.81 12.38
C THR B 263 -36.94 -69.75 11.94
N MET B 264 -36.17 -68.81 12.50
CA MET B 264 -34.76 -68.63 12.18
C MET B 264 -33.85 -69.39 13.15
N LYS B 265 -33.59 -70.66 12.82
CA LYS B 265 -32.72 -71.49 13.64
C LYS B 265 -31.38 -71.67 12.90
N PRO B 266 -30.19 -71.47 13.53
CA PRO B 266 -28.93 -71.71 12.79
C PRO B 266 -28.73 -73.19 12.43
N LYS B 267 -27.76 -73.49 11.56
CA LYS B 267 -27.52 -74.87 11.11
C LYS B 267 -27.28 -75.85 12.29
N LYS B 268 -26.43 -75.46 13.24
CA LYS B 268 -26.08 -76.24 14.43
C LYS B 268 -26.20 -75.36 15.69
N GLN B 269 -26.07 -75.96 16.91
CA GLN B 269 -26.03 -75.21 18.17
C GLN B 269 -24.54 -74.91 18.41
N TYR B 270 -24.06 -73.79 17.84
CA TYR B 270 -22.65 -73.42 17.95
C TYR B 270 -22.29 -72.93 19.32
N ARG B 271 -21.06 -73.22 19.74
CA ARG B 271 -20.53 -72.71 20.99
C ARG B 271 -19.82 -71.39 20.66
N ARG B 272 -19.64 -70.54 21.67
CA ARG B 272 -18.98 -69.25 21.46
C ARG B 272 -17.49 -69.51 21.19
N ARG B 273 -16.99 -68.93 20.11
CA ARG B 273 -15.60 -69.04 19.70
C ARG B 273 -15.01 -67.63 19.44
N LEU B 274 -15.61 -66.54 19.99
CA LEU B 274 -15.14 -65.18 19.72
C LEU B 274 -13.72 -64.95 20.22
N ARG B 275 -13.40 -65.39 21.45
CA ARG B 275 -12.06 -65.23 21.98
C ARG B 275 -11.06 -66.08 21.22
N GLU B 276 -11.46 -67.29 20.83
CA GLU B 276 -10.61 -68.21 20.08
C GLU B 276 -10.24 -67.62 18.71
N GLU B 277 -11.24 -67.18 17.97
CA GLU B 277 -11.15 -66.64 16.64
C GLU B 277 -10.37 -65.33 16.56
N PHE B 278 -10.59 -64.42 17.52
CA PHE B 278 -9.93 -63.12 17.59
C PHE B 278 -8.76 -63.15 18.61
N SER B 279 -8.03 -64.28 18.70
CA SER B 279 -6.89 -64.42 19.62
C SER B 279 -5.73 -63.42 19.37
N PHE B 280 -5.55 -63.00 18.12
CA PHE B 280 -4.53 -62.03 17.69
C PHE B 280 -4.79 -60.55 18.15
N ILE B 281 -5.83 -60.30 18.96
CA ILE B 281 -6.15 -58.95 19.43
C ILE B 281 -5.67 -58.77 20.86
N PRO B 282 -5.13 -57.59 21.24
CA PRO B 282 -4.68 -57.42 22.62
C PRO B 282 -5.80 -57.63 23.64
N SER B 283 -5.50 -58.39 24.69
CA SER B 283 -6.41 -58.76 25.78
C SER B 283 -7.42 -57.70 26.20
N ALA B 284 -6.99 -56.43 26.31
CA ALA B 284 -7.86 -55.34 26.75
C ALA B 284 -8.99 -55.09 25.74
N ALA B 285 -8.66 -55.09 24.45
CA ALA B 285 -9.61 -54.90 23.36
C ALA B 285 -10.42 -56.15 23.10
N LEU B 286 -9.81 -57.33 23.25
CA LEU B 286 -10.52 -58.59 23.06
C LEU B 286 -11.64 -58.74 24.06
N ASP B 287 -11.41 -58.31 25.31
CA ASP B 287 -12.44 -58.36 26.34
C ASP B 287 -13.57 -57.37 26.01
N LEU B 288 -13.21 -56.16 25.51
CA LEU B 288 -14.20 -55.15 25.11
C LEU B 288 -15.07 -55.70 24.00
N LEU B 289 -14.44 -56.31 22.99
CA LEU B 289 -15.16 -56.91 21.87
C LEU B 289 -16.08 -58.03 22.36
N ASP B 290 -15.57 -58.91 23.24
CA ASP B 290 -16.36 -60.00 23.80
C ASP B 290 -17.64 -59.50 24.47
N HIS B 291 -17.55 -58.38 25.19
CA HIS B 291 -18.69 -57.81 25.89
C HIS B 291 -19.63 -57.05 25.00
N MET B 292 -19.11 -56.36 23.97
CA MET B 292 -19.96 -55.62 23.04
C MET B 292 -20.73 -56.57 22.12
N LEU B 293 -20.14 -57.73 21.79
CA LEU B 293 -20.81 -58.72 20.94
C LEU B 293 -21.38 -59.85 21.78
N THR B 294 -22.13 -59.47 22.79
CA THR B 294 -22.86 -60.36 23.69
C THR B 294 -24.27 -60.47 23.09
N LEU B 295 -24.78 -61.70 22.89
CA LEU B 295 -26.08 -61.94 22.25
C LEU B 295 -27.30 -61.31 23.00
N ASP B 296 -27.55 -61.71 24.27
CA ASP B 296 -28.68 -61.20 25.06
C ASP B 296 -28.45 -59.70 25.27
N PRO B 297 -29.28 -58.80 24.71
CA PRO B 297 -29.00 -57.36 24.88
C PRO B 297 -29.05 -56.89 26.33
N SER B 298 -29.79 -57.60 27.20
CA SER B 298 -29.82 -57.28 28.62
C SER B 298 -28.48 -57.60 29.29
N LYS B 299 -27.67 -58.52 28.72
CA LYS B 299 -26.33 -58.89 29.21
C LYS B 299 -25.20 -58.10 28.48
N ARG B 300 -25.50 -57.43 27.36
CA ARG B 300 -24.52 -56.65 26.60
C ARG B 300 -24.24 -55.34 27.30
N CYS B 301 -22.99 -54.91 27.28
CA CYS B 301 -22.55 -53.67 27.95
C CYS B 301 -23.17 -52.40 27.37
N THR B 302 -23.16 -51.34 28.19
CA THR B 302 -23.70 -50.03 27.83
C THR B 302 -22.59 -49.21 27.19
N ALA B 303 -22.95 -48.05 26.61
CA ALA B 303 -21.95 -47.15 26.04
C ALA B 303 -21.06 -46.62 27.15
N GLU B 304 -21.64 -46.28 28.31
CA GLU B 304 -20.87 -45.78 29.45
C GLU B 304 -19.89 -46.82 29.96
N GLN B 305 -20.29 -48.09 29.99
CA GLN B 305 -19.42 -49.16 30.46
C GLN B 305 -18.22 -49.33 29.54
N THR B 306 -18.40 -49.21 28.21
CA THR B 306 -17.28 -49.33 27.27
C THR B 306 -16.23 -48.25 27.52
N LEU B 307 -16.64 -47.05 27.94
CA LEU B 307 -15.72 -45.98 28.27
C LEU B 307 -14.98 -46.23 29.59
N GLN B 308 -15.52 -47.06 30.49
CA GLN B 308 -14.87 -47.43 31.74
C GLN B 308 -14.40 -48.87 31.61
N SER B 309 -13.60 -49.11 30.57
CA SER B 309 -13.02 -50.41 30.24
C SER B 309 -11.54 -50.28 30.25
N ASP B 310 -10.78 -51.37 30.53
CA ASP B 310 -9.31 -51.28 30.53
C ASP B 310 -8.76 -50.75 29.21
N PHE B 311 -9.43 -51.09 28.10
CA PHE B 311 -8.98 -50.64 26.81
C PHE B 311 -9.08 -49.11 26.66
N LEU B 312 -10.24 -48.52 26.92
CA LEU B 312 -10.45 -47.08 26.68
C LEU B 312 -10.34 -46.11 27.87
N LYS B 313 -10.66 -46.52 29.09
CA LYS B 313 -10.70 -45.61 30.23
C LYS B 313 -9.47 -44.71 30.39
N ASP B 314 -8.28 -45.30 30.27
CA ASP B 314 -7.04 -44.57 30.46
C ASP B 314 -6.57 -43.80 29.22
N VAL B 315 -7.29 -43.87 28.08
CA VAL B 315 -6.89 -43.17 26.84
C VAL B 315 -6.94 -41.67 27.02
N GLU B 316 -5.80 -40.99 26.78
CA GLU B 316 -5.74 -39.55 26.99
C GLU B 316 -6.51 -38.76 25.94
N LEU B 317 -7.40 -37.89 26.45
CA LEU B 317 -8.29 -37.05 25.65
C LEU B 317 -7.44 -36.08 24.79
N SER B 318 -6.42 -35.44 25.41
CA SER B 318 -5.49 -34.50 24.78
C SER B 318 -4.68 -35.10 23.63
N LYS B 319 -4.19 -36.35 23.78
CA LYS B 319 -3.37 -36.99 22.75
C LYS B 319 -4.26 -37.70 21.71
N MET B 320 -4.64 -36.93 20.69
CA MET B 320 -5.53 -37.33 19.60
C MET B 320 -4.93 -38.42 18.69
N ALA B 321 -3.59 -38.41 18.46
CA ALA B 321 -2.87 -39.36 17.59
C ALA B 321 -3.60 -39.53 16.21
N PRO B 322 -3.31 -38.65 15.22
CA PRO B 322 -4.01 -38.77 13.91
C PRO B 322 -3.68 -40.04 13.11
N PRO B 323 -4.68 -40.87 12.69
CA PRO B 323 -4.35 -42.11 11.97
C PRO B 323 -3.75 -41.91 10.60
N ASP B 324 -2.43 -42.12 10.50
CA ASP B 324 -1.65 -41.96 9.27
C ASP B 324 -2.28 -42.67 8.03
N LEU B 325 -2.55 -41.85 7.00
CA LEU B 325 -3.07 -42.27 5.72
C LEU B 325 -1.89 -42.13 4.76
N PRO B 326 -1.13 -43.21 4.45
CA PRO B 326 0.03 -43.04 3.55
C PRO B 326 -0.41 -42.65 2.15
N HIS B 327 0.24 -41.63 1.55
CA HIS B 327 -0.14 -41.18 0.21
C HIS B 327 0.97 -40.43 -0.51
N TRP B 328 0.74 -40.23 -1.82
CA TRP B 328 1.68 -39.61 -2.73
C TRP B 328 2.89 -40.57 -2.89
N GLN B 329 3.96 -40.46 -2.07
CA GLN B 329 5.12 -41.34 -2.21
C GLN B 329 4.76 -42.82 -2.03
N ASP B 330 3.56 -43.13 -1.50
CA ASP B 330 3.13 -44.49 -1.32
C ASP B 330 2.32 -45.04 -2.50
N CYS B 331 2.78 -46.21 -2.99
CA CYS B 331 2.22 -47.07 -4.03
C CYS B 331 2.18 -46.49 -5.44
N HIS B 332 2.45 -45.19 -5.63
CA HIS B 332 2.44 -44.63 -6.99
C HIS B 332 3.54 -45.33 -7.86
N GLU B 333 4.65 -45.81 -7.22
CA GLU B 333 5.72 -46.58 -7.87
C GLU B 333 6.39 -47.51 -6.80
N LEU B 334 5.62 -48.51 -6.27
CA LEU B 334 6.10 -49.45 -5.22
C LEU B 334 7.51 -50.07 -5.51
N TRP B 335 7.61 -51.13 -6.34
CA TRP B 335 8.87 -51.82 -6.68
C TRP B 335 9.55 -52.45 -5.44
N SER B 336 10.75 -53.05 -5.60
CA SER B 336 11.45 -53.73 -4.50
C SER B 336 11.77 -52.85 -3.28
N LYS B 337 11.85 -51.52 -3.45
CA LYS B 337 12.07 -50.59 -2.34
C LYS B 337 10.88 -50.59 -1.38
N LYS B 338 9.64 -50.76 -1.93
CA LYS B 338 8.39 -50.81 -1.15
C LYS B 338 7.71 -52.20 -1.17
N ARG B 339 8.48 -53.29 -1.41
CA ARG B 339 7.96 -54.66 -1.44
C ARG B 339 8.05 -55.30 -0.05
N THR C 24 -28.04 -18.71 19.67
CA THR C 24 -28.06 -20.10 19.22
C THR C 24 -29.49 -20.49 18.79
N LYS C 25 -30.44 -20.46 19.74
CA LYS C 25 -31.85 -20.83 19.54
C LYS C 25 -32.73 -19.58 19.54
N PRO C 26 -33.83 -19.50 18.76
CA PRO C 26 -34.68 -18.28 18.81
C PRO C 26 -35.49 -18.10 20.10
N CYS C 27 -35.82 -16.84 20.43
CA CYS C 27 -36.64 -16.51 21.59
C CYS C 27 -38.09 -16.57 21.18
N TRP C 28 -38.91 -17.38 21.86
CA TRP C 28 -40.32 -17.54 21.50
C TRP C 28 -41.27 -16.99 22.55
N TYR C 29 -40.86 -15.92 23.25
CA TYR C 29 -41.66 -15.31 24.29
C TYR C 29 -41.81 -13.80 24.10
N TRP C 30 -43.02 -13.28 24.38
CA TRP C 30 -43.41 -11.87 24.23
C TRP C 30 -44.14 -11.36 25.50
N ASP C 31 -44.24 -10.03 25.67
CA ASP C 31 -44.98 -9.42 26.78
C ASP C 31 -46.46 -9.36 26.39
N LYS C 32 -47.37 -9.20 27.37
CA LYS C 32 -48.79 -8.99 27.07
C LYS C 32 -48.96 -7.74 26.17
N LYS C 33 -48.16 -6.69 26.44
CA LYS C 33 -48.20 -5.41 25.74
C LYS C 33 -47.91 -5.57 24.27
N ASP C 34 -46.98 -6.49 23.92
CA ASP C 34 -46.58 -6.73 22.54
C ASP C 34 -47.72 -7.28 21.70
N LEU C 35 -48.59 -8.12 22.29
CA LEU C 35 -49.72 -8.73 21.57
C LEU C 35 -50.72 -7.73 20.99
N ALA C 36 -50.69 -6.48 21.47
CA ALA C 36 -51.52 -5.41 20.92
C ALA C 36 -51.03 -4.96 19.52
N HIS C 37 -49.82 -5.40 19.10
CA HIS C 37 -49.18 -5.07 17.84
C HIS C 37 -48.85 -6.31 16.98
N THR C 38 -49.70 -7.36 16.99
CA THR C 38 -49.47 -8.51 16.08
C THR C 38 -49.90 -8.06 14.67
N PRO C 39 -49.50 -8.76 13.59
CA PRO C 39 -49.91 -8.31 12.25
C PRO C 39 -51.41 -8.29 12.10
N SER C 40 -52.10 -9.30 12.64
CA SER C 40 -53.56 -9.37 12.59
C SER C 40 -54.18 -8.09 13.20
N GLN C 41 -53.71 -7.69 14.40
CA GLN C 41 -54.17 -6.49 15.10
C GLN C 41 -54.09 -5.23 14.24
N LEU C 42 -52.89 -5.00 13.71
CA LEU C 42 -52.56 -3.82 12.92
C LEU C 42 -53.19 -3.83 11.53
N GLU C 43 -53.76 -4.99 11.09
CA GLU C 43 -54.48 -5.06 9.82
C GLU C 43 -55.95 -4.69 9.97
N GLY C 44 -56.36 -4.11 11.10
CA GLY C 44 -57.75 -3.72 11.33
C GLY C 44 -58.54 -4.66 12.22
N LEU C 45 -57.97 -5.82 12.55
CA LEU C 45 -58.65 -6.78 13.40
C LEU C 45 -58.55 -6.28 14.84
N ASP C 46 -59.64 -6.35 15.60
CA ASP C 46 -59.63 -5.86 16.98
C ASP C 46 -59.13 -6.95 17.97
N PRO C 47 -58.77 -6.60 19.22
CA PRO C 47 -58.21 -7.61 20.14
C PRO C 47 -59.13 -8.77 20.43
N ALA C 48 -60.42 -8.50 20.67
CA ALA C 48 -61.37 -9.57 20.98
C ALA C 48 -61.45 -10.60 19.85
N THR C 49 -61.43 -10.12 18.60
CA THR C 49 -61.52 -11.00 17.44
C THR C 49 -60.28 -11.84 17.24
N GLU C 50 -59.06 -11.27 17.44
CA GLU C 50 -57.84 -12.08 17.30
C GLU C 50 -57.82 -13.16 18.39
N ALA C 51 -58.30 -12.83 19.60
CA ALA C 51 -58.39 -13.80 20.70
C ALA C 51 -59.37 -14.91 20.37
N ARG C 52 -60.50 -14.56 19.69
CA ARG C 52 -61.49 -15.53 19.26
C ARG C 52 -60.89 -16.48 18.23
N TYR C 53 -60.16 -15.95 17.25
CA TYR C 53 -59.52 -16.78 16.23
C TYR C 53 -58.47 -17.71 16.83
N ARG C 54 -57.76 -17.26 17.89
CA ARG C 54 -56.76 -18.12 18.54
C ARG C 54 -57.44 -19.27 19.29
N ARG C 55 -58.61 -19.05 19.94
CA ARG C 55 -59.32 -20.14 20.62
C ARG C 55 -59.88 -21.08 19.57
N GLU C 56 -60.50 -20.52 18.52
CA GLU C 56 -61.10 -21.30 17.43
C GLU C 56 -60.08 -22.18 16.76
N GLY C 57 -58.92 -21.61 16.47
CA GLY C 57 -57.84 -22.35 15.84
C GLY C 57 -57.26 -23.43 16.73
N ALA C 58 -57.02 -23.11 18.01
CA ALA C 58 -56.48 -24.08 18.95
C ALA C 58 -57.46 -25.27 19.14
N ARG C 59 -58.75 -24.98 19.47
CA ARG C 59 -59.76 -26.01 19.67
C ARG C 59 -59.98 -26.83 18.39
N PHE C 60 -59.76 -26.23 17.20
CA PHE C 60 -59.85 -26.97 15.95
C PHE C 60 -58.72 -28.02 15.91
N ILE C 61 -57.46 -27.60 16.13
CA ILE C 61 -56.29 -28.50 16.14
C ILE C 61 -56.50 -29.60 17.18
N PHE C 62 -57.01 -29.22 18.36
CA PHE C 62 -57.24 -30.15 19.44
C PHE C 62 -58.27 -31.21 19.05
N ASP C 63 -59.43 -30.78 18.53
CA ASP C 63 -60.51 -31.69 18.15
C ASP C 63 -60.19 -32.55 16.93
N VAL C 64 -59.39 -32.03 15.98
CA VAL C 64 -59.00 -32.80 14.81
C VAL C 64 -58.08 -33.93 15.26
N GLY C 65 -57.04 -33.58 16.01
CA GLY C 65 -56.06 -34.54 16.49
C GLY C 65 -56.59 -35.49 17.53
N THR C 66 -57.60 -35.07 18.32
CA THR C 66 -58.21 -35.99 19.29
C THR C 66 -58.95 -37.07 18.53
N ARG C 67 -59.73 -36.67 17.51
CA ARG C 67 -60.44 -37.59 16.65
C ARG C 67 -59.50 -38.54 15.93
N LEU C 68 -58.34 -38.04 15.47
CA LEU C 68 -57.34 -38.90 14.82
C LEU C 68 -56.62 -39.85 15.80
N GLY C 69 -56.78 -39.65 17.10
CA GLY C 69 -56.17 -40.49 18.11
C GLY C 69 -54.70 -40.17 18.25
N LEU C 70 -54.38 -38.90 18.50
CA LEU C 70 -53.01 -38.44 18.66
C LEU C 70 -52.67 -38.17 20.12
N HIS C 71 -51.37 -38.23 20.42
CA HIS C 71 -50.86 -38.01 21.76
C HIS C 71 -51.02 -36.56 22.21
N TYR C 72 -51.25 -36.31 23.51
CA TYR C 72 -51.40 -34.95 24.05
C TYR C 72 -50.26 -34.02 23.66
N ASP C 73 -49.02 -34.55 23.48
CA ASP C 73 -47.88 -33.74 23.09
C ASP C 73 -47.96 -33.34 21.64
N THR C 74 -48.45 -34.23 20.75
CA THR C 74 -48.61 -33.89 19.34
C THR C 74 -49.64 -32.79 19.15
N LEU C 75 -50.71 -32.79 19.95
CA LEU C 75 -51.73 -31.75 19.85
C LEU C 75 -51.14 -30.39 20.30
N ALA C 76 -50.45 -30.38 21.46
CA ALA C 76 -49.85 -29.17 22.01
C ALA C 76 -48.80 -28.61 21.08
N THR C 77 -47.96 -29.48 20.49
CA THR C 77 -46.92 -29.03 19.57
C THR C 77 -47.54 -28.28 18.38
N GLY C 78 -48.63 -28.81 17.84
CA GLY C 78 -49.37 -28.17 16.75
C GLY C 78 -49.96 -26.84 17.16
N ILE C 79 -50.56 -26.77 18.35
CA ILE C 79 -51.13 -25.53 18.86
C ILE C 79 -50.04 -24.47 19.07
N ILE C 80 -48.84 -24.87 19.56
CA ILE C 80 -47.71 -23.96 19.78
C ILE C 80 -47.25 -23.38 18.43
N TYR C 81 -47.11 -24.23 17.41
CA TYR C 81 -46.74 -23.79 16.07
C TYR C 81 -47.78 -22.81 15.54
N PHE C 82 -49.06 -23.11 15.76
CA PHE C 82 -50.14 -22.24 15.34
C PHE C 82 -50.04 -20.87 16.01
N HIS C 83 -49.97 -20.83 17.34
CA HIS C 83 -49.86 -19.57 18.07
C HIS C 83 -48.66 -18.75 17.63
N ARG C 84 -47.49 -19.43 17.48
CA ARG C 84 -46.24 -18.79 17.04
C ARG C 84 -46.40 -18.24 15.61
N PHE C 85 -47.11 -18.96 14.73
CA PHE C 85 -47.30 -18.52 13.34
C PHE C 85 -48.05 -17.20 13.28
N TYR C 86 -49.18 -17.06 14.01
CA TYR C 86 -49.95 -15.81 13.97
C TYR C 86 -49.33 -14.65 14.75
N MET C 87 -48.07 -14.83 15.19
CA MET C 87 -47.20 -13.78 15.70
C MET C 87 -46.47 -13.16 14.51
N PHE C 88 -46.17 -13.93 13.45
CA PHE C 88 -45.51 -13.45 12.25
C PHE C 88 -46.46 -13.15 11.11
N HIS C 89 -47.73 -13.59 11.17
CA HIS C 89 -48.66 -13.41 10.07
C HIS C 89 -50.04 -12.96 10.55
N SER C 90 -50.87 -12.47 9.59
CA SER C 90 -52.21 -11.99 9.89
C SER C 90 -53.28 -13.04 9.60
N PHE C 91 -54.30 -13.11 10.48
CA PHE C 91 -55.41 -14.01 10.28
C PHE C 91 -56.22 -13.63 9.02
N LYS C 92 -56.19 -12.34 8.60
CA LYS C 92 -56.86 -11.91 7.39
C LYS C 92 -56.22 -12.52 6.15
N GLN C 93 -54.88 -12.68 6.17
CA GLN C 93 -54.09 -13.23 5.07
C GLN C 93 -53.95 -14.74 5.05
N PHE C 94 -54.03 -15.42 6.21
CA PHE C 94 -53.91 -16.87 6.28
C PHE C 94 -55.10 -17.45 6.99
N PRO C 95 -56.00 -18.19 6.30
CA PRO C 95 -57.18 -18.76 6.99
C PRO C 95 -56.80 -19.63 8.18
N ARG C 96 -57.34 -19.28 9.36
CA ARG C 96 -56.99 -19.95 10.62
C ARG C 96 -57.08 -21.49 10.56
N TYR C 97 -58.16 -22.04 9.97
CA TYR C 97 -58.32 -23.51 9.93
C TYR C 97 -57.35 -24.19 8.96
N VAL C 98 -56.98 -23.55 7.84
CA VAL C 98 -56.01 -24.13 6.91
C VAL C 98 -54.63 -24.16 7.58
N THR C 99 -54.26 -23.09 8.30
CA THR C 99 -53.01 -23.04 9.05
C THR C 99 -53.00 -24.06 10.18
N GLY C 100 -54.14 -24.22 10.85
CA GLY C 100 -54.29 -25.20 11.92
C GLY C 100 -54.08 -26.62 11.44
N ALA C 101 -54.64 -26.98 10.27
CA ALA C 101 -54.46 -28.30 9.69
C ALA C 101 -52.96 -28.55 9.38
N CYS C 102 -52.29 -27.52 8.86
CA CYS C 102 -50.88 -27.58 8.52
C CYS C 102 -50.02 -27.81 9.76
N CYS C 103 -50.32 -27.09 10.85
CA CYS C 103 -49.58 -27.24 12.10
C CYS C 103 -49.66 -28.65 12.63
N LEU C 104 -50.87 -29.23 12.64
CA LEU C 104 -51.08 -30.58 13.13
C LEU C 104 -50.40 -31.59 12.23
N PHE C 105 -50.39 -31.35 10.90
CA PHE C 105 -49.71 -32.23 9.97
C PHE C 105 -48.21 -32.29 10.27
N LEU C 106 -47.56 -31.13 10.43
CA LEU C 106 -46.14 -31.05 10.72
C LEU C 106 -45.83 -31.59 12.11
N ALA C 107 -46.65 -31.24 13.12
CA ALA C 107 -46.49 -31.69 14.50
C ALA C 107 -46.49 -33.20 14.60
N GLY C 108 -47.29 -33.88 13.77
CA GLY C 108 -47.32 -35.34 13.71
C GLY C 108 -45.97 -35.90 13.34
N LYS C 109 -45.36 -35.36 12.28
CA LYS C 109 -44.03 -35.79 11.83
C LYS C 109 -42.96 -35.47 12.87
N VAL C 110 -43.08 -34.31 13.54
CA VAL C 110 -42.10 -33.89 14.53
C VAL C 110 -42.15 -34.82 15.73
N GLU C 111 -43.34 -35.06 16.30
CA GLU C 111 -43.49 -35.93 17.47
C GLU C 111 -43.45 -37.44 17.19
N GLU C 112 -43.14 -37.85 15.94
CA GLU C 112 -43.10 -39.26 15.56
C GLU C 112 -44.43 -39.97 15.68
N THR C 113 -45.54 -39.23 15.53
CA THR C 113 -46.90 -39.78 15.49
C THR C 113 -47.49 -39.29 14.15
N PRO C 114 -46.92 -39.65 12.99
CA PRO C 114 -47.39 -39.07 11.73
C PRO C 114 -48.75 -39.55 11.28
N LYS C 115 -49.48 -38.67 10.59
CA LYS C 115 -50.80 -38.95 10.04
C LYS C 115 -50.81 -38.43 8.60
N LYS C 116 -51.39 -39.21 7.65
CA LYS C 116 -51.43 -38.78 6.24
C LYS C 116 -52.28 -37.53 6.12
N CYS C 117 -51.88 -36.62 5.23
CA CYS C 117 -52.58 -35.35 5.07
C CYS C 117 -54.04 -35.56 4.67
N LYS C 118 -54.30 -36.54 3.79
CA LYS C 118 -55.66 -36.87 3.36
C LYS C 118 -56.61 -37.13 4.55
N ASP C 119 -56.10 -37.79 5.61
CA ASP C 119 -56.86 -38.12 6.82
C ASP C 119 -57.15 -36.88 7.66
N ILE C 120 -56.19 -35.93 7.73
CA ILE C 120 -56.38 -34.68 8.46
C ILE C 120 -57.47 -33.88 7.75
N ILE C 121 -57.40 -33.81 6.41
CA ILE C 121 -58.41 -33.12 5.60
C ILE C 121 -59.79 -33.76 5.81
N LYS C 122 -59.87 -35.10 5.73
CA LYS C 122 -61.12 -35.84 5.93
C LYS C 122 -61.73 -35.52 7.28
N THR C 123 -60.93 -35.50 8.33
CA THR C 123 -61.41 -35.17 9.67
C THR C 123 -61.78 -33.69 9.73
N ALA C 124 -61.01 -32.80 9.09
CA ALA C 124 -61.30 -31.37 9.09
C ALA C 124 -62.67 -31.07 8.50
N ARG C 125 -63.02 -31.69 7.36
CA ARG C 125 -64.33 -31.49 6.75
C ARG C 125 -65.47 -32.03 7.62
N SER C 126 -65.19 -33.09 8.40
CA SER C 126 -66.19 -33.66 9.28
C SER C 126 -66.54 -32.70 10.42
N LEU C 127 -65.53 -32.03 11.02
CA LEU C 127 -65.76 -31.09 12.12
C LEU C 127 -66.17 -29.68 11.70
N LEU C 128 -65.83 -29.24 10.47
CA LEU C 128 -66.18 -27.91 10.00
C LEU C 128 -67.44 -27.90 9.16
N ASN C 129 -68.13 -26.75 9.16
CA ASN C 129 -69.32 -26.61 8.33
C ASN C 129 -68.90 -26.28 6.86
N ASP C 130 -69.87 -25.94 5.99
CA ASP C 130 -69.58 -25.63 4.59
C ASP C 130 -68.84 -24.31 4.47
N VAL C 131 -69.27 -23.29 5.24
CA VAL C 131 -68.67 -21.95 5.20
C VAL C 131 -67.23 -22.03 5.71
N GLN C 132 -67.04 -22.72 6.83
CA GLN C 132 -65.75 -22.89 7.48
C GLN C 132 -64.79 -23.64 6.57
N PHE C 133 -65.24 -24.73 5.95
CA PHE C 133 -64.39 -25.51 5.06
C PHE C 133 -64.08 -24.79 3.73
N GLY C 134 -64.81 -23.72 3.40
CA GLY C 134 -64.53 -22.93 2.20
C GLY C 134 -63.10 -22.41 2.15
N GLN C 135 -62.52 -22.15 3.34
CA GLN C 135 -61.13 -21.70 3.49
C GLN C 135 -60.14 -22.62 2.78
N PHE C 136 -60.43 -23.92 2.79
CA PHE C 136 -59.58 -24.94 2.16
C PHE C 136 -59.58 -24.93 0.63
N GLY C 137 -60.32 -24.03 -0.01
CA GLY C 137 -60.32 -23.91 -1.45
C GLY C 137 -60.81 -25.15 -2.17
N ASP C 138 -60.43 -25.27 -3.45
CA ASP C 138 -60.84 -26.37 -4.30
C ASP C 138 -60.06 -27.64 -4.00
N ASP C 139 -58.74 -27.51 -3.77
CA ASP C 139 -57.86 -28.62 -3.43
C ASP C 139 -57.46 -28.47 -1.95
N PRO C 140 -58.16 -29.14 -1.01
CA PRO C 140 -57.82 -28.98 0.41
C PRO C 140 -56.42 -29.46 0.77
N LYS C 141 -55.99 -30.63 0.24
CA LYS C 141 -54.66 -31.17 0.54
C LYS C 141 -53.59 -30.22 0.07
N GLU C 142 -53.69 -29.73 -1.17
CA GLU C 142 -52.70 -28.83 -1.72
C GLU C 142 -52.60 -27.56 -0.92
N GLU C 143 -53.74 -27.01 -0.49
CA GLU C 143 -53.75 -25.75 0.28
C GLU C 143 -52.89 -25.87 1.54
N VAL C 144 -53.00 -27.02 2.22
CA VAL C 144 -52.26 -27.33 3.44
C VAL C 144 -50.78 -27.65 3.16
N MET C 145 -50.50 -28.55 2.20
CA MET C 145 -49.13 -28.96 1.88
C MET C 145 -48.25 -27.81 1.47
N VAL C 146 -48.81 -26.94 0.65
CA VAL C 146 -48.12 -25.77 0.13
C VAL C 146 -47.67 -24.85 1.27
N LEU C 147 -48.55 -24.68 2.27
CA LEU C 147 -48.28 -23.80 3.41
C LEU C 147 -47.16 -24.32 4.34
N GLU C 148 -46.82 -25.62 4.24
CA GLU C 148 -45.76 -26.20 5.07
C GLU C 148 -44.42 -25.47 4.94
N ARG C 149 -44.06 -25.06 3.71
CA ARG C 149 -42.82 -24.31 3.47
C ARG C 149 -42.79 -23.03 4.32
N ILE C 150 -43.88 -22.26 4.34
CA ILE C 150 -43.94 -21.04 5.15
C ILE C 150 -43.95 -21.37 6.62
N LEU C 151 -44.71 -22.41 7.04
CA LEU C 151 -44.76 -22.74 8.46
C LEU C 151 -43.36 -23.06 9.00
N LEU C 152 -42.58 -23.91 8.27
CA LEU C 152 -41.19 -24.24 8.67
C LEU C 152 -40.31 -23.00 8.74
N GLN C 153 -40.45 -22.10 7.76
CA GLN C 153 -39.68 -20.87 7.74
C GLN C 153 -40.07 -19.93 8.87
N THR C 154 -41.39 -19.86 9.18
CA THR C 154 -41.94 -19.00 10.22
C THR C 154 -41.41 -19.46 11.57
N ILE C 155 -41.58 -20.77 11.90
CA ILE C 155 -41.08 -21.31 13.17
C ILE C 155 -39.55 -21.42 13.20
N LYS C 156 -38.83 -20.90 12.17
CA LYS C 156 -37.39 -20.84 12.09
C LYS C 156 -36.73 -22.21 12.27
N PHE C 157 -37.40 -23.27 11.82
CA PHE C 157 -36.92 -24.65 11.96
C PHE C 157 -36.63 -25.06 13.41
N ASP C 158 -37.14 -24.31 14.42
CA ASP C 158 -37.01 -24.71 15.82
C ASP C 158 -38.24 -25.58 16.07
N LEU C 159 -38.08 -26.88 15.77
CA LEU C 159 -39.12 -27.90 15.83
C LEU C 159 -39.28 -28.51 17.22
N GLN C 160 -38.20 -28.53 18.01
CA GLN C 160 -38.26 -29.11 19.36
C GLN C 160 -39.09 -28.21 20.25
N VAL C 161 -40.16 -28.75 20.82
CA VAL C 161 -41.05 -27.98 21.69
C VAL C 161 -41.30 -28.80 22.97
N GLU C 162 -41.18 -28.12 24.17
CA GLU C 162 -41.46 -28.70 25.50
C GLU C 162 -42.84 -28.19 25.95
N HIS C 163 -43.62 -29.05 26.62
CA HIS C 163 -44.99 -28.68 27.05
C HIS C 163 -45.15 -28.72 28.56
N PRO C 164 -46.09 -27.94 29.15
CA PRO C 164 -46.25 -27.97 30.62
C PRO C 164 -46.49 -29.34 31.21
N TYR C 165 -47.17 -30.24 30.47
CA TYR C 165 -47.51 -31.59 30.90
C TYR C 165 -46.34 -32.34 31.53
N GLN C 166 -45.22 -32.47 30.80
CA GLN C 166 -44.07 -33.19 31.32
C GLN C 166 -43.54 -32.63 32.64
N PHE C 167 -43.55 -31.29 32.78
CA PHE C 167 -43.06 -30.65 33.98
C PHE C 167 -44.06 -30.87 35.11
N LEU C 168 -45.36 -30.69 34.83
CA LEU C 168 -46.43 -30.95 35.82
C LEU C 168 -46.31 -32.34 36.43
N LEU C 169 -45.98 -33.34 35.60
CA LEU C 169 -45.82 -34.71 36.03
C LEU C 169 -44.53 -34.89 36.82
N LYS C 170 -43.42 -34.27 36.37
CA LYS C 170 -42.15 -34.36 37.08
C LYS C 170 -42.23 -33.77 38.48
N TYR C 171 -42.88 -32.61 38.63
CA TYR C 171 -42.99 -31.94 39.93
C TYR C 171 -43.96 -32.69 40.83
N ALA C 172 -45.13 -33.09 40.30
CA ALA C 172 -46.09 -33.84 41.11
C ALA C 172 -45.53 -35.18 41.58
N LYS C 173 -44.65 -35.81 40.77
CA LYS C 173 -44.00 -37.07 41.15
C LYS C 173 -43.17 -36.89 42.43
N GLN C 174 -42.53 -35.71 42.59
CA GLN C 174 -41.71 -35.41 43.76
C GLN C 174 -42.54 -35.08 45.01
N LEU C 175 -43.87 -34.88 44.91
CA LEU C 175 -44.71 -34.63 46.08
C LEU C 175 -44.97 -35.97 46.75
N LYS C 176 -45.01 -35.96 48.07
CA LYS C 176 -45.21 -37.17 48.86
C LYS C 176 -46.28 -36.84 49.90
N GLY C 177 -47.43 -37.51 49.83
CA GLY C 177 -48.53 -37.24 50.75
C GLY C 177 -49.72 -38.12 50.45
N ASP C 178 -50.96 -37.63 50.71
CA ASP C 178 -52.15 -38.44 50.43
C ASP C 178 -52.30 -38.61 48.93
N LYS C 179 -52.16 -39.86 48.46
CA LYS C 179 -52.26 -40.18 47.03
C LYS C 179 -53.52 -39.63 46.38
N ASN C 180 -54.64 -39.62 47.10
CA ASN C 180 -55.91 -39.10 46.59
C ASN C 180 -55.87 -37.60 46.40
N LYS C 181 -55.37 -36.84 47.40
CA LYS C 181 -55.31 -35.39 47.29
C LYS C 181 -54.30 -34.98 46.22
N ILE C 182 -53.12 -35.62 46.18
CA ILE C 182 -52.12 -35.33 45.15
C ILE C 182 -52.71 -35.64 43.76
N GLN C 183 -53.43 -36.75 43.62
CA GLN C 183 -54.06 -37.08 42.35
C GLN C 183 -55.08 -36.00 41.91
N LYS C 184 -55.93 -35.49 42.82
CA LYS C 184 -56.89 -34.44 42.48
C LYS C 184 -56.17 -33.20 41.99
N LEU C 185 -55.04 -32.85 42.63
CA LEU C 185 -54.27 -31.69 42.22
C LEU C 185 -53.74 -31.87 40.79
N VAL C 186 -53.11 -33.02 40.51
CA VAL C 186 -52.55 -33.34 39.19
C VAL C 186 -53.64 -33.32 38.13
N GLN C 187 -54.77 -33.98 38.41
CA GLN C 187 -55.89 -34.09 37.47
C GLN C 187 -56.50 -32.73 37.14
N MET C 188 -56.64 -31.87 38.14
CA MET C 188 -57.20 -30.55 37.93
C MET C 188 -56.19 -29.65 37.20
N ALA C 189 -54.91 -29.68 37.62
CA ALA C 189 -53.87 -28.89 36.96
C ALA C 189 -53.71 -29.32 35.52
N TRP C 190 -53.88 -30.62 35.20
CA TRP C 190 -53.80 -31.09 33.82
C TRP C 190 -54.86 -30.42 32.97
N THR C 191 -56.08 -30.30 33.51
CA THR C 191 -57.20 -29.66 32.81
C THR C 191 -56.86 -28.20 32.49
N PHE C 192 -56.31 -27.47 33.47
CA PHE C 192 -55.93 -26.08 33.24
C PHE C 192 -54.87 -25.94 32.15
N VAL C 193 -54.01 -26.94 31.96
CA VAL C 193 -53.02 -26.91 30.88
C VAL C 193 -53.75 -27.02 29.54
N ASN C 194 -54.76 -27.91 29.46
CA ASN C 194 -55.54 -28.06 28.25
C ASN C 194 -56.26 -26.75 27.88
N ASP C 195 -56.69 -25.96 28.88
CA ASP C 195 -57.36 -24.69 28.61
C ASP C 195 -56.35 -23.60 28.23
N SER C 196 -55.22 -23.56 28.93
CA SER C 196 -54.16 -22.59 28.63
C SER C 196 -53.63 -22.73 27.18
N LEU C 197 -54.00 -23.81 26.48
CA LEU C 197 -53.65 -23.99 25.08
C LEU C 197 -54.41 -22.98 24.22
N CYS C 198 -55.68 -22.70 24.56
CA CYS C 198 -56.50 -21.71 23.83
C CYS C 198 -55.97 -20.28 23.97
N THR C 199 -55.05 -20.02 24.92
CA THR C 199 -54.51 -18.69 25.22
C THR C 199 -53.07 -18.48 24.75
N THR C 200 -52.69 -17.19 24.65
CA THR C 200 -51.34 -16.78 24.32
C THR C 200 -50.36 -17.00 25.48
N LEU C 201 -50.76 -17.69 26.57
CA LEU C 201 -49.87 -17.97 27.71
C LEU C 201 -48.63 -18.75 27.27
N SER C 202 -48.79 -19.64 26.27
CA SER C 202 -47.69 -20.41 25.69
C SER C 202 -46.63 -19.47 25.05
N LEU C 203 -47.08 -18.34 24.46
CA LEU C 203 -46.22 -17.33 23.86
C LEU C 203 -45.60 -16.38 24.91
N GLN C 204 -45.96 -16.46 26.20
CA GLN C 204 -45.47 -15.52 27.22
C GLN C 204 -44.55 -16.14 28.26
N TRP C 205 -44.85 -17.39 28.68
CA TRP C 205 -44.12 -18.08 29.75
C TRP C 205 -43.70 -19.46 29.36
N GLU C 206 -42.59 -19.89 29.95
CA GLU C 206 -42.01 -21.20 29.68
C GLU C 206 -42.89 -22.28 30.27
N PRO C 207 -42.91 -23.48 29.65
CA PRO C 207 -43.77 -24.55 30.17
C PRO C 207 -43.53 -24.91 31.64
N GLU C 208 -42.29 -24.72 32.13
CA GLU C 208 -41.98 -24.99 33.53
C GLU C 208 -42.79 -24.02 34.42
N ILE C 209 -42.88 -22.73 34.01
CA ILE C 209 -43.64 -21.68 34.70
C ILE C 209 -45.13 -21.98 34.63
N ILE C 210 -45.63 -22.37 33.45
CA ILE C 210 -47.05 -22.67 33.31
C ILE C 210 -47.41 -23.90 34.16
N ALA C 211 -46.54 -24.94 34.18
CA ALA C 211 -46.76 -26.16 34.97
C ALA C 211 -46.90 -25.81 36.45
N VAL C 212 -46.04 -24.93 36.94
CA VAL C 212 -46.08 -24.48 38.33
C VAL C 212 -47.34 -23.64 38.57
N ALA C 213 -47.69 -22.76 37.62
CA ALA C 213 -48.87 -21.90 37.73
C ALA C 213 -50.14 -22.72 37.84
N VAL C 214 -50.30 -23.78 37.01
CA VAL C 214 -51.50 -24.61 37.10
C VAL C 214 -51.53 -25.39 38.42
N MET C 215 -50.37 -25.79 38.98
CA MET C 215 -50.34 -26.45 40.28
C MET C 215 -50.76 -25.45 41.37
N TYR C 216 -50.26 -24.21 41.29
CA TYR C 216 -50.61 -23.12 42.20
C TYR C 216 -52.12 -22.86 42.15
N LEU C 217 -52.72 -22.86 40.94
CA LEU C 217 -54.14 -22.62 40.77
C LEU C 217 -54.95 -23.78 41.32
N ALA C 218 -54.61 -25.03 40.97
CA ALA C 218 -55.31 -26.21 41.45
C ALA C 218 -55.28 -26.27 43.00
N GLY C 219 -54.13 -25.91 43.57
CA GLY C 219 -53.95 -25.89 45.02
C GLY C 219 -54.84 -24.88 45.71
N ARG C 220 -54.87 -23.63 45.19
CA ARG C 220 -55.71 -22.58 45.79
C ARG C 220 -57.19 -22.93 45.74
N LEU C 221 -57.64 -23.64 44.70
CA LEU C 221 -59.03 -24.04 44.59
C LEU C 221 -59.33 -25.21 45.52
N CYS C 222 -58.40 -26.19 45.61
CA CYS C 222 -58.58 -27.35 46.48
C CYS C 222 -58.36 -27.06 47.98
N LYS C 223 -57.78 -25.90 48.32
CA LYS C 223 -57.42 -25.55 49.69
C LYS C 223 -56.38 -26.54 50.20
N PHE C 224 -55.33 -26.76 49.37
CA PHE C 224 -54.22 -27.66 49.66
C PHE C 224 -52.96 -26.86 49.96
N GLU C 225 -52.17 -27.31 50.95
CA GLU C 225 -50.91 -26.66 51.30
C GLU C 225 -49.79 -27.47 50.62
N ILE C 226 -49.51 -27.20 49.34
CA ILE C 226 -48.54 -27.99 48.55
C ILE C 226 -47.16 -28.09 49.20
N GLN C 227 -46.74 -27.06 49.96
CA GLN C 227 -45.46 -27.10 50.68
C GLN C 227 -45.35 -28.30 51.61
N GLU C 228 -46.48 -28.75 52.20
CA GLU C 228 -46.46 -29.89 53.12
C GLU C 228 -46.02 -31.16 52.42
N TRP C 229 -46.37 -31.34 51.13
CA TRP C 229 -45.97 -32.55 50.42
C TRP C 229 -44.54 -32.49 49.84
N THR C 230 -43.87 -31.32 49.87
CA THR C 230 -42.52 -31.19 49.33
C THR C 230 -41.46 -31.65 50.35
N SER C 231 -40.23 -31.84 49.86
CA SER C 231 -39.02 -32.17 50.62
C SER C 231 -38.67 -31.09 51.69
N LYS C 232 -39.34 -29.91 51.66
CA LYS C 232 -39.16 -28.80 52.60
C LYS C 232 -40.55 -28.35 53.04
N PRO C 233 -41.17 -29.06 53.98
CA PRO C 233 -42.55 -28.70 54.39
C PRO C 233 -42.72 -27.36 55.10
N MET C 234 -41.61 -26.78 55.45
CA MET C 234 -41.52 -25.51 56.14
C MET C 234 -41.35 -24.34 55.18
N TYR C 235 -41.09 -24.59 53.87
CA TYR C 235 -40.83 -23.57 52.84
C TYR C 235 -42.11 -23.20 52.11
N ARG C 236 -42.65 -22.01 52.45
CA ARG C 236 -43.93 -21.48 51.97
C ARG C 236 -43.98 -21.38 50.45
N ARG C 237 -42.94 -20.79 49.82
CA ARG C 237 -42.90 -20.64 48.36
C ARG C 237 -42.34 -21.90 47.70
N TRP C 238 -43.06 -23.01 47.92
CA TRP C 238 -42.75 -24.36 47.44
C TRP C 238 -42.28 -24.44 46.02
N TRP C 239 -42.92 -23.67 45.13
CA TRP C 239 -42.62 -23.66 43.70
C TRP C 239 -41.18 -23.32 43.34
N GLU C 240 -40.45 -22.63 44.24
CA GLU C 240 -39.05 -22.27 43.99
C GLU C 240 -38.13 -23.49 43.91
N GLN C 241 -38.50 -24.61 44.55
CA GLN C 241 -37.70 -25.82 44.45
C GLN C 241 -37.90 -26.56 43.09
N PHE C 242 -38.75 -26.02 42.18
CA PHE C 242 -38.99 -26.57 40.86
C PHE C 242 -38.56 -25.58 39.78
N VAL C 243 -38.85 -24.28 40.01
CA VAL C 243 -38.53 -23.17 39.12
C VAL C 243 -38.03 -21.99 39.97
N GLN C 244 -36.75 -21.65 39.89
CA GLN C 244 -36.22 -20.54 40.67
C GLN C 244 -36.46 -19.20 39.95
N ASP C 245 -36.59 -18.10 40.71
CA ASP C 245 -36.80 -16.76 40.17
C ASP C 245 -38.18 -16.53 39.53
N VAL C 246 -39.26 -17.17 40.07
CA VAL C 246 -40.63 -17.00 39.56
C VAL C 246 -41.42 -16.33 40.66
N PRO C 247 -41.73 -15.03 40.54
CA PRO C 247 -42.44 -14.35 41.63
C PRO C 247 -43.91 -14.69 41.63
N VAL C 248 -44.54 -14.68 42.81
CA VAL C 248 -45.94 -15.02 42.96
C VAL C 248 -46.85 -14.22 42.04
N ASP C 249 -46.57 -12.93 41.83
CA ASP C 249 -47.38 -12.11 40.93
C ASP C 249 -47.40 -12.62 39.50
N VAL C 250 -46.35 -13.33 39.03
CA VAL C 250 -46.37 -13.94 37.70
C VAL C 250 -47.35 -15.11 37.73
N LEU C 251 -47.34 -15.92 38.80
CA LEU C 251 -48.26 -17.03 38.94
C LEU C 251 -49.70 -16.52 39.02
N GLU C 252 -49.93 -15.39 39.70
CA GLU C 252 -51.26 -14.81 39.82
C GLU C 252 -51.76 -14.31 38.48
N ASP C 253 -50.86 -13.78 37.62
CA ASP C 253 -51.27 -13.30 36.30
C ASP C 253 -51.66 -14.49 35.44
N ILE C 254 -50.91 -15.60 35.50
CA ILE C 254 -51.25 -16.79 34.73
C ILE C 254 -52.56 -17.35 35.25
N CYS C 255 -52.75 -17.39 36.58
CA CYS C 255 -53.99 -17.87 37.19
C CYS C 255 -55.17 -17.04 36.72
N HIS C 256 -55.05 -15.70 36.82
CA HIS C 256 -56.12 -14.81 36.41
C HIS C 256 -56.50 -15.02 34.94
N GLN C 257 -55.51 -15.15 34.05
CA GLN C 257 -55.79 -15.39 32.64
C GLN C 257 -56.51 -16.73 32.42
N ILE C 258 -56.17 -17.80 33.16
CA ILE C 258 -56.85 -19.08 33.01
C ILE C 258 -58.30 -18.98 33.49
N LEU C 259 -58.52 -18.30 34.63
CA LEU C 259 -59.88 -18.15 35.16
C LEU C 259 -60.80 -17.30 34.28
N ASP C 260 -60.25 -16.38 33.47
CA ASP C 260 -61.08 -15.56 32.58
C ASP C 260 -61.77 -16.38 31.50
N LEU C 261 -61.22 -17.56 31.14
CA LEU C 261 -61.85 -18.48 30.19
C LEU C 261 -63.15 -19.03 30.78
N TYR C 262 -63.14 -19.38 32.07
CA TYR C 262 -64.32 -19.93 32.75
C TYR C 262 -65.34 -18.84 33.08
N SER C 263 -64.87 -17.60 33.33
CA SER C 263 -65.76 -16.48 33.70
C SER C 263 -66.69 -16.09 32.56
N GLN C 264 -66.20 -16.14 31.31
CA GLN C 264 -67.00 -15.74 30.16
C GLN C 264 -68.30 -16.55 30.05
N GLY C 265 -68.19 -17.87 30.18
CA GLY C 265 -69.35 -18.76 30.12
C GLY C 265 -69.56 -19.52 31.41
N LYS C 266 -69.72 -20.84 31.28
CA LYS C 266 -69.98 -21.78 32.38
C LYS C 266 -68.64 -22.55 32.73
N GLN C 267 -68.74 -23.78 33.34
CA GLN C 267 -67.63 -24.67 33.72
C GLN C 267 -66.90 -24.25 35.04
N GLN C 268 -67.33 -23.09 35.65
CA GLN C 268 -66.90 -22.47 36.92
C GLN C 268 -65.44 -22.86 37.42
N MET C 269 -65.29 -24.01 38.11
CA MET C 269 -64.02 -24.49 38.70
C MET C 269 -64.35 -25.78 39.49
N PRO C 270 -64.75 -26.87 38.76
CA PRO C 270 -65.30 -28.06 39.45
C PRO C 270 -64.34 -28.95 40.24
N HIS C 271 -64.93 -29.63 41.26
CA HIS C 271 -64.24 -30.55 42.17
C HIS C 271 -63.11 -29.83 42.90
N MET D 5 -40.72 48.46 -13.81
CA MET D 5 -41.42 47.60 -12.85
C MET D 5 -42.08 46.37 -13.54
N SER D 6 -42.67 45.47 -12.72
CA SER D 6 -43.39 44.28 -13.16
C SER D 6 -44.89 44.49 -12.84
N TYR D 7 -45.79 44.05 -13.75
CA TYR D 7 -47.23 44.21 -13.54
C TYR D 7 -47.93 42.88 -13.75
N ASN D 8 -48.57 42.34 -12.68
CA ASN D 8 -49.24 41.05 -12.74
C ASN D 8 -50.64 41.11 -12.17
N TYR D 9 -51.47 40.15 -12.60
CA TYR D 9 -52.87 39.96 -12.22
C TYR D 9 -52.96 38.56 -11.60
N VAL D 10 -53.77 38.40 -10.55
CA VAL D 10 -53.93 37.12 -9.86
C VAL D 10 -55.39 36.89 -9.49
N VAL D 11 -56.01 35.85 -10.05
CA VAL D 11 -57.42 35.55 -9.81
C VAL D 11 -57.60 34.12 -9.34
N THR D 12 -58.66 33.90 -8.57
CA THR D 12 -59.00 32.58 -8.04
C THR D 12 -59.81 31.82 -9.07
N ALA D 13 -59.36 30.60 -9.45
CA ALA D 13 -60.06 29.73 -10.40
C ALA D 13 -60.98 28.78 -9.64
N GLN D 14 -60.52 28.24 -8.50
CA GLN D 14 -61.31 27.37 -7.64
C GLN D 14 -61.16 27.91 -6.24
N LYS D 15 -62.27 28.28 -5.59
CA LYS D 15 -62.27 28.78 -4.21
C LYS D 15 -61.68 27.74 -3.25
N PRO D 16 -61.14 28.14 -2.07
CA PRO D 16 -60.60 27.13 -1.14
C PRO D 16 -61.67 26.14 -0.72
N THR D 17 -61.46 24.83 -0.99
CA THR D 17 -62.46 23.81 -0.66
C THR D 17 -62.27 23.17 0.75
N ALA D 18 -61.11 23.35 1.39
CA ALA D 18 -60.86 22.75 2.71
C ALA D 18 -61.60 23.44 3.84
N VAL D 19 -62.33 22.65 4.65
CA VAL D 19 -63.09 23.14 5.82
C VAL D 19 -62.15 23.40 6.97
N ASN D 20 -62.15 24.61 7.51
CA ASN D 20 -61.29 24.96 8.63
C ASN D 20 -62.03 24.99 9.96
N GLY D 21 -63.31 25.37 9.90
CA GLY D 21 -64.17 25.50 11.06
C GLY D 21 -65.64 25.43 10.69
N CYS D 22 -66.49 25.02 11.64
CA CYS D 22 -67.94 24.97 11.40
C CYS D 22 -68.74 24.97 12.71
N VAL D 23 -69.69 25.93 12.83
CA VAL D 23 -70.54 26.13 14.00
C VAL D 23 -72.03 25.99 13.66
N THR D 24 -72.86 25.69 14.66
CA THR D 24 -74.31 25.55 14.52
C THR D 24 -75.01 26.48 15.52
N GLY D 25 -76.16 27.02 15.13
CA GLY D 25 -76.90 27.92 15.99
C GLY D 25 -78.16 28.42 15.33
N HIS D 26 -78.60 29.64 15.68
CA HIS D 26 -79.81 30.26 15.15
C HIS D 26 -79.46 31.66 14.69
N PHE D 27 -78.67 31.73 13.60
CA PHE D 27 -78.13 32.96 13.05
C PHE D 27 -79.04 33.74 12.08
N THR D 28 -79.67 33.04 11.11
CA THR D 28 -80.56 33.68 10.13
C THR D 28 -81.88 34.12 10.77
N SER D 29 -82.46 33.25 11.61
CA SER D 29 -83.69 33.55 12.36
C SER D 29 -83.70 32.72 13.66
N ALA D 30 -84.49 33.12 14.65
CA ALA D 30 -84.56 32.39 15.92
C ALA D 30 -85.03 30.94 15.76
N GLU D 31 -85.83 30.66 14.70
CA GLU D 31 -86.40 29.33 14.45
C GLU D 31 -85.46 28.41 13.67
N ASP D 32 -84.88 28.90 12.56
CA ASP D 32 -84.04 28.08 11.69
C ASP D 32 -82.78 27.60 12.38
N LEU D 33 -82.43 26.30 12.26
CA LEU D 33 -81.16 25.79 12.78
C LEU D 33 -80.15 25.98 11.65
N ASN D 34 -79.05 26.70 11.90
CA ASN D 34 -78.04 26.98 10.89
C ASN D 34 -76.77 26.17 11.06
N LEU D 35 -75.97 26.13 10.00
CA LEU D 35 -74.64 25.51 9.97
C LEU D 35 -73.74 26.44 9.16
N LEU D 36 -72.77 27.08 9.82
CA LEU D 36 -71.85 27.98 9.15
C LEU D 36 -70.54 27.24 8.96
N ILE D 37 -69.99 27.19 7.74
CA ILE D 37 -68.74 26.50 7.47
C ILE D 37 -67.76 27.54 6.91
N ALA D 38 -66.59 27.71 7.55
CA ALA D 38 -65.60 28.67 7.08
C ALA D 38 -64.50 27.90 6.36
N LYS D 39 -64.27 28.23 5.10
CA LYS D 39 -63.26 27.59 4.29
C LYS D 39 -62.20 28.65 3.99
N ASN D 40 -61.37 28.93 4.99
CA ASN D 40 -60.29 29.91 4.94
C ASN D 40 -60.82 31.36 4.78
N THR D 41 -60.92 31.91 3.56
CA THR D 41 -61.40 33.27 3.37
C THR D 41 -62.93 33.32 3.11
N ARG D 42 -63.54 32.18 2.70
CA ARG D 42 -64.97 32.09 2.42
C ARG D 42 -65.77 31.70 3.67
N LEU D 43 -67.02 32.17 3.76
CA LEU D 43 -67.95 31.85 4.85
C LEU D 43 -69.27 31.40 4.25
N GLU D 44 -69.62 30.11 4.37
CA GLU D 44 -70.86 29.54 3.83
C GLU D 44 -71.91 29.47 4.96
N ILE D 45 -73.16 29.84 4.65
CA ILE D 45 -74.28 29.79 5.60
C ILE D 45 -75.31 28.82 5.02
N TYR D 46 -75.77 27.84 5.79
CA TYR D 46 -76.78 26.85 5.37
C TYR D 46 -77.84 26.70 6.44
N VAL D 47 -79.04 26.24 6.04
CA VAL D 47 -80.12 25.94 6.98
C VAL D 47 -80.29 24.42 6.99
N VAL D 48 -80.36 23.83 8.19
CA VAL D 48 -80.50 22.38 8.32
C VAL D 48 -81.97 22.01 8.10
N THR D 49 -82.19 21.05 7.20
CA THR D 49 -83.50 20.53 6.83
C THR D 49 -83.55 19.01 7.04
N ALA D 50 -84.76 18.41 7.00
CA ALA D 50 -84.92 16.97 7.14
C ALA D 50 -84.19 16.22 6.01
N GLU D 51 -84.21 16.78 4.78
CA GLU D 51 -83.53 16.16 3.63
C GLU D 51 -82.00 16.19 3.83
N GLY D 52 -81.47 17.37 4.16
CA GLY D 52 -80.04 17.52 4.38
C GLY D 52 -79.68 18.93 4.79
N LEU D 53 -78.94 19.64 3.91
CA LEU D 53 -78.53 21.04 4.12
C LEU D 53 -79.04 21.87 2.97
N ARG D 54 -79.65 23.03 3.24
CA ARG D 54 -80.10 23.93 2.19
C ARG D 54 -79.23 25.19 2.22
N PRO D 55 -78.52 25.53 1.13
CA PRO D 55 -77.67 26.74 1.15
C PRO D 55 -78.50 28.01 1.15
N VAL D 56 -78.02 29.06 1.84
CA VAL D 56 -78.77 30.32 1.91
C VAL D 56 -77.95 31.55 1.57
N LYS D 57 -76.64 31.55 1.82
CA LYS D 57 -75.79 32.71 1.52
C LYS D 57 -74.32 32.33 1.67
N GLU D 58 -73.44 32.93 0.85
CA GLU D 58 -71.99 32.68 0.90
C GLU D 58 -71.31 34.02 0.66
N VAL D 59 -70.38 34.38 1.56
CA VAL D 59 -69.68 35.67 1.51
C VAL D 59 -68.20 35.50 1.63
N GLY D 60 -67.49 36.47 1.12
CA GLY D 60 -66.05 36.51 1.21
C GLY D 60 -65.62 37.62 2.14
N MET D 61 -64.50 37.40 2.83
CA MET D 61 -63.92 38.37 3.76
C MET D 61 -62.55 38.78 3.29
N TYR D 62 -62.10 39.96 3.68
CA TYR D 62 -60.76 40.40 3.33
C TYR D 62 -59.80 39.96 4.46
N GLY D 63 -59.81 38.66 4.78
CA GLY D 63 -58.98 38.10 5.84
C GLY D 63 -59.14 36.59 5.98
N LYS D 64 -58.13 35.92 6.55
CA LYS D 64 -58.20 34.47 6.79
C LYS D 64 -59.02 34.27 8.05
N ILE D 65 -60.14 33.53 7.99
CA ILE D 65 -61.01 33.35 9.15
C ILE D 65 -60.36 32.46 10.21
N ALA D 66 -59.90 33.05 11.34
CA ALA D 66 -59.24 32.32 12.44
C ALA D 66 -60.23 31.85 13.52
N VAL D 67 -61.09 32.76 14.04
CA VAL D 67 -62.10 32.41 15.04
C VAL D 67 -63.47 32.64 14.42
N MET D 68 -64.42 31.76 14.76
CA MET D 68 -65.81 31.86 14.29
C MET D 68 -66.69 31.26 15.37
N GLU D 69 -67.50 32.09 16.07
CA GLU D 69 -68.38 31.61 17.13
C GLU D 69 -69.70 32.34 17.16
N LEU D 70 -70.81 31.58 17.22
CA LEU D 70 -72.14 32.17 17.35
C LEU D 70 -72.46 32.33 18.82
N PHE D 71 -73.24 33.36 19.17
CA PHE D 71 -73.62 33.60 20.55
C PHE D 71 -74.88 34.46 20.58
N ARG D 72 -75.74 34.24 21.57
CA ARG D 72 -76.99 34.98 21.72
C ARG D 72 -76.90 35.90 22.94
N PRO D 73 -76.52 37.19 22.77
CA PRO D 73 -76.45 38.07 23.96
C PRO D 73 -77.81 38.47 24.52
N LYS D 74 -77.81 39.02 25.74
CA LYS D 74 -79.03 39.44 26.42
C LYS D 74 -79.78 40.47 25.59
N GLY D 75 -81.06 40.22 25.35
CA GLY D 75 -81.92 41.12 24.58
C GLY D 75 -82.03 40.84 23.09
N GLU D 76 -81.19 39.95 22.53
CA GLU D 76 -81.24 39.65 21.09
C GLU D 76 -82.23 38.52 20.84
N SER D 77 -83.04 38.66 19.77
CA SER D 77 -84.02 37.65 19.37
C SER D 77 -83.36 36.45 18.69
N LYS D 78 -82.25 36.67 17.98
CA LYS D 78 -81.50 35.63 17.26
C LYS D 78 -79.98 35.79 17.46
N ASP D 79 -79.20 34.71 17.21
CA ASP D 79 -77.74 34.69 17.40
C ASP D 79 -77.00 35.67 16.48
N LEU D 80 -75.85 36.18 16.97
CA LEU D 80 -74.95 37.06 16.24
C LEU D 80 -73.65 36.29 16.06
N LEU D 81 -72.90 36.60 14.99
CA LEU D 81 -71.65 35.90 14.70
C LEU D 81 -70.43 36.72 15.10
N PHE D 82 -69.38 36.06 15.56
CA PHE D 82 -68.13 36.72 15.88
C PHE D 82 -67.04 36.07 15.03
N ILE D 83 -66.21 36.91 14.37
CA ILE D 83 -65.08 36.43 13.55
C ILE D 83 -63.85 37.26 13.85
N LEU D 84 -62.69 36.60 13.79
CA LEU D 84 -61.40 37.21 13.97
C LEU D 84 -60.52 36.71 12.85
N THR D 85 -59.85 37.60 12.11
CA THR D 85 -58.98 37.17 11.01
C THR D 85 -57.56 36.91 11.51
N ALA D 86 -56.73 36.27 10.69
CA ALA D 86 -55.33 36.01 11.02
C ALA D 86 -54.58 37.31 11.25
N LYS D 87 -54.95 38.40 10.55
CA LYS D 87 -54.33 39.73 10.71
C LYS D 87 -54.90 40.53 11.92
N TYR D 88 -55.71 39.84 12.78
CA TYR D 88 -56.32 40.31 14.02
C TYR D 88 -57.52 41.24 13.81
N ASN D 89 -58.28 41.10 12.71
CA ASN D 89 -59.47 41.93 12.50
C ASN D 89 -60.67 41.24 13.16
N ALA D 90 -61.17 41.82 14.26
CA ALA D 90 -62.33 41.30 14.99
C ALA D 90 -63.60 42.00 14.51
N CYS D 91 -64.73 41.28 14.51
CA CYS D 91 -66.00 41.86 14.11
C CYS D 91 -67.19 41.01 14.52
N ILE D 92 -68.30 41.69 14.86
CA ILE D 92 -69.55 41.04 15.23
C ILE D 92 -70.52 41.34 14.10
N LEU D 93 -70.97 40.27 13.42
CA LEU D 93 -71.85 40.33 12.26
C LEU D 93 -73.27 39.86 12.61
N GLU D 94 -74.25 40.37 11.85
CA GLU D 94 -75.67 40.04 12.02
C GLU D 94 -76.27 39.73 10.65
N TYR D 95 -77.07 38.65 10.55
CA TYR D 95 -77.79 38.28 9.32
C TYR D 95 -79.08 39.11 9.27
N LYS D 96 -79.40 39.76 8.13
CA LYS D 96 -80.62 40.56 8.02
C LYS D 96 -81.17 40.42 6.60
N GLN D 97 -82.37 39.85 6.47
CA GLN D 97 -83.02 39.65 5.18
C GLN D 97 -84.29 40.46 5.09
N SER D 98 -84.48 41.13 3.96
CA SER D 98 -85.68 41.94 3.71
C SER D 98 -86.31 41.43 2.43
N GLY D 99 -87.08 40.35 2.57
CA GLY D 99 -87.73 39.69 1.46
C GLY D 99 -86.73 38.82 0.73
N GLU D 100 -86.04 39.41 -0.24
CA GLU D 100 -85.01 38.75 -1.06
C GLU D 100 -83.61 39.28 -0.73
N SER D 101 -83.50 40.58 -0.37
CA SER D 101 -82.24 41.27 -0.06
C SER D 101 -81.52 40.66 1.16
N ILE D 102 -80.53 39.78 0.90
CA ILE D 102 -79.76 39.15 1.97
C ILE D 102 -78.45 39.93 2.19
N ASP D 103 -78.25 40.44 3.43
CA ASP D 103 -77.09 41.25 3.81
C ASP D 103 -76.47 40.77 5.12
N ILE D 104 -75.16 40.98 5.28
CA ILE D 104 -74.43 40.64 6.51
C ILE D 104 -73.93 41.97 7.12
N ILE D 105 -74.71 42.50 8.06
CA ILE D 105 -74.40 43.77 8.72
C ILE D 105 -73.22 43.61 9.65
N THR D 106 -72.34 44.62 9.70
CA THR D 106 -71.20 44.62 10.62
C THR D 106 -71.60 45.45 11.84
N ARG D 107 -72.17 44.80 12.87
CA ARG D 107 -72.60 45.46 14.11
C ARG D 107 -71.47 46.12 14.93
N ALA D 108 -70.27 45.51 14.94
CA ALA D 108 -69.11 46.03 15.67
C ALA D 108 -67.82 45.57 14.99
N HIS D 109 -66.75 46.39 15.01
CA HIS D 109 -65.49 46.00 14.35
C HIS D 109 -64.26 46.75 14.88
N GLY D 110 -63.08 46.19 14.60
CA GLY D 110 -61.80 46.75 15.00
C GLY D 110 -60.67 45.74 14.97
N ASN D 111 -59.40 46.20 14.92
CA ASN D 111 -58.22 45.33 14.91
C ASN D 111 -57.69 45.18 16.33
N VAL D 112 -57.53 43.93 16.82
CA VAL D 112 -57.13 43.66 18.20
C VAL D 112 -55.64 43.29 18.36
N GLN D 113 -54.79 43.69 17.42
CA GLN D 113 -53.37 43.38 17.49
C GLN D 113 -52.71 44.22 18.56
N ASP D 114 -51.81 43.62 19.37
CA ASP D 114 -51.09 44.36 20.40
C ASP D 114 -49.74 44.81 19.85
N ARG D 115 -49.25 45.95 20.36
CA ARG D 115 -48.00 46.58 19.93
C ARG D 115 -46.84 45.61 20.11
N ILE D 116 -46.80 44.96 21.29
CA ILE D 116 -45.74 44.03 21.69
C ILE D 116 -46.39 42.75 22.20
N GLY D 117 -45.91 41.62 21.68
CA GLY D 117 -46.38 40.31 22.05
C GLY D 117 -45.71 39.21 21.25
N ARG D 118 -45.67 37.99 21.80
CA ARG D 118 -45.09 36.82 21.14
C ARG D 118 -46.25 35.96 20.69
N PRO D 119 -46.47 35.69 19.38
CA PRO D 119 -47.60 34.83 18.99
C PRO D 119 -47.46 33.43 19.56
N SER D 120 -48.57 32.87 20.05
CA SER D 120 -48.57 31.55 20.71
C SER D 120 -48.35 30.39 19.78
N GLU D 121 -47.79 29.30 20.32
CA GLU D 121 -47.49 28.12 19.53
C GLU D 121 -48.77 27.42 19.02
N THR D 122 -49.74 27.14 19.90
CA THR D 122 -51.00 26.47 19.52
C THR D 122 -51.98 27.39 18.73
N GLY D 123 -51.52 28.59 18.33
CA GLY D 123 -52.31 29.52 17.52
C GLY D 123 -53.32 30.34 18.29
N ILE D 124 -54.17 31.08 17.56
CA ILE D 124 -55.19 31.93 18.17
C ILE D 124 -56.28 31.03 18.74
N ILE D 125 -56.79 31.37 19.92
CA ILE D 125 -57.89 30.65 20.55
C ILE D 125 -58.90 31.71 20.92
N GLY D 126 -60.14 31.53 20.51
CA GLY D 126 -61.20 32.47 20.82
C GLY D 126 -62.37 31.74 21.41
N ILE D 127 -62.80 32.17 22.61
CA ILE D 127 -63.88 31.55 23.39
C ILE D 127 -64.82 32.59 23.95
N ILE D 128 -66.12 32.30 24.03
CA ILE D 128 -67.09 33.24 24.59
C ILE D 128 -67.70 32.67 25.85
N ASP D 129 -67.88 33.55 26.82
CA ASP D 129 -68.46 33.24 28.12
C ASP D 129 -69.89 32.72 27.93
N PRO D 130 -70.36 31.66 28.63
CA PRO D 130 -71.75 31.22 28.44
C PRO D 130 -72.82 32.32 28.65
N GLU D 131 -72.63 33.21 29.64
CA GLU D 131 -73.56 34.33 29.88
C GLU D 131 -73.41 35.47 28.83
N CYS D 132 -72.45 35.36 27.90
CA CYS D 132 -72.18 36.35 26.87
C CYS D 132 -71.81 37.70 27.45
N ARG D 133 -70.87 37.70 28.42
CA ARG D 133 -70.35 38.90 29.08
C ARG D 133 -69.00 39.32 28.49
N MET D 134 -68.27 38.40 27.80
CA MET D 134 -66.96 38.74 27.24
C MET D 134 -66.49 37.76 26.17
N ILE D 135 -65.61 38.22 25.26
CA ILE D 135 -64.99 37.35 24.28
C ILE D 135 -63.55 37.23 24.76
N GLY D 136 -63.14 36.02 25.13
CA GLY D 136 -61.79 35.74 25.57
C GLY D 136 -60.93 35.32 24.41
N LEU D 137 -59.83 36.06 24.15
CA LEU D 137 -58.90 35.75 23.07
C LEU D 137 -57.50 35.51 23.61
N ARG D 138 -56.86 34.41 23.19
CA ARG D 138 -55.49 34.08 23.57
C ARG D 138 -54.70 34.23 22.30
N LEU D 139 -54.12 35.41 22.11
CA LEU D 139 -53.32 35.69 20.91
C LEU D 139 -51.83 35.48 21.23
N TYR D 140 -51.34 36.13 22.29
CA TYR D 140 -49.94 36.08 22.66
C TYR D 140 -49.70 35.26 23.93
N ASP D 141 -48.48 34.71 24.05
CA ASP D 141 -48.12 33.91 25.24
C ASP D 141 -48.10 34.84 26.44
N GLY D 142 -48.56 34.34 27.59
CA GLY D 142 -48.55 35.11 28.83
C GLY D 142 -49.52 36.28 28.93
N LEU D 143 -50.49 36.37 27.98
CA LEU D 143 -51.49 37.43 27.95
C LEU D 143 -52.82 36.90 27.47
N PHE D 144 -53.90 37.28 28.18
CA PHE D 144 -55.26 36.89 27.88
C PHE D 144 -56.08 38.16 27.62
N LYS D 145 -56.42 38.44 26.34
CA LYS D 145 -57.19 39.63 25.95
C LYS D 145 -58.70 39.41 26.20
N VAL D 146 -59.42 40.48 26.62
CA VAL D 146 -60.84 40.40 26.96
C VAL D 146 -61.60 41.54 26.32
N ILE D 147 -62.51 41.24 25.37
CA ILE D 147 -63.36 42.24 24.75
C ILE D 147 -64.68 42.19 25.52
N PRO D 148 -65.02 43.17 26.38
CA PRO D 148 -66.30 43.09 27.09
C PRO D 148 -67.48 43.23 26.12
N LEU D 149 -68.38 42.24 26.11
CA LEU D 149 -69.56 42.26 25.25
C LEU D 149 -70.56 43.20 25.88
N ASP D 150 -70.37 44.50 25.64
CA ASP D 150 -71.25 45.55 26.18
C ASP D 150 -72.03 46.21 25.05
N ARG D 151 -73.11 46.90 25.43
CA ARG D 151 -73.97 47.61 24.50
C ARG D 151 -73.17 48.74 23.84
N ASP D 152 -72.37 49.48 24.63
CA ASP D 152 -71.60 50.62 24.14
C ASP D 152 -70.31 50.23 23.41
N ASN D 153 -69.81 49.00 23.60
CA ASN D 153 -68.57 48.56 22.96
C ASN D 153 -68.76 48.17 21.49
N LYS D 154 -68.79 49.19 20.62
CA LYS D 154 -68.94 49.03 19.19
C LYS D 154 -67.56 48.94 18.51
N GLU D 155 -66.54 49.64 19.03
CA GLU D 155 -65.18 49.58 18.48
C GLU D 155 -64.43 48.29 18.88
N LEU D 156 -64.98 47.47 19.82
CA LEU D 156 -64.35 46.23 20.30
C LEU D 156 -63.03 46.50 21.00
N LYS D 157 -63.08 47.44 21.96
CA LYS D 157 -61.94 47.82 22.78
C LYS D 157 -61.71 46.67 23.77
N ALA D 158 -60.43 46.31 24.01
CA ALA D 158 -60.08 45.18 24.87
C ALA D 158 -58.88 45.48 25.76
N PHE D 159 -58.74 44.73 26.86
CA PHE D 159 -57.62 44.84 27.80
C PHE D 159 -57.00 43.49 28.00
N ASN D 160 -55.69 43.49 28.22
CA ASN D 160 -54.95 42.26 28.45
C ASN D 160 -54.78 42.05 29.93
N ILE D 161 -55.10 40.84 30.39
CA ILE D 161 -54.90 40.43 31.78
C ILE D 161 -53.64 39.60 31.76
N ARG D 162 -52.67 39.88 32.65
CA ARG D 162 -51.43 39.11 32.68
C ARG D 162 -51.71 37.67 33.01
N LEU D 163 -51.01 36.74 32.34
CA LEU D 163 -51.16 35.31 32.54
C LEU D 163 -49.82 34.74 32.98
N GLU D 164 -49.79 34.09 34.15
CA GLU D 164 -48.58 33.53 34.73
C GLU D 164 -48.02 32.37 33.90
N GLU D 165 -48.90 31.48 33.38
CA GLU D 165 -48.52 30.29 32.62
C GLU D 165 -48.29 30.71 31.20
N LEU D 166 -47.05 30.67 30.73
CA LEU D 166 -46.72 31.11 29.37
C LEU D 166 -47.23 30.17 28.24
N HIS D 167 -46.81 28.90 28.27
CA HIS D 167 -47.18 27.94 27.26
C HIS D 167 -48.57 27.36 27.57
N VAL D 168 -49.65 27.89 26.92
CA VAL D 168 -51.01 27.37 27.12
C VAL D 168 -51.35 26.48 25.94
N ILE D 169 -51.88 25.28 26.21
CA ILE D 169 -52.26 24.32 25.19
C ILE D 169 -53.66 24.61 24.64
N ASP D 170 -54.67 24.73 25.54
CA ASP D 170 -56.06 25.05 25.16
C ASP D 170 -56.80 25.62 26.36
N VAL D 171 -57.81 26.45 26.10
CA VAL D 171 -58.63 27.10 27.14
C VAL D 171 -60.10 27.16 26.69
N LYS D 172 -61.01 27.04 27.66
CA LYS D 172 -62.47 27.12 27.45
C LYS D 172 -63.09 27.88 28.63
N PHE D 173 -64.33 28.37 28.46
CA PHE D 173 -65.05 29.00 29.55
C PHE D 173 -65.93 27.93 30.18
N LEU D 174 -65.88 27.77 31.52
CA LEU D 174 -66.66 26.74 32.20
C LEU D 174 -68.12 27.15 32.40
N TYR D 175 -69.00 26.14 32.45
CA TYR D 175 -70.42 26.35 32.69
C TYR D 175 -70.72 26.19 34.19
N GLY D 176 -71.83 26.78 34.63
CA GLY D 176 -72.29 26.65 36.02
C GLY D 176 -71.38 27.27 37.05
N CYS D 177 -71.05 28.53 36.86
CA CYS D 177 -70.19 29.29 37.79
C CYS D 177 -70.84 30.62 38.06
N GLN D 178 -70.82 31.11 39.31
CA GLN D 178 -71.39 32.43 39.59
C GLN D 178 -70.53 33.51 38.90
N ALA D 179 -69.19 33.39 38.96
CA ALA D 179 -68.29 34.32 38.25
C ALA D 179 -67.80 33.66 36.94
N PRO D 180 -67.63 34.41 35.83
CA PRO D 180 -67.12 33.78 34.60
C PRO D 180 -65.73 33.22 34.79
N THR D 181 -65.58 31.90 34.58
CA THR D 181 -64.32 31.20 34.81
C THR D 181 -63.77 30.56 33.55
N ILE D 182 -62.43 30.55 33.44
CA ILE D 182 -61.72 29.89 32.34
C ILE D 182 -61.01 28.66 32.90
N CYS D 183 -60.92 27.62 32.08
CA CYS D 183 -60.26 26.37 32.42
C CYS D 183 -59.30 26.08 31.30
N PHE D 184 -58.01 25.92 31.63
CA PHE D 184 -57.00 25.71 30.61
C PHE D 184 -55.96 24.68 30.98
N VAL D 185 -55.42 24.01 29.95
CA VAL D 185 -54.33 23.06 30.09
C VAL D 185 -53.10 23.81 29.62
N TYR D 186 -52.03 23.78 30.42
CA TYR D 186 -50.79 24.46 30.09
C TYR D 186 -49.60 23.52 30.27
N GLN D 187 -48.43 23.93 29.78
CA GLN D 187 -47.21 23.15 29.85
C GLN D 187 -46.09 23.97 30.48
N ASP D 188 -45.27 23.30 31.30
CA ASP D 188 -44.12 23.88 31.98
C ASP D 188 -43.05 22.76 32.15
N PRO D 189 -41.88 23.00 32.77
CA PRO D 189 -40.88 21.92 32.88
C PRO D 189 -41.38 20.67 33.59
N GLN D 190 -42.26 20.85 34.58
CA GLN D 190 -42.81 19.74 35.34
C GLN D 190 -43.86 18.90 34.58
N GLY D 191 -44.18 19.26 33.33
CA GLY D 191 -45.16 18.54 32.51
C GLY D 191 -46.39 19.37 32.22
N ARG D 192 -47.54 18.71 31.95
CA ARG D 192 -48.79 19.41 31.65
C ARG D 192 -49.72 19.37 32.85
N HIS D 193 -50.49 20.46 33.04
CA HIS D 193 -51.40 20.62 34.17
C HIS D 193 -52.67 21.36 33.72
N VAL D 194 -53.78 21.19 34.47
CA VAL D 194 -55.04 21.88 34.20
C VAL D 194 -55.28 22.83 35.37
N LYS D 195 -55.61 24.09 35.08
CA LYS D 195 -55.82 25.13 36.07
C LYS D 195 -57.08 25.95 35.76
N THR D 196 -57.60 26.73 36.74
CA THR D 196 -58.78 27.58 36.54
C THR D 196 -58.57 28.96 37.15
N TYR D 197 -59.22 29.99 36.58
CA TYR D 197 -59.14 31.37 37.04
C TYR D 197 -60.49 32.05 36.84
N GLU D 198 -60.90 32.90 37.79
CA GLU D 198 -62.13 33.70 37.61
C GLU D 198 -61.74 35.00 36.93
N VAL D 199 -62.53 35.47 35.98
CA VAL D 199 -62.22 36.66 35.19
C VAL D 199 -63.11 37.82 35.63
N SER D 200 -62.59 38.74 36.46
CA SER D 200 -63.34 39.90 36.96
C SER D 200 -63.25 41.06 35.97
N LEU D 201 -64.36 41.39 35.29
CA LEU D 201 -64.40 42.50 34.34
C LEU D 201 -64.31 43.84 35.05
N ARG D 202 -65.02 43.96 36.17
CA ARG D 202 -65.05 45.18 36.97
C ARG D 202 -63.62 45.53 37.45
N GLU D 203 -62.89 44.54 38.00
CA GLU D 203 -61.53 44.73 38.51
C GLU D 203 -60.44 44.62 37.42
N LYS D 204 -60.78 44.06 36.25
CA LYS D 204 -59.87 43.88 35.11
C LYS D 204 -58.63 43.08 35.51
N GLU D 205 -58.85 41.87 36.05
CA GLU D 205 -57.78 40.98 36.48
C GLU D 205 -58.33 39.59 36.80
N PHE D 206 -57.45 38.57 36.92
CA PHE D 206 -57.90 37.22 37.30
C PHE D 206 -57.98 37.13 38.81
N ASN D 207 -58.83 36.24 39.30
CA ASN D 207 -59.00 35.94 40.72
C ASN D 207 -58.82 34.41 40.89
N LYS D 208 -58.74 33.92 42.15
CA LYS D 208 -58.52 32.50 42.42
C LYS D 208 -59.56 31.62 41.75
N GLY D 209 -59.11 30.60 41.05
CA GLY D 209 -60.00 29.69 40.36
C GLY D 209 -60.87 28.91 41.32
N PRO D 210 -62.06 28.47 40.87
CA PRO D 210 -62.94 27.73 41.77
C PRO D 210 -62.36 26.40 42.22
N TRP D 211 -61.61 25.70 41.34
CA TRP D 211 -61.02 24.43 41.72
C TRP D 211 -59.52 24.27 41.38
N LYS D 212 -58.84 23.52 42.28
CA LYS D 212 -57.41 23.28 42.31
C LYS D 212 -56.83 22.79 41.02
N GLN D 213 -55.57 23.17 40.79
CA GLN D 213 -54.81 22.70 39.64
C GLN D 213 -54.53 21.19 39.85
N GLU D 214 -54.42 20.45 38.74
CA GLU D 214 -54.13 19.01 38.80
C GLU D 214 -53.15 18.65 37.70
N ASN D 215 -52.22 17.71 37.97
CA ASN D 215 -51.22 17.27 36.98
C ASN D 215 -51.88 16.31 35.99
N VAL D 216 -51.89 16.66 34.69
CA VAL D 216 -52.54 15.87 33.62
C VAL D 216 -51.52 15.18 32.70
N GLU D 217 -52.03 14.32 31.79
CA GLU D 217 -51.24 13.56 30.83
C GLU D 217 -50.29 14.44 30.02
N ALA D 218 -49.14 13.88 29.65
CA ALA D 218 -48.12 14.57 28.86
C ALA D 218 -48.61 15.15 27.53
N GLU D 219 -49.59 14.51 26.89
CA GLU D 219 -50.12 14.99 25.61
C GLU D 219 -51.59 15.39 25.75
N ALA D 220 -51.93 16.10 26.82
CA ALA D 220 -53.28 16.60 27.02
C ALA D 220 -53.54 17.68 25.98
N SER D 221 -54.29 17.36 24.92
CA SER D 221 -54.49 18.28 23.80
C SER D 221 -55.74 19.18 23.86
N MET D 222 -56.89 18.69 24.36
CA MET D 222 -58.12 19.50 24.33
C MET D 222 -58.88 19.59 25.64
N VAL D 223 -59.52 20.76 25.85
CA VAL D 223 -60.37 21.07 27.00
C VAL D 223 -61.81 21.11 26.49
N ILE D 224 -62.75 20.50 27.25
CA ILE D 224 -64.15 20.48 26.86
C ILE D 224 -64.93 20.98 28.05
N ALA D 225 -65.60 22.13 27.93
CA ALA D 225 -66.45 22.65 29.01
C ALA D 225 -67.76 21.85 29.03
N VAL D 226 -68.06 21.17 30.15
CA VAL D 226 -69.27 20.36 30.23
C VAL D 226 -70.45 21.21 30.77
N PRO D 227 -71.61 21.27 30.07
CA PRO D 227 -72.74 22.04 30.62
C PRO D 227 -73.38 21.39 31.84
N GLU D 228 -74.20 22.18 32.52
CA GLU D 228 -74.94 21.76 33.72
C GLU D 228 -75.81 20.53 33.46
N PRO D 229 -76.11 19.71 34.49
CA PRO D 229 -75.78 19.87 35.91
C PRO D 229 -74.42 19.29 36.33
N PHE D 230 -73.54 18.96 35.37
CA PHE D 230 -72.25 18.38 35.72
C PHE D 230 -71.22 19.46 35.98
N GLY D 231 -71.08 20.39 35.04
CA GLY D 231 -70.07 21.43 35.14
C GLY D 231 -68.70 20.85 34.90
N GLY D 232 -67.67 21.57 35.33
CA GLY D 232 -66.31 21.09 35.18
C GLY D 232 -65.87 20.93 33.74
N ALA D 233 -64.83 20.09 33.51
CA ALA D 233 -64.25 19.90 32.20
C ALA D 233 -63.67 18.51 31.97
N ILE D 234 -63.61 18.11 30.68
CA ILE D 234 -63.01 16.86 30.23
C ILE D 234 -61.75 17.22 29.47
N ILE D 235 -60.68 16.46 29.73
CA ILE D 235 -59.38 16.64 29.12
C ILE D 235 -59.09 15.41 28.28
N ILE D 236 -59.01 15.61 26.95
CA ILE D 236 -58.70 14.56 25.99
C ILE D 236 -57.19 14.55 25.81
N GLY D 237 -56.59 13.37 25.84
CA GLY D 237 -55.17 13.20 25.63
C GLY D 237 -54.90 12.25 24.48
N GLN D 238 -53.75 11.57 24.54
CA GLN D 238 -53.36 10.59 23.54
C GLN D 238 -53.85 9.21 24.00
N GLU D 239 -53.64 8.90 25.29
CA GLU D 239 -53.98 7.62 25.89
C GLU D 239 -55.09 7.69 26.95
N SER D 240 -55.57 8.90 27.32
CA SER D 240 -56.56 9.01 28.38
C SER D 240 -57.48 10.22 28.27
N ILE D 241 -58.73 10.02 28.68
CA ILE D 241 -59.76 11.05 28.76
C ILE D 241 -60.05 11.18 30.26
N THR D 242 -60.04 12.40 30.80
CA THR D 242 -60.24 12.60 32.23
C THR D 242 -61.26 13.67 32.52
N TYR D 243 -62.07 13.51 33.59
CA TYR D 243 -63.03 14.54 34.01
C TYR D 243 -62.58 15.15 35.35
N HIS D 244 -62.55 16.48 35.44
CA HIS D 244 -62.14 17.18 36.66
C HIS D 244 -63.21 18.18 37.03
N ASN D 245 -63.64 18.21 38.29
CA ASN D 245 -64.61 19.20 38.74
C ASN D 245 -64.49 19.36 40.24
N GLY D 246 -63.38 19.97 40.61
CA GLY D 246 -63.06 20.17 42.00
C GLY D 246 -62.71 18.85 42.63
N ASP D 247 -63.36 18.55 43.72
CA ASP D 247 -63.21 17.29 44.45
C ASP D 247 -63.37 16.05 43.52
N LYS D 248 -64.28 16.12 42.52
CA LYS D 248 -64.52 14.99 41.62
C LYS D 248 -63.40 14.82 40.57
N TYR D 249 -63.02 13.55 40.31
CA TYR D 249 -61.98 13.20 39.33
C TYR D 249 -62.19 11.79 38.80
N LEU D 250 -62.32 11.66 37.48
CA LEU D 250 -62.45 10.38 36.80
C LEU D 250 -61.39 10.29 35.72
N ALA D 251 -60.94 9.07 35.43
CA ALA D 251 -59.92 8.85 34.44
C ALA D 251 -60.10 7.50 33.79
N ILE D 252 -60.31 7.49 32.48
CA ILE D 252 -60.45 6.27 31.70
C ILE D 252 -59.34 6.23 30.66
N ALA D 253 -58.70 5.08 30.49
CA ALA D 253 -57.62 4.89 29.54
C ALA D 253 -57.97 3.69 28.66
N PRO D 254 -58.98 3.84 27.77
CA PRO D 254 -59.38 2.71 26.93
C PRO D 254 -58.31 2.38 25.90
N PRO D 255 -57.93 1.11 25.65
CA PRO D 255 -56.87 0.85 24.66
C PRO D 255 -57.18 1.26 23.22
N ILE D 256 -58.45 1.34 22.82
CA ILE D 256 -58.81 1.71 21.45
C ILE D 256 -58.29 3.10 21.06
N ILE D 257 -58.38 4.08 21.96
CA ILE D 257 -58.01 5.46 21.64
C ILE D 257 -56.48 5.66 21.46
N LYS D 258 -55.66 4.76 22.00
CA LYS D 258 -54.22 4.87 21.89
C LYS D 258 -53.73 4.62 20.45
N GLN D 259 -54.41 3.73 19.67
CA GLN D 259 -54.02 3.41 18.28
C GLN D 259 -53.92 4.61 17.34
N SER D 260 -54.60 5.73 17.66
CA SER D 260 -54.52 6.95 16.85
C SER D 260 -54.90 8.17 17.68
N THR D 261 -54.35 9.32 17.29
CA THR D 261 -54.52 10.58 18.02
C THR D 261 -55.90 11.20 17.83
N ILE D 262 -56.63 11.43 18.94
CA ILE D 262 -57.94 12.09 18.85
C ILE D 262 -57.65 13.55 18.57
N VAL D 263 -58.26 14.08 17.50
CA VAL D 263 -57.99 15.44 17.01
C VAL D 263 -59.13 16.43 17.19
N CYS D 264 -60.41 15.99 17.31
CA CYS D 264 -61.52 16.93 17.47
C CYS D 264 -62.69 16.32 18.22
N HIS D 265 -63.52 17.20 18.80
CA HIS D 265 -64.67 16.84 19.63
C HIS D 265 -65.89 17.69 19.27
N ASN D 266 -67.06 17.27 19.80
CA ASN D 266 -68.32 17.99 19.64
C ASN D 266 -69.38 17.48 20.62
N ARG D 267 -70.27 18.36 21.10
CA ARG D 267 -71.32 17.95 22.03
C ARG D 267 -72.57 17.49 21.26
N VAL D 268 -73.08 16.29 21.55
CA VAL D 268 -74.26 15.78 20.88
C VAL D 268 -75.52 16.34 21.59
N ASP D 269 -75.77 15.90 22.85
CA ASP D 269 -76.92 16.32 23.63
C ASP D 269 -76.64 17.62 24.36
N PRO D 270 -77.58 18.60 24.38
CA PRO D 270 -77.29 19.85 25.12
C PRO D 270 -76.88 19.65 26.58
N ASN D 271 -77.51 18.71 27.31
CA ASN D 271 -77.16 18.45 28.73
C ASN D 271 -75.72 17.92 28.93
N GLY D 272 -75.06 17.50 27.84
CA GLY D 272 -73.69 17.02 27.86
C GLY D 272 -73.54 15.56 28.20
N SER D 273 -74.51 14.71 27.82
CA SER D 273 -74.41 13.28 28.13
C SER D 273 -73.57 12.57 27.05
N ARG D 274 -73.84 12.82 25.76
CA ARG D 274 -73.10 12.19 24.68
C ARG D 274 -72.24 13.22 23.94
N TYR D 275 -71.02 12.83 23.55
CA TYR D 275 -70.06 13.68 22.84
C TYR D 275 -69.38 12.87 21.75
N LEU D 276 -69.22 13.43 20.55
CA LEU D 276 -68.53 12.74 19.46
C LEU D 276 -67.05 13.10 19.46
N LEU D 277 -66.18 12.16 19.04
CA LEU D 277 -64.73 12.36 18.95
C LEU D 277 -64.20 11.76 17.64
N GLY D 278 -63.30 12.47 16.96
CA GLY D 278 -62.68 12.00 15.72
C GLY D 278 -61.19 11.89 15.89
N ASP D 279 -60.54 10.92 15.21
CA ASP D 279 -59.08 10.72 15.28
C ASP D 279 -58.41 10.67 13.89
N MET D 280 -57.08 10.66 13.87
CA MET D 280 -56.34 10.70 12.63
C MET D 280 -56.56 9.52 11.66
N GLU D 281 -57.04 8.34 12.08
CA GLU D 281 -57.36 7.27 11.11
C GLU D 281 -58.84 7.40 10.61
N GLY D 282 -59.50 8.53 10.91
CA GLY D 282 -60.88 8.80 10.51
C GLY D 282 -61.94 8.14 11.39
N ARG D 283 -61.52 7.36 12.42
CA ARG D 283 -62.48 6.67 13.28
C ARG D 283 -63.34 7.68 14.02
N LEU D 284 -64.59 7.32 14.32
CA LEU D 284 -65.52 8.20 15.00
C LEU D 284 -66.04 7.47 16.22
N PHE D 285 -65.85 8.02 17.43
CA PHE D 285 -66.33 7.41 18.66
C PHE D 285 -67.41 8.31 19.32
N MET D 286 -68.06 7.75 20.34
CA MET D 286 -69.04 8.42 21.17
C MET D 286 -68.55 8.27 22.60
N LEU D 287 -68.37 9.40 23.29
CA LEU D 287 -67.95 9.43 24.68
C LEU D 287 -69.20 9.73 25.47
N LEU D 288 -69.66 8.73 26.23
CA LEU D 288 -70.88 8.82 27.00
C LEU D 288 -70.57 9.03 28.48
N LEU D 289 -71.24 10.01 29.09
CA LEU D 289 -71.13 10.31 30.51
C LEU D 289 -72.28 9.60 31.23
N GLU D 290 -71.96 8.73 32.19
CA GLU D 290 -72.96 7.96 32.93
C GLU D 290 -73.28 8.67 34.21
N LYS D 291 -74.57 8.90 34.48
CA LYS D 291 -75.04 9.70 35.61
C LYS D 291 -75.39 8.84 36.85
N GLU D 292 -75.65 9.50 38.00
CA GLU D 292 -76.03 8.83 39.24
C GLU D 292 -76.80 9.82 40.11
N GLU D 293 -78.14 9.74 40.09
CA GLU D 293 -78.97 10.64 40.87
C GLU D 293 -78.82 10.44 42.38
N GLN D 294 -78.21 11.43 43.06
CA GLN D 294 -77.99 11.40 44.50
C GLN D 294 -79.27 11.67 45.28
N MET D 295 -79.24 11.33 46.60
CA MET D 295 -80.34 11.53 47.57
C MET D 295 -80.66 13.05 47.72
N ASP D 296 -79.61 13.87 47.60
CA ASP D 296 -79.58 15.34 47.60
C ASP D 296 -80.55 15.95 46.58
N GLY D 297 -80.58 15.38 45.37
CA GLY D 297 -81.37 15.88 44.25
C GLY D 297 -80.46 16.05 43.04
N THR D 298 -79.20 16.48 43.29
CA THR D 298 -78.16 16.65 42.25
C THR D 298 -77.84 15.31 41.59
N VAL D 299 -77.30 15.36 40.37
CA VAL D 299 -76.95 14.16 39.62
C VAL D 299 -75.43 14.17 39.30
N THR D 300 -74.66 13.40 40.08
CA THR D 300 -73.21 13.30 39.96
C THR D 300 -72.79 12.36 38.83
N LEU D 301 -71.63 12.63 38.23
CA LEU D 301 -71.10 11.85 37.13
C LEU D 301 -70.39 10.59 37.63
N LYS D 302 -71.04 9.42 37.43
CA LYS D 302 -70.53 8.14 37.91
C LYS D 302 -69.33 7.59 37.14
N ASP D 303 -69.33 7.64 35.80
CA ASP D 303 -68.26 7.06 34.98
C ASP D 303 -68.30 7.60 33.53
N LEU D 304 -67.22 7.39 32.77
CA LEU D 304 -67.07 7.74 31.37
C LEU D 304 -66.93 6.47 30.55
N ARG D 305 -67.34 6.50 29.28
CA ARG D 305 -67.27 5.32 28.41
C ARG D 305 -67.05 5.73 26.95
N VAL D 306 -66.27 4.94 26.20
CA VAL D 306 -66.03 5.21 24.78
C VAL D 306 -66.59 4.05 23.97
N GLU D 307 -67.19 4.36 22.83
CA GLU D 307 -67.78 3.37 21.94
C GLU D 307 -67.46 3.77 20.48
N LEU D 308 -66.81 2.89 19.71
CA LEU D 308 -66.46 3.18 18.32
C LEU D 308 -67.70 3.03 17.43
N LEU D 309 -68.10 4.11 16.76
CA LEU D 309 -69.27 4.09 15.88
C LEU D 309 -68.91 3.52 14.49
N GLY D 310 -67.91 4.09 13.82
CA GLY D 310 -67.46 3.66 12.51
C GLY D 310 -66.31 4.50 11.98
N GLU D 311 -66.16 4.57 10.66
CA GLU D 311 -65.10 5.34 10.02
C GLU D 311 -65.70 6.44 9.15
N THR D 312 -65.14 7.65 9.20
CA THR D 312 -65.55 8.81 8.40
C THR D 312 -64.26 9.43 7.76
N SER D 313 -64.34 10.61 7.08
CA SER D 313 -63.14 11.27 6.58
C SER D 313 -62.34 11.81 7.76
N ILE D 314 -61.05 12.07 7.57
CA ILE D 314 -60.22 12.63 8.64
C ILE D 314 -60.74 14.05 8.99
N ALA D 315 -61.53 14.14 10.07
CA ALA D 315 -62.21 15.36 10.45
C ALA D 315 -61.33 16.41 11.07
N GLU D 316 -61.41 17.61 10.53
CA GLU D 316 -60.80 18.79 11.09
C GLU D 316 -61.74 19.23 12.23
N CYS D 317 -63.07 19.20 11.98
CA CYS D 317 -64.09 19.53 12.97
C CYS D 317 -65.40 18.81 12.66
N LEU D 318 -65.97 18.17 13.67
CA LEU D 318 -67.27 17.51 13.59
C LEU D 318 -68.31 18.49 14.11
N THR D 319 -69.57 18.32 13.69
CA THR D 319 -70.66 19.14 14.20
C THR D 319 -71.96 18.35 14.02
N TYR D 320 -72.58 17.90 15.12
CA TYR D 320 -73.82 17.14 15.04
C TYR D 320 -74.90 18.13 14.67
N LEU D 321 -75.75 17.78 13.68
CA LEU D 321 -76.84 18.65 13.25
C LEU D 321 -78.17 18.25 13.95
N ASP D 322 -78.88 17.22 13.48
CA ASP D 322 -80.13 16.80 14.10
C ASP D 322 -80.68 15.55 13.43
N ASN D 323 -81.32 14.67 14.20
CA ASN D 323 -81.88 13.43 13.70
C ASN D 323 -80.76 12.47 13.25
N GLY D 324 -79.72 12.34 14.07
CA GLY D 324 -78.61 11.46 13.76
C GLY D 324 -77.66 11.91 12.65
N VAL D 325 -77.92 13.05 12.02
CA VAL D 325 -77.07 13.54 10.95
C VAL D 325 -75.90 14.34 11.55
N VAL D 326 -74.67 14.11 11.06
CA VAL D 326 -73.48 14.82 11.52
C VAL D 326 -72.72 15.34 10.32
N PHE D 327 -72.19 16.55 10.41
CA PHE D 327 -71.40 17.12 9.34
C PHE D 327 -69.91 16.99 9.69
N VAL D 328 -69.20 16.14 8.93
CA VAL D 328 -67.78 15.86 9.10
C VAL D 328 -67.03 16.86 8.21
N GLY D 329 -66.53 17.92 8.81
CA GLY D 329 -65.78 18.94 8.09
C GLY D 329 -64.31 18.55 8.01
N SER D 330 -63.81 18.17 6.81
CA SER D 330 -62.43 17.71 6.65
C SER D 330 -61.51 18.76 6.03
N ARG D 331 -60.21 18.67 6.35
CA ARG D 331 -59.19 19.56 5.81
C ARG D 331 -58.24 18.79 4.86
N LEU D 332 -58.08 17.45 5.09
CA LEU D 332 -57.24 16.61 4.23
C LEU D 332 -58.05 16.03 3.04
N GLY D 333 -59.20 15.43 3.32
CA GLY D 333 -60.05 14.81 2.30
C GLY D 333 -61.42 15.41 2.16
N ASP D 334 -62.29 14.74 1.37
CA ASP D 334 -63.68 15.19 1.13
C ASP D 334 -64.50 15.31 2.42
N SER D 335 -65.26 16.39 2.58
CA SER D 335 -66.13 16.54 3.75
C SER D 335 -67.41 15.71 3.51
N GLN D 336 -68.15 15.36 4.57
CA GLN D 336 -69.32 14.50 4.45
C GLN D 336 -70.50 14.88 5.33
N LEU D 337 -71.66 14.32 4.99
CA LEU D 337 -72.85 14.31 5.82
C LEU D 337 -73.01 12.81 6.07
N VAL D 338 -73.03 12.38 7.34
CA VAL D 338 -73.13 10.97 7.68
C VAL D 338 -74.28 10.74 8.65
N LYS D 339 -74.98 9.61 8.50
CA LYS D 339 -76.11 9.27 9.36
C LYS D 339 -75.65 8.28 10.40
N LEU D 340 -75.85 8.58 11.67
CA LEU D 340 -75.54 7.67 12.76
C LEU D 340 -76.80 6.83 12.97
N ASN D 341 -76.65 5.52 12.92
CA ASN D 341 -77.76 4.60 13.09
C ASN D 341 -77.74 4.07 14.51
N VAL D 342 -78.93 3.75 15.03
CA VAL D 342 -79.08 3.22 16.38
C VAL D 342 -78.48 1.81 16.41
N ASP D 343 -78.86 0.96 15.44
CA ASP D 343 -78.32 -0.39 15.29
C ASP D 343 -77.16 -0.38 14.26
N SER D 344 -76.13 -1.23 14.46
CA SER D 344 -74.96 -1.36 13.60
C SER D 344 -75.31 -2.22 12.39
N ASN D 345 -74.72 -1.89 11.24
CA ASN D 345 -75.00 -2.63 9.99
C ASN D 345 -74.33 -4.06 10.01
N GLU D 346 -74.27 -4.77 8.84
CA GLU D 346 -73.66 -6.10 8.77
C GLU D 346 -72.14 -6.05 9.01
N GLN D 347 -71.49 -4.91 8.71
CA GLN D 347 -70.05 -4.72 8.94
C GLN D 347 -69.73 -4.31 10.42
N GLY D 348 -70.75 -4.12 11.26
CA GLY D 348 -70.59 -3.67 12.64
C GLY D 348 -70.51 -2.16 12.82
N SER D 349 -70.60 -1.39 11.72
CA SER D 349 -70.53 0.07 11.73
C SER D 349 -71.90 0.72 11.96
N TYR D 350 -71.97 1.71 12.83
CA TYR D 350 -73.19 2.48 13.08
C TYR D 350 -73.25 3.74 12.15
N VAL D 351 -72.20 4.04 11.35
CA VAL D 351 -72.18 5.20 10.47
C VAL D 351 -72.49 4.81 9.02
N VAL D 352 -73.28 5.66 8.30
CA VAL D 352 -73.68 5.45 6.92
C VAL D 352 -73.44 6.77 6.16
N ALA D 353 -72.60 6.74 5.13
CA ALA D 353 -72.26 7.94 4.38
C ALA D 353 -73.44 8.39 3.54
N MET D 354 -73.92 9.62 3.75
CA MET D 354 -75.04 10.16 2.98
C MET D 354 -74.57 10.94 1.74
N GLU D 355 -73.89 12.08 1.94
CA GLU D 355 -73.47 12.97 0.87
C GLU D 355 -72.01 13.33 1.04
N THR D 356 -71.28 13.43 -0.07
CA THR D 356 -69.86 13.77 -0.04
C THR D 356 -69.65 15.07 -0.79
N PHE D 357 -69.00 16.03 -0.16
CA PHE D 357 -68.69 17.32 -0.78
C PHE D 357 -67.21 17.30 -1.14
N THR D 358 -66.89 17.64 -2.39
CA THR D 358 -65.52 17.58 -2.86
C THR D 358 -64.61 18.56 -2.17
N ASN D 359 -63.45 18.08 -1.76
CA ASN D 359 -62.40 18.88 -1.16
C ASN D 359 -61.12 18.51 -1.86
N LEU D 360 -60.60 19.45 -2.67
CA LEU D 360 -59.32 19.23 -3.34
C LEU D 360 -58.13 19.14 -2.33
N GLY D 361 -58.41 19.26 -1.00
CA GLY D 361 -57.49 19.09 0.12
C GLY D 361 -56.12 19.67 -0.13
N PRO D 362 -55.10 19.31 0.66
CA PRO D 362 -53.75 19.82 0.35
C PRO D 362 -53.30 19.40 -1.07
N ILE D 363 -53.20 20.36 -2.02
CA ILE D 363 -52.75 20.06 -3.39
C ILE D 363 -51.25 20.09 -3.27
N VAL D 364 -50.62 18.92 -3.09
CA VAL D 364 -49.17 18.87 -2.86
C VAL D 364 -48.34 19.02 -4.15
N ASP D 365 -48.92 18.65 -5.29
CA ASP D 365 -48.28 18.82 -6.60
C ASP D 365 -49.33 18.73 -7.70
N MET D 366 -48.99 19.14 -8.93
CA MET D 366 -49.91 19.04 -10.05
C MET D 366 -49.19 19.17 -11.39
N CYS D 367 -49.89 18.83 -12.49
CA CYS D 367 -49.37 18.97 -13.85
C CYS D 367 -50.52 19.24 -14.80
N VAL D 368 -50.24 20.01 -15.86
CA VAL D 368 -51.24 20.32 -16.86
C VAL D 368 -50.97 19.42 -18.03
N VAL D 369 -51.99 18.73 -18.49
CA VAL D 369 -51.88 17.86 -19.65
C VAL D 369 -53.19 17.83 -20.37
N ASP D 370 -53.15 17.97 -21.68
CA ASP D 370 -54.36 17.86 -22.47
C ASP D 370 -54.40 16.42 -22.93
N LEU D 371 -55.25 15.61 -22.28
CA LEU D 371 -55.34 14.18 -22.60
C LEU D 371 -55.93 13.99 -24.00
N GLU D 372 -56.99 14.79 -24.32
CA GLU D 372 -57.76 14.76 -25.58
C GLU D 372 -56.97 15.21 -26.81
N ARG D 373 -56.10 16.22 -26.61
CA ARG D 373 -55.24 16.86 -27.62
C ARG D 373 -56.07 17.82 -28.50
N GLN D 374 -56.91 18.62 -27.81
CA GLN D 374 -57.81 19.64 -28.35
C GLN D 374 -57.66 20.88 -27.41
N GLY D 375 -57.38 22.07 -27.97
CA GLY D 375 -57.22 23.34 -27.25
C GLY D 375 -57.02 23.31 -25.73
N GLN D 376 -58.12 23.31 -24.95
CA GLN D 376 -58.04 23.31 -23.49
C GLN D 376 -57.36 22.10 -22.84
N GLY D 377 -56.32 22.35 -22.08
CA GLY D 377 -55.65 21.32 -21.29
C GLY D 377 -56.35 21.11 -19.96
N GLN D 378 -56.03 19.99 -19.27
CA GLN D 378 -56.62 19.64 -17.96
C GLN D 378 -55.55 19.57 -16.88
N LEU D 379 -55.96 19.69 -15.62
CA LEU D 379 -55.06 19.69 -14.48
C LEU D 379 -55.25 18.43 -13.65
N VAL D 380 -54.18 17.67 -13.38
CA VAL D 380 -54.21 16.45 -12.55
C VAL D 380 -53.40 16.76 -11.30
N THR D 381 -54.02 16.72 -10.11
CA THR D 381 -53.36 17.07 -8.87
C THR D 381 -53.12 15.86 -7.97
N CYS D 382 -52.17 15.98 -7.01
CA CYS D 382 -51.88 15.03 -5.94
C CYS D 382 -52.54 15.67 -4.75
N SER D 383 -53.76 15.28 -4.42
CA SER D 383 -54.55 15.91 -3.37
C SER D 383 -54.82 14.99 -2.22
N GLY D 384 -54.92 15.57 -1.03
CA GLY D 384 -55.21 14.82 0.19
C GLY D 384 -53.96 14.25 0.86
N ALA D 385 -54.19 13.48 1.93
CA ALA D 385 -53.11 12.82 2.65
C ALA D 385 -53.65 11.62 3.43
N PHE D 386 -52.80 10.63 3.69
CA PHE D 386 -53.19 9.44 4.45
C PHE D 386 -54.33 8.68 3.74
N LYS D 387 -55.34 8.07 4.42
CA LYS D 387 -56.40 7.36 3.69
C LYS D 387 -57.14 8.27 2.68
N GLU D 388 -57.07 9.60 2.89
CA GLU D 388 -57.66 10.60 2.00
C GLU D 388 -56.85 10.86 0.72
N GLY D 389 -55.76 10.12 0.50
CA GLY D 389 -54.91 10.30 -0.66
C GLY D 389 -55.66 10.02 -1.94
N SER D 390 -55.49 10.90 -2.94
CA SER D 390 -56.20 10.81 -4.20
C SER D 390 -55.57 11.68 -5.28
N LEU D 391 -55.97 11.43 -6.54
CA LEU D 391 -55.63 12.29 -7.65
C LEU D 391 -56.96 12.93 -8.10
N ARG D 392 -56.92 14.18 -8.53
CA ARG D 392 -58.12 14.88 -8.97
C ARG D 392 -57.88 15.37 -10.39
N ILE D 393 -58.75 15.03 -11.33
CA ILE D 393 -58.63 15.50 -12.70
C ILE D 393 -59.66 16.60 -12.86
N ILE D 394 -59.18 17.84 -12.96
CA ILE D 394 -60.01 19.03 -13.01
C ILE D 394 -60.00 19.61 -14.43
N ARG D 395 -61.13 19.49 -15.12
CA ARG D 395 -61.26 19.95 -16.50
C ARG D 395 -62.32 21.04 -16.55
N ASN D 396 -62.08 22.04 -17.40
CA ASN D 396 -63.01 23.16 -17.51
C ASN D 396 -64.27 22.73 -18.25
N GLY D 397 -65.40 22.79 -17.55
CA GLY D 397 -66.71 22.43 -18.10
C GLY D 397 -67.05 23.29 -19.28
N ILE D 398 -67.48 22.66 -20.38
CA ILE D 398 -67.76 23.38 -21.62
C ILE D 398 -69.07 22.92 -22.28
N GLN D 408 -71.91 26.94 -15.81
CA GLN D 408 -70.45 27.05 -15.86
C GLN D 408 -69.81 26.74 -14.51
N LYS D 409 -69.27 25.52 -14.37
CA LYS D 409 -68.60 25.04 -13.16
C LYS D 409 -67.42 24.12 -13.59
N LEU D 410 -66.53 23.74 -12.65
CA LEU D 410 -65.44 22.80 -12.94
C LEU D 410 -65.94 21.34 -12.75
N HIS D 411 -65.60 20.43 -13.69
CA HIS D 411 -65.92 19.00 -13.58
C HIS D 411 -64.66 18.34 -13.02
N ILE D 412 -64.81 17.65 -11.88
CA ILE D 412 -63.68 17.05 -11.16
C ILE D 412 -63.89 15.56 -10.97
N ARG D 413 -62.90 14.77 -11.37
CA ARG D 413 -62.94 13.33 -11.25
C ARG D 413 -61.94 12.92 -10.19
N THR D 414 -62.39 12.19 -9.17
CA THR D 414 -61.50 11.75 -8.10
C THR D 414 -61.03 10.32 -8.33
N VAL D 415 -59.77 10.03 -7.97
CA VAL D 415 -59.15 8.72 -8.07
C VAL D 415 -58.59 8.39 -6.69
N PRO D 416 -59.33 7.67 -5.83
CA PRO D 416 -58.80 7.39 -4.49
C PRO D 416 -57.62 6.43 -4.51
N LEU D 417 -56.56 6.79 -3.76
CA LEU D 417 -55.33 6.01 -3.63
C LEU D 417 -55.23 5.37 -2.24
N TYR D 418 -55.92 5.93 -1.22
CA TYR D 418 -55.87 5.44 0.17
C TYR D 418 -54.44 5.47 0.80
N GLU D 419 -53.56 6.28 0.21
CA GLU D 419 -52.24 6.54 0.70
C GLU D 419 -51.78 7.92 0.20
N SER D 420 -50.94 8.61 0.97
CA SER D 420 -50.53 9.99 0.68
C SER D 420 -49.80 10.15 -0.67
N PRO D 421 -50.32 10.91 -1.66
CA PRO D 421 -49.56 11.14 -2.91
C PRO D 421 -48.61 12.34 -2.73
N ARG D 422 -47.39 12.28 -3.28
CA ARG D 422 -46.34 13.32 -3.10
C ARG D 422 -46.05 14.16 -4.37
N LYS D 423 -45.80 13.53 -5.51
CA LYS D 423 -45.45 14.24 -6.74
C LYS D 423 -46.10 13.55 -7.94
N ILE D 424 -46.48 14.32 -8.99
CA ILE D 424 -47.06 13.74 -10.23
C ILE D 424 -46.25 14.17 -11.45
N CYS D 425 -46.31 13.31 -12.45
CA CYS D 425 -45.51 13.46 -13.63
C CYS D 425 -46.21 12.83 -14.80
N TYR D 426 -46.26 13.48 -15.98
CA TYR D 426 -46.88 12.87 -17.14
C TYR D 426 -45.84 12.41 -18.15
N GLN D 427 -46.03 11.18 -18.68
CA GLN D 427 -45.16 10.59 -19.71
C GLN D 427 -46.05 10.24 -20.89
N GLU D 428 -46.07 11.08 -21.92
CA GLU D 428 -46.91 10.84 -23.08
C GLU D 428 -46.51 9.61 -23.86
N VAL D 429 -45.22 9.33 -23.95
CA VAL D 429 -44.69 8.18 -24.69
C VAL D 429 -45.32 6.87 -24.20
N SER D 430 -45.63 6.78 -22.90
CA SER D 430 -46.20 5.61 -22.27
C SER D 430 -47.67 5.78 -21.93
N GLN D 431 -48.35 6.88 -22.31
CA GLN D 431 -49.77 7.09 -22.01
C GLN D 431 -50.07 6.89 -20.52
N CYS D 432 -49.21 7.47 -19.65
CA CYS D 432 -49.32 7.23 -18.22
C CYS D 432 -48.68 8.32 -17.36
N PHE D 433 -48.98 8.25 -16.05
CA PHE D 433 -48.48 9.18 -15.04
C PHE D 433 -47.63 8.49 -13.98
N GLY D 434 -46.49 9.06 -13.69
CA GLY D 434 -45.66 8.60 -12.60
C GLY D 434 -46.10 9.39 -11.39
N VAL D 435 -46.38 8.70 -10.24
CA VAL D 435 -46.79 9.36 -8.99
C VAL D 435 -46.00 8.79 -7.81
N LEU D 436 -45.23 9.63 -7.10
CA LEU D 436 -44.53 9.22 -5.89
C LEU D 436 -45.57 9.20 -4.76
N SER D 437 -45.56 8.21 -3.87
CA SER D 437 -46.55 8.15 -2.76
C SER D 437 -46.02 7.40 -1.53
N SER D 438 -46.54 7.77 -0.38
CA SER D 438 -46.11 7.28 0.91
C SER D 438 -47.26 6.67 1.67
N ARG D 439 -47.05 5.48 2.24
CA ARG D 439 -48.04 4.83 3.09
C ARG D 439 -47.44 4.53 4.46
N ILE D 440 -48.24 4.63 5.52
CA ILE D 440 -47.74 4.34 6.87
C ILE D 440 -47.90 2.88 7.23
N GLU D 441 -46.82 2.24 7.65
CA GLU D 441 -46.84 0.89 8.17
C GLU D 441 -46.27 0.99 9.57
N VAL D 442 -46.82 0.24 10.52
CA VAL D 442 -46.36 0.30 11.90
C VAL D 442 -45.55 -0.94 12.23
N GLN D 443 -44.75 -0.87 13.26
CA GLN D 443 -43.85 -1.94 13.64
C GLN D 443 -44.62 -3.09 14.30
N ASP D 444 -44.62 -4.30 13.71
CA ASP D 444 -45.38 -5.45 14.22
C ASP D 444 -44.53 -6.47 14.99
N THR D 445 -45.16 -7.45 15.65
CA THR D 445 -44.43 -8.44 16.44
C THR D 445 -43.51 -9.32 15.63
N SER D 446 -43.71 -9.43 14.32
CA SER D 446 -42.84 -10.25 13.48
C SER D 446 -41.44 -9.66 13.30
N GLY D 447 -41.25 -8.39 13.65
CA GLY D 447 -40.01 -7.69 13.42
C GLY D 447 -40.20 -6.66 12.33
N GLY D 448 -40.85 -7.07 11.25
CA GLY D 448 -41.15 -6.20 10.12
C GLY D 448 -42.22 -5.16 10.42
N THR D 449 -42.93 -4.72 9.38
CA THR D 449 -43.99 -3.71 9.51
C THR D 449 -45.22 -4.16 8.73
N THR D 450 -46.37 -3.60 9.10
CA THR D 450 -47.64 -4.02 8.51
C THR D 450 -48.52 -2.78 8.28
N ALA D 451 -49.25 -2.76 7.14
CA ALA D 451 -50.11 -1.63 6.76
C ALA D 451 -51.48 -1.71 7.40
N LEU D 452 -52.02 -0.54 7.76
CA LEU D 452 -53.31 -0.42 8.44
C LEU D 452 -54.46 -0.82 7.53
N ARG D 453 -54.35 -0.46 6.24
CA ARG D 453 -55.35 -0.76 5.22
C ARG D 453 -54.65 -0.98 3.88
N PRO D 454 -55.29 -1.63 2.89
CA PRO D 454 -54.65 -1.77 1.58
C PRO D 454 -54.84 -0.52 0.76
N SER D 455 -53.89 -0.20 -0.08
CA SER D 455 -53.92 1.02 -0.84
C SER D 455 -53.27 0.83 -2.19
N ALA D 456 -53.31 1.88 -3.02
CA ALA D 456 -52.75 1.96 -4.37
C ALA D 456 -51.44 1.14 -4.57
N SER D 457 -50.43 1.28 -3.67
CA SER D 457 -49.14 0.59 -3.78
C SER D 457 -49.23 -0.91 -3.46
N THR D 458 -50.04 -1.31 -2.48
CA THR D 458 -50.18 -2.75 -2.15
C THR D 458 -51.07 -3.49 -3.16
N GLN D 459 -52.05 -2.78 -3.72
CA GLN D 459 -53.01 -3.28 -4.70
C GLN D 459 -52.58 -2.99 -6.16
N ALA D 460 -51.29 -3.09 -6.46
CA ALA D 460 -50.78 -2.85 -7.80
C ALA D 460 -50.89 -4.11 -8.59
N LEU D 461 -51.11 -3.95 -9.91
CA LEU D 461 -51.24 -5.11 -10.79
C LEU D 461 -49.92 -5.89 -10.85
N SER D 462 -48.81 -5.19 -11.16
CA SER D 462 -47.45 -5.74 -11.13
C SER D 462 -46.67 -4.91 -10.10
N SER D 463 -45.77 -5.54 -9.32
CA SER D 463 -45.02 -4.78 -8.30
C SER D 463 -43.59 -5.25 -8.18
N SER D 464 -42.74 -4.37 -7.64
CA SER D 464 -41.33 -4.60 -7.46
C SER D 464 -40.81 -3.93 -6.17
N VAL D 465 -39.62 -4.33 -5.70
CA VAL D 465 -38.97 -3.74 -4.52
C VAL D 465 -37.54 -3.46 -4.90
N SER D 466 -37.05 -2.22 -4.66
CA SER D 466 -35.71 -1.86 -5.08
C SER D 466 -34.71 -2.63 -4.28
N SER D 467 -33.81 -3.34 -4.96
CA SER D 467 -32.71 -4.05 -4.34
C SER D 467 -31.49 -3.28 -4.76
N SER D 468 -30.84 -2.67 -3.79
CA SER D 468 -29.69 -1.84 -4.08
C SER D 468 -28.63 -2.09 -3.07
N LYS D 469 -27.49 -2.64 -3.53
CA LYS D 469 -26.40 -2.87 -2.61
C LYS D 469 -25.56 -1.59 -2.48
N LEU D 470 -26.17 -0.37 -2.64
CA LEU D 470 -25.41 0.88 -2.53
C LEU D 470 -25.10 1.21 -1.08
N PHE D 471 -26.08 1.00 -0.18
CA PHE D 471 -25.92 1.30 1.26
C PHE D 471 -25.37 0.11 2.08
N SER D 472 -25.23 -1.08 1.42
CA SER D 472 -24.58 -2.31 1.94
C SER D 472 -24.97 -2.57 3.43
N SER D 473 -24.02 -3.07 4.29
CA SER D 473 -24.31 -3.32 5.70
C SER D 473 -24.78 -2.03 6.40
N SER D 474 -24.12 -0.86 6.09
CA SER D 474 -24.41 0.46 6.68
C SER D 474 -23.96 0.55 8.18
N THR D 475 -23.71 -0.63 8.92
CA THR D 475 -23.38 -0.76 10.37
C THR D 475 -24.08 0.37 11.20
N ALA D 476 -25.35 0.71 10.82
CA ALA D 476 -26.12 1.82 11.38
C ALA D 476 -27.06 1.37 12.52
N PRO D 477 -26.82 1.72 13.83
CA PRO D 477 -27.75 1.30 14.89
C PRO D 477 -29.13 1.98 14.75
N HIS D 478 -30.07 1.26 14.13
CA HIS D 478 -31.42 1.69 13.75
C HIS D 478 -32.50 0.90 14.53
N GLU D 479 -32.17 0.30 15.69
CA GLU D 479 -33.13 -0.54 16.40
C GLU D 479 -34.45 0.19 16.74
N THR D 480 -35.58 -0.47 16.39
CA THR D 480 -36.96 0.03 16.50
C THR D 480 -37.86 -0.79 17.43
N SER D 481 -38.67 -0.10 18.23
CA SER D 481 -39.65 -0.68 19.15
C SER D 481 -41.00 -0.93 18.44
N PHE D 482 -41.91 -1.71 19.06
CA PHE D 482 -43.20 -2.03 18.47
C PHE D 482 -44.13 -0.83 18.43
N GLY D 483 -45.07 -0.84 17.51
CA GLY D 483 -46.03 0.23 17.37
C GLY D 483 -45.54 1.51 16.72
N GLU D 484 -44.21 1.67 16.51
CA GLU D 484 -43.67 2.88 15.87
C GLU D 484 -44.12 2.95 14.43
N GLU D 485 -44.50 4.14 13.95
CA GLU D 485 -44.89 4.31 12.56
C GLU D 485 -43.66 4.44 11.68
N VAL D 486 -43.79 4.10 10.41
CA VAL D 486 -42.72 4.30 9.43
C VAL D 486 -43.31 4.46 8.06
N GLU D 487 -42.81 5.40 7.24
CA GLU D 487 -43.35 5.62 5.91
C GLU D 487 -42.72 4.63 4.93
N VAL D 488 -43.45 4.23 3.91
CA VAL D 488 -42.93 3.35 2.87
C VAL D 488 -43.16 4.09 1.55
N HIS D 489 -42.07 4.50 0.89
CA HIS D 489 -42.19 5.26 -0.36
C HIS D 489 -42.26 4.36 -1.58
N ASN D 490 -43.12 4.73 -2.56
CA ASN D 490 -43.36 3.99 -3.80
C ASN D 490 -43.47 4.88 -5.01
N LEU D 491 -43.04 4.37 -6.17
CA LEU D 491 -43.31 5.04 -7.43
C LEU D 491 -44.49 4.28 -8.02
N LEU D 492 -45.59 4.99 -8.36
CA LEU D 492 -46.78 4.39 -8.97
C LEU D 492 -46.82 4.78 -10.46
N ILE D 493 -47.14 3.83 -11.35
CA ILE D 493 -47.32 4.06 -12.79
C ILE D 493 -48.82 3.91 -12.95
N ILE D 494 -49.50 4.98 -13.39
CA ILE D 494 -50.97 5.04 -13.52
C ILE D 494 -51.39 5.22 -14.99
N ASP D 495 -52.50 4.59 -15.45
CA ASP D 495 -52.97 4.75 -16.83
C ASP D 495 -53.61 6.11 -17.03
N GLN D 496 -53.26 6.87 -18.10
CA GLN D 496 -53.81 8.21 -18.28
C GLN D 496 -55.32 8.27 -18.60
N HIS D 497 -55.99 7.13 -18.82
CA HIS D 497 -57.43 7.10 -19.15
C HIS D 497 -58.24 6.38 -18.06
N THR D 498 -57.84 5.16 -17.67
CA THR D 498 -58.55 4.40 -16.62
C THR D 498 -58.10 4.72 -15.21
N PHE D 499 -56.88 5.28 -15.07
CA PHE D 499 -56.27 5.59 -13.79
C PHE D 499 -56.10 4.36 -12.91
N GLU D 500 -55.82 3.23 -13.54
CA GLU D 500 -55.62 1.99 -12.84
C GLU D 500 -54.13 1.92 -12.49
N VAL D 501 -53.78 1.47 -11.26
CA VAL D 501 -52.38 1.39 -10.86
C VAL D 501 -51.76 0.17 -11.52
N LEU D 502 -51.00 0.43 -12.57
CA LEU D 502 -50.39 -0.59 -13.42
C LEU D 502 -49.20 -1.25 -12.76
N HIS D 503 -48.33 -0.46 -12.12
CA HIS D 503 -47.14 -0.97 -11.43
C HIS D 503 -46.78 -0.09 -10.23
N ALA D 504 -46.39 -0.70 -9.10
CA ALA D 504 -45.95 0.05 -7.93
C ALA D 504 -44.58 -0.46 -7.55
N HIS D 505 -43.56 0.41 -7.59
CA HIS D 505 -42.20 0.03 -7.23
C HIS D 505 -41.94 0.58 -5.86
N GLN D 506 -41.69 -0.28 -4.89
CA GLN D 506 -41.39 0.14 -3.53
C GLN D 506 -39.89 0.45 -3.39
N PHE D 507 -39.57 1.54 -2.69
CA PHE D 507 -38.21 1.99 -2.47
C PHE D 507 -37.59 1.33 -1.23
N LEU D 508 -36.27 1.55 -1.02
CA LEU D 508 -35.51 0.97 0.08
C LEU D 508 -36.08 1.36 1.46
N GLN D 509 -35.73 0.57 2.48
CA GLN D 509 -36.22 0.83 3.83
C GLN D 509 -35.58 2.09 4.37
N ASN D 510 -36.41 3.01 4.85
CA ASN D 510 -36.02 4.34 5.35
C ASN D 510 -35.57 5.26 4.20
N GLU D 511 -36.10 5.04 2.99
CA GLU D 511 -35.78 5.88 1.84
C GLU D 511 -37.06 6.62 1.48
N TYR D 512 -36.94 7.95 1.24
CA TYR D 512 -38.06 8.84 0.89
C TYR D 512 -37.91 9.38 -0.51
N ALA D 513 -38.92 9.18 -1.37
CA ALA D 513 -38.92 9.75 -2.72
C ALA D 513 -39.36 11.21 -2.65
N LEU D 514 -38.48 12.13 -3.08
CA LEU D 514 -38.68 13.58 -3.01
C LEU D 514 -38.91 14.29 -4.35
N SER D 515 -38.29 13.81 -5.43
CA SER D 515 -38.41 14.47 -6.73
C SER D 515 -38.62 13.45 -7.85
N LEU D 516 -39.35 13.86 -8.91
CA LEU D 516 -39.68 12.99 -10.05
C LEU D 516 -39.79 13.78 -11.37
N VAL D 517 -39.17 13.25 -12.46
CA VAL D 517 -39.20 13.83 -13.81
C VAL D 517 -39.34 12.73 -14.86
N SER D 518 -39.94 13.07 -16.01
CA SER D 518 -40.08 12.13 -17.13
C SER D 518 -39.46 12.83 -18.30
N CYS D 519 -38.47 12.20 -18.95
CA CYS D 519 -37.79 12.83 -20.07
C CYS D 519 -36.79 11.90 -20.75
N LYS D 520 -36.29 12.33 -21.92
CA LYS D 520 -35.19 11.70 -22.63
C LYS D 520 -33.96 12.54 -22.25
N LEU D 521 -32.80 11.91 -22.19
CA LEU D 521 -31.55 12.61 -21.86
C LEU D 521 -30.47 12.27 -22.88
N GLY D 522 -29.55 13.20 -23.11
CA GLY D 522 -28.46 13.04 -24.06
C GLY D 522 -28.92 12.61 -25.43
N LYS D 523 -28.18 11.69 -26.05
CA LYS D 523 -28.57 11.14 -27.33
C LYS D 523 -29.30 9.78 -27.14
N ASP D 524 -29.98 9.60 -25.98
CA ASP D 524 -30.72 8.38 -25.67
C ASP D 524 -32.15 8.62 -26.13
N PRO D 525 -32.71 7.75 -26.97
CA PRO D 525 -34.07 7.97 -27.45
C PRO D 525 -35.20 7.53 -26.52
N ASN D 526 -34.92 6.75 -25.46
CA ASN D 526 -35.95 6.29 -24.54
C ASN D 526 -36.40 7.41 -23.60
N THR D 527 -37.68 7.41 -23.20
CA THR D 527 -38.23 8.38 -22.26
C THR D 527 -38.27 7.71 -20.86
N TYR D 528 -37.39 8.15 -19.96
CA TYR D 528 -37.27 7.58 -18.64
C TYR D 528 -38.08 8.33 -17.59
N PHE D 529 -38.29 7.68 -16.43
CA PHE D 529 -38.94 8.25 -15.24
C PHE D 529 -37.80 8.25 -14.22
N ILE D 530 -37.31 9.43 -13.80
CA ILE D 530 -36.18 9.53 -12.86
C ILE D 530 -36.69 10.02 -11.50
N VAL D 531 -36.28 9.35 -10.41
CA VAL D 531 -36.68 9.68 -9.04
C VAL D 531 -35.44 10.08 -8.22
N GLY D 532 -35.62 11.03 -7.31
CA GLY D 532 -34.60 11.52 -6.40
C GLY D 532 -35.03 11.17 -5.01
N THR D 533 -34.17 10.52 -4.22
CA THR D 533 -34.57 9.99 -2.91
C THR D 533 -33.61 10.39 -1.77
N ALA D 534 -33.91 10.02 -0.51
CA ALA D 534 -33.03 10.33 0.59
C ALA D 534 -33.17 9.32 1.71
N MET D 535 -32.04 8.95 2.34
CA MET D 535 -32.04 8.02 3.46
C MET D 535 -32.29 8.85 4.71
N VAL D 536 -33.53 8.71 5.19
CA VAL D 536 -34.09 9.43 6.31
C VAL D 536 -34.04 8.60 7.58
N TYR D 537 -33.12 8.94 8.48
CA TYR D 537 -33.03 8.28 9.77
C TYR D 537 -33.40 9.32 10.83
N PRO D 538 -34.07 8.94 11.94
CA PRO D 538 -34.39 9.94 12.98
C PRO D 538 -33.16 10.64 13.55
N GLU D 539 -32.04 9.88 13.69
CA GLU D 539 -30.76 10.36 14.25
C GLU D 539 -30.17 11.54 13.43
N GLU D 540 -30.22 11.43 12.10
CA GLU D 540 -29.71 12.47 11.20
C GLU D 540 -30.54 13.76 11.29
N ALA D 541 -29.86 14.89 11.44
CA ALA D 541 -30.51 16.19 11.46
C ALA D 541 -30.91 16.55 10.00
N GLU D 542 -30.02 16.29 9.06
CA GLU D 542 -30.25 16.48 7.64
C GLU D 542 -29.72 15.20 6.92
N PRO D 543 -30.35 14.67 5.84
CA PRO D 543 -29.87 13.39 5.27
C PRO D 543 -28.50 13.48 4.64
N LYS D 544 -27.70 12.43 4.82
CA LYS D 544 -26.34 12.38 4.28
C LYS D 544 -26.19 11.37 3.13
N GLN D 545 -27.28 10.70 2.69
CA GLN D 545 -27.22 9.77 1.56
C GLN D 545 -28.50 9.88 0.74
N GLY D 546 -28.43 9.48 -0.51
CA GLY D 546 -29.57 9.50 -1.40
C GLY D 546 -29.26 8.80 -2.71
N ARG D 547 -30.20 8.81 -3.63
CA ARG D 547 -30.00 8.21 -4.94
C ARG D 547 -30.76 8.98 -5.98
N ILE D 548 -30.34 8.85 -7.21
CA ILE D 548 -31.04 9.36 -8.38
C ILE D 548 -31.19 8.08 -9.18
N VAL D 549 -32.41 7.54 -9.25
CA VAL D 549 -32.69 6.27 -9.93
C VAL D 549 -33.40 6.57 -11.26
N VAL D 550 -32.93 5.95 -12.36
CA VAL D 550 -33.50 6.13 -13.70
C VAL D 550 -34.25 4.85 -14.03
N PHE D 551 -35.56 4.92 -14.24
CA PHE D 551 -36.38 3.77 -14.61
C PHE D 551 -36.94 3.91 -16.01
N GLN D 552 -37.33 2.79 -16.64
CA GLN D 552 -37.99 2.84 -17.94
C GLN D 552 -39.23 1.99 -17.89
N TYR D 553 -40.38 2.55 -18.30
CA TYR D 553 -41.61 1.78 -18.31
C TYR D 553 -41.89 1.25 -19.69
N SER D 554 -41.87 -0.08 -19.85
CA SER D 554 -42.16 -0.66 -21.17
C SER D 554 -42.72 -2.07 -20.98
N ASP D 555 -43.78 -2.41 -21.73
CA ASP D 555 -44.42 -3.71 -21.63
C ASP D 555 -44.93 -3.98 -20.21
N GLY D 556 -45.66 -3.01 -19.67
CA GLY D 556 -46.27 -3.14 -18.36
C GLY D 556 -45.36 -3.33 -17.14
N LYS D 557 -44.01 -3.18 -17.31
CA LYS D 557 -43.07 -3.33 -16.19
C LYS D 557 -41.93 -2.31 -16.20
N LEU D 558 -41.61 -1.77 -15.03
CA LEU D 558 -40.50 -0.87 -14.90
C LEU D 558 -39.24 -1.68 -14.89
N GLN D 559 -38.16 -1.04 -15.23
CA GLN D 559 -36.85 -1.64 -15.20
C GLN D 559 -35.91 -0.57 -14.75
N THR D 560 -35.04 -0.91 -13.83
CA THR D 560 -34.08 0.06 -13.32
C THR D 560 -32.93 0.14 -14.32
N VAL D 561 -32.77 1.32 -14.94
CA VAL D 561 -31.78 1.59 -15.98
C VAL D 561 -30.41 1.94 -15.42
N ALA D 562 -30.40 2.81 -14.40
CA ALA D 562 -29.15 3.23 -13.76
C ALA D 562 -29.46 3.89 -12.41
N GLU D 563 -28.51 3.87 -11.49
CA GLU D 563 -28.66 4.56 -10.22
C GLU D 563 -27.35 5.23 -9.91
N LYS D 564 -27.43 6.46 -9.41
CA LYS D 564 -26.28 7.30 -9.09
C LYS D 564 -26.40 7.65 -7.62
N GLU D 565 -25.39 7.32 -6.80
CA GLU D 565 -25.44 7.65 -5.38
C GLU D 565 -25.11 9.14 -5.20
N VAL D 566 -25.71 9.76 -4.16
CA VAL D 566 -25.46 11.17 -3.80
C VAL D 566 -25.28 11.30 -2.28
N LYS D 567 -24.59 12.36 -1.83
CA LYS D 567 -24.33 12.56 -0.39
C LYS D 567 -25.36 13.46 0.32
N GLY D 568 -26.62 13.46 -0.14
CA GLY D 568 -27.66 14.27 0.47
C GLY D 568 -29.04 14.03 -0.14
N ALA D 569 -30.06 14.75 0.33
CA ALA D 569 -31.41 14.57 -0.19
C ALA D 569 -31.58 15.25 -1.52
N VAL D 570 -32.20 14.57 -2.53
CA VAL D 570 -32.45 15.13 -3.87
C VAL D 570 -33.83 15.81 -3.89
N TYR D 571 -33.88 17.04 -3.35
CA TYR D 571 -35.12 17.80 -3.18
C TYR D 571 -35.89 18.12 -4.47
N SER D 572 -35.17 18.38 -5.59
CA SER D 572 -35.80 18.77 -6.87
C SER D 572 -34.92 18.39 -8.08
N MET D 573 -35.57 18.07 -9.21
CA MET D 573 -34.92 17.74 -10.49
C MET D 573 -35.71 18.33 -11.64
N VAL D 574 -35.01 18.70 -12.76
CA VAL D 574 -35.62 19.26 -13.98
C VAL D 574 -34.82 18.83 -15.22
N GLU D 575 -35.50 18.65 -16.38
CA GLU D 575 -34.79 18.31 -17.62
C GLU D 575 -34.19 19.61 -18.10
N PHE D 576 -32.87 19.69 -18.20
CA PHE D 576 -32.20 20.91 -18.61
C PHE D 576 -31.42 20.70 -19.89
N ASN D 577 -32.02 21.01 -21.05
CA ASN D 577 -31.34 20.91 -22.34
C ASN D 577 -30.66 19.53 -22.54
N GLY D 578 -31.42 18.48 -22.33
CA GLY D 578 -30.93 17.10 -22.47
C GLY D 578 -30.12 16.58 -21.31
N LYS D 579 -29.81 17.43 -20.34
CA LYS D 579 -29.05 17.04 -19.15
C LYS D 579 -30.00 17.00 -17.94
N LEU D 580 -29.55 16.40 -16.82
CA LEU D 580 -30.39 16.30 -15.62
C LEU D 580 -29.87 17.24 -14.58
N LEU D 581 -30.65 18.28 -14.24
CA LEU D 581 -30.27 19.24 -13.21
C LEU D 581 -30.98 18.84 -11.92
N ALA D 582 -30.21 18.56 -10.85
CA ALA D 582 -30.77 18.14 -9.55
C ALA D 582 -30.16 18.93 -8.39
N SER D 583 -30.94 19.13 -7.32
CA SER D 583 -30.50 19.84 -6.13
C SER D 583 -30.36 18.81 -5.02
N ILE D 584 -29.18 18.76 -4.39
CA ILE D 584 -28.84 17.83 -3.32
C ILE D 584 -28.41 18.64 -2.05
N ASN D 585 -29.30 18.75 -1.03
CA ASN D 585 -29.03 19.55 0.17
C ASN D 585 -28.73 21.01 -0.21
N SER D 586 -27.48 21.48 -0.13
CA SER D 586 -27.13 22.84 -0.48
C SER D 586 -26.44 22.96 -1.87
N THR D 587 -26.27 21.84 -2.60
CA THR D 587 -25.57 21.84 -3.89
C THR D 587 -26.52 21.70 -5.06
N VAL D 588 -26.35 22.53 -6.10
CA VAL D 588 -27.13 22.44 -7.33
C VAL D 588 -26.18 21.87 -8.35
N ARG D 589 -26.49 20.68 -8.88
CA ARG D 589 -25.62 19.93 -9.78
C ARG D 589 -26.25 19.73 -11.13
N LEU D 590 -25.42 19.53 -12.15
CA LEU D 590 -25.87 19.25 -13.51
C LEU D 590 -25.18 17.98 -13.98
N TYR D 591 -25.96 16.91 -14.21
CA TYR D 591 -25.44 15.63 -14.67
C TYR D 591 -25.68 15.46 -16.16
N GLU D 592 -24.80 14.70 -16.80
CA GLU D 592 -24.89 14.37 -18.21
C GLU D 592 -25.22 12.86 -18.32
N TRP D 593 -25.99 12.45 -19.34
CA TRP D 593 -26.32 11.03 -19.54
C TRP D 593 -25.36 10.47 -20.58
N THR D 594 -24.37 9.66 -20.16
CA THR D 594 -23.34 9.12 -21.06
C THR D 594 -23.89 8.07 -22.02
N THR D 595 -23.14 7.81 -23.10
CA THR D 595 -23.49 6.73 -24.02
C THR D 595 -23.47 5.35 -23.30
N GLU D 596 -22.92 5.26 -22.06
CA GLU D 596 -22.89 4.02 -21.27
C GLU D 596 -24.15 3.87 -20.39
N LYS D 597 -25.21 4.67 -20.65
CA LYS D 597 -26.44 4.71 -19.87
C LYS D 597 -26.13 4.89 -18.38
N GLU D 598 -25.35 5.95 -18.06
CA GLU D 598 -24.93 6.31 -16.69
C GLU D 598 -24.85 7.83 -16.53
N LEU D 599 -25.28 8.36 -15.37
CA LEU D 599 -25.24 9.80 -15.10
C LEU D 599 -23.82 10.20 -14.66
N ARG D 600 -23.23 11.23 -15.32
CA ARG D 600 -21.87 11.72 -15.07
C ARG D 600 -21.94 13.19 -14.74
N THR D 601 -21.42 13.58 -13.58
CA THR D 601 -21.46 14.98 -13.13
C THR D 601 -20.68 15.94 -14.06
N GLU D 602 -21.25 17.12 -14.40
CA GLU D 602 -20.58 18.11 -15.27
C GLU D 602 -20.10 19.30 -14.42
N CYS D 603 -20.99 19.87 -13.59
CA CYS D 603 -20.65 21.04 -12.77
C CYS D 603 -21.57 21.16 -11.53
N ASN D 604 -21.12 21.98 -10.54
CA ASN D 604 -21.84 22.22 -9.30
C ASN D 604 -21.89 23.70 -8.93
N HIS D 605 -22.87 24.07 -8.08
CA HIS D 605 -23.01 25.38 -7.49
C HIS D 605 -23.33 25.11 -6.02
N TYR D 606 -22.44 25.50 -5.10
CA TYR D 606 -22.62 25.20 -3.67
C TYR D 606 -23.10 26.35 -2.80
N ASN D 607 -23.31 27.55 -3.34
CA ASN D 607 -23.74 28.69 -2.51
C ASN D 607 -25.25 28.67 -2.21
N ASN D 608 -25.68 27.77 -1.32
CA ASN D 608 -27.08 27.66 -0.89
C ASN D 608 -27.19 27.19 0.55
N ILE D 609 -28.25 27.58 1.25
CA ILE D 609 -28.51 27.08 2.59
C ILE D 609 -29.13 25.69 2.37
N MET D 610 -30.17 25.61 1.54
CA MET D 610 -30.80 24.36 1.19
C MET D 610 -31.67 24.57 -0.06
N ALA D 611 -31.12 24.23 -1.26
CA ALA D 611 -31.75 24.39 -2.58
C ALA D 611 -32.94 23.46 -2.75
N LEU D 612 -34.15 23.94 -2.47
CA LEU D 612 -35.36 23.13 -2.49
C LEU D 612 -36.14 23.11 -3.79
N TYR D 613 -36.19 24.23 -4.51
CA TYR D 613 -37.02 24.35 -5.71
C TYR D 613 -36.22 24.73 -6.94
N LEU D 614 -36.49 24.10 -8.09
CA LEU D 614 -35.78 24.41 -9.33
C LEU D 614 -36.76 24.61 -10.47
N LYS D 615 -36.52 25.64 -11.29
CA LYS D 615 -37.29 25.96 -12.51
C LYS D 615 -36.27 26.50 -13.54
N THR D 616 -36.37 26.11 -14.84
CA THR D 616 -35.42 26.59 -15.86
C THR D 616 -36.11 27.17 -17.07
N LYS D 617 -35.44 28.13 -17.71
CA LYS D 617 -35.90 28.75 -18.95
C LYS D 617 -34.67 28.96 -19.80
N GLY D 618 -34.45 28.07 -20.74
CA GLY D 618 -33.28 28.15 -21.61
C GLY D 618 -32.06 27.76 -20.80
N ASP D 619 -30.99 28.55 -20.87
CA ASP D 619 -29.79 28.29 -20.07
C ASP D 619 -29.87 28.91 -18.65
N PHE D 620 -31.00 29.56 -18.27
CA PHE D 620 -31.19 30.14 -16.95
C PHE D 620 -31.86 29.15 -16.01
N ILE D 621 -31.51 29.24 -14.72
CA ILE D 621 -32.05 28.37 -13.68
C ILE D 621 -32.45 29.24 -12.50
N LEU D 622 -33.67 29.11 -12.02
CA LEU D 622 -34.17 29.84 -10.86
C LEU D 622 -34.13 28.85 -9.74
N VAL D 623 -33.37 29.16 -8.66
CA VAL D 623 -33.22 28.27 -7.51
C VAL D 623 -33.95 28.87 -6.31
N GLY D 624 -34.94 28.15 -5.77
CA GLY D 624 -35.67 28.56 -4.58
C GLY D 624 -35.03 27.94 -3.35
N ASP D 625 -34.39 28.78 -2.54
CA ASP D 625 -33.66 28.35 -1.34
C ASP D 625 -34.59 28.27 -0.13
N LEU D 626 -34.17 27.56 0.92
CA LEU D 626 -34.98 27.44 2.13
C LEU D 626 -35.17 28.81 2.80
N MET D 627 -34.08 29.57 3.05
CA MET D 627 -34.18 30.87 3.71
C MET D 627 -33.66 32.05 2.90
N ARG D 628 -32.70 31.87 1.96
CA ARG D 628 -32.17 33.02 1.20
C ARG D 628 -32.93 33.30 -0.09
N SER D 629 -34.26 33.31 0.00
CA SER D 629 -35.13 33.72 -1.09
C SER D 629 -34.82 32.96 -2.42
N VAL D 630 -34.63 33.64 -3.61
CA VAL D 630 -34.39 33.02 -4.91
C VAL D 630 -33.09 33.50 -5.55
N LEU D 631 -32.56 32.68 -6.49
CA LEU D 631 -31.31 32.93 -7.20
C LEU D 631 -31.49 32.66 -8.67
N LEU D 632 -30.82 33.44 -9.51
CA LEU D 632 -30.84 33.25 -10.93
C LEU D 632 -29.44 32.77 -11.35
N LEU D 633 -29.29 31.45 -11.49
CA LEU D 633 -28.06 30.80 -11.99
C LEU D 633 -28.12 30.75 -13.52
N ALA D 634 -26.95 30.54 -14.16
CA ALA D 634 -26.93 30.37 -15.60
C ALA D 634 -25.83 29.41 -15.95
N TYR D 635 -26.11 28.49 -16.85
CA TYR D 635 -25.12 27.55 -17.31
C TYR D 635 -24.33 28.26 -18.41
N LYS D 636 -23.02 28.37 -18.24
CA LYS D 636 -22.14 29.00 -19.22
C LYS D 636 -21.67 27.85 -20.14
N PRO D 637 -22.22 27.69 -21.36
CA PRO D 637 -21.81 26.55 -22.20
C PRO D 637 -20.34 26.58 -22.58
N MET D 638 -19.81 27.77 -22.79
CA MET D 638 -18.43 27.97 -23.16
C MET D 638 -17.46 27.48 -22.11
N GLU D 639 -17.82 27.52 -20.83
CA GLU D 639 -16.93 27.09 -19.75
C GLU D 639 -17.30 25.73 -19.14
N GLY D 640 -18.54 25.28 -19.31
CA GLY D 640 -18.98 24.01 -18.75
C GLY D 640 -19.17 24.08 -17.26
N ASN D 641 -19.77 25.18 -16.77
CA ASN D 641 -20.02 25.43 -15.34
C ASN D 641 -21.19 26.44 -15.13
N PHE D 642 -21.55 26.74 -13.87
CA PHE D 642 -22.60 27.71 -13.57
C PHE D 642 -22.02 29.11 -13.32
N GLU D 643 -22.89 30.12 -13.23
CA GLU D 643 -22.49 31.49 -12.91
C GLU D 643 -23.67 32.19 -12.24
N GLU D 644 -23.44 32.79 -11.09
CA GLU D 644 -24.49 33.50 -10.37
C GLU D 644 -24.78 34.80 -11.10
N ILE D 645 -25.98 34.91 -11.69
CA ILE D 645 -26.37 36.12 -12.41
C ILE D 645 -26.77 37.21 -11.40
N ALA D 646 -27.84 36.96 -10.62
CA ALA D 646 -28.34 37.90 -9.62
C ALA D 646 -29.17 37.15 -8.56
N ARG D 647 -28.98 37.49 -7.27
CA ARG D 647 -29.66 36.86 -6.13
C ARG D 647 -30.55 37.84 -5.39
N ASP D 648 -31.65 37.37 -4.80
CA ASP D 648 -32.54 38.24 -4.03
C ASP D 648 -32.01 38.31 -2.59
N PHE D 649 -31.51 39.48 -2.17
CA PHE D 649 -30.99 39.61 -0.82
C PHE D 649 -32.04 39.94 0.21
N ASN D 650 -33.17 39.25 0.15
CA ASN D 650 -34.23 39.43 1.14
C ASN D 650 -34.43 38.07 1.76
N PRO D 651 -34.31 37.87 3.09
CA PRO D 651 -34.55 36.52 3.63
C PRO D 651 -36.04 36.19 3.53
N ASN D 652 -36.38 35.15 2.74
CA ASN D 652 -37.76 34.72 2.55
C ASN D 652 -37.79 33.21 2.62
N TRP D 653 -38.59 32.66 3.54
CA TRP D 653 -38.77 31.24 3.61
C TRP D 653 -39.68 30.80 2.44
N MET D 654 -39.13 30.11 1.44
CA MET D 654 -39.90 29.73 0.24
C MET D 654 -40.82 28.51 0.39
N SER D 655 -41.91 28.48 -0.45
CA SER D 655 -42.90 27.39 -0.57
C SER D 655 -42.98 26.85 -2.01
N ALA D 656 -42.74 27.73 -3.04
CA ALA D 656 -42.71 27.37 -4.48
C ALA D 656 -42.17 28.56 -5.32
N VAL D 657 -41.55 28.29 -6.50
CA VAL D 657 -41.01 29.31 -7.41
C VAL D 657 -41.48 29.10 -8.87
N GLU D 658 -41.28 30.09 -9.76
CA GLU D 658 -41.64 29.99 -11.18
C GLU D 658 -41.00 31.12 -11.99
N ILE D 659 -40.57 30.82 -13.22
CA ILE D 659 -40.04 31.84 -14.11
C ILE D 659 -41.24 32.29 -14.93
N LEU D 660 -41.62 33.59 -14.85
CA LEU D 660 -42.73 34.09 -15.65
C LEU D 660 -42.20 34.32 -17.08
N ASP D 661 -41.07 35.05 -17.17
CA ASP D 661 -40.38 35.35 -18.43
C ASP D 661 -38.87 35.59 -18.13
N ASP D 662 -38.06 35.78 -19.19
CA ASP D 662 -36.61 35.99 -19.10
C ASP D 662 -36.13 36.96 -18.01
N ASP D 663 -36.95 37.97 -17.66
CA ASP D 663 -36.62 39.00 -16.68
C ASP D 663 -37.45 38.97 -15.41
N ASN D 664 -38.64 38.33 -15.40
CA ASN D 664 -39.54 38.32 -14.24
C ASN D 664 -39.64 36.92 -13.57
N PHE D 665 -39.41 36.84 -12.22
CA PHE D 665 -39.42 35.61 -11.42
C PHE D 665 -40.40 35.71 -10.24
N LEU D 666 -41.36 34.79 -10.19
CA LEU D 666 -42.41 34.72 -9.16
C LEU D 666 -41.98 33.78 -8.04
N GLY D 667 -42.36 34.10 -6.81
CA GLY D 667 -42.02 33.30 -5.64
C GLY D 667 -43.10 33.34 -4.60
N ALA D 668 -43.38 32.20 -3.98
CA ALA D 668 -44.37 32.11 -2.93
C ALA D 668 -43.65 31.81 -1.62
N GLU D 669 -44.05 32.51 -0.56
CA GLU D 669 -43.44 32.50 0.76
C GLU D 669 -44.34 31.83 1.78
N ASN D 670 -43.75 31.27 2.83
CA ASN D 670 -44.47 30.62 3.93
C ASN D 670 -45.44 31.49 4.73
N ALA D 671 -45.40 32.83 4.58
CA ALA D 671 -46.33 33.72 5.27
C ALA D 671 -47.54 34.08 4.41
N PHE D 672 -47.88 33.25 3.41
CA PHE D 672 -49.02 33.42 2.50
C PHE D 672 -48.86 34.63 1.60
N ASN D 673 -47.62 34.94 1.23
CA ASN D 673 -47.34 36.08 0.38
C ASN D 673 -46.77 35.66 -0.94
N LEU D 674 -47.01 36.47 -1.98
CA LEU D 674 -46.43 36.31 -3.31
C LEU D 674 -45.54 37.52 -3.56
N PHE D 675 -44.47 37.30 -4.32
CA PHE D 675 -43.59 38.37 -4.71
C PHE D 675 -42.99 38.05 -6.04
N VAL D 676 -42.67 39.08 -6.76
CA VAL D 676 -42.04 38.96 -8.06
C VAL D 676 -40.84 39.82 -7.97
N CYS D 677 -39.71 39.31 -8.44
CA CYS D 677 -38.50 40.11 -8.48
C CYS D 677 -37.86 39.98 -9.87
N GLN D 678 -37.07 40.97 -10.24
CA GLN D 678 -36.45 40.98 -11.57
C GLN D 678 -35.06 41.57 -11.55
N LYS D 679 -34.34 41.45 -12.69
CA LYS D 679 -33.00 42.00 -12.79
C LYS D 679 -33.10 43.52 -12.76
N ASP D 680 -32.33 44.18 -11.88
CA ASP D 680 -32.36 45.64 -11.72
C ASP D 680 -32.10 46.37 -13.06
N SER D 681 -31.08 45.88 -13.82
CA SER D 681 -30.62 46.41 -15.11
C SER D 681 -30.48 47.96 -15.06
N ALA D 682 -29.75 48.47 -14.02
CA ALA D 682 -29.52 49.89 -13.78
C ALA D 682 -28.05 50.21 -13.40
N ALA D 683 -27.58 51.39 -13.90
CA ALA D 683 -26.25 52.02 -13.83
C ALA D 683 -25.07 51.17 -14.40
N THR D 684 -25.33 49.93 -14.95
CA THR D 684 -24.35 48.99 -15.57
C THR D 684 -23.29 48.45 -14.56
N THR D 685 -23.42 48.81 -13.25
CA THR D 685 -22.46 48.45 -12.20
C THR D 685 -22.55 46.97 -11.89
N ASP D 686 -21.41 46.25 -11.97
CA ASP D 686 -21.29 44.81 -11.69
C ASP D 686 -22.10 44.36 -10.44
N GLU D 687 -22.02 45.18 -9.38
CA GLU D 687 -22.68 44.97 -8.08
C GLU D 687 -24.21 45.09 -8.18
N GLU D 688 -24.69 46.25 -8.71
CA GLU D 688 -26.10 46.58 -8.89
C GLU D 688 -26.82 45.56 -9.78
N ARG D 689 -26.10 45.05 -10.81
CA ARG D 689 -26.63 44.07 -11.75
C ARG D 689 -26.92 42.75 -11.03
N GLN D 690 -26.02 42.36 -10.11
CA GLN D 690 -26.17 41.15 -9.31
C GLN D 690 -27.27 41.26 -8.24
N HIS D 691 -27.83 42.45 -8.01
CA HIS D 691 -28.91 42.61 -7.04
C HIS D 691 -30.27 42.41 -7.76
N LEU D 692 -31.07 41.40 -7.34
CA LEU D 692 -32.44 41.19 -7.85
C LEU D 692 -33.32 42.06 -6.98
N GLN D 693 -34.21 42.84 -7.58
CA GLN D 693 -35.08 43.72 -6.84
C GLN D 693 -36.48 43.15 -6.75
N GLU D 694 -37.04 43.06 -5.53
CA GLU D 694 -38.43 42.60 -5.33
C GLU D 694 -39.30 43.77 -5.80
N VAL D 695 -40.02 43.61 -6.92
CA VAL D 695 -40.83 44.67 -7.53
C VAL D 695 -42.34 44.47 -7.35
N GLY D 696 -42.76 43.22 -7.17
CA GLY D 696 -44.14 42.89 -6.91
C GLY D 696 -44.28 42.30 -5.52
N LEU D 697 -45.36 42.66 -4.80
CA LEU D 697 -45.67 42.15 -3.45
C LEU D 697 -47.18 42.02 -3.32
N PHE D 698 -47.66 40.95 -2.68
CA PHE D 698 -49.11 40.74 -2.56
C PHE D 698 -49.41 39.66 -1.54
N HIS D 699 -50.23 39.94 -0.54
CA HIS D 699 -50.62 38.94 0.44
C HIS D 699 -51.74 38.05 -0.14
N LEU D 700 -51.38 36.92 -0.73
CA LEU D 700 -52.35 36.00 -1.33
C LEU D 700 -53.36 35.49 -0.31
N GLY D 701 -52.89 35.14 0.87
CA GLY D 701 -53.71 34.57 1.92
C GLY D 701 -53.76 33.05 1.91
N GLU D 702 -53.13 32.40 0.90
CA GLU D 702 -53.08 30.94 0.76
C GLU D 702 -51.63 30.45 0.81
N PHE D 703 -51.43 29.13 1.01
CA PHE D 703 -50.07 28.59 1.01
C PHE D 703 -49.86 27.86 -0.30
N VAL D 704 -49.03 28.42 -1.20
CA VAL D 704 -48.82 27.81 -2.52
C VAL D 704 -47.84 26.68 -2.44
N ASN D 705 -48.25 25.45 -2.81
CA ASN D 705 -47.34 24.31 -2.83
C ASN D 705 -46.69 24.15 -4.19
N VAL D 706 -47.45 24.38 -5.28
CA VAL D 706 -46.94 24.16 -6.63
C VAL D 706 -47.31 25.25 -7.64
N PHE D 707 -46.35 25.61 -8.52
CA PHE D 707 -46.57 26.54 -9.61
C PHE D 707 -46.44 25.74 -10.89
N CYS D 708 -47.35 26.00 -11.82
CA CYS D 708 -47.44 25.22 -13.04
C CYS D 708 -47.85 26.07 -14.24
N HIS D 709 -47.02 26.11 -15.29
CA HIS D 709 -47.37 26.85 -16.49
C HIS D 709 -48.48 26.12 -17.25
N GLY D 710 -49.54 26.83 -17.61
CA GLY D 710 -50.65 26.23 -18.35
C GLY D 710 -51.97 26.91 -18.10
N SER D 711 -52.98 26.63 -18.94
CA SER D 711 -54.31 27.23 -18.78
C SER D 711 -55.39 26.20 -19.10
N LEU D 712 -56.47 26.23 -18.34
CA LEU D 712 -57.60 25.31 -18.54
C LEU D 712 -58.62 25.79 -19.59
N VAL D 713 -58.50 27.05 -20.05
CA VAL D 713 -59.43 27.61 -21.05
C VAL D 713 -59.06 27.17 -22.44
N MET D 714 -60.02 27.22 -23.36
CA MET D 714 -59.77 26.80 -24.74
C MET D 714 -58.77 27.71 -25.41
N GLN D 715 -57.53 27.24 -25.51
CA GLN D 715 -56.46 28.01 -26.10
C GLN D 715 -56.67 27.94 -27.57
N ASN D 716 -57.38 28.94 -28.12
CA ASN D 716 -57.67 28.99 -29.54
C ASN D 716 -56.43 29.40 -30.30
N LEU D 717 -55.93 28.50 -31.18
CA LEU D 717 -54.74 28.73 -32.01
C LEU D 717 -54.86 30.02 -32.81
N GLY D 718 -56.09 30.43 -33.13
CA GLY D 718 -56.33 31.70 -33.80
C GLY D 718 -55.84 32.85 -32.94
N GLU D 719 -55.11 33.78 -33.58
CA GLU D 719 -54.51 34.98 -32.96
C GLU D 719 -55.57 35.77 -32.20
N THR D 720 -55.37 35.91 -30.91
CA THR D 720 -56.33 36.59 -30.06
C THR D 720 -55.58 37.63 -29.22
N SER D 721 -55.74 38.92 -29.58
CA SER D 721 -55.09 40.01 -28.85
C SER D 721 -55.83 40.28 -27.53
N THR D 722 -55.46 39.56 -26.46
CA THR D 722 -56.11 39.68 -25.17
C THR D 722 -55.37 40.63 -24.23
N PRO D 723 -55.96 40.95 -23.08
CA PRO D 723 -55.30 41.86 -22.14
C PRO D 723 -54.18 41.23 -21.32
N THR D 724 -54.33 39.94 -21.01
CA THR D 724 -53.35 39.21 -20.21
C THR D 724 -52.43 38.38 -21.13
N GLN D 725 -51.13 38.32 -20.77
CA GLN D 725 -50.11 37.58 -21.52
C GLN D 725 -49.44 36.62 -20.56
N GLY D 726 -49.52 35.33 -20.84
CA GLY D 726 -48.94 34.32 -19.96
C GLY D 726 -49.97 33.71 -19.03
N SER D 727 -49.66 32.52 -18.47
CA SER D 727 -50.59 31.84 -17.57
C SER D 727 -49.87 30.84 -16.71
N VAL D 728 -50.00 30.98 -15.38
CA VAL D 728 -49.38 30.11 -14.39
C VAL D 728 -50.45 29.76 -13.37
N LEU D 729 -50.85 28.50 -13.34
CA LEU D 729 -51.78 27.99 -12.34
C LEU D 729 -51.00 27.62 -11.09
N PHE D 730 -51.65 27.66 -9.92
CA PHE D 730 -51.01 27.29 -8.67
C PHE D 730 -51.96 26.55 -7.76
N GLY D 731 -51.42 25.57 -7.04
CA GLY D 731 -52.15 24.73 -6.08
C GLY D 731 -51.82 25.15 -4.66
N THR D 732 -52.81 25.16 -3.77
CA THR D 732 -52.61 25.61 -2.39
C THR D 732 -52.98 24.53 -1.36
N VAL D 733 -52.62 24.77 -0.10
CA VAL D 733 -52.89 23.84 0.97
C VAL D 733 -54.39 23.71 1.23
N ASN D 734 -55.17 24.78 1.04
CA ASN D 734 -56.62 24.70 1.25
C ASN D 734 -57.41 24.22 0.02
N GLY D 735 -56.73 23.70 -0.99
CA GLY D 735 -57.41 23.23 -2.19
C GLY D 735 -57.79 24.32 -3.17
N MET D 736 -57.52 25.59 -2.86
CA MET D 736 -57.81 26.70 -3.77
C MET D 736 -56.85 26.59 -4.96
N ILE D 737 -57.33 26.86 -6.18
CA ILE D 737 -56.48 26.89 -7.38
C ILE D 737 -56.55 28.32 -7.87
N GLY D 738 -55.40 28.94 -8.09
CA GLY D 738 -55.33 30.31 -8.60
C GLY D 738 -54.60 30.40 -9.93
N LEU D 739 -54.55 31.61 -10.51
CA LEU D 739 -53.87 31.84 -11.78
C LEU D 739 -53.18 33.20 -11.74
N VAL D 740 -51.96 33.25 -12.29
CA VAL D 740 -51.17 34.47 -12.37
C VAL D 740 -50.88 34.72 -13.85
N THR D 741 -50.95 35.99 -14.25
CA THR D 741 -50.71 36.40 -15.64
C THR D 741 -50.08 37.79 -15.62
N SER D 742 -49.33 38.13 -16.68
CA SER D 742 -48.69 39.44 -16.80
C SER D 742 -49.58 40.46 -17.56
N LEU D 743 -49.44 41.75 -17.24
CA LEU D 743 -50.20 42.85 -17.82
C LEU D 743 -49.29 43.89 -18.42
N SER D 744 -49.79 44.64 -19.42
CA SER D 744 -49.04 45.75 -19.97
C SER D 744 -49.10 46.93 -18.98
N GLU D 745 -48.20 47.92 -19.11
CA GLU D 745 -48.18 49.06 -18.18
C GLU D 745 -49.52 49.80 -18.18
N SER D 746 -50.04 50.15 -19.37
CA SER D 746 -51.32 50.85 -19.47
C SER D 746 -52.47 50.03 -18.86
N TRP D 747 -52.46 48.70 -19.08
CA TRP D 747 -53.50 47.82 -18.52
C TRP D 747 -53.47 47.81 -17.02
N TYR D 748 -52.27 47.80 -16.42
CA TYR D 748 -52.13 47.79 -14.98
C TYR D 748 -52.66 49.09 -14.35
N ASN D 749 -52.19 50.26 -14.83
CA ASN D 749 -52.62 51.54 -14.25
C ASN D 749 -54.13 51.72 -14.31
N LEU D 750 -54.77 51.23 -15.39
CA LEU D 750 -56.21 51.31 -15.54
C LEU D 750 -56.88 50.44 -14.48
N LEU D 751 -56.45 49.18 -14.38
CA LEU D 751 -57.02 48.26 -13.41
C LEU D 751 -56.76 48.68 -11.99
N LEU D 752 -55.61 49.30 -11.71
CA LEU D 752 -55.27 49.78 -10.38
C LEU D 752 -56.22 50.88 -9.98
N ASP D 753 -56.53 51.80 -10.90
CA ASP D 753 -57.47 52.87 -10.63
C ASP D 753 -58.88 52.30 -10.42
N MET D 754 -59.23 51.21 -11.14
CA MET D 754 -60.51 50.52 -10.97
C MET D 754 -60.62 50.00 -9.54
N GLN D 755 -59.55 49.41 -8.98
CA GLN D 755 -59.52 48.87 -7.63
C GLN D 755 -59.81 49.94 -6.59
N ASN D 756 -59.20 51.12 -6.78
CA ASN D 756 -59.37 52.26 -5.87
C ASN D 756 -60.84 52.68 -5.86
N ARG D 757 -61.46 52.80 -7.05
CA ARG D 757 -62.86 53.19 -7.20
C ARG D 757 -63.80 52.08 -6.66
N LEU D 758 -63.49 50.82 -6.96
CA LEU D 758 -64.26 49.67 -6.51
C LEU D 758 -64.31 49.59 -4.98
N ASN D 759 -63.18 49.81 -4.30
CA ASN D 759 -63.13 49.77 -2.83
C ASN D 759 -64.01 50.84 -2.20
N LYS D 760 -64.07 52.03 -2.80
CA LYS D 760 -64.88 53.12 -2.27
C LYS D 760 -66.40 52.81 -2.28
N VAL D 761 -66.87 51.80 -3.07
CA VAL D 761 -68.31 51.46 -3.14
C VAL D 761 -68.65 50.07 -2.56
N ILE D 762 -67.73 49.08 -2.70
CA ILE D 762 -67.98 47.74 -2.18
C ILE D 762 -67.93 47.75 -0.67
N LYS D 763 -69.04 47.39 -0.01
CA LYS D 763 -69.09 47.33 1.46
C LYS D 763 -68.51 45.98 1.88
N SER D 764 -67.38 45.98 2.64
CA SER D 764 -66.70 44.76 3.07
C SER D 764 -67.32 44.12 4.30
N VAL D 765 -67.18 42.79 4.42
CA VAL D 765 -67.68 42.05 5.57
C VAL D 765 -66.73 42.38 6.70
N GLY D 766 -67.28 42.86 7.81
CA GLY D 766 -66.48 43.27 8.97
C GLY D 766 -65.80 44.62 8.80
N LYS D 767 -66.14 45.39 7.73
CA LYS D 767 -65.54 46.70 7.43
C LYS D 767 -64.01 46.61 7.38
N ILE D 768 -63.49 45.55 6.73
CA ILE D 768 -62.06 45.32 6.61
C ILE D 768 -61.54 46.04 5.39
N GLU D 769 -60.49 46.85 5.56
CA GLU D 769 -59.90 47.59 4.45
C GLU D 769 -59.26 46.60 3.47
N HIS D 770 -59.58 46.71 2.18
CA HIS D 770 -59.02 45.82 1.17
C HIS D 770 -57.52 46.04 1.08
N SER D 771 -57.10 47.31 1.06
CA SER D 771 -55.69 47.69 1.00
C SER D 771 -54.85 47.00 2.10
N PHE D 772 -55.42 46.93 3.33
CA PHE D 772 -54.79 46.30 4.49
C PHE D 772 -54.66 44.79 4.29
N TRP D 773 -55.73 44.15 3.82
CA TRP D 773 -55.77 42.70 3.62
C TRP D 773 -54.69 42.24 2.64
N ARG D 774 -54.68 42.81 1.41
CA ARG D 774 -53.69 42.42 0.43
C ARG D 774 -52.29 42.96 0.71
N SER D 775 -52.10 43.83 1.74
CA SER D 775 -50.76 44.31 2.10
C SER D 775 -49.91 43.14 2.58
N PHE D 776 -48.76 42.90 1.91
CA PHE D 776 -47.75 41.86 2.23
C PHE D 776 -47.46 41.83 3.75
N HIS D 777 -47.50 40.65 4.38
CA HIS D 777 -47.36 40.55 5.82
C HIS D 777 -46.65 39.29 6.33
N THR D 778 -45.50 39.50 7.02
CA THR D 778 -44.73 38.53 7.81
C THR D 778 -44.77 39.06 9.25
N GLU D 779 -44.46 38.22 10.26
CA GLU D 779 -44.47 38.66 11.65
C GLU D 779 -43.64 39.93 11.87
N ARG D 780 -42.53 40.07 11.14
CA ARG D 780 -41.67 41.24 11.25
C ARG D 780 -42.10 42.44 10.37
N LYS D 781 -42.10 42.31 9.03
CA LYS D 781 -42.47 43.43 8.15
C LYS D 781 -43.88 43.32 7.57
N THR D 782 -44.52 44.49 7.32
CA THR D 782 -45.84 44.61 6.70
C THR D 782 -45.76 45.76 5.67
N GLU D 783 -45.78 45.43 4.37
CA GLU D 783 -45.65 46.41 3.28
C GLU D 783 -46.90 46.46 2.42
N PRO D 784 -47.23 47.62 1.81
CA PRO D 784 -48.42 47.67 0.95
C PRO D 784 -48.18 46.92 -0.35
N ALA D 785 -49.23 46.26 -0.85
CA ALA D 785 -49.15 45.46 -2.07
C ALA D 785 -48.81 46.31 -3.27
N THR D 786 -47.82 45.90 -4.09
CA THR D 786 -47.45 46.65 -5.29
C THR D 786 -47.26 45.72 -6.49
N GLY D 787 -47.51 46.23 -7.69
CA GLY D 787 -47.33 45.47 -8.92
C GLY D 787 -48.22 44.25 -9.02
N PHE D 788 -49.40 44.30 -8.36
CA PHE D 788 -50.35 43.19 -8.36
C PHE D 788 -51.78 43.70 -8.32
N ILE D 789 -52.66 43.07 -9.14
CA ILE D 789 -54.07 43.41 -9.24
C ILE D 789 -54.90 42.25 -8.71
N ASP D 790 -55.76 42.51 -7.73
CA ASP D 790 -56.66 41.51 -7.15
C ASP D 790 -57.74 41.23 -8.18
N GLY D 791 -57.58 40.13 -8.88
CA GLY D 791 -58.51 39.74 -9.91
C GLY D 791 -59.90 39.47 -9.39
N ASP D 792 -60.01 38.98 -8.16
CA ASP D 792 -61.31 38.69 -7.58
C ASP D 792 -62.09 39.97 -7.28
N LEU D 793 -61.39 41.07 -6.92
CA LEU D 793 -62.01 42.37 -6.70
C LEU D 793 -62.45 42.94 -8.06
N ILE D 794 -61.61 42.80 -9.11
CA ILE D 794 -61.96 43.27 -10.45
C ILE D 794 -63.18 42.49 -10.98
N GLU D 795 -63.18 41.15 -10.87
CA GLU D 795 -64.30 40.34 -11.35
C GLU D 795 -65.60 40.54 -10.57
N SER D 796 -65.54 41.12 -9.37
CA SER D 796 -66.74 41.41 -8.58
C SER D 796 -67.49 42.64 -9.10
N PHE D 797 -66.85 43.51 -9.95
CA PHE D 797 -67.49 44.69 -10.56
C PHE D 797 -68.80 44.31 -11.26
N LEU D 798 -68.83 43.14 -11.90
CA LEU D 798 -70.00 42.68 -12.61
C LEU D 798 -71.18 42.35 -11.67
N ASP D 799 -70.91 41.99 -10.41
CA ASP D 799 -71.94 41.60 -9.45
C ASP D 799 -72.55 42.77 -8.63
N ILE D 800 -72.18 44.02 -8.93
CA ILE D 800 -72.72 45.19 -8.21
C ILE D 800 -73.91 45.80 -8.97
N SER D 801 -74.67 46.68 -8.33
CA SER D 801 -75.82 47.33 -8.94
C SER D 801 -75.41 48.33 -10.04
N ARG D 802 -76.33 48.66 -10.96
CA ARG D 802 -76.04 49.59 -12.05
C ARG D 802 -75.67 50.99 -11.53
N PRO D 803 -76.41 51.60 -10.57
CA PRO D 803 -76.03 52.93 -10.06
C PRO D 803 -74.62 52.99 -9.48
N LYS D 804 -74.19 51.92 -8.76
CA LYS D 804 -72.84 51.85 -8.19
C LYS D 804 -71.79 51.66 -9.31
N MET D 805 -72.15 51.00 -10.44
CA MET D 805 -71.26 50.84 -11.57
C MET D 805 -70.96 52.21 -12.18
N GLN D 806 -72.03 53.03 -12.40
CA GLN D 806 -71.89 54.38 -12.98
C GLN D 806 -71.14 55.34 -12.04
N GLU D 807 -71.17 55.08 -10.72
CA GLU D 807 -70.44 55.85 -9.72
C GLU D 807 -68.94 55.58 -9.90
N VAL D 808 -68.56 54.30 -10.09
CA VAL D 808 -67.18 53.85 -10.28
C VAL D 808 -66.55 54.42 -11.57
N VAL D 809 -67.31 54.46 -12.67
CA VAL D 809 -66.79 54.95 -13.94
C VAL D 809 -66.81 56.48 -14.06
N ALA D 810 -67.47 57.21 -13.14
CA ALA D 810 -67.58 58.66 -13.22
C ALA D 810 -66.22 59.36 -13.17
N ASN D 811 -65.94 60.23 -14.16
CA ASN D 811 -64.69 60.99 -14.28
C ASN D 811 -63.49 60.06 -14.34
N LEU D 812 -63.57 59.09 -15.26
CA LEU D 812 -62.56 58.07 -15.50
C LEU D 812 -62.24 58.13 -16.99
N GLN D 813 -60.96 58.35 -17.31
CA GLN D 813 -60.56 58.45 -18.71
C GLN D 813 -60.22 57.06 -19.24
N TYR D 814 -60.98 56.64 -20.26
CA TYR D 814 -60.85 55.35 -20.92
C TYR D 814 -60.33 55.48 -22.35
N ASP D 815 -59.14 54.89 -22.59
CA ASP D 815 -58.52 54.79 -23.90
C ASP D 815 -58.99 53.47 -24.51
N ASP D 816 -60.17 53.55 -25.15
CA ASP D 816 -60.85 52.46 -25.85
C ASP D 816 -59.89 51.57 -26.67
N GLY D 817 -58.96 52.24 -27.36
CA GLY D 817 -57.97 51.61 -28.23
C GLY D 817 -57.61 52.53 -29.37
N SER D 818 -58.58 53.34 -29.87
CA SER D 818 -58.34 54.28 -30.97
C SER D 818 -57.49 55.51 -30.56
N GLY D 819 -56.79 55.45 -29.42
CA GLY D 819 -55.95 56.54 -28.95
C GLY D 819 -56.75 57.62 -28.26
N MET D 820 -57.77 58.19 -28.97
CA MET D 820 -58.68 59.24 -28.47
C MET D 820 -59.33 58.76 -27.17
N LYS D 821 -58.79 59.20 -26.03
CA LYS D 821 -59.29 58.80 -24.72
C LYS D 821 -60.63 59.53 -24.46
N ARG D 822 -61.67 58.76 -24.11
CA ARG D 822 -63.01 59.28 -23.83
C ARG D 822 -63.47 58.80 -22.45
N GLU D 823 -64.45 59.53 -21.87
CA GLU D 823 -65.06 59.27 -20.58
C GLU D 823 -65.60 57.85 -20.55
N ALA D 824 -65.17 57.06 -19.58
CA ALA D 824 -65.56 55.66 -19.48
C ALA D 824 -67.06 55.49 -19.19
N THR D 825 -67.75 54.64 -19.95
CA THR D 825 -69.17 54.33 -19.72
C THR D 825 -69.27 52.94 -19.04
N ALA D 826 -70.42 52.62 -18.46
CA ALA D 826 -70.63 51.33 -17.78
C ALA D 826 -70.38 50.15 -18.71
N ASP D 827 -70.82 50.29 -19.97
CA ASP D 827 -70.69 49.27 -21.01
C ASP D 827 -69.22 49.01 -21.38
N ASP D 828 -68.37 50.07 -21.35
CA ASP D 828 -66.95 49.94 -21.67
C ASP D 828 -66.29 49.00 -20.66
N LEU D 829 -66.58 49.22 -19.35
CA LEU D 829 -66.01 48.43 -18.27
C LEU D 829 -66.62 47.04 -18.13
N ILE D 830 -67.93 46.89 -18.38
CA ILE D 830 -68.59 45.57 -18.29
C ILE D 830 -67.99 44.62 -19.35
N LYS D 831 -67.67 45.12 -20.54
CA LYS D 831 -67.09 44.28 -21.59
C LYS D 831 -65.61 43.95 -21.32
N VAL D 832 -64.86 44.86 -20.67
CA VAL D 832 -63.45 44.62 -20.30
C VAL D 832 -63.38 43.60 -19.16
N VAL D 833 -64.25 43.71 -18.16
CA VAL D 833 -64.25 42.76 -17.04
C VAL D 833 -64.71 41.38 -17.50
N GLU D 834 -65.74 41.31 -18.37
CA GLU D 834 -66.17 40.03 -18.95
C GLU D 834 -65.02 39.39 -19.75
N GLU D 835 -64.17 40.22 -20.38
CA GLU D 835 -62.99 39.74 -21.12
C GLU D 835 -62.00 39.07 -20.14
N LEU D 836 -61.78 39.70 -18.97
CA LEU D 836 -60.87 39.19 -17.94
C LEU D 836 -61.38 37.91 -17.25
N THR D 837 -62.70 37.69 -17.20
CA THR D 837 -63.25 36.46 -16.61
C THR D 837 -63.03 35.24 -17.53
N ARG D 838 -62.83 35.47 -18.85
CA ARG D 838 -62.61 34.39 -19.80
C ARG D 838 -61.21 33.77 -19.69
N ILE D 839 -60.33 34.23 -18.78
CA ILE D 839 -58.97 33.69 -18.64
C ILE D 839 -58.89 32.41 -17.77
N HIS D 840 -60.02 32.03 -17.11
CA HIS D 840 -60.07 30.84 -16.23
C HIS D 840 -61.45 30.14 -16.34
N THR E 7 5.89 34.47 5.47
CA THR E 7 5.42 34.21 6.84
C THR E 7 3.90 34.50 6.97
N GLU E 8 3.32 34.20 8.14
CA GLU E 8 1.88 34.40 8.42
C GLU E 8 1.56 35.88 8.72
N SER E 9 2.51 36.60 9.35
CA SER E 9 2.43 38.02 9.71
C SER E 9 2.34 38.94 8.48
N ASP E 10 3.10 38.60 7.40
CA ASP E 10 3.14 39.31 6.11
C ASP E 10 1.79 39.18 5.39
N TRP E 11 1.06 40.30 5.29
CA TRP E 11 -0.28 40.39 4.68
C TRP E 11 -0.25 41.18 3.38
N GLY E 12 -1.26 40.95 2.54
CA GLY E 12 -1.38 41.65 1.27
C GLY E 12 -0.50 41.11 0.16
N LYS E 13 0.48 40.27 0.48
CA LYS E 13 1.40 39.69 -0.49
C LYS E 13 0.75 38.50 -1.23
N ARG E 14 0.01 37.66 -0.49
CA ARG E 14 -0.66 36.46 -1.03
C ARG E 14 -1.79 36.85 -1.98
N CYS E 15 -2.02 36.05 -3.03
CA CYS E 15 -3.06 36.36 -4.03
C CYS E 15 -4.41 35.75 -3.71
N VAL E 16 -5.49 36.43 -4.15
CA VAL E 16 -6.87 35.95 -3.99
C VAL E 16 -7.13 34.67 -4.76
N ASP E 17 -6.38 34.41 -5.85
CA ASP E 17 -6.57 33.19 -6.63
C ASP E 17 -6.32 31.92 -5.80
N LYS E 18 -5.68 32.00 -4.62
CA LYS E 18 -5.52 30.85 -3.75
C LYS E 18 -6.81 30.49 -2.97
N PHE E 19 -7.92 31.21 -3.25
CA PHE E 19 -9.23 30.95 -2.68
C PHE E 19 -10.14 30.61 -3.86
N ASP E 20 -10.92 29.54 -3.74
CA ASP E 20 -11.88 29.12 -4.75
C ASP E 20 -13.22 29.76 -4.36
N ILE E 21 -13.69 30.76 -5.12
CA ILE E 21 -14.92 31.47 -4.75
C ILE E 21 -16.14 30.59 -4.94
N ILE E 22 -17.00 30.55 -3.92
CA ILE E 22 -18.24 29.78 -3.89
C ILE E 22 -19.44 30.61 -4.35
N GLY E 23 -19.44 31.91 -4.04
CA GLY E 23 -20.52 32.79 -4.46
C GLY E 23 -20.71 34.00 -3.57
N ILE E 24 -21.42 34.99 -4.09
CA ILE E 24 -21.73 36.21 -3.36
C ILE E 24 -22.80 35.96 -2.27
N ILE E 25 -22.54 36.42 -1.04
CA ILE E 25 -23.48 36.26 0.07
C ILE E 25 -24.12 37.58 0.55
N GLY E 26 -23.55 38.71 0.16
CA GLY E 26 -24.09 40.01 0.57
C GLY E 26 -23.38 41.18 -0.06
N GLU E 27 -24.01 42.35 0.00
CA GLU E 27 -23.50 43.61 -0.53
C GLU E 27 -23.03 44.46 0.67
N GLY E 28 -21.71 44.58 0.86
CA GLY E 28 -21.13 45.30 2.00
C GLY E 28 -21.11 46.81 1.91
N THR E 29 -20.37 47.46 2.83
CA THR E 29 -20.27 48.92 2.92
C THR E 29 -19.48 49.53 1.75
N TYR E 30 -18.35 48.88 1.40
CA TYR E 30 -17.36 49.33 0.40
C TYR E 30 -17.19 48.35 -0.81
N GLY E 31 -17.66 47.12 -0.66
CA GLY E 31 -17.60 46.09 -1.70
C GLY E 31 -18.44 44.87 -1.35
N GLN E 32 -18.53 43.93 -2.28
CA GLN E 32 -19.32 42.72 -2.05
C GLN E 32 -18.64 41.77 -1.08
N VAL E 33 -19.40 40.81 -0.53
CA VAL E 33 -18.86 39.81 0.39
C VAL E 33 -19.09 38.45 -0.24
N TYR E 34 -18.02 37.65 -0.41
CA TYR E 34 -18.14 36.33 -1.03
C TYR E 34 -17.78 35.22 -0.08
N LYS E 35 -18.43 34.07 -0.23
CA LYS E 35 -18.10 32.85 0.49
C LYS E 35 -17.04 32.19 -0.38
N ALA E 36 -15.98 31.63 0.19
CA ALA E 36 -14.91 30.99 -0.59
C ALA E 36 -14.19 29.93 0.24
N LYS E 37 -13.47 29.01 -0.42
CA LYS E 37 -12.74 27.97 0.29
C LYS E 37 -11.26 28.11 0.00
N ASP E 38 -10.40 27.98 1.03
CA ASP E 38 -8.95 28.07 0.85
C ASP E 38 -8.52 26.84 0.08
N LYS E 39 -7.91 27.01 -1.10
CA LYS E 39 -7.51 25.88 -1.92
C LYS E 39 -6.46 24.99 -1.26
N ASP E 40 -5.66 25.52 -0.32
CA ASP E 40 -4.62 24.74 0.35
C ASP E 40 -5.19 23.96 1.57
N THR E 41 -5.82 24.68 2.53
CA THR E 41 -6.33 24.12 3.78
C THR E 41 -7.78 23.64 3.75
N GLY E 42 -8.54 23.99 2.74
CA GLY E 42 -9.93 23.61 2.65
C GLY E 42 -10.86 24.33 3.61
N GLU E 43 -10.36 25.34 4.35
CA GLU E 43 -11.20 26.10 5.26
C GLU E 43 -12.17 26.98 4.50
N LEU E 44 -13.32 27.26 5.08
CA LEU E 44 -14.26 28.19 4.49
C LEU E 44 -14.00 29.57 5.05
N VAL E 45 -14.04 30.58 4.18
CA VAL E 45 -13.79 31.97 4.54
C VAL E 45 -14.81 32.88 3.86
N ALA E 46 -14.99 34.10 4.40
CA ALA E 46 -15.86 35.14 3.85
C ALA E 46 -14.92 36.30 3.46
N LEU E 47 -14.93 36.72 2.18
CA LEU E 47 -14.05 37.77 1.63
C LEU E 47 -14.80 39.09 1.42
N LYS E 48 -14.37 40.22 2.06
CA LYS E 48 -14.98 41.52 1.80
C LYS E 48 -14.09 42.17 0.75
N LYS E 49 -14.62 42.44 -0.44
CA LYS E 49 -13.87 43.05 -1.55
C LYS E 49 -13.75 44.57 -1.29
N VAL E 50 -12.52 45.11 -1.32
CA VAL E 50 -12.25 46.54 -1.11
C VAL E 50 -11.75 47.09 -2.45
N ARG E 51 -12.62 47.75 -3.24
CA ARG E 51 -12.27 48.27 -4.55
C ARG E 51 -11.73 49.67 -4.40
N LEU E 52 -10.46 49.90 -4.76
CA LEU E 52 -9.85 51.21 -4.62
C LEU E 52 -9.64 51.93 -5.97
N ASP E 53 -9.72 51.20 -7.12
CA ASP E 53 -9.56 51.78 -8.46
C ASP E 53 -10.66 52.79 -8.86
N ASN E 54 -11.96 52.43 -8.63
CA ASN E 54 -13.13 53.31 -8.89
C ASN E 54 -13.28 54.47 -7.85
N GLU E 55 -12.51 54.40 -6.75
CA GLU E 55 -12.55 55.33 -5.64
C GLU E 55 -11.58 56.54 -5.77
N LYS E 56 -12.03 57.69 -5.23
CA LYS E 56 -11.27 58.93 -5.07
C LYS E 56 -10.80 58.95 -3.63
N GLU E 57 -9.59 59.46 -3.42
CA GLU E 57 -8.93 59.41 -2.09
C GLU E 57 -8.63 57.92 -1.71
N GLY E 58 -8.23 57.15 -2.73
CA GLY E 58 -7.77 55.79 -2.70
C GLY E 58 -8.48 54.82 -1.79
N PHE E 59 -7.71 54.16 -0.93
CA PHE E 59 -8.22 53.14 -0.01
C PHE E 59 -9.27 53.77 0.90
N PRO E 60 -10.45 53.15 1.06
CA PRO E 60 -11.51 53.79 1.84
C PRO E 60 -11.25 53.83 3.34
N ILE E 61 -11.62 54.93 4.01
CA ILE E 61 -11.41 55.04 5.46
C ILE E 61 -12.17 53.97 6.23
N THR E 62 -13.32 53.53 5.71
CA THR E 62 -14.11 52.46 6.31
C THR E 62 -13.32 51.13 6.37
N ALA E 63 -12.57 50.80 5.31
CA ALA E 63 -11.76 49.58 5.33
C ALA E 63 -10.60 49.76 6.30
N ILE E 64 -9.96 50.94 6.30
CA ILE E 64 -8.85 51.26 7.21
C ILE E 64 -9.33 51.07 8.67
N ARG E 65 -10.49 51.65 9.04
CA ARG E 65 -11.02 51.48 10.40
C ARG E 65 -11.19 50.01 10.76
N GLU E 66 -11.79 49.21 9.87
CA GLU E 66 -12.02 47.80 10.13
C GLU E 66 -10.71 47.01 10.25
N ILE E 67 -9.69 47.39 9.47
CA ILE E 67 -8.38 46.73 9.56
C ILE E 67 -7.67 47.08 10.87
N LYS E 68 -7.60 48.40 11.17
CA LYS E 68 -6.93 48.95 12.35
C LYS E 68 -7.53 48.43 13.64
N ILE E 69 -8.87 48.39 13.71
CA ILE E 69 -9.58 47.97 14.91
C ILE E 69 -9.55 46.45 15.07
N LEU E 70 -9.82 45.68 13.99
CA LEU E 70 -9.86 44.22 14.12
C LEU E 70 -8.51 43.53 14.32
N ARG E 71 -7.39 44.09 13.83
CA ARG E 71 -6.08 43.49 14.11
C ARG E 71 -5.71 43.72 15.63
N GLN E 72 -6.31 44.76 16.28
CA GLN E 72 -6.13 45.10 17.71
C GLN E 72 -7.06 44.32 18.64
N LEU E 73 -8.27 43.93 18.15
CA LEU E 73 -9.26 43.20 18.95
C LEU E 73 -9.27 41.69 18.66
N ILE E 74 -9.00 40.89 19.72
CA ILE E 74 -8.96 39.44 19.67
C ILE E 74 -9.88 38.90 20.77
N HIS E 75 -11.08 38.42 20.38
CA HIS E 75 -12.05 37.88 21.33
C HIS E 75 -12.94 36.83 20.68
N ARG E 76 -13.35 35.81 21.47
CA ARG E 76 -14.20 34.70 21.03
C ARG E 76 -15.54 35.16 20.41
N SER E 77 -16.04 36.33 20.86
CA SER E 77 -17.31 36.89 20.41
C SER E 77 -17.12 38.13 19.54
N VAL E 78 -15.96 38.26 18.86
CA VAL E 78 -15.68 39.33 17.90
C VAL E 78 -15.07 38.67 16.69
N VAL E 79 -15.50 39.10 15.49
CA VAL E 79 -15.09 38.49 14.23
C VAL E 79 -13.57 38.46 14.06
N ASN E 80 -13.08 37.41 13.38
CA ASN E 80 -11.64 37.30 13.16
C ASN E 80 -11.26 37.61 11.71
N MET E 81 -10.33 38.57 11.52
CA MET E 81 -9.81 38.87 10.20
C MET E 81 -8.54 38.07 10.08
N LYS E 82 -8.56 37.05 9.23
CA LYS E 82 -7.46 36.11 9.09
C LYS E 82 -6.26 36.68 8.34
N GLU E 83 -6.50 37.36 7.20
CA GLU E 83 -5.44 37.97 6.39
C GLU E 83 -6.03 38.89 5.30
N ILE E 84 -5.19 39.51 4.47
CA ILE E 84 -5.61 40.33 3.35
C ILE E 84 -4.89 39.79 2.12
N VAL E 85 -5.63 39.63 0.99
CA VAL E 85 -5.12 39.11 -0.27
C VAL E 85 -5.46 40.06 -1.43
N THR E 86 -4.68 39.99 -2.51
CA THR E 86 -4.81 40.93 -3.62
C THR E 86 -5.12 40.27 -4.95
N ASP E 87 -5.68 41.04 -5.90
CA ASP E 87 -5.94 40.59 -7.26
C ASP E 87 -4.62 40.33 -7.97
N LYS E 88 -4.63 39.47 -9.00
CA LYS E 88 -3.43 39.18 -9.78
C LYS E 88 -2.81 40.48 -10.37
N GLN E 89 -1.54 40.77 -10.08
CA GLN E 89 -0.85 41.99 -10.54
C GLN E 89 0.21 41.69 -11.60
N ASP E 90 0.65 42.73 -12.32
CA ASP E 90 1.73 42.58 -13.31
C ASP E 90 3.13 42.66 -12.59
N ALA E 91 4.23 42.29 -13.31
CA ALA E 91 5.58 42.25 -12.72
C ALA E 91 6.20 43.66 -12.51
N LEU E 92 6.36 44.44 -13.59
CA LEU E 92 6.91 45.79 -13.52
C LEU E 92 5.81 46.81 -13.78
N ASP E 93 6.07 48.06 -13.38
CA ASP E 93 5.14 49.18 -13.48
C ASP E 93 3.85 48.90 -12.67
N PHE E 94 4.07 48.87 -11.37
CA PHE E 94 3.04 48.87 -10.33
C PHE E 94 2.04 50.03 -10.52
N LYS E 95 2.45 51.09 -11.27
CA LYS E 95 1.68 52.28 -11.47
C LYS E 95 0.43 51.97 -12.25
N LYS E 96 0.63 51.35 -13.42
CA LYS E 96 -0.44 50.90 -14.27
C LYS E 96 -0.97 49.63 -13.63
N ASP E 97 -1.80 49.81 -12.60
CA ASP E 97 -2.40 48.73 -11.83
C ASP E 97 -3.68 49.27 -11.20
N LYS E 98 -4.78 48.52 -11.32
CA LYS E 98 -6.06 48.93 -10.80
C LYS E 98 -6.72 47.71 -10.12
N GLY E 99 -5.97 47.05 -9.23
CA GLY E 99 -6.48 45.90 -8.53
C GLY E 99 -7.40 46.24 -7.39
N ALA E 100 -7.71 45.23 -6.58
CA ALA E 100 -8.58 45.39 -5.42
C ALA E 100 -8.14 44.40 -4.37
N PHE E 101 -8.16 44.81 -3.10
CA PHE E 101 -7.80 43.94 -2.00
C PHE E 101 -9.03 43.24 -1.43
N TYR E 102 -8.84 42.12 -0.74
CA TYR E 102 -9.93 41.35 -0.14
C TYR E 102 -9.58 41.08 1.30
N LEU E 103 -10.50 41.37 2.23
CA LEU E 103 -10.26 41.12 3.64
C LEU E 103 -10.78 39.71 3.94
N VAL E 104 -9.88 38.74 4.23
CA VAL E 104 -10.25 37.35 4.48
C VAL E 104 -10.69 37.22 5.91
N PHE E 105 -11.85 36.62 6.15
CA PHE E 105 -12.48 36.45 7.45
C PHE E 105 -12.86 35.00 7.73
N GLU E 106 -13.19 34.71 8.98
CA GLU E 106 -13.72 33.41 9.36
C GLU E 106 -15.13 33.33 8.76
N TYR E 107 -15.54 32.20 8.14
CA TYR E 107 -16.91 32.10 7.61
C TYR E 107 -17.89 31.73 8.72
N MET E 108 -19.03 32.43 8.80
CA MET E 108 -20.09 32.18 9.77
C MET E 108 -21.30 31.62 9.06
N ASP E 109 -22.07 30.74 9.70
CA ASP E 109 -23.17 30.09 9.02
C ASP E 109 -24.38 31.00 8.83
N HIS E 110 -24.69 31.89 9.78
CA HIS E 110 -25.85 32.77 9.64
C HIS E 110 -25.71 34.12 10.25
N ASP E 111 -26.59 35.05 9.85
CA ASP E 111 -26.73 36.35 10.49
C ASP E 111 -28.06 36.24 11.26
N LEU E 112 -28.14 36.72 12.52
CA LEU E 112 -29.38 36.67 13.33
C LEU E 112 -30.58 37.23 12.54
N MET E 113 -30.34 38.20 11.64
CA MET E 113 -31.38 38.79 10.82
C MET E 113 -32.07 37.75 9.94
N GLY E 114 -31.30 36.98 9.17
CA GLY E 114 -31.81 35.92 8.29
C GLY E 114 -32.61 34.86 9.02
N LEU E 115 -32.20 34.51 10.24
CA LEU E 115 -32.89 33.50 11.02
C LEU E 115 -34.25 33.99 11.48
N LEU E 116 -34.29 35.22 11.99
CA LEU E 116 -35.53 35.79 12.48
C LEU E 116 -36.47 36.11 11.32
N GLU E 117 -35.92 36.67 10.21
CA GLU E 117 -36.71 37.04 9.02
C GLU E 117 -37.40 35.86 8.34
N SER E 118 -36.67 34.76 8.16
CA SER E 118 -37.27 33.55 7.61
C SER E 118 -38.11 32.77 8.66
N GLY E 119 -38.28 33.31 9.89
CA GLY E 119 -39.07 32.71 10.97
C GLY E 119 -38.83 31.23 11.16
N LEU E 120 -37.59 30.80 10.86
CA LEU E 120 -37.14 29.40 10.91
C LEU E 120 -36.51 29.01 12.27
N VAL E 121 -36.33 29.96 13.21
CA VAL E 121 -35.73 29.65 14.51
C VAL E 121 -36.68 29.96 15.66
N HIS E 122 -36.46 29.29 16.79
CA HIS E 122 -37.17 29.55 18.03
C HIS E 122 -36.09 29.59 19.13
N PHE E 123 -36.16 30.61 20.01
CA PHE E 123 -35.21 30.75 21.09
C PHE E 123 -35.90 30.60 22.42
N SER E 124 -35.45 29.61 23.22
CA SER E 124 -35.93 29.40 24.58
C SER E 124 -35.18 30.36 25.52
N GLU E 125 -35.49 30.35 26.83
CA GLU E 125 -34.79 31.24 27.77
C GLU E 125 -33.30 30.92 27.79
N ASP E 126 -32.95 29.64 27.76
CA ASP E 126 -31.55 29.22 27.80
C ASP E 126 -30.80 29.58 26.53
N HIS E 127 -31.49 29.65 25.38
CA HIS E 127 -30.85 30.06 24.12
C HIS E 127 -30.54 31.55 24.21
N ILE E 128 -31.51 32.35 24.71
CA ILE E 128 -31.33 33.80 24.81
C ILE E 128 -30.21 34.11 25.79
N LYS E 129 -30.15 33.40 26.91
CA LYS E 129 -29.09 33.54 27.91
C LYS E 129 -27.70 33.32 27.27
N SER E 130 -27.55 32.23 26.50
CA SER E 130 -26.29 31.87 25.84
C SER E 130 -25.89 32.90 24.81
N PHE E 131 -26.85 33.39 24.04
CA PHE E 131 -26.59 34.37 23.01
C PHE E 131 -26.16 35.69 23.61
N MET E 132 -26.93 36.20 24.56
CA MET E 132 -26.66 37.50 25.16
C MET E 132 -25.38 37.53 25.99
N LYS E 133 -25.02 36.42 26.68
CA LYS E 133 -23.75 36.39 27.42
C LYS E 133 -22.58 36.54 26.44
N GLN E 134 -22.68 35.97 25.23
CA GLN E 134 -21.62 36.10 24.24
C GLN E 134 -21.64 37.50 23.66
N LEU E 135 -22.80 38.02 23.25
CA LEU E 135 -22.88 39.36 22.68
C LEU E 135 -22.35 40.42 23.65
N MET E 136 -22.74 40.34 24.92
CA MET E 136 -22.28 41.28 25.92
C MET E 136 -20.82 41.10 26.27
N GLU E 137 -20.31 39.85 26.31
CA GLU E 137 -18.88 39.62 26.60
C GLU E 137 -18.03 40.23 25.49
N GLY E 138 -18.47 40.05 24.24
CA GLY E 138 -17.78 40.58 23.09
C GLY E 138 -17.82 42.09 23.10
N LEU E 139 -19.00 42.66 23.40
CA LEU E 139 -19.15 44.10 23.44
C LEU E 139 -18.35 44.71 24.59
N GLU E 140 -18.38 44.09 25.76
CA GLU E 140 -17.60 44.57 26.89
C GLU E 140 -16.11 44.58 26.59
N TYR E 141 -15.60 43.66 25.77
CA TYR E 141 -14.19 43.66 25.38
C TYR E 141 -13.88 44.93 24.57
N CYS E 142 -14.74 45.27 23.61
CA CYS E 142 -14.55 46.46 22.79
C CYS E 142 -14.60 47.72 23.62
N HIS E 143 -15.62 47.86 24.45
CA HIS E 143 -15.77 49.04 25.28
C HIS E 143 -14.62 49.18 26.25
N LYS E 144 -14.06 48.07 26.77
CA LYS E 144 -12.90 48.15 27.67
C LYS E 144 -11.65 48.62 26.92
N LYS E 145 -11.57 48.33 25.60
CA LYS E 145 -10.50 48.82 24.72
C LYS E 145 -10.81 50.25 24.15
N ASN E 146 -11.89 50.91 24.63
CA ASN E 146 -12.34 52.23 24.24
C ASN E 146 -12.79 52.31 22.79
N PHE E 147 -13.59 51.34 22.33
CA PHE E 147 -14.12 51.34 20.96
C PHE E 147 -15.62 51.33 20.96
N LEU E 148 -16.22 52.23 20.20
CA LEU E 148 -17.66 52.25 20.02
C LEU E 148 -17.93 51.43 18.73
N HIS E 149 -18.91 50.50 18.73
CA HIS E 149 -19.25 49.76 17.50
C HIS E 149 -20.04 50.70 16.57
N ARG E 150 -21.05 51.37 17.17
CA ARG E 150 -21.89 52.37 16.54
C ARG E 150 -22.83 51.85 15.45
N ASP E 151 -22.85 50.54 15.17
CA ASP E 151 -23.70 50.03 14.08
C ASP E 151 -24.31 48.69 14.42
N ILE E 152 -24.63 48.45 15.71
CA ILE E 152 -25.21 47.16 16.09
C ILE E 152 -26.61 47.01 15.45
N LYS E 153 -26.83 45.85 14.89
CA LYS E 153 -28.08 45.48 14.24
C LYS E 153 -28.11 43.95 14.03
N CYS E 154 -29.26 43.36 13.63
CA CYS E 154 -29.35 41.92 13.43
C CYS E 154 -28.45 41.41 12.32
N SER E 155 -28.42 42.13 11.19
CA SER E 155 -27.57 41.76 10.06
C SER E 155 -26.05 41.85 10.36
N ASN E 156 -25.67 42.31 11.59
CA ASN E 156 -24.30 42.47 12.07
C ASN E 156 -23.94 41.57 13.31
N ILE E 157 -24.83 40.61 13.71
CA ILE E 157 -24.56 39.64 14.80
C ILE E 157 -24.54 38.29 14.11
N LEU E 158 -23.35 37.78 13.83
CA LEU E 158 -23.20 36.50 13.15
C LEU E 158 -23.24 35.36 14.16
N LEU E 159 -23.84 34.28 13.74
CA LEU E 159 -24.08 33.14 14.56
C LEU E 159 -23.82 31.90 13.72
N ASN E 160 -22.87 31.04 14.10
CA ASN E 160 -22.66 29.81 13.34
C ASN E 160 -23.39 28.63 14.06
N ASN E 161 -23.51 27.48 13.39
CA ASN E 161 -24.27 26.33 13.90
C ASN E 161 -23.83 25.84 15.29
N SER E 162 -22.54 26.05 15.63
CA SER E 162 -22.00 25.73 16.96
C SER E 162 -22.74 26.44 18.11
N GLY E 163 -23.54 27.46 17.79
CA GLY E 163 -24.18 28.30 18.77
C GLY E 163 -23.27 29.45 19.17
N GLN E 164 -22.14 29.67 18.47
CA GLN E 164 -21.24 30.77 18.76
C GLN E 164 -21.74 32.04 18.14
N ILE E 165 -21.58 33.15 18.85
CA ILE E 165 -21.93 34.48 18.36
C ILE E 165 -20.67 35.28 18.20
N LYS E 166 -20.63 36.10 17.15
CA LYS E 166 -19.51 36.97 16.90
C LYS E 166 -20.04 38.29 16.37
N LEU E 167 -19.48 39.41 16.83
CA LEU E 167 -19.90 40.73 16.37
C LEU E 167 -19.12 41.05 15.11
N ALA E 168 -19.71 41.82 14.20
CA ALA E 168 -19.07 42.11 12.92
C ALA E 168 -19.42 43.52 12.36
N ASP E 169 -18.76 43.94 11.23
CA ASP E 169 -18.91 45.22 10.53
C ASP E 169 -18.48 46.42 11.41
N PHE E 170 -17.19 46.44 11.71
CA PHE E 170 -16.57 47.55 12.41
C PHE E 170 -16.18 48.67 11.40
N GLY E 171 -16.85 48.76 10.25
CA GLY E 171 -16.57 49.82 9.28
C GLY E 171 -16.89 51.18 9.84
N LEU E 172 -17.96 51.26 10.66
CA LEU E 172 -18.39 52.49 11.31
C LEU E 172 -17.79 52.65 12.71
N ALA E 173 -17.04 51.68 13.24
CA ALA E 173 -16.43 51.77 14.57
C ALA E 173 -15.39 52.89 14.68
N ARG E 174 -15.34 53.53 15.85
CA ARG E 174 -14.44 54.65 16.15
C ARG E 174 -13.90 54.51 17.57
N LEU E 175 -12.77 55.15 17.84
CA LEU E 175 -12.21 55.16 19.19
C LEU E 175 -13.02 56.16 20.04
N TYR E 176 -12.96 56.05 21.38
CA TYR E 176 -13.66 56.97 22.28
C TYR E 176 -12.72 57.45 23.38
N ASN E 177 -12.55 58.79 23.51
CA ASN E 177 -11.71 59.35 24.55
C ASN E 177 -12.59 59.97 25.64
N SER E 178 -12.69 59.24 26.78
CA SER E 178 -13.45 59.65 27.96
C SER E 178 -12.92 60.97 28.52
N GLU E 179 -11.58 61.09 28.72
CA GLU E 179 -10.98 62.34 29.21
C GLU E 179 -11.06 63.38 28.06
N GLU E 180 -11.63 64.57 28.32
CA GLU E 180 -11.87 65.58 27.28
C GLU E 180 -12.88 64.99 26.22
N SER E 181 -13.66 65.85 25.55
CA SER E 181 -14.71 65.41 24.61
C SER E 181 -14.31 65.66 23.16
N ARG E 182 -14.69 64.70 22.28
CA ARG E 182 -14.36 64.71 20.85
C ARG E 182 -15.66 64.83 20.00
N PRO E 183 -15.73 65.76 19.01
CA PRO E 183 -16.97 65.88 18.19
C PRO E 183 -17.11 64.76 17.13
N TYR E 184 -18.02 63.78 17.36
CA TYR E 184 -18.22 62.66 16.42
C TYR E 184 -19.33 62.95 15.40
N TPO E 185 -19.69 61.90 14.64
CA TPO E 185 -20.72 61.91 13.59
CB TPO E 185 -20.17 60.78 12.54
CG2 TPO E 185 -21.06 60.64 11.29
OG1 TPO E 185 -18.69 60.95 12.17
P TPO E 185 -17.75 59.95 11.36
O1P TPO E 185 -17.20 58.89 12.34
O2P TPO E 185 -16.58 60.74 10.69
O3P TPO E 185 -18.48 59.20 10.23
C TPO E 185 -22.09 61.52 14.20
O TPO E 185 -22.13 60.55 14.95
H TPO E 185 -20.44 61.26 14.89
HA TPO E 185 -20.79 62.91 13.17
HB TPO E 185 -20.27 59.84 13.08
HG21 TPO E 185 -20.66 59.90 10.61
HG22 TPO E 185 -21.06 61.59 10.76
HG23 TPO E 185 -22.09 60.38 11.46
N ASN E 186 -23.18 62.26 13.91
CA ASN E 186 -24.52 61.89 14.44
C ASN E 186 -25.19 60.85 13.49
N LYS E 187 -26.30 60.19 13.96
CA LYS E 187 -27.09 59.20 13.22
C LYS E 187 -26.25 57.96 12.82
N VAL E 188 -25.38 57.52 13.72
CA VAL E 188 -24.48 56.41 13.41
C VAL E 188 -25.22 55.03 13.45
N ILE E 189 -26.13 54.79 14.40
CA ILE E 189 -26.82 53.49 14.50
C ILE E 189 -28.04 53.43 13.59
N THR E 190 -28.42 52.22 13.08
CA THR E 190 -29.60 52.09 12.19
C THR E 190 -30.86 52.47 12.93
N LEU E 191 -31.79 53.16 12.23
CA LEU E 191 -32.96 53.77 12.85
C LEU E 191 -33.66 52.94 13.94
N TRP E 192 -34.04 51.71 13.64
CA TRP E 192 -34.75 50.88 14.60
C TRP E 192 -34.01 50.60 15.91
N TYR E 193 -32.68 50.50 15.85
CA TYR E 193 -31.85 50.23 17.02
C TYR E 193 -31.16 51.51 17.56
N ARG E 194 -31.56 52.71 17.11
CA ARG E 194 -30.89 53.94 17.53
C ARG E 194 -31.39 54.45 18.89
N PRO E 195 -30.47 54.85 19.81
CA PRO E 195 -30.89 55.36 21.12
C PRO E 195 -31.51 56.76 21.06
N PRO E 196 -32.24 57.17 22.12
CA PRO E 196 -32.88 58.49 22.10
C PRO E 196 -31.93 59.66 22.00
N GLU E 197 -30.77 59.61 22.69
CA GLU E 197 -29.81 60.72 22.66
C GLU E 197 -29.37 61.08 21.23
N LEU E 198 -29.16 60.08 20.35
CA LEU E 198 -28.75 60.36 18.97
C LEU E 198 -29.91 60.92 18.15
N LEU E 199 -31.15 60.45 18.42
CA LEU E 199 -32.32 61.00 17.73
C LEU E 199 -32.49 62.47 18.13
N LEU E 200 -32.20 62.83 19.39
CA LEU E 200 -32.31 64.20 19.85
C LEU E 200 -31.09 65.09 19.56
N GLY E 201 -30.15 64.61 18.74
CA GLY E 201 -29.01 65.39 18.26
C GLY E 201 -27.70 65.37 19.02
N GLU E 202 -27.44 64.33 19.84
CA GLU E 202 -26.17 64.25 20.55
C GLU E 202 -25.05 63.90 19.58
N GLU E 203 -23.93 64.64 19.62
CA GLU E 203 -22.76 64.39 18.79
C GLU E 203 -21.51 64.03 19.62
N ARG E 204 -21.54 64.24 20.95
CA ARG E 204 -20.45 63.90 21.87
C ARG E 204 -21.05 62.85 22.78
N TYR E 205 -21.26 61.65 22.21
CA TYR E 205 -21.93 60.51 22.86
C TYR E 205 -20.97 59.47 23.41
N THR E 206 -21.50 58.60 24.27
CA THR E 206 -20.77 57.56 24.96
C THR E 206 -21.02 56.18 24.41
N PRO E 207 -20.28 55.17 24.91
CA PRO E 207 -20.56 53.80 24.51
C PRO E 207 -21.91 53.26 24.93
N ALA E 208 -22.64 53.96 25.79
CA ALA E 208 -23.99 53.56 26.19
C ALA E 208 -24.93 53.43 24.97
N ILE E 209 -24.55 53.99 23.79
CA ILE E 209 -25.34 53.89 22.56
C ILE E 209 -25.44 52.43 22.09
N ASP E 210 -24.32 51.68 22.18
CA ASP E 210 -24.31 50.27 21.79
C ASP E 210 -25.17 49.44 22.74
N VAL E 211 -25.22 49.80 24.02
CA VAL E 211 -26.06 49.09 24.98
C VAL E 211 -27.55 49.22 24.60
N TRP E 212 -27.97 50.39 24.07
CA TRP E 212 -29.36 50.57 23.64
C TRP E 212 -29.68 49.61 22.51
N SER E 213 -28.78 49.48 21.51
CA SER E 213 -28.95 48.57 20.38
C SER E 213 -29.13 47.15 20.87
N CYS E 214 -28.33 46.74 21.87
CA CYS E 214 -28.41 45.40 22.44
C CYS E 214 -29.67 45.18 23.26
N GLY E 215 -30.22 46.24 23.85
CA GLY E 215 -31.49 46.15 24.55
C GLY E 215 -32.60 45.89 23.54
N CYS E 216 -32.55 46.61 22.40
CA CYS E 216 -33.49 46.42 21.30
C CYS E 216 -33.44 44.97 20.78
N ILE E 217 -32.23 44.39 20.73
CA ILE E 217 -32.01 43.00 20.32
C ILE E 217 -32.59 42.06 21.37
N LEU E 218 -32.36 42.32 22.67
CA LEU E 218 -32.85 41.44 23.73
C LEU E 218 -34.37 41.28 23.69
N GLY E 219 -35.11 42.38 23.68
CA GLY E 219 -36.57 42.34 23.62
C GLY E 219 -37.07 41.62 22.38
N GLU E 220 -36.37 41.87 21.28
CA GLU E 220 -36.65 41.25 19.97
C GLU E 220 -36.50 39.73 19.98
N LEU E 221 -35.56 39.16 20.76
CA LEU E 221 -35.40 37.70 20.82
C LEU E 221 -36.58 37.05 21.56
N PHE E 222 -37.28 37.80 22.43
CA PHE E 222 -38.46 37.33 23.15
C PHE E 222 -39.77 37.56 22.36
N THR E 223 -39.78 38.44 21.34
CA THR E 223 -40.98 38.73 20.56
C THR E 223 -40.92 38.26 19.09
N LYS E 224 -39.71 37.93 18.57
CA LYS E 224 -39.53 37.57 17.17
C LYS E 224 -39.89 38.74 16.23
N LYS E 225 -39.67 39.98 16.69
CA LYS E 225 -40.03 41.17 15.93
C LYS E 225 -39.29 42.38 16.50
N PRO E 226 -38.67 43.27 15.67
CA PRO E 226 -38.03 44.45 16.26
C PRO E 226 -39.02 45.28 17.09
N ILE E 227 -38.63 45.64 18.31
CA ILE E 227 -39.56 46.32 19.23
C ILE E 227 -39.98 47.70 18.69
N PHE E 228 -39.03 48.50 18.17
CA PHE E 228 -39.31 49.82 17.61
C PHE E 228 -39.12 49.85 16.09
N GLN E 229 -40.20 49.92 15.31
CA GLN E 229 -40.10 49.98 13.86
C GLN E 229 -40.79 51.20 13.29
N ALA E 230 -40.02 52.21 12.87
CA ALA E 230 -40.59 53.42 12.28
C ALA E 230 -39.78 53.85 11.06
N ASN E 231 -40.41 54.64 10.18
CA ASN E 231 -39.76 55.14 8.97
C ASN E 231 -38.90 56.40 9.20
N LEU E 232 -39.24 57.26 10.19
CA LEU E 232 -38.52 58.52 10.44
C LEU E 232 -38.15 58.72 11.91
N GLU E 233 -37.20 59.64 12.16
CA GLU E 233 -36.68 59.96 13.49
C GLU E 233 -37.78 60.38 14.45
N LEU E 234 -38.69 61.27 14.04
CA LEU E 234 -39.76 61.73 14.91
C LEU E 234 -40.72 60.60 15.26
N ALA E 235 -41.08 59.76 14.27
CA ALA E 235 -41.97 58.61 14.48
C ALA E 235 -41.31 57.55 15.37
N GLN E 236 -39.99 57.41 15.25
CA GLN E 236 -39.18 56.47 16.05
C GLN E 236 -39.14 56.94 17.50
N LEU E 237 -38.91 58.25 17.71
CA LEU E 237 -38.88 58.82 19.04
C LEU E 237 -40.26 58.70 19.72
N GLU E 238 -41.35 58.71 18.95
CA GLU E 238 -42.71 58.53 19.47
C GLU E 238 -42.89 57.10 19.98
N LEU E 239 -42.38 56.09 19.23
CA LEU E 239 -42.49 54.68 19.66
C LEU E 239 -41.71 54.45 20.93
N ILE E 240 -40.46 54.95 20.99
CA ILE E 240 -39.59 54.82 22.14
C ILE E 240 -40.25 55.51 23.34
N SER E 241 -40.86 56.70 23.14
CA SER E 241 -41.56 57.40 24.22
C SER E 241 -42.80 56.67 24.72
N ARG E 242 -43.56 56.02 23.83
CA ARG E 242 -44.74 55.27 24.26
C ARG E 242 -44.39 54.15 25.24
N LEU E 243 -43.22 53.52 25.07
CA LEU E 243 -42.82 52.44 25.96
C LEU E 243 -41.97 52.94 27.13
N CYS E 244 -40.83 53.58 26.84
CA CYS E 244 -39.88 54.02 27.85
C CYS E 244 -40.28 55.25 28.65
N GLY E 245 -41.22 56.03 28.15
CA GLY E 245 -41.60 57.30 28.75
C GLY E 245 -41.01 58.43 27.92
N SER E 246 -41.67 59.59 27.89
CA SER E 246 -41.19 60.73 27.11
C SER E 246 -39.89 61.26 27.71
N PRO E 247 -38.83 61.53 26.91
CA PRO E 247 -37.61 62.11 27.51
C PRO E 247 -37.91 63.47 28.14
N CYS E 248 -37.65 63.60 29.44
CA CYS E 248 -37.93 64.84 30.16
C CYS E 248 -36.93 65.02 31.32
N PRO E 249 -36.63 66.25 31.77
CA PRO E 249 -35.63 66.43 32.84
C PRO E 249 -35.89 65.65 34.14
N ALA E 250 -37.14 65.27 34.43
CA ALA E 250 -37.46 64.49 35.62
C ALA E 250 -36.69 63.17 35.67
N VAL E 251 -36.52 62.52 34.51
CA VAL E 251 -35.83 61.25 34.37
C VAL E 251 -34.48 61.34 33.67
N TRP E 252 -34.21 62.47 32.99
CA TRP E 252 -33.00 62.69 32.19
C TRP E 252 -32.65 64.18 32.30
N PRO E 253 -32.00 64.62 33.39
CA PRO E 253 -31.76 66.07 33.57
C PRO E 253 -31.04 66.79 32.44
N ASP E 254 -30.07 66.12 31.81
CA ASP E 254 -29.30 66.74 30.73
C ASP E 254 -29.99 66.67 29.36
N VAL E 255 -31.25 66.21 29.27
CA VAL E 255 -31.96 66.19 27.98
C VAL E 255 -32.20 67.62 27.47
N ILE E 256 -32.33 68.60 28.38
CA ILE E 256 -32.49 70.00 28.03
C ILE E 256 -31.26 70.58 27.29
N ARG E 257 -30.10 69.92 27.38
CA ARG E 257 -28.86 70.35 26.73
C ARG E 257 -28.79 69.91 25.26
N LEU E 258 -29.57 68.90 24.84
CA LEU E 258 -29.52 68.40 23.47
C LEU E 258 -30.16 69.36 22.47
N PRO E 259 -29.75 69.37 21.18
CA PRO E 259 -30.30 70.37 20.25
C PRO E 259 -31.77 70.22 19.86
N TYR E 260 -32.19 69.02 19.45
CA TYR E 260 -33.56 68.82 19.00
C TYR E 260 -34.50 68.45 20.14
N PHE E 261 -34.21 68.86 21.39
CA PHE E 261 -35.09 68.54 22.51
C PHE E 261 -36.44 69.26 22.35
N ASN E 262 -36.42 70.58 22.12
CA ASN E 262 -37.66 71.34 21.92
C ASN E 262 -38.29 71.10 20.56
N THR E 263 -37.47 70.78 19.53
CA THR E 263 -37.96 70.52 18.17
C THR E 263 -38.72 69.19 18.11
N MET E 264 -38.07 68.10 18.59
CA MET E 264 -38.66 66.77 18.59
C MET E 264 -39.36 66.46 19.92
N LYS E 265 -40.62 66.84 20.02
CA LYS E 265 -41.41 66.60 21.22
C LYS E 265 -42.41 65.46 20.91
N PRO E 266 -42.54 64.39 21.75
CA PRO E 266 -43.55 63.36 21.43
C PRO E 266 -44.99 63.89 21.52
N LYS E 267 -45.96 63.11 21.01
CA LYS E 267 -47.37 63.51 21.00
C LYS E 267 -47.93 63.83 22.42
N LYS E 268 -47.48 63.10 23.45
CA LYS E 268 -47.90 63.29 24.85
C LYS E 268 -46.69 63.06 25.80
N GLN E 269 -46.84 63.40 27.11
CA GLN E 269 -45.79 63.10 28.10
C GLN E 269 -46.13 61.70 28.62
N TYR E 270 -45.63 60.66 27.94
CA TYR E 270 -45.91 59.28 28.28
C TYR E 270 -45.17 58.85 29.52
N ARG E 271 -45.80 57.98 30.29
CA ARG E 271 -45.17 57.37 31.45
C ARG E 271 -44.51 56.07 30.97
N ARG E 272 -43.53 55.57 31.72
CA ARG E 272 -42.85 54.34 31.36
C ARG E 272 -43.81 53.17 31.55
N ARG E 273 -43.94 52.35 30.52
CA ARG E 273 -44.79 51.17 30.53
C ARG E 273 -43.98 49.93 30.06
N LEU E 274 -42.63 49.94 30.12
CA LEU E 274 -41.81 48.82 29.64
C LEU E 274 -42.07 47.54 30.41
N ARG E 275 -42.14 47.61 31.75
CA ARG E 275 -42.39 46.43 32.54
C ARG E 275 -43.82 45.91 32.32
N GLU E 276 -44.78 46.83 32.18
CA GLU E 276 -46.18 46.50 31.95
C GLU E 276 -46.34 45.75 30.61
N GLU E 277 -45.79 46.33 29.56
CA GLU E 277 -45.87 45.85 28.21
C GLU E 277 -45.13 44.53 27.98
N PHE E 278 -43.94 44.35 28.62
CA PHE E 278 -43.14 43.13 28.46
C PHE E 278 -43.33 42.21 29.67
N SER E 279 -44.54 42.17 30.27
CA SER E 279 -44.84 41.35 31.45
C SER E 279 -44.62 39.82 31.24
N PHE E 280 -44.79 39.34 30.01
CA PHE E 280 -44.59 37.94 29.62
C PHE E 280 -43.10 37.46 29.60
N ILE E 281 -42.15 38.31 30.03
CA ILE E 281 -40.72 37.96 30.02
C ILE E 281 -40.29 37.58 31.43
N PRO E 282 -39.43 36.55 31.60
CA PRO E 282 -38.98 36.21 32.96
C PRO E 282 -38.30 37.37 33.67
N SER E 283 -38.68 37.59 34.93
CA SER E 283 -38.21 38.67 35.81
C SER E 283 -36.74 39.05 35.67
N ALA E 284 -35.85 38.06 35.54
CA ALA E 284 -34.41 38.29 35.43
C ALA E 284 -34.06 39.06 34.16
N ALA E 285 -34.66 38.64 33.03
CA ALA E 285 -34.46 39.26 31.72
C ALA E 285 -35.24 40.57 31.62
N LEU E 286 -36.43 40.65 32.23
CA LEU E 286 -37.22 41.87 32.20
C LEU E 286 -36.50 43.00 32.88
N ASP E 287 -35.80 42.71 33.99
CA ASP E 287 -35.03 43.71 34.70
C ASP E 287 -33.82 44.15 33.85
N LEU E 288 -33.17 43.20 33.15
CA LEU E 288 -32.03 43.52 32.27
C LEU E 288 -32.49 44.43 31.16
N LEU E 289 -33.64 44.10 30.53
CA LEU E 289 -34.21 44.91 29.46
C LEU E 289 -34.55 46.31 29.98
N ASP E 290 -35.20 46.41 31.16
CA ASP E 290 -35.57 47.67 31.78
C ASP E 290 -34.35 48.58 31.95
N HIS E 291 -33.21 48.00 32.35
CA HIS E 291 -31.99 48.78 32.56
C HIS E 291 -31.26 49.13 31.28
N MET E 292 -31.28 48.24 30.28
CA MET E 292 -30.62 48.53 29.02
C MET E 292 -31.39 49.58 28.21
N LEU E 293 -32.73 49.62 28.34
CA LEU E 293 -33.54 50.62 27.65
C LEU E 293 -33.94 51.75 28.59
N THR E 294 -32.92 52.29 29.24
CA THR E 294 -33.03 53.43 30.14
C THR E 294 -32.70 54.66 29.26
N LEU E 295 -33.56 55.69 29.26
CA LEU E 295 -33.41 56.87 28.40
C LEU E 295 -32.10 57.67 28.62
N ASP E 296 -31.86 58.20 29.84
CA ASP E 296 -30.66 58.99 30.16
C ASP E 296 -29.45 58.07 30.02
N PRO E 297 -28.54 58.27 29.04
CA PRO E 297 -27.41 57.34 28.89
C PRO E 297 -26.49 57.28 30.11
N SER E 298 -26.45 58.35 30.92
CA SER E 298 -25.66 58.35 32.15
C SER E 298 -26.28 57.41 33.20
N LYS E 299 -27.60 57.13 33.12
CA LYS E 299 -28.32 56.21 34.00
C LYS E 299 -28.44 54.78 33.40
N ARG E 300 -28.15 54.60 32.11
CA ARG E 300 -28.20 53.29 31.45
C ARG E 300 -27.00 52.47 31.82
N CYS E 301 -27.20 51.16 32.00
CA CYS E 301 -26.15 50.24 32.41
C CYS E 301 -25.03 50.09 31.39
N THR E 302 -23.88 49.63 31.88
CA THR E 302 -22.68 49.40 31.07
C THR E 302 -22.71 47.97 30.53
N ALA E 303 -21.81 47.64 29.58
CA ALA E 303 -21.71 46.28 29.09
C ALA E 303 -21.26 45.36 30.21
N GLU E 304 -20.31 45.79 31.05
CA GLU E 304 -19.84 44.99 32.17
C GLU E 304 -20.95 44.72 33.17
N GLN E 305 -21.82 45.70 33.43
CA GLN E 305 -22.93 45.52 34.35
C GLN E 305 -23.93 44.48 33.85
N THR E 306 -24.21 44.46 32.54
CA THR E 306 -25.12 43.46 31.97
C THR E 306 -24.61 42.03 32.20
N LEU E 307 -23.29 41.84 32.16
CA LEU E 307 -22.69 40.54 32.42
C LEU E 307 -22.76 40.15 33.91
N GLN E 308 -22.90 41.12 34.83
CA GLN E 308 -23.05 40.86 36.26
C GLN E 308 -24.50 41.16 36.61
N SER E 309 -25.41 40.50 35.92
CA SER E 309 -26.85 40.61 36.10
C SER E 309 -27.40 39.27 36.44
N ASP E 310 -28.52 39.19 37.17
CA ASP E 310 -29.09 37.88 37.53
C ASP E 310 -29.36 37.01 36.31
N PHE E 311 -29.74 37.65 35.19
CA PHE E 311 -30.01 36.91 33.98
C PHE E 311 -28.76 36.22 33.40
N LEU E 312 -27.67 36.95 33.20
CA LEU E 312 -26.48 36.39 32.56
C LEU E 312 -25.30 35.93 33.43
N LYS E 313 -25.07 36.53 34.60
CA LYS E 313 -23.90 36.22 35.42
C LYS E 313 -23.64 34.73 35.64
N ASP E 314 -24.69 33.99 35.99
CA ASP E 314 -24.55 32.56 36.32
C ASP E 314 -24.55 31.66 35.09
N VAL E 315 -24.75 32.22 33.88
CA VAL E 315 -24.80 31.44 32.64
C VAL E 315 -23.47 30.76 32.38
N GLU E 316 -23.47 29.43 32.42
CA GLU E 316 -22.27 28.66 32.19
C GLU E 316 -22.12 28.58 30.68
N LEU E 317 -21.09 29.23 30.13
CA LEU E 317 -20.92 29.27 28.68
C LEU E 317 -20.40 27.94 28.11
N SER E 318 -19.79 27.08 28.95
CA SER E 318 -19.31 25.77 28.54
C SER E 318 -20.44 24.90 27.98
N LYS E 319 -21.66 25.04 28.55
CA LYS E 319 -22.84 24.30 28.11
C LYS E 319 -23.18 24.74 26.66
N MET E 320 -23.10 26.08 26.40
CA MET E 320 -23.29 26.71 25.08
C MET E 320 -24.75 26.64 24.58
N ALA E 321 -25.33 25.41 24.41
CA ALA E 321 -26.72 25.20 23.96
C ALA E 321 -27.01 25.79 22.54
N PRO E 322 -26.75 25.00 21.46
CA PRO E 322 -26.97 25.54 20.08
C PRO E 322 -28.45 25.83 19.73
N PRO E 323 -28.83 27.06 19.30
CA PRO E 323 -30.25 27.33 19.03
C PRO E 323 -30.82 26.60 17.85
N ASP E 324 -31.61 25.57 18.16
CA ASP E 324 -32.26 24.71 17.17
C ASP E 324 -32.99 25.48 16.04
N LEU E 325 -32.55 25.21 14.80
CA LEU E 325 -33.11 25.75 13.59
C LEU E 325 -33.84 24.57 12.94
N PRO E 326 -35.17 24.42 13.13
CA PRO E 326 -35.85 23.26 12.53
C PRO E 326 -35.83 23.32 11.00
N HIS E 327 -35.49 22.20 10.34
CA HIS E 327 -35.42 22.20 8.89
C HIS E 327 -35.52 20.80 8.29
N TRP E 328 -35.73 20.77 6.97
CA TRP E 328 -35.94 19.56 6.17
C TRP E 328 -37.31 18.95 6.60
N GLN E 329 -37.37 18.06 7.62
CA GLN E 329 -38.65 17.46 8.03
C GLN E 329 -39.67 18.51 8.49
N ASP E 330 -39.22 19.76 8.77
CA ASP E 330 -40.11 20.81 9.18
C ASP E 330 -40.65 21.66 8.01
N CYS E 331 -41.99 21.79 8.00
CA CYS E 331 -42.84 22.59 7.11
C CYS E 331 -42.86 22.17 5.65
N HIS E 332 -41.96 21.28 5.19
CA HIS E 332 -42.01 20.86 3.79
C HIS E 332 -43.37 20.15 3.48
N GLU E 333 -43.99 19.47 4.50
CA GLU E 333 -45.31 18.83 4.43
C GLU E 333 -45.92 18.79 5.87
N LEU E 334 -46.22 19.97 6.50
CA LEU E 334 -46.73 20.03 7.87
C LEU E 334 -48.03 19.18 8.07
N TRP E 335 -49.16 19.58 7.46
CA TRP E 335 -50.49 18.95 7.52
C TRP E 335 -50.96 18.75 9.01
N SER E 336 -51.92 17.85 9.27
CA SER E 336 -52.49 17.63 10.61
C SER E 336 -51.47 17.08 11.66
N LYS E 337 -50.40 16.42 11.20
CA LYS E 337 -49.37 15.91 12.11
C LYS E 337 -48.61 17.07 12.78
N LYS E 338 -48.43 18.21 12.06
CA LYS E 338 -47.73 19.41 12.54
C LYS E 338 -48.66 20.63 12.76
N ARG E 339 -50.00 20.52 12.57
CA ARG E 339 -50.91 21.66 12.77
C ARG E 339 -51.14 21.90 14.28
N THR F 24 1.48 36.33 15.17
CA THR F 24 0.25 36.95 14.69
C THR F 24 0.60 38.24 13.90
N LYS F 25 1.20 39.23 14.59
CA LYS F 25 1.64 40.51 13.99
C LYS F 25 3.10 40.38 13.53
N PRO F 26 3.57 41.22 12.57
CA PRO F 26 4.98 41.13 12.16
C PRO F 26 5.91 41.86 13.09
N CYS F 27 7.19 41.54 12.96
CA CYS F 27 8.26 42.12 13.74
C CYS F 27 8.80 43.33 13.00
N TRP F 28 8.81 44.50 13.61
CA TRP F 28 9.29 45.71 12.97
C TRP F 28 10.56 46.27 13.57
N TYR F 29 11.44 45.39 14.08
CA TYR F 29 12.69 45.79 14.72
C TYR F 29 13.90 45.05 14.14
N TRP F 30 15.01 45.79 13.97
CA TRP F 30 16.28 45.32 13.38
C TRP F 30 17.48 45.72 14.28
N ASP F 31 18.63 45.09 14.10
CA ASP F 31 19.86 45.46 14.82
C ASP F 31 20.53 46.59 14.07
N LYS F 32 21.46 47.32 14.72
CA LYS F 32 22.23 48.37 14.01
C LYS F 32 23.00 47.73 12.83
N LYS F 33 23.51 46.50 13.05
CA LYS F 33 24.31 45.76 12.08
C LYS F 33 23.54 45.49 10.81
N ASP F 34 22.23 45.22 10.93
CA ASP F 34 21.36 44.91 9.80
C ASP F 34 21.21 46.10 8.85
N LEU F 35 21.19 47.33 9.38
CA LEU F 35 21.05 48.55 8.55
C LEU F 35 22.14 48.75 7.53
N ALA F 36 23.29 48.06 7.68
CA ALA F 36 24.36 48.08 6.68
C ALA F 36 24.00 47.30 5.40
N HIS F 37 22.87 46.52 5.43
CA HIS F 37 22.38 45.71 4.33
C HIS F 37 20.94 46.07 3.91
N THR F 38 20.58 47.36 3.93
CA THR F 38 19.25 47.76 3.41
C THR F 38 19.32 47.65 1.88
N PRO F 39 18.17 47.67 1.14
CA PRO F 39 18.27 47.65 -0.33
C PRO F 39 19.02 48.88 -0.83
N SER F 40 18.78 50.06 -0.23
CA SER F 40 19.44 51.31 -0.60
C SER F 40 20.97 51.17 -0.46
N GLN F 41 21.45 50.55 0.62
CA GLN F 41 22.90 50.34 0.83
C GLN F 41 23.52 49.50 -0.26
N LEU F 42 22.91 48.34 -0.50
CA LEU F 42 23.39 47.35 -1.45
C LEU F 42 23.22 47.79 -2.89
N GLU F 43 22.45 48.88 -3.16
CA GLU F 43 22.34 49.42 -4.51
C GLU F 43 23.44 50.43 -4.84
N GLY F 44 24.48 50.53 -4.01
CA GLY F 44 25.57 51.47 -4.24
C GLY F 44 25.52 52.72 -3.41
N LEU F 45 24.43 52.94 -2.68
CA LEU F 45 24.31 54.12 -1.83
C LEU F 45 25.15 53.88 -0.57
N ASP F 46 25.90 54.90 -0.13
CA ASP F 46 26.76 54.74 1.05
C ASP F 46 25.98 55.01 2.36
N PRO F 47 26.52 54.63 3.54
CA PRO F 47 25.75 54.80 4.78
C PRO F 47 25.38 56.23 5.10
N ALA F 48 26.32 57.16 4.93
CA ALA F 48 26.06 58.57 5.23
C ALA F 48 24.91 59.12 4.40
N THR F 49 24.85 58.73 3.12
CA THR F 49 23.80 59.20 2.22
C THR F 49 22.44 58.63 2.56
N GLU F 50 22.34 57.32 2.91
CA GLU F 50 21.04 56.76 3.29
C GLU F 50 20.54 57.44 4.58
N ALA F 51 21.46 57.74 5.51
CA ALA F 51 21.12 58.45 6.74
C ALA F 51 20.62 59.85 6.45
N ARG F 52 21.21 60.52 5.44
CA ARG F 52 20.81 61.86 5.02
C ARG F 52 19.41 61.80 4.44
N TYR F 53 19.13 60.83 3.58
CA TYR F 53 17.80 60.69 2.99
C TYR F 53 16.73 60.39 4.04
N ARG F 54 17.08 59.64 5.10
CA ARG F 54 16.13 59.35 6.18
C ARG F 54 15.82 60.61 6.99
N ARG F 55 16.80 61.51 7.25
CA ARG F 55 16.53 62.76 7.96
C ARG F 55 15.71 63.65 7.07
N GLU F 56 16.11 63.78 5.78
CA GLU F 56 15.44 64.62 4.80
C GLU F 56 13.99 64.22 4.65
N GLY F 57 13.75 62.92 4.52
CA GLY F 57 12.40 62.40 4.38
C GLY F 57 11.55 62.61 5.62
N ALA F 58 12.12 62.33 6.80
CA ALA F 58 11.40 62.51 8.06
C ALA F 58 11.03 63.99 8.28
N ARG F 59 12.02 64.91 8.19
CA ARG F 59 11.78 66.34 8.35
C ARG F 59 10.82 66.87 7.31
N PHE F 60 10.77 66.27 6.11
CA PHE F 60 9.80 66.66 5.08
C PHE F 60 8.39 66.31 5.58
N ILE F 61 8.15 65.06 6.02
CA ILE F 61 6.86 64.61 6.54
C ILE F 61 6.45 65.49 7.73
N PHE F 62 7.41 65.78 8.61
CA PHE F 62 7.16 66.58 9.80
C PHE F 62 6.72 67.99 9.42
N ASP F 63 7.46 68.65 8.52
CA ASP F 63 7.15 70.02 8.13
C ASP F 63 5.91 70.15 7.25
N VAL F 64 5.59 69.13 6.43
CA VAL F 64 4.38 69.18 5.61
C VAL F 64 3.18 69.10 6.53
N GLY F 65 3.16 68.07 7.38
CA GLY F 65 2.09 67.85 8.31
C GLY F 65 1.95 68.91 9.37
N THR F 66 3.06 69.56 9.80
CA THR F 66 2.98 70.64 10.79
C THR F 66 2.25 71.81 10.14
N ARG F 67 2.56 72.14 8.87
CA ARG F 67 1.85 73.23 8.18
C ARG F 67 0.37 72.90 7.98
N LEU F 68 0.05 71.64 7.66
CA LEU F 68 -1.36 71.23 7.54
C LEU F 68 -2.10 71.22 8.89
N GLY F 69 -1.40 71.36 10.02
CA GLY F 69 -2.01 71.41 11.33
C GLY F 69 -2.46 70.04 11.77
N LEU F 70 -1.53 69.08 11.77
CA LEU F 70 -1.80 67.70 12.15
C LEU F 70 -1.27 67.38 13.55
N HIS F 71 -1.86 66.38 14.17
CA HIS F 71 -1.50 65.92 15.51
C HIS F 71 -0.12 65.26 15.52
N TYR F 72 0.64 65.42 16.63
CA TYR F 72 1.97 64.81 16.77
C TYR F 72 1.99 63.31 16.46
N ASP F 73 0.88 62.59 16.73
CA ASP F 73 0.81 61.16 16.47
C ASP F 73 0.69 60.90 14.98
N THR F 74 -0.07 61.74 14.26
CA THR F 74 -0.20 61.56 12.81
C THR F 74 1.13 61.78 12.10
N LEU F 75 1.93 62.73 12.59
CA LEU F 75 3.24 62.97 11.98
C LEU F 75 4.17 61.76 12.22
N ALA F 76 4.22 61.28 13.48
CA ALA F 76 5.07 60.14 13.85
C ALA F 76 4.66 58.89 13.11
N THR F 77 3.35 58.64 12.97
CA THR F 77 2.86 57.47 12.26
C THR F 77 3.37 57.45 10.81
N GLY F 78 3.31 58.62 10.16
CA GLY F 78 3.82 58.78 8.80
C GLY F 78 5.32 58.54 8.70
N ILE F 79 6.08 59.09 9.66
CA ILE F 79 7.52 58.91 9.69
C ILE F 79 7.87 57.43 9.90
N ILE F 80 7.12 56.71 10.75
CA ILE F 80 7.35 55.28 11.03
C ILE F 80 7.11 54.47 9.75
N TYR F 81 6.01 54.76 9.03
CA TYR F 81 5.72 54.10 7.77
C TYR F 81 6.83 54.37 6.77
N PHE F 82 7.33 55.60 6.72
CA PHE F 82 8.41 55.97 5.84
C PHE F 82 9.68 55.17 6.16
N HIS F 83 10.13 55.19 7.42
CA HIS F 83 11.32 54.45 7.83
C HIS F 83 11.21 52.97 7.53
N ARG F 84 10.03 52.37 7.83
CA ARG F 84 9.75 50.96 7.58
C ARG F 84 9.77 50.66 6.08
N PHE F 85 9.27 51.58 5.25
CA PHE F 85 9.24 51.39 3.80
C PHE F 85 10.65 51.25 3.24
N TYR F 86 11.58 52.16 3.59
CA TYR F 86 12.93 52.09 3.05
C TYR F 86 13.81 50.98 3.67
N MET F 87 13.18 50.08 4.46
CA MET F 87 13.74 48.83 4.90
C MET F 87 13.46 47.78 3.81
N PHE F 88 12.33 47.88 3.08
CA PHE F 88 11.97 46.97 2.01
C PHE F 88 12.29 47.50 0.63
N HIS F 89 12.61 48.79 0.48
CA HIS F 89 12.86 49.37 -0.84
C HIS F 89 14.08 50.28 -0.85
N SER F 90 14.56 50.61 -2.07
CA SER F 90 15.72 51.47 -2.25
C SER F 90 15.33 52.92 -2.53
N PHE F 91 16.09 53.85 -1.95
CA PHE F 91 15.89 55.27 -2.22
C PHE F 91 16.15 55.62 -3.69
N LYS F 92 17.02 54.83 -4.38
CA LYS F 92 17.31 55.04 -5.79
C LYS F 92 16.07 54.74 -6.65
N GLN F 93 15.26 53.74 -6.24
CA GLN F 93 14.07 53.33 -6.96
C GLN F 93 12.79 54.06 -6.57
N PHE F 94 12.68 54.60 -5.34
CA PHE F 94 11.49 55.32 -4.88
C PHE F 94 11.88 56.70 -4.38
N PRO F 95 11.52 57.78 -5.08
CA PRO F 95 11.90 59.13 -4.60
C PRO F 95 11.42 59.40 -3.18
N ARG F 96 12.38 59.74 -2.29
CA ARG F 96 12.09 59.93 -0.87
C ARG F 96 10.91 60.88 -0.59
N TYR F 97 10.81 62.03 -1.28
CA TYR F 97 9.73 62.97 -1.00
C TYR F 97 8.36 62.49 -1.49
N VAL F 98 8.31 61.73 -2.61
CA VAL F 98 7.02 61.19 -3.09
C VAL F 98 6.52 60.13 -2.10
N THR F 99 7.43 59.29 -1.59
CA THR F 99 7.10 58.29 -0.58
C THR F 99 6.67 58.94 0.73
N GLY F 100 7.35 60.01 1.11
CA GLY F 100 7.02 60.79 2.29
C GLY F 100 5.62 61.36 2.25
N ALA F 101 5.23 61.94 1.10
CA ALA F 101 3.89 62.50 0.91
C ALA F 101 2.83 61.39 1.06
N CYS F 102 3.12 60.21 0.50
CA CYS F 102 2.24 59.04 0.56
C CYS F 102 2.05 58.57 1.99
N CYS F 103 3.14 58.50 2.76
CA CYS F 103 3.08 58.07 4.16
C CYS F 103 2.19 58.98 4.98
N LEU F 104 2.35 60.29 4.81
CA LEU F 104 1.55 61.26 5.55
C LEU F 104 0.10 61.20 5.13
N PHE F 105 -0.16 60.96 3.83
CA PHE F 105 -1.52 60.82 3.34
C PHE F 105 -2.23 59.65 4.01
N LEU F 106 -1.59 58.47 4.05
CA LEU F 106 -2.15 57.28 4.66
C LEU F 106 -2.26 57.43 6.17
N ALA F 107 -1.22 57.99 6.82
CA ALA F 107 -1.18 58.22 8.27
C ALA F 107 -2.35 59.08 8.73
N GLY F 108 -2.76 60.06 7.91
CA GLY F 108 -3.91 60.90 8.20
C GLY F 108 -5.18 60.07 8.34
N LYS F 109 -5.42 59.18 7.37
CA LYS F 109 -6.59 58.29 7.39
C LYS F 109 -6.52 57.30 8.56
N VAL F 110 -5.32 56.80 8.87
CA VAL F 110 -5.14 55.84 9.94
C VAL F 110 -5.46 56.50 11.28
N GLU F 111 -4.85 57.65 11.56
CA GLU F 111 -5.06 58.35 12.83
C GLU F 111 -6.36 59.15 12.95
N GLU F 112 -7.27 59.03 11.96
CA GLU F 112 -8.54 59.76 11.96
C GLU F 112 -8.37 61.26 11.89
N THR F 113 -7.28 61.74 11.30
CA THR F 113 -7.04 63.16 11.04
C THR F 113 -6.81 63.29 9.53
N PRO F 114 -7.79 62.93 8.67
CA PRO F 114 -7.52 62.90 7.24
C PRO F 114 -7.37 64.25 6.59
N LYS F 115 -6.53 64.31 5.55
CA LYS F 115 -6.25 65.51 4.76
C LYS F 115 -6.33 65.13 3.28
N LYS F 116 -6.98 65.97 2.43
CA LYS F 116 -7.11 65.66 1.01
C LYS F 116 -5.74 65.62 0.36
N CYS F 117 -5.55 64.70 -0.60
CA CYS F 117 -4.24 64.57 -1.22
C CYS F 117 -3.78 65.85 -1.89
N LYS F 118 -4.72 66.57 -2.57
CA LYS F 118 -4.43 67.84 -3.23
C LYS F 118 -3.73 68.84 -2.30
N ASP F 119 -4.15 68.88 -1.03
CA ASP F 119 -3.60 69.79 -0.02
C ASP F 119 -2.19 69.40 0.40
N ILE F 120 -1.92 68.08 0.49
CA ILE F 120 -0.57 67.57 0.81
C ILE F 120 0.37 67.95 -0.32
N ILE F 121 -0.07 67.76 -1.58
CA ILE F 121 0.70 68.13 -2.76
C ILE F 121 0.99 69.64 -2.76
N LYS F 122 -0.06 70.46 -2.54
CA LYS F 122 0.05 71.92 -2.50
C LYS F 122 1.07 72.36 -1.48
N THR F 123 1.02 71.76 -0.29
CA THR F 123 1.94 72.07 0.80
C THR F 123 3.37 71.63 0.44
N ALA F 124 3.55 70.41 -0.11
CA ALA F 124 4.86 69.88 -0.48
C ALA F 124 5.53 70.72 -1.53
N ARG F 125 4.75 71.22 -2.52
CA ARG F 125 5.34 72.12 -3.52
C ARG F 125 5.81 73.44 -2.91
N SER F 126 5.14 73.88 -1.83
CA SER F 126 5.50 75.09 -1.12
C SER F 126 6.83 74.91 -0.39
N LEU F 127 7.05 73.75 0.25
CA LEU F 127 8.31 73.47 0.98
C LEU F 127 9.48 72.97 0.12
N LEU F 128 9.22 72.38 -1.04
CA LEU F 128 10.30 71.88 -1.90
C LEU F 128 10.67 72.83 -3.04
N ASN F 129 11.95 72.80 -3.47
CA ASN F 129 12.40 73.62 -4.60
C ASN F 129 11.94 72.98 -5.95
N ASP F 130 12.40 73.51 -7.09
CA ASP F 130 12.01 72.99 -8.40
C ASP F 130 12.64 71.61 -8.64
N VAL F 131 13.90 71.45 -8.27
CA VAL F 131 14.63 70.20 -8.47
C VAL F 131 14.01 69.10 -7.60
N GLN F 132 13.75 69.43 -6.33
CA GLN F 132 13.18 68.54 -5.35
C GLN F 132 11.79 68.09 -5.78
N PHE F 133 10.95 69.04 -6.21
CA PHE F 133 9.60 68.71 -6.64
C PHE F 133 9.54 67.94 -7.98
N GLY F 134 10.64 67.90 -8.73
CA GLY F 134 10.70 67.13 -9.97
C GLY F 134 10.37 65.67 -9.77
N GLN F 135 10.69 65.13 -8.58
CA GLN F 135 10.38 63.75 -8.19
C GLN F 135 8.91 63.41 -8.38
N PHE F 136 8.02 64.39 -8.14
CA PHE F 136 6.59 64.21 -8.26
C PHE F 136 6.06 64.08 -9.69
N GLY F 137 6.93 64.13 -10.70
CA GLY F 137 6.53 63.96 -12.08
C GLY F 137 5.56 65.00 -12.58
N ASP F 138 4.83 64.67 -13.65
CA ASP F 138 3.87 65.59 -14.28
C ASP F 138 2.58 65.66 -13.48
N ASP F 139 2.10 64.51 -12.97
CA ASP F 139 0.87 64.44 -12.15
C ASP F 139 1.30 64.15 -10.70
N PRO F 140 1.45 65.18 -9.84
CA PRO F 140 1.89 64.91 -8.47
C PRO F 140 0.92 64.06 -7.66
N LYS F 141 -0.40 64.32 -7.76
CA LYS F 141 -1.40 63.56 -7.00
C LYS F 141 -1.36 62.11 -7.40
N GLU F 142 -1.34 61.82 -8.70
CA GLU F 142 -1.33 60.46 -9.18
C GLU F 142 -0.10 59.72 -8.72
N GLU F 143 1.06 60.38 -8.74
CA GLU F 143 2.31 59.73 -8.33
C GLU F 143 2.22 59.19 -6.91
N VAL F 144 1.61 59.99 -6.01
CA VAL F 144 1.41 59.65 -4.61
C VAL F 144 0.29 58.60 -4.42
N MET F 145 -0.88 58.80 -5.03
CA MET F 145 -2.01 57.87 -4.88
C MET F 145 -1.69 56.47 -5.31
N VAL F 146 -1.00 56.38 -6.42
CA VAL F 146 -0.60 55.11 -7.02
C VAL F 146 0.29 54.32 -6.07
N LEU F 147 1.22 55.01 -5.40
CA LEU F 147 2.17 54.38 -4.48
C LEU F 147 1.50 53.84 -3.20
N GLU F 148 0.27 54.28 -2.88
CA GLU F 148 -0.44 53.80 -1.69
C GLU F 148 -0.59 52.28 -1.67
N ARG F 149 -0.87 51.65 -2.82
CA ARG F 149 -0.99 50.20 -2.92
C ARG F 149 0.29 49.51 -2.42
N ILE F 150 1.46 49.98 -2.87
CA ILE F 150 2.73 49.41 -2.44
C ILE F 150 2.99 49.71 -0.98
N LEU F 151 2.70 50.94 -0.52
CA LEU F 151 2.95 51.30 0.88
C LEU F 151 2.16 50.35 1.81
N LEU F 152 0.85 50.12 1.54
CA LEU F 152 0.03 49.22 2.33
C LEU F 152 0.59 47.80 2.31
N GLN F 153 1.03 47.33 1.16
CA GLN F 153 1.60 46.00 1.02
C GLN F 153 2.93 45.88 1.76
N THR F 154 3.78 46.93 1.66
CA THR F 154 5.09 46.95 2.29
C THR F 154 4.94 47.00 3.79
N ILE F 155 4.04 47.82 4.33
CA ILE F 155 3.81 47.87 5.78
C ILE F 155 2.94 46.69 6.27
N LYS F 156 2.68 45.67 5.39
CA LYS F 156 1.97 44.45 5.68
C LYS F 156 0.62 44.69 6.36
N PHE F 157 -0.04 45.79 6.01
CA PHE F 157 -1.32 46.18 6.60
C PHE F 157 -1.31 46.30 8.13
N ASP F 158 -0.11 46.38 8.76
CA ASP F 158 -0.02 46.59 10.22
C ASP F 158 0.00 48.11 10.35
N LEU F 159 -1.22 48.68 10.41
CA LEU F 159 -1.48 50.12 10.45
C LEU F 159 -1.40 50.69 11.86
N GLN F 160 -1.71 49.88 12.88
CA GLN F 160 -1.67 50.35 14.27
C GLN F 160 -0.22 50.58 14.68
N VAL F 161 0.09 51.82 15.07
CA VAL F 161 1.43 52.20 15.48
C VAL F 161 1.36 52.96 16.82
N GLU F 162 2.24 52.56 17.78
CA GLU F 162 2.39 53.22 19.10
C GLU F 162 3.65 54.10 19.06
N HIS F 163 3.59 55.28 19.70
CA HIS F 163 4.72 56.22 19.67
C HIS F 163 5.29 56.49 21.06
N PRO F 164 6.59 56.87 21.18
CA PRO F 164 7.14 57.13 22.53
C PRO F 164 6.38 58.16 23.36
N TYR F 165 5.75 59.16 22.71
CA TYR F 165 4.99 60.23 23.35
C TYR F 165 4.02 59.72 24.42
N GLN F 166 3.11 58.81 24.05
CA GLN F 166 2.14 58.28 25.00
C GLN F 166 2.76 57.65 26.24
N PHE F 167 3.88 56.92 26.04
CA PHE F 167 4.56 56.25 27.13
C PHE F 167 5.26 57.28 27.99
N LEU F 168 5.97 58.25 27.37
CA LEU F 168 6.63 59.35 28.08
C LEU F 168 5.67 60.06 29.01
N LEU F 169 4.44 60.28 28.55
CA LEU F 169 3.41 60.95 29.34
C LEU F 169 2.89 60.04 30.46
N LYS F 170 2.67 58.75 30.17
CA LYS F 170 2.19 57.80 31.17
C LYS F 170 3.18 57.65 32.31
N TYR F 171 4.49 57.55 32.00
CA TYR F 171 5.52 57.37 33.02
C TYR F 171 5.72 58.67 33.82
N ALA F 172 5.81 59.81 33.13
CA ALA F 172 5.97 61.09 33.82
C ALA F 172 4.78 61.41 34.73
N LYS F 173 3.57 60.96 34.36
CA LYS F 173 2.38 61.15 35.18
C LYS F 173 2.55 60.45 36.55
N GLN F 174 3.21 59.29 36.57
CA GLN F 174 3.43 58.54 37.79
C GLN F 174 4.55 59.13 38.69
N LEU F 175 5.34 60.12 38.21
CA LEU F 175 6.36 60.76 39.02
C LEU F 175 5.65 61.76 39.92
N LYS F 176 6.12 61.89 41.15
CA LYS F 176 5.53 62.78 42.14
C LYS F 176 6.68 63.58 42.76
N GLY F 177 6.67 64.90 42.57
CA GLY F 177 7.74 65.75 43.08
C GLY F 177 7.52 67.19 42.70
N ASP F 178 8.63 67.97 42.52
CA ASP F 178 8.49 69.38 42.14
C ASP F 178 7.92 69.48 40.75
N LYS F 179 6.69 70.02 40.63
CA LYS F 179 6.00 70.17 39.34
C LYS F 179 6.87 70.87 38.28
N ASN F 180 7.69 71.85 38.69
CA ASN F 180 8.56 72.56 37.77
C ASN F 180 9.68 71.67 37.24
N LYS F 181 10.36 70.93 38.11
CA LYS F 181 11.45 70.07 37.68
C LYS F 181 10.91 68.92 36.82
N ILE F 182 9.79 68.31 37.24
CA ILE F 182 9.18 67.23 36.45
C ILE F 182 8.76 67.77 35.07
N GLN F 183 8.18 68.98 35.03
CA GLN F 183 7.81 69.58 33.76
C GLN F 183 9.02 69.78 32.83
N LYS F 184 10.17 70.27 33.36
CA LYS F 184 11.38 70.46 32.53
C LYS F 184 11.84 69.14 31.96
N LEU F 185 11.76 68.05 32.75
CA LEU F 185 12.16 66.74 32.29
C LEU F 185 11.27 66.30 31.12
N VAL F 186 9.93 66.39 31.30
CA VAL F 186 8.96 66.00 30.28
C VAL F 186 9.16 66.82 29.00
N GLN F 187 9.30 68.14 29.14
CA GLN F 187 9.46 69.05 28.01
C GLN F 187 10.72 68.77 27.23
N MET F 188 11.82 68.49 27.91
CA MET F 188 13.08 68.20 27.26
C MET F 188 13.03 66.81 26.61
N ALA F 189 12.53 65.79 27.33
CA ALA F 189 12.40 64.44 26.78
C ALA F 189 11.48 64.42 25.57
N TRP F 190 10.43 65.27 25.55
CA TRP F 190 9.55 65.36 24.39
C TRP F 190 10.33 65.80 23.16
N THR F 191 11.22 66.78 23.33
CA THR F 191 12.05 67.30 22.24
C THR F 191 12.93 66.18 21.68
N PHE F 192 13.57 65.40 22.55
CA PHE F 192 14.40 64.29 22.09
C PHE F 192 13.62 63.25 21.31
N VAL F 193 12.31 63.09 21.59
CA VAL F 193 11.48 62.16 20.82
C VAL F 193 11.30 62.73 19.41
N ASN F 194 11.08 64.05 19.29
CA ASN F 194 10.93 64.68 18.00
C ASN F 194 12.22 64.51 17.16
N ASP F 195 13.40 64.50 17.79
CA ASP F 195 14.66 64.33 17.06
C ASP F 195 14.88 62.85 16.70
N SER F 196 14.58 61.95 17.64
CA SER F 196 14.71 60.52 17.38
C SER F 196 13.84 60.05 16.20
N LEU F 197 12.93 60.90 15.70
CA LEU F 197 12.14 60.60 14.53
C LEU F 197 13.03 60.60 13.28
N CYS F 198 14.01 61.52 13.20
CA CYS F 198 14.95 61.57 12.07
C CYS F 198 15.86 60.35 11.99
N THR F 199 15.92 59.52 13.05
CA THR F 199 16.80 58.35 13.15
C THR F 199 16.08 57.00 13.01
N THR F 200 16.88 55.97 12.71
CA THR F 200 16.42 54.59 12.63
C THR F 200 16.14 54.00 14.04
N LEU F 201 16.17 54.83 15.14
CA LEU F 201 15.86 54.37 16.51
C LEU F 201 14.48 53.75 16.61
N SER F 202 13.53 54.26 15.82
CA SER F 202 12.16 53.72 15.72
C SER F 202 12.15 52.27 15.19
N LEU F 203 13.09 51.95 14.26
CA LEU F 203 13.26 50.60 13.68
C LEU F 203 14.11 49.68 14.56
N GLN F 204 14.60 50.13 15.71
CA GLN F 204 15.45 49.29 16.55
C GLN F 204 14.85 48.95 17.91
N TRP F 205 14.16 49.93 18.52
CA TRP F 205 13.62 49.79 19.87
C TRP F 205 12.17 50.18 19.95
N GLU F 206 11.47 49.55 20.88
CA GLU F 206 10.06 49.78 21.09
C GLU F 206 9.84 51.17 21.67
N PRO F 207 8.69 51.80 21.38
CA PRO F 207 8.45 53.15 21.92
C PRO F 207 8.54 53.26 23.43
N GLU F 208 8.25 52.19 24.16
CA GLU F 208 8.34 52.18 25.62
C GLU F 208 9.83 52.39 26.01
N ILE F 209 10.75 51.70 25.30
CA ILE F 209 12.20 51.80 25.51
C ILE F 209 12.70 53.18 25.13
N ILE F 210 12.24 53.73 24.00
CA ILE F 210 12.66 55.06 23.57
C ILE F 210 12.16 56.10 24.59
N ALA F 211 10.90 55.96 25.07
CA ALA F 211 10.32 56.88 26.05
C ALA F 211 11.16 56.92 27.32
N VAL F 212 11.61 55.76 27.78
CA VAL F 212 12.45 55.64 28.96
C VAL F 212 13.83 56.24 28.66
N ALA F 213 14.39 55.97 27.47
CA ALA F 213 15.70 56.46 27.08
C ALA F 213 15.73 57.99 27.06
N VAL F 214 14.69 58.64 26.49
CA VAL F 214 14.66 60.11 26.47
C VAL F 214 14.51 60.68 27.90
N MET F 215 13.79 59.97 28.81
CA MET F 215 13.70 60.42 30.20
C MET F 215 15.07 60.30 30.86
N TYR F 216 15.78 59.19 30.61
CA TYR F 216 17.12 58.94 31.11
C TYR F 216 18.08 60.04 30.63
N LEU F 217 17.96 60.44 29.35
CA LEU F 217 18.84 61.49 28.80
C LEU F 217 18.49 62.84 29.38
N ALA F 218 17.20 63.22 29.40
CA ALA F 218 16.78 64.49 29.98
C ALA F 218 17.23 64.61 31.45
N GLY F 219 17.15 63.52 32.19
CA GLY F 219 17.56 63.47 33.57
C GLY F 219 19.05 63.70 33.75
N ARG F 220 19.88 63.00 32.94
CA ARG F 220 21.33 63.15 33.01
C ARG F 220 21.78 64.57 32.70
N LEU F 221 21.09 65.25 31.80
CA LEU F 221 21.42 66.62 31.45
C LEU F 221 20.96 67.58 32.53
N CYS F 222 19.76 67.37 33.08
CA CYS F 222 19.23 68.25 34.13
C CYS F 222 19.86 68.01 35.52
N LYS F 223 20.60 66.91 35.70
CA LYS F 223 21.18 66.52 37.00
C LYS F 223 20.02 66.25 37.96
N PHE F 224 19.06 65.44 37.51
CA PHE F 224 17.88 65.06 38.28
C PHE F 224 17.99 63.60 38.67
N GLU F 225 17.59 63.27 39.89
CA GLU F 225 17.60 61.89 40.38
C GLU F 225 16.18 61.37 40.21
N ILE F 226 15.79 60.97 38.99
CA ILE F 226 14.40 60.56 38.71
C ILE F 226 13.87 59.51 39.70
N GLN F 227 14.75 58.66 40.27
CA GLN F 227 14.34 57.66 41.25
C GLN F 227 13.66 58.27 42.46
N GLU F 228 14.03 59.49 42.85
CA GLU F 228 13.43 60.16 43.98
C GLU F 228 11.96 60.45 43.78
N TRP F 229 11.57 60.77 42.55
CA TRP F 229 10.18 61.03 42.26
C TRP F 229 9.34 59.78 42.13
N THR F 230 9.93 58.56 42.13
CA THR F 230 9.17 57.31 41.94
C THR F 230 8.55 56.75 43.21
N SER F 231 7.63 55.77 43.02
CA SER F 231 7.02 55.01 44.10
C SER F 231 8.07 54.22 44.94
N LYS F 232 9.34 54.13 44.46
CA LYS F 232 10.44 53.43 45.12
C LYS F 232 11.64 54.37 45.06
N PRO F 233 11.72 55.37 45.95
CA PRO F 233 12.84 56.35 45.87
C PRO F 233 14.23 55.83 46.17
N MET F 234 14.25 54.64 46.66
CA MET F 234 15.43 53.98 47.06
C MET F 234 15.96 53.06 45.95
N TYR F 235 15.19 52.84 44.84
CA TYR F 235 15.54 51.95 43.73
C TYR F 235 16.25 52.72 42.61
N ARG F 236 17.57 52.56 42.46
CA ARG F 236 18.40 53.29 41.48
C ARG F 236 17.98 53.07 40.04
N ARG F 237 17.73 51.82 39.66
CA ARG F 237 17.31 51.48 38.30
C ARG F 237 15.79 51.67 38.22
N TRP F 238 15.38 52.94 38.42
CA TRP F 238 13.99 53.45 38.44
C TRP F 238 13.17 53.00 37.23
N TRP F 239 13.77 53.11 36.02
CA TRP F 239 13.17 52.73 34.76
C TRP F 239 12.67 51.30 34.72
N GLU F 240 13.23 50.40 35.54
CA GLU F 240 12.78 49.02 35.57
C GLU F 240 11.32 48.90 36.02
N GLN F 241 10.78 49.91 36.75
CA GLN F 241 9.38 49.90 37.15
C GLN F 241 8.40 50.35 36.01
N PHE F 242 8.91 50.72 34.82
CA PHE F 242 8.08 51.09 33.68
C PHE F 242 8.27 50.12 32.54
N VAL F 243 9.51 49.72 32.28
CA VAL F 243 9.87 48.81 31.21
C VAL F 243 10.89 47.81 31.74
N GLN F 244 10.41 46.65 32.17
CA GLN F 244 11.31 45.63 32.70
C GLN F 244 12.22 45.04 31.61
N ASP F 245 13.42 44.58 32.00
CA ASP F 245 14.44 43.94 31.16
C ASP F 245 15.05 44.85 30.13
N VAL F 246 15.44 46.05 30.56
CA VAL F 246 16.12 47.02 29.71
C VAL F 246 17.43 47.38 30.40
N PRO F 247 18.57 46.91 29.87
CA PRO F 247 19.85 47.24 30.52
C PRO F 247 20.29 48.64 30.22
N VAL F 248 21.01 49.25 31.17
CA VAL F 248 21.49 50.62 31.03
C VAL F 248 22.25 50.86 29.74
N ASP F 249 23.07 49.89 29.31
CA ASP F 249 23.83 50.04 28.06
C ASP F 249 22.93 50.22 26.83
N VAL F 250 21.69 49.71 26.84
CA VAL F 250 20.76 49.96 25.75
C VAL F 250 20.33 51.43 25.81
N LEU F 251 20.04 51.95 27.01
CA LEU F 251 19.68 53.34 27.18
C LEU F 251 20.83 54.26 26.77
N GLU F 252 22.07 53.87 27.07
CA GLU F 252 23.24 54.67 26.70
C GLU F 252 23.44 54.69 25.19
N ASP F 253 23.11 53.59 24.49
CA ASP F 253 23.23 53.55 23.03
C ASP F 253 22.20 54.46 22.42
N ILE F 254 20.96 54.46 22.93
CA ILE F 254 19.93 55.34 22.42
C ILE F 254 20.31 56.79 22.70
N CYS F 255 20.84 57.07 23.92
CA CYS F 255 21.29 58.41 24.28
C CYS F 255 22.38 58.89 23.35
N HIS F 256 23.41 58.06 23.15
CA HIS F 256 24.53 58.41 22.27
C HIS F 256 24.06 58.72 20.86
N GLN F 257 23.15 57.90 20.30
CA GLN F 257 22.61 58.16 18.97
C GLN F 257 21.85 59.49 18.91
N ILE F 258 21.10 59.85 19.97
CA ILE F 258 20.35 61.11 19.99
C ILE F 258 21.31 62.30 20.04
N LEU F 259 22.37 62.20 20.84
CA LEU F 259 23.34 63.28 20.95
C LEU F 259 24.16 63.49 19.69
N ASP F 260 24.35 62.45 18.85
CA ASP F 260 25.10 62.61 17.60
C ASP F 260 24.41 63.54 16.60
N LEU F 261 23.08 63.70 16.70
CA LEU F 261 22.34 64.66 15.87
C LEU F 261 22.72 66.10 16.27
N TYR F 262 22.85 66.32 17.57
CA TYR F 262 23.21 67.60 18.14
C TYR F 262 24.72 67.96 17.96
N SER F 263 25.59 66.94 17.84
CA SER F 263 27.03 67.10 17.61
C SER F 263 27.33 67.57 16.16
N GLN F 264 26.54 67.10 15.17
CA GLN F 264 26.66 67.55 13.76
C GLN F 264 26.05 68.97 13.61
N GLY F 265 25.00 69.28 14.38
CA GLY F 265 24.39 70.61 14.44
C GLY F 265 25.31 71.62 15.11
N LYS F 266 26.23 71.12 16.00
CA LYS F 266 27.30 71.84 16.71
C LYS F 266 26.82 72.41 18.08
N GLN F 267 25.49 72.53 18.30
CA GLN F 267 24.84 72.99 19.55
C GLN F 267 23.98 71.84 20.07
N GLN F 268 24.03 71.55 21.41
CA GLN F 268 23.32 70.41 22.05
C GLN F 268 22.36 70.79 23.20
N MET F 269 21.47 69.82 23.58
CA MET F 269 20.51 69.96 24.69
C MET F 269 19.48 71.14 24.48
N PRO F 270 18.14 70.91 24.49
CA PRO F 270 17.18 72.04 24.35
C PRO F 270 17.28 73.16 25.41
N HIS F 271 17.42 72.79 26.70
CA HIS F 271 17.65 73.74 27.81
C HIS F 271 19.13 73.60 28.20
N MET G 5 55.22 8.73 -32.18
CA MET G 5 54.06 8.11 -32.83
C MET G 5 53.11 9.18 -33.40
N SER G 6 52.75 10.19 -32.57
CA SER G 6 51.87 11.31 -32.91
C SER G 6 52.68 12.59 -33.00
N TYR G 7 52.38 13.44 -33.98
CA TYR G 7 53.13 14.69 -34.13
C TYR G 7 52.19 15.86 -34.24
N ASN G 8 52.41 16.91 -33.41
CA ASN G 8 51.55 18.08 -33.36
C ASN G 8 52.33 19.38 -33.20
N TYR G 9 51.74 20.49 -33.66
CA TYR G 9 52.29 21.85 -33.67
C TYR G 9 51.35 22.76 -32.83
N VAL G 10 51.91 23.74 -32.09
CA VAL G 10 51.11 24.63 -31.25
C VAL G 10 51.68 26.05 -31.27
N VAL G 11 50.90 27.01 -31.79
CA VAL G 11 51.33 28.39 -31.91
C VAL G 11 50.36 29.33 -31.25
N THR G 12 50.86 30.48 -30.78
CA THR G 12 50.06 31.50 -30.14
C THR G 12 49.46 32.42 -31.19
N ALA G 13 48.13 32.58 -31.18
CA ALA G 13 47.41 33.46 -32.11
C ALA G 13 47.26 34.84 -31.48
N GLN G 14 46.93 34.90 -30.18
CA GLN G 14 46.82 36.14 -29.42
C GLN G 14 47.64 35.95 -28.16
N LYS G 15 48.63 36.81 -27.93
CA LYS G 15 49.46 36.77 -26.71
C LYS G 15 48.60 36.93 -25.46
N PRO G 16 49.00 36.41 -24.28
CA PRO G 16 48.19 36.62 -23.06
C PRO G 16 48.01 38.10 -22.75
N THR G 17 46.76 38.56 -22.72
CA THR G 17 46.44 39.98 -22.50
C THR G 17 46.24 40.37 -21.01
N ALA G 18 46.07 39.39 -20.10
CA ALA G 18 45.86 39.68 -18.69
C ALA G 18 47.11 40.15 -17.98
N VAL G 19 47.02 41.31 -17.31
CA VAL G 19 48.14 41.82 -16.55
C VAL G 19 48.14 41.13 -15.21
N ASN G 20 49.30 40.65 -14.78
CA ASN G 20 49.42 40.00 -13.47
C ASN G 20 50.42 40.71 -12.55
N GLY G 21 51.27 41.61 -13.08
CA GLY G 21 52.17 42.40 -12.26
C GLY G 21 52.66 43.64 -12.99
N CYS G 22 52.99 44.71 -12.24
CA CYS G 22 53.51 45.93 -12.87
C CYS G 22 54.27 46.82 -11.87
N VAL G 23 55.54 47.16 -12.22
CA VAL G 23 56.45 47.99 -11.41
C VAL G 23 56.88 49.26 -12.14
N THR G 24 57.30 50.28 -11.39
CA THR G 24 57.78 51.57 -11.90
C THR G 24 59.17 51.86 -11.35
N GLY G 25 60.01 52.49 -12.15
CA GLY G 25 61.37 52.81 -11.73
C GLY G 25 62.14 53.53 -12.81
N HIS G 26 63.48 53.35 -12.84
CA HIS G 26 64.37 53.98 -13.81
C HIS G 26 65.26 52.90 -14.42
N PHE G 27 64.68 52.00 -15.25
CA PHE G 27 65.37 50.84 -15.88
C PHE G 27 66.05 51.12 -17.22
N THR G 28 65.41 51.87 -18.13
CA THR G 28 66.02 52.18 -19.43
C THR G 28 67.17 53.20 -19.27
N SER G 29 66.95 54.26 -18.48
CA SER G 29 67.96 55.27 -18.17
C SER G 29 67.66 55.88 -16.79
N ALA G 30 68.66 56.51 -16.16
CA ALA G 30 68.48 57.11 -14.85
C ALA G 30 67.44 58.23 -14.80
N GLU G 31 67.36 59.13 -15.83
CA GLU G 31 66.44 60.27 -15.75
C GLU G 31 64.95 59.91 -16.02
N ASP G 32 64.62 59.22 -17.15
CA ASP G 32 63.22 58.92 -17.47
C ASP G 32 62.63 57.80 -16.57
N LEU G 33 61.29 57.84 -16.44
CA LEU G 33 60.45 57.00 -15.55
C LEU G 33 59.82 55.88 -16.36
N ASN G 34 60.03 54.62 -15.94
CA ASN G 34 59.52 53.47 -16.66
C ASN G 34 58.33 52.81 -15.98
N LEU G 35 57.61 51.96 -16.75
CA LEU G 35 56.51 51.14 -16.26
C LEU G 35 56.67 49.79 -16.95
N LEU G 36 57.04 48.76 -16.19
CA LEU G 36 57.18 47.42 -16.72
C LEU G 36 55.90 46.69 -16.44
N ILE G 37 55.20 46.23 -17.47
CA ILE G 37 53.95 45.51 -17.28
C ILE G 37 54.25 44.11 -17.67
N ALA G 38 54.06 43.17 -16.74
CA ALA G 38 54.26 41.77 -17.02
C ALA G 38 52.91 41.11 -17.16
N LYS G 39 52.66 40.55 -18.33
CA LYS G 39 51.51 39.70 -18.60
C LYS G 39 52.10 38.27 -18.44
N ASN G 40 51.31 37.18 -18.55
CA ASN G 40 51.89 35.83 -18.35
C ASN G 40 53.03 35.56 -19.38
N THR G 41 54.23 35.11 -18.93
CA THR G 41 55.38 34.78 -19.80
C THR G 41 55.78 35.85 -20.91
N ARG G 42 55.41 37.13 -20.73
CA ARG G 42 55.74 38.25 -21.64
C ARG G 42 56.04 39.48 -20.79
N LEU G 43 56.95 40.33 -21.24
CA LEU G 43 57.32 41.52 -20.50
C LEU G 43 57.30 42.76 -21.39
N GLU G 44 56.46 43.74 -21.02
CA GLU G 44 56.34 45.00 -21.75
C GLU G 44 57.09 46.10 -21.00
N ILE G 45 57.86 46.95 -21.73
CA ILE G 45 58.60 48.08 -21.16
C ILE G 45 58.05 49.34 -21.84
N TYR G 46 57.64 50.34 -21.04
CA TYR G 46 57.13 51.62 -21.53
C TYR G 46 57.85 52.77 -20.82
N VAL G 47 57.91 53.96 -21.47
CA VAL G 47 58.47 55.18 -20.92
C VAL G 47 57.27 56.10 -20.61
N VAL G 48 57.17 56.59 -19.37
CA VAL G 48 56.08 57.46 -18.96
C VAL G 48 56.26 58.84 -19.56
N THR G 49 55.22 59.36 -20.23
CA THR G 49 55.21 60.69 -20.85
C THR G 49 54.01 61.51 -20.35
N ALA G 50 54.00 62.82 -20.62
CA ALA G 50 52.90 63.70 -20.23
C ALA G 50 51.60 63.25 -20.92
N GLU G 51 51.68 62.82 -22.19
CA GLU G 51 50.51 62.35 -22.93
C GLU G 51 49.95 61.05 -22.32
N GLY G 52 50.81 60.07 -22.08
CA GLY G 52 50.40 58.81 -21.49
C GLY G 52 51.58 57.88 -21.32
N LEU G 53 51.58 56.75 -22.08
CA LEU G 53 52.66 55.75 -22.05
C LEU G 53 53.23 55.59 -23.43
N ARG G 54 54.56 55.52 -23.55
CA ARG G 54 55.20 55.36 -24.85
C ARG G 54 55.88 53.99 -24.89
N PRO G 55 55.50 53.06 -25.80
CA PRO G 55 56.15 51.75 -25.82
C PRO G 55 57.58 51.83 -26.29
N VAL G 56 58.44 51.01 -25.70
CA VAL G 56 59.87 51.02 -26.00
C VAL G 56 60.38 49.63 -26.42
N LYS G 57 59.95 48.58 -25.74
CA LYS G 57 60.45 47.23 -26.00
C LYS G 57 59.53 46.19 -25.35
N GLU G 58 59.38 45.01 -25.98
CA GLU G 58 58.55 43.92 -25.46
C GLU G 58 59.30 42.62 -25.72
N VAL G 59 59.47 41.79 -24.69
CA VAL G 59 60.23 40.55 -24.77
C VAL G 59 59.46 39.39 -24.19
N GLY G 60 59.81 38.21 -24.65
CA GLY G 60 59.24 36.97 -24.14
C GLY G 60 60.28 36.22 -23.35
N MET G 61 59.81 35.49 -22.33
CA MET G 61 60.66 34.66 -21.47
C MET G 61 60.26 33.22 -21.62
N TYR G 62 61.19 32.31 -21.34
CA TYR G 62 60.86 30.89 -21.38
C TYR G 62 60.43 30.46 -19.95
N GLY G 63 59.44 31.17 -19.39
CA GLY G 63 58.92 30.91 -18.06
C GLY G 63 57.77 31.82 -17.68
N LYS G 64 56.93 31.38 -16.72
CA LYS G 64 55.81 32.20 -16.23
C LYS G 64 56.40 33.20 -15.24
N ILE G 65 56.24 34.52 -15.47
CA ILE G 65 56.82 35.52 -14.58
C ILE G 65 56.12 35.57 -13.23
N ALA G 66 56.78 35.06 -12.15
CA ALA G 66 56.20 35.03 -10.80
C ALA G 66 56.57 36.28 -9.97
N VAL G 67 57.88 36.63 -9.90
CA VAL G 67 58.35 37.82 -9.19
C VAL G 67 58.96 38.78 -10.21
N MET G 68 58.74 40.08 -10.01
CA MET G 68 59.29 41.14 -10.85
C MET G 68 59.50 42.36 -9.98
N GLU G 69 60.78 42.75 -9.73
CA GLU G 69 61.08 43.89 -8.89
C GLU G 69 62.30 44.66 -9.38
N LEU G 70 62.16 45.99 -9.52
CA LEU G 70 63.28 46.85 -9.89
C LEU G 70 64.01 47.27 -8.62
N PHE G 71 65.32 47.48 -8.73
CA PHE G 71 66.14 47.91 -7.60
C PHE G 71 67.42 48.56 -8.10
N ARG G 72 67.91 49.60 -7.42
CA ARG G 72 69.15 50.26 -7.83
C ARG G 72 70.25 49.95 -6.80
N PRO G 73 71.12 48.94 -7.06
CA PRO G 73 72.19 48.65 -6.10
C PRO G 73 73.29 49.72 -6.06
N LYS G 74 74.12 49.66 -5.02
CA LYS G 74 75.21 50.62 -4.82
C LYS G 74 76.17 50.58 -6.02
N GLY G 75 76.45 51.75 -6.60
CA GLY G 75 77.36 51.86 -7.73
C GLY G 75 76.73 51.82 -9.11
N GLU G 76 75.43 51.46 -9.22
CA GLU G 76 74.77 51.42 -10.53
C GLU G 76 74.18 52.78 -10.86
N SER G 77 74.31 53.21 -12.13
CA SER G 77 73.78 54.51 -12.58
C SER G 77 72.24 54.46 -12.75
N LYS G 78 71.69 53.29 -13.10
CA LYS G 78 70.25 53.11 -13.27
C LYS G 78 69.80 51.79 -12.59
N ASP G 79 68.48 51.57 -12.53
CA ASP G 79 67.89 50.37 -11.94
C ASP G 79 68.11 49.10 -12.78
N LEU G 80 68.18 47.95 -12.09
CA LEU G 80 68.30 46.61 -12.68
C LEU G 80 67.02 45.85 -12.33
N LEU G 81 66.61 44.90 -13.17
CA LEU G 81 65.39 44.14 -12.95
C LEU G 81 65.68 42.77 -12.39
N PHE G 82 64.79 42.27 -11.53
CA PHE G 82 64.89 40.92 -10.99
C PHE G 82 63.61 40.19 -11.34
N ILE G 83 63.73 38.97 -11.89
CA ILE G 83 62.59 38.13 -12.24
C ILE G 83 62.84 36.70 -11.77
N LEU G 84 61.76 36.02 -11.36
CA LEU G 84 61.81 34.63 -10.94
C LEU G 84 60.62 33.95 -11.57
N THR G 85 60.83 32.87 -12.33
CA THR G 85 59.75 32.17 -13.02
C THR G 85 59.05 31.17 -12.08
N ALA G 86 57.88 30.66 -12.50
CA ALA G 86 57.15 29.65 -11.74
C ALA G 86 58.00 28.39 -11.55
N LYS G 87 58.87 28.05 -12.54
CA LYS G 87 59.77 26.89 -12.46
C LYS G 87 61.06 27.16 -11.64
N TYR G 88 61.11 28.32 -10.93
CA TYR G 88 62.16 28.81 -10.04
C TYR G 88 63.41 29.33 -10.77
N ASN G 89 63.28 29.88 -11.98
CA ASN G 89 64.43 30.45 -12.69
C ASN G 89 64.60 31.91 -12.29
N ALA G 90 65.63 32.21 -11.51
CA ALA G 90 65.93 33.57 -11.07
C ALA G 90 66.93 34.23 -12.02
N CYS G 91 66.82 35.56 -12.19
CA CYS G 91 67.75 36.29 -13.05
C CYS G 91 67.68 37.79 -12.84
N ILE G 92 68.85 38.48 -12.90
CA ILE G 92 68.96 39.94 -12.84
C ILE G 92 69.24 40.39 -14.28
N LEU G 93 68.34 41.19 -14.86
CA LEU G 93 68.47 41.65 -16.23
C LEU G 93 68.86 43.12 -16.26
N GLU G 94 69.67 43.49 -17.26
CA GLU G 94 70.09 44.88 -17.48
C GLU G 94 69.69 45.26 -18.90
N TYR G 95 68.99 46.39 -19.07
CA TYR G 95 68.60 46.86 -20.39
C TYR G 95 69.74 47.73 -20.89
N LYS G 96 70.27 47.44 -22.08
CA LYS G 96 71.33 48.24 -22.70
C LYS G 96 70.98 48.37 -24.19
N GLN G 97 70.99 49.59 -24.72
CA GLN G 97 70.66 49.83 -26.12
C GLN G 97 71.78 50.61 -26.76
N SER G 98 72.25 50.16 -27.94
CA SER G 98 73.34 50.79 -28.68
C SER G 98 72.81 51.34 -29.99
N GLY G 99 72.43 52.62 -29.98
CA GLY G 99 71.87 53.24 -31.17
C GLY G 99 70.48 52.71 -31.46
N GLU G 100 70.25 52.25 -32.70
CA GLU G 100 68.95 51.74 -33.14
C GLU G 100 68.57 50.39 -32.52
N SER G 101 69.49 49.40 -32.51
CA SER G 101 69.23 48.05 -32.01
C SER G 101 68.98 47.99 -30.49
N ILE G 102 67.92 47.27 -30.05
CA ILE G 102 67.57 47.16 -28.63
C ILE G 102 68.02 45.81 -28.06
N ASP G 103 69.11 45.82 -27.26
CA ASP G 103 69.72 44.63 -26.68
C ASP G 103 69.26 44.39 -25.20
N ILE G 104 69.04 43.12 -24.81
CA ILE G 104 68.62 42.70 -23.45
C ILE G 104 69.63 41.68 -22.95
N ILE G 105 70.41 42.05 -21.94
CA ILE G 105 71.45 41.17 -21.41
C ILE G 105 71.07 40.64 -20.02
N THR G 106 71.59 39.47 -19.69
CA THR G 106 71.36 38.77 -18.42
C THR G 106 72.59 38.92 -17.53
N ARG G 107 72.58 39.89 -16.59
CA ARG G 107 73.72 40.12 -15.68
C ARG G 107 74.04 38.92 -14.75
N ALA G 108 72.98 38.22 -14.24
CA ALA G 108 73.12 37.09 -13.30
C ALA G 108 71.96 36.11 -13.48
N HIS G 109 72.17 34.80 -13.32
CA HIS G 109 71.09 33.82 -13.50
C HIS G 109 71.35 32.48 -12.80
N GLY G 110 70.26 31.71 -12.61
CA GLY G 110 70.31 30.39 -11.98
C GLY G 110 68.94 29.94 -11.48
N ASN G 111 68.76 28.62 -11.24
CA ASN G 111 67.50 28.05 -10.74
C ASN G 111 67.59 27.90 -9.21
N VAL G 112 66.62 28.47 -8.48
CA VAL G 112 66.64 28.48 -7.01
C VAL G 112 65.74 27.42 -6.36
N GLN G 113 65.40 26.35 -7.08
CA GLN G 113 64.55 25.30 -6.53
C GLN G 113 65.31 24.49 -5.50
N ASP G 114 64.66 24.16 -4.37
CA ASP G 114 65.29 23.34 -3.32
C ASP G 114 64.92 21.89 -3.51
N ARG G 115 65.82 21.00 -3.10
CA ARG G 115 65.62 19.58 -3.26
C ARG G 115 64.40 19.10 -2.48
N ILE G 116 64.29 19.56 -1.23
CA ILE G 116 63.17 19.19 -0.37
C ILE G 116 62.50 20.45 0.10
N GLY G 117 61.18 20.51 -0.05
CA GLY G 117 60.36 21.63 0.40
C GLY G 117 58.90 21.46 0.07
N ARG G 118 58.02 22.13 0.84
CA ARG G 118 56.58 22.10 0.61
C ARG G 118 56.20 23.45 0.03
N PRO G 119 55.67 23.56 -1.21
CA PRO G 119 55.31 24.89 -1.73
C PRO G 119 54.24 25.55 -0.88
N SER G 120 54.40 26.86 -0.62
CA SER G 120 53.51 27.61 0.26
C SER G 120 52.14 27.87 -0.33
N GLU G 121 51.15 28.01 0.55
CA GLU G 121 49.77 28.21 0.14
C GLU G 121 49.57 29.56 -0.57
N THR G 122 50.04 30.68 0.03
CA THR G 122 49.90 32.01 -0.56
C THR G 122 50.86 32.27 -1.77
N GLY G 123 51.54 31.21 -2.26
CA GLY G 123 52.42 31.30 -3.42
C GLY G 123 53.79 31.88 -3.16
N ILE G 124 54.56 32.11 -4.26
CA ILE G 124 55.91 32.67 -4.15
C ILE G 124 55.80 34.12 -3.75
N ILE G 125 56.68 34.58 -2.86
CA ILE G 125 56.75 35.98 -2.45
C ILE G 125 58.21 36.37 -2.61
N GLY G 126 58.47 37.44 -3.33
CA GLY G 126 59.83 37.93 -3.54
C GLY G 126 59.90 39.39 -3.17
N ILE G 127 60.84 39.72 -2.25
CA ILE G 127 61.02 41.07 -1.73
C ILE G 127 62.49 41.44 -1.67
N ILE G 128 62.84 42.72 -1.91
CA ILE G 128 64.22 43.15 -1.87
C ILE G 128 64.41 44.17 -0.75
N ASP G 129 65.56 44.02 -0.04
CA ASP G 129 65.98 44.87 1.07
C ASP G 129 66.11 46.31 0.57
N PRO G 130 65.63 47.35 1.28
CA PRO G 130 65.81 48.72 0.78
C PRO G 130 67.26 49.14 0.46
N GLU G 131 68.23 48.69 1.26
CA GLU G 131 69.66 48.96 1.00
C GLU G 131 70.23 48.09 -0.15
N CYS G 132 69.43 47.18 -0.75
CA CYS G 132 69.82 46.25 -1.83
C CYS G 132 70.99 45.37 -1.41
N ARG G 133 70.87 44.75 -0.24
CA ARG G 133 71.87 43.82 0.30
C ARG G 133 71.48 42.36 0.04
N MET G 134 70.19 42.07 -0.27
CA MET G 134 69.73 40.71 -0.50
C MET G 134 68.35 40.67 -1.17
N ILE G 135 68.01 39.52 -1.78
CA ILE G 135 66.69 39.26 -2.35
C ILE G 135 66.11 38.18 -1.45
N GLY G 136 65.03 38.49 -0.76
CA GLY G 136 64.34 37.56 0.10
C GLY G 136 63.24 36.85 -0.65
N LEU G 137 63.30 35.51 -0.72
CA LEU G 137 62.28 34.70 -1.41
C LEU G 137 61.65 33.71 -0.44
N ARG G 138 60.31 33.65 -0.42
CA ARG G 138 59.55 32.72 0.40
C ARG G 138 58.93 31.75 -0.60
N LEU G 139 59.61 30.64 -0.85
CA LEU G 139 59.12 29.64 -1.78
C LEU G 139 58.39 28.53 -1.01
N TYR G 140 59.06 27.96 0.00
CA TYR G 140 58.53 26.85 0.77
C TYR G 140 58.15 27.25 2.19
N ASP G 141 57.19 26.51 2.78
CA ASP G 141 56.73 26.80 4.15
C ASP G 141 57.87 26.50 5.10
N GLY G 142 58.02 27.33 6.14
CA GLY G 142 59.06 27.12 7.16
C GLY G 142 60.48 27.37 6.73
N LEU G 143 60.68 28.01 5.56
CA LEU G 143 62.01 28.33 5.02
C LEU G 143 61.99 29.66 4.28
N PHE G 144 62.99 30.49 4.54
CA PHE G 144 63.18 31.80 3.95
C PHE G 144 64.52 31.83 3.21
N LYS G 145 64.50 31.77 1.87
CA LYS G 145 65.71 31.78 1.04
C LYS G 145 66.28 33.20 0.87
N VAL G 146 67.62 33.34 0.84
CA VAL G 146 68.29 34.65 0.78
C VAL G 146 69.39 34.62 -0.29
N ILE G 147 69.23 35.40 -1.36
CA ILE G 147 70.25 35.51 -2.42
C ILE G 147 71.03 36.79 -2.06
N PRO G 148 72.27 36.72 -1.54
CA PRO G 148 72.99 37.95 -1.22
C PRO G 148 73.34 38.73 -2.49
N LEU G 149 73.05 40.05 -2.49
CA LEU G 149 73.37 40.91 -3.62
C LEU G 149 74.81 41.38 -3.53
N ASP G 150 75.71 40.45 -3.81
CA ASP G 150 77.13 40.69 -3.87
C ASP G 150 77.49 40.74 -5.36
N ARG G 151 78.43 41.62 -5.76
CA ARG G 151 78.83 41.76 -7.16
C ARG G 151 79.42 40.46 -7.74
N ASP G 152 80.10 39.64 -6.90
CA ASP G 152 80.66 38.34 -7.31
C ASP G 152 79.57 37.28 -7.48
N ASN G 153 78.41 37.42 -6.77
CA ASN G 153 77.30 36.47 -6.86
C ASN G 153 76.58 36.60 -8.21
N LYS G 154 77.17 35.97 -9.24
CA LYS G 154 76.68 35.92 -10.63
C LYS G 154 75.76 34.70 -10.84
N GLU G 155 76.06 33.59 -10.16
CA GLU G 155 75.25 32.39 -10.25
C GLU G 155 73.96 32.46 -9.40
N LEU G 156 73.81 33.49 -8.52
CA LEU G 156 72.64 33.65 -7.65
C LEU G 156 72.52 32.51 -6.66
N LYS G 157 73.63 32.22 -5.96
CA LYS G 157 73.70 31.19 -4.93
C LYS G 157 72.94 31.73 -3.70
N ALA G 158 72.17 30.87 -3.05
CA ALA G 158 71.33 31.28 -1.92
C ALA G 158 71.33 30.24 -0.79
N PHE G 159 70.98 30.67 0.43
CA PHE G 159 70.88 29.81 1.61
C PHE G 159 69.51 30.00 2.26
N ASN G 160 68.93 28.93 2.78
CA ASN G 160 67.63 29.02 3.43
C ASN G 160 67.84 29.15 4.91
N ILE G 161 67.20 30.13 5.52
CA ILE G 161 67.24 30.32 6.96
C ILE G 161 65.96 29.65 7.49
N ARG G 162 66.06 28.86 8.58
CA ARG G 162 64.88 28.19 9.12
C ARG G 162 63.89 29.22 9.62
N LEU G 163 62.61 28.94 9.39
CA LEU G 163 61.54 29.82 9.84
C LEU G 163 60.62 29.01 10.77
N GLU G 164 60.38 29.56 11.97
CA GLU G 164 59.55 28.92 12.99
C GLU G 164 58.08 28.90 12.61
N GLU G 165 57.58 30.00 12.04
CA GLU G 165 56.18 30.17 11.68
C GLU G 165 55.91 29.55 10.30
N LEU G 166 55.27 28.38 10.25
CA LEU G 166 55.07 27.67 8.99
C LEU G 166 54.14 28.36 7.99
N HIS G 167 52.91 28.64 8.39
CA HIS G 167 51.92 29.28 7.52
C HIS G 167 52.13 30.81 7.50
N VAL G 168 52.85 31.36 6.49
CA VAL G 168 53.07 32.81 6.37
C VAL G 168 52.09 33.35 5.34
N ILE G 169 51.40 34.43 5.67
CA ILE G 169 50.43 35.07 4.79
C ILE G 169 51.11 36.03 3.81
N ASP G 170 51.93 36.97 4.32
CA ASP G 170 52.69 37.92 3.50
C ASP G 170 53.87 38.47 4.30
N VAL G 171 54.95 38.88 3.60
CA VAL G 171 56.16 39.42 4.19
C VAL G 171 56.72 40.56 3.32
N LYS G 172 57.31 41.56 3.98
CA LYS G 172 57.95 42.72 3.35
C LYS G 172 59.24 43.07 4.12
N PHE G 173 60.13 43.85 3.51
CA PHE G 173 61.34 44.32 4.19
C PHE G 173 61.00 45.71 4.74
N LEU G 174 61.25 45.96 6.03
CA LEU G 174 60.95 47.25 6.64
C LEU G 174 61.98 48.33 6.31
N TYR G 175 61.53 49.58 6.29
CA TYR G 175 62.40 50.73 6.05
C TYR G 175 62.84 51.33 7.39
N GLY G 176 63.96 52.05 7.37
CA GLY G 176 64.49 52.72 8.55
C GLY G 176 64.94 51.82 9.67
N CYS G 177 65.82 50.87 9.35
CA CYS G 177 66.35 49.91 10.32
C CYS G 177 67.85 49.81 10.12
N GLN G 178 68.63 49.68 11.22
CA GLN G 178 70.07 49.53 11.10
C GLN G 178 70.38 48.20 10.39
N ALA G 179 69.73 47.13 10.86
CA ALA G 179 69.88 45.80 10.29
C ALA G 179 68.71 45.51 9.35
N PRO G 180 68.93 44.86 8.18
CA PRO G 180 67.80 44.55 7.31
C PRO G 180 66.78 43.66 8.01
N THR G 181 65.58 44.20 8.25
CA THR G 181 64.50 43.52 8.97
C THR G 181 63.33 43.13 8.05
N ILE G 182 62.71 41.96 8.31
CA ILE G 182 61.50 41.51 7.61
C ILE G 182 60.32 41.60 8.59
N CYS G 183 59.16 41.90 8.06
CA CYS G 183 57.93 41.99 8.82
C CYS G 183 56.93 41.14 8.10
N PHE G 184 56.30 40.21 8.81
CA PHE G 184 55.37 39.30 8.19
C PHE G 184 54.16 38.98 9.05
N VAL G 185 53.05 38.69 8.37
CA VAL G 185 51.80 38.25 9.01
C VAL G 185 51.76 36.75 8.80
N TYR G 186 51.52 36.00 9.86
CA TYR G 186 51.45 34.55 9.79
C TYR G 186 50.20 34.03 10.48
N GLN G 187 49.88 32.76 10.28
CA GLN G 187 48.73 32.15 10.94
C GLN G 187 49.11 30.88 11.62
N ASP G 188 48.47 30.63 12.75
CA ASP G 188 48.67 29.47 13.61
C ASP G 188 47.30 29.14 14.28
N PRO G 189 47.18 28.11 15.15
CA PRO G 189 45.87 27.81 15.75
C PRO G 189 45.24 28.98 16.52
N GLN G 190 46.08 29.80 17.16
CA GLN G 190 45.62 30.93 17.93
C GLN G 190 45.14 32.13 17.09
N GLY G 191 45.19 32.03 15.76
CA GLY G 191 44.76 33.09 14.85
C GLY G 191 45.90 33.69 14.06
N ARG G 192 45.77 34.95 13.60
CA ARG G 192 46.81 35.62 12.83
C ARG G 192 47.56 36.63 13.68
N HIS G 193 48.86 36.77 13.42
CA HIS G 193 49.76 37.65 14.16
C HIS G 193 50.80 38.29 13.23
N VAL G 194 51.36 39.44 13.64
CA VAL G 194 52.41 40.13 12.88
C VAL G 194 53.68 40.04 13.72
N LYS G 195 54.79 39.66 13.10
CA LYS G 195 56.08 39.46 13.78
C LYS G 195 57.22 40.07 12.95
N THR G 196 58.40 40.29 13.56
CA THR G 196 59.58 40.83 12.86
C THR G 196 60.84 40.05 13.23
N TYR G 197 61.81 40.00 12.30
CA TYR G 197 63.09 39.31 12.48
C TYR G 197 64.19 40.09 11.77
N GLU G 198 65.38 40.17 12.36
CA GLU G 198 66.52 40.79 11.69
C GLU G 198 67.25 39.68 10.90
N VAL G 199 67.71 39.99 9.69
CA VAL G 199 68.35 39.01 8.79
C VAL G 199 69.86 39.24 8.71
N SER G 200 70.64 38.48 9.50
CA SER G 200 72.09 38.61 9.52
C SER G 200 72.73 37.80 8.39
N LEU G 201 73.27 38.47 7.37
CA LEU G 201 73.93 37.80 6.24
C LEU G 201 75.25 37.15 6.69
N ARG G 202 76.03 37.85 7.54
CA ARG G 202 77.33 37.34 7.99
C ARG G 202 77.18 36.07 8.83
N GLU G 203 76.17 36.03 9.72
CA GLU G 203 75.91 34.86 10.54
C GLU G 203 75.05 33.82 9.80
N LYS G 204 74.26 34.22 8.77
CA LYS G 204 73.35 33.37 8.00
C LYS G 204 72.25 32.78 8.89
N GLU G 205 71.50 33.65 9.56
CA GLU G 205 70.41 33.26 10.45
C GLU G 205 69.58 34.49 10.87
N PHE G 206 68.39 34.26 11.43
CA PHE G 206 67.56 35.37 11.93
C PHE G 206 67.99 35.73 13.34
N ASN G 207 67.75 36.97 13.72
CA ASN G 207 68.01 37.49 15.07
C ASN G 207 66.70 38.13 15.58
N LYS G 208 66.65 38.51 16.88
CA LYS G 208 65.43 39.07 17.47
C LYS G 208 64.95 40.29 16.72
N GLY G 209 63.67 40.30 16.39
CA GLY G 209 63.09 41.41 15.66
C GLY G 209 63.11 42.70 16.46
N PRO G 210 63.12 43.86 15.78
CA PRO G 210 63.15 45.13 16.51
C PRO G 210 61.91 45.36 17.36
N TRP G 211 60.73 44.94 16.88
CA TRP G 211 59.51 45.13 17.65
C TRP G 211 58.73 43.85 17.88
N LYS G 212 58.06 43.80 19.05
CA LYS G 212 57.31 42.66 19.50
C LYS G 212 56.16 42.27 18.58
N GLN G 213 55.80 40.99 18.65
CA GLN G 213 54.70 40.40 17.90
C GLN G 213 53.38 40.94 18.46
N GLU G 214 52.35 41.05 17.60
CA GLU G 214 51.04 41.54 18.01
C GLU G 214 49.96 40.70 17.35
N ASN G 215 48.86 40.44 18.05
CA ASN G 215 47.75 39.64 17.50
C ASN G 215 46.90 40.52 16.56
N VAL G 216 46.79 40.13 15.28
CA VAL G 216 46.08 40.90 14.25
C VAL G 216 44.76 40.23 13.82
N GLU G 217 43.97 40.93 12.99
CA GLU G 217 42.68 40.48 12.47
C GLU G 217 42.76 39.10 11.82
N ALA G 218 41.67 38.34 11.93
CA ALA G 218 41.56 37.00 11.36
C ALA G 218 41.85 36.90 9.85
N GLU G 219 41.53 37.96 9.08
CA GLU G 219 41.76 37.97 7.64
C GLU G 219 42.79 39.02 7.24
N ALA G 220 43.87 39.14 8.02
CA ALA G 220 44.95 40.08 7.72
C ALA G 220 45.64 39.58 6.44
N SER G 221 45.37 40.20 5.29
CA SER G 221 45.88 39.73 4.01
C SER G 221 47.19 40.35 3.52
N MET G 222 47.45 41.66 3.74
CA MET G 222 48.66 42.29 3.18
C MET G 222 49.48 43.12 4.16
N VAL G 223 50.81 43.12 3.95
CA VAL G 223 51.80 43.87 4.70
C VAL G 223 52.31 45.00 3.79
N ILE G 224 52.43 46.22 4.32
CA ILE G 224 52.92 47.35 3.53
C ILE G 224 54.05 47.97 4.32
N ALA G 225 55.28 47.95 3.80
CA ALA G 225 56.42 48.58 4.47
C ALA G 225 56.32 50.10 4.23
N VAL G 226 56.25 50.90 5.32
CA VAL G 226 56.13 52.35 5.18
C VAL G 226 57.53 52.98 5.13
N PRO G 227 57.86 53.83 4.12
CA PRO G 227 59.17 54.50 4.14
C PRO G 227 59.29 55.57 5.21
N GLU G 228 60.52 56.00 5.46
CA GLU G 228 60.86 57.03 6.42
C GLU G 228 60.11 58.34 6.12
N PRO G 229 59.86 59.21 7.12
CA PRO G 229 60.27 59.13 8.54
C PRO G 229 59.31 58.38 9.45
N PHE G 230 58.38 57.60 8.89
CA PHE G 230 57.43 56.85 9.71
C PHE G 230 57.99 55.50 10.07
N GLY G 231 58.45 54.77 9.04
CA GLY G 231 58.93 53.41 9.17
C GLY G 231 57.79 52.46 9.49
N GLY G 232 58.13 51.28 9.98
CA GLY G 232 57.12 50.30 10.37
C GLY G 232 56.28 49.80 9.23
N ALA G 233 55.06 49.32 9.55
CA ALA G 233 54.20 48.72 8.54
C ALA G 233 52.69 48.83 8.81
N ILE G 234 51.90 48.74 7.71
CA ILE G 234 50.43 48.75 7.74
C ILE G 234 49.96 47.37 7.33
N ILE G 235 48.95 46.84 8.04
CA ILE G 235 48.38 45.52 7.76
C ILE G 235 46.91 45.65 7.40
N ILE G 236 46.61 45.42 6.12
CA ILE G 236 45.28 45.52 5.53
C ILE G 236 44.55 44.21 5.80
N GLY G 237 43.31 44.31 6.24
CA GLY G 237 42.47 43.14 6.51
C GLY G 237 41.19 43.20 5.70
N GLN G 238 40.14 42.58 6.22
CA GLN G 238 38.82 42.58 5.60
C GLN G 238 38.03 43.76 6.15
N GLU G 239 38.09 43.95 7.49
CA GLU G 239 37.36 44.99 8.20
C GLU G 239 38.24 46.05 8.85
N SER G 240 39.57 45.91 8.81
CA SER G 240 40.44 46.88 9.49
C SER G 240 41.82 47.03 8.87
N ILE G 241 42.33 48.27 8.92
CA ILE G 241 43.67 48.65 8.49
C ILE G 241 44.39 49.07 9.78
N THR G 242 45.55 48.46 10.12
CA THR G 242 46.27 48.77 11.36
C THR G 242 47.75 49.10 11.12
N TYR G 243 48.32 50.09 11.81
CA TYR G 243 49.73 50.44 11.67
C TYR G 243 50.46 49.97 12.91
N HIS G 244 51.64 49.35 12.72
CA HIS G 244 52.47 48.86 13.81
C HIS G 244 53.89 49.38 13.61
N ASN G 245 54.52 49.86 14.69
CA ASN G 245 55.89 50.34 14.63
C ASN G 245 56.48 50.33 16.03
N GLY G 246 56.44 49.16 16.64
CA GLY G 246 56.92 49.00 18.00
C GLY G 246 55.95 49.60 18.98
N ASP G 247 56.41 50.60 19.72
CA ASP G 247 55.56 51.29 20.69
C ASP G 247 54.29 51.91 20.04
N LYS G 248 54.39 52.47 18.82
CA LYS G 248 53.24 53.09 18.15
C LYS G 248 52.28 52.04 17.56
N TYR G 249 50.97 52.29 17.69
CA TYR G 249 49.92 51.39 17.19
C TYR G 249 48.63 52.16 16.93
N LEU G 250 48.13 52.09 15.69
CA LEU G 250 46.87 52.71 15.28
C LEU G 250 46.00 51.66 14.64
N ALA G 251 44.69 51.81 14.75
CA ALA G 251 43.74 50.87 14.18
C ALA G 251 42.45 51.58 13.78
N ILE G 252 42.11 51.53 12.49
CA ILE G 252 40.89 52.12 11.97
C ILE G 252 40.05 51.01 11.35
N ALA G 253 38.73 51.02 11.59
CA ALA G 253 37.80 50.03 11.05
C ALA G 253 36.66 50.77 10.36
N PRO G 254 36.95 51.42 9.21
CA PRO G 254 35.90 52.17 8.51
C PRO G 254 34.83 51.26 7.92
N PRO G 255 33.51 51.53 8.05
CA PRO G 255 32.52 50.59 7.49
C PRO G 255 32.55 50.41 5.97
N ILE G 256 33.04 51.40 5.21
CA ILE G 256 33.07 51.29 3.74
C ILE G 256 33.90 50.09 3.26
N ILE G 257 35.05 49.83 3.89
CA ILE G 257 35.94 48.77 3.44
C ILE G 257 35.38 47.34 3.67
N LYS G 258 34.40 47.18 4.58
CA LYS G 258 33.80 45.86 4.86
C LYS G 258 32.96 45.36 3.69
N GLN G 259 32.26 46.25 2.96
CA GLN G 259 31.40 45.86 1.85
C GLN G 259 32.08 45.01 0.78
N SER G 260 33.42 45.09 0.66
CA SER G 260 34.16 44.27 -0.30
C SER G 260 35.61 44.11 0.12
N THR G 261 36.22 43.00 -0.29
CA THR G 261 37.58 42.64 0.08
C THR G 261 38.64 43.45 -0.62
N ILE G 262 39.51 44.14 0.15
CA ILE G 262 40.60 44.91 -0.44
C ILE G 262 41.63 43.89 -0.90
N VAL G 263 42.00 43.95 -2.19
CA VAL G 263 42.87 42.97 -2.85
C VAL G 263 44.26 43.49 -3.22
N CYS G 264 44.47 44.81 -3.39
CA CYS G 264 45.80 45.31 -3.76
C CYS G 264 46.05 46.73 -3.27
N HIS G 265 47.33 47.09 -3.15
CA HIS G 265 47.79 48.39 -2.65
C HIS G 265 48.92 48.95 -3.52
N ASN G 266 49.25 50.23 -3.31
CA ASN G 266 50.35 50.90 -4.00
C ASN G 266 50.69 52.22 -3.29
N ARG G 267 51.97 52.62 -3.30
CA ARG G 267 52.40 53.86 -2.67
C ARG G 267 52.31 55.02 -3.70
N VAL G 268 51.60 56.09 -3.38
CA VAL G 268 51.50 57.26 -4.26
C VAL G 268 52.76 58.15 -4.06
N ASP G 269 52.89 58.79 -2.90
CA ASP G 269 53.99 59.69 -2.62
C ASP G 269 55.20 58.90 -2.11
N PRO G 270 56.43 59.19 -2.57
CA PRO G 270 57.59 58.44 -2.03
C PRO G 270 57.73 58.45 -0.52
N ASN G 271 57.45 59.59 0.15
CA ASN G 271 57.53 59.68 1.62
C ASN G 271 56.51 58.78 2.37
N GLY G 272 55.52 58.26 1.64
CA GLY G 272 54.52 57.34 2.17
C GLY G 272 53.34 58.01 2.81
N SER G 273 52.97 59.19 2.32
CA SER G 273 51.84 59.93 2.86
C SER G 273 50.52 59.35 2.33
N ARG G 274 50.41 59.22 1.01
CA ARG G 274 49.19 58.71 0.39
C ARG G 274 49.44 57.36 -0.24
N TYR G 275 48.45 56.46 -0.14
CA TYR G 275 48.52 55.09 -0.67
C TYR G 275 47.19 54.74 -1.33
N LEU G 276 47.22 54.12 -2.50
CA LEU G 276 45.98 53.70 -3.17
C LEU G 276 45.64 52.26 -2.79
N LEU G 277 44.34 51.97 -2.72
CA LEU G 277 43.84 50.62 -2.43
C LEU G 277 42.73 50.28 -3.41
N GLY G 278 42.61 49.00 -3.73
CA GLY G 278 41.58 48.50 -4.64
C GLY G 278 40.90 47.29 -4.05
N ASP G 279 39.60 47.10 -4.37
CA ASP G 279 38.82 45.97 -3.86
C ASP G 279 38.06 45.21 -4.96
N MET G 280 37.46 44.08 -4.59
CA MET G 280 36.77 43.23 -5.54
C MET G 280 35.58 43.85 -6.31
N GLU G 281 34.92 44.92 -5.81
CA GLU G 281 33.87 45.57 -6.61
C GLU G 281 34.47 46.68 -7.55
N GLY G 282 35.80 46.75 -7.67
CA GLY G 282 36.49 47.73 -8.49
C GLY G 282 36.62 49.11 -7.87
N ARG G 283 36.18 49.28 -6.61
CA ARG G 283 36.29 50.57 -5.95
C ARG G 283 37.76 50.91 -5.72
N LEU G 284 38.09 52.21 -5.73
CA LEU G 284 39.46 52.65 -5.53
C LEU G 284 39.46 53.68 -4.41
N PHE G 285 40.21 53.43 -3.33
CA PHE G 285 40.30 54.36 -2.21
C PHE G 285 41.72 54.93 -2.08
N MET G 286 41.86 55.94 -1.21
CA MET G 286 43.11 56.58 -0.88
C MET G 286 43.22 56.47 0.64
N LEU G 287 44.32 55.87 1.12
CA LEU G 287 44.60 55.73 2.53
C LEU G 287 45.68 56.77 2.83
N LEU G 288 45.35 57.79 3.62
CA LEU G 288 46.32 58.82 3.95
C LEU G 288 46.82 58.61 5.36
N LEU G 289 48.10 58.94 5.55
CA LEU G 289 48.77 58.78 6.82
C LEU G 289 48.90 60.17 7.45
N GLU G 290 47.88 60.58 8.25
CA GLU G 290 47.78 61.90 8.91
C GLU G 290 49.02 62.23 9.75
N LYS G 291 49.91 63.02 9.18
CA LYS G 291 51.14 63.42 9.83
C LYS G 291 50.87 64.44 10.96
N GLU G 292 51.81 64.55 11.90
CA GLU G 292 51.73 65.53 13.00
C GLU G 292 53.16 65.98 13.33
N GLU G 293 53.57 67.13 12.78
CA GLU G 293 54.92 67.65 12.98
C GLU G 293 55.15 68.11 14.40
N GLN G 294 55.93 67.34 15.15
CA GLN G 294 56.29 67.69 16.51
C GLN G 294 57.32 68.82 16.45
N MET G 295 57.34 69.67 17.47
CA MET G 295 58.29 70.78 17.52
C MET G 295 59.76 70.28 17.42
N ASP G 296 60.03 69.07 17.97
CA ASP G 296 61.31 68.33 17.91
C ASP G 296 61.95 68.42 16.51
N GLY G 297 61.10 68.29 15.49
CA GLY G 297 61.48 68.26 14.09
C GLY G 297 60.91 67.02 13.45
N THR G 298 60.86 65.89 14.22
CA THR G 298 60.28 64.62 13.79
C THR G 298 58.78 64.76 13.50
N VAL G 299 58.26 63.89 12.63
CA VAL G 299 56.86 63.93 12.25
C VAL G 299 56.20 62.56 12.55
N THR G 300 55.45 62.50 13.67
CA THR G 300 54.77 61.28 14.12
C THR G 300 53.45 61.05 13.38
N LEU G 301 53.07 59.77 13.21
CA LEU G 301 51.83 59.42 12.52
C LEU G 301 50.64 59.54 13.49
N LYS G 302 49.87 60.62 13.37
CA LYS G 302 48.73 60.87 14.25
C LYS G 302 47.49 60.01 14.00
N ASP G 303 47.13 59.73 12.73
CA ASP G 303 45.91 58.95 12.44
C ASP G 303 45.92 58.43 10.97
N LEU G 304 45.06 57.46 10.69
CA LEU G 304 44.84 56.92 9.36
C LEU G 304 43.44 57.27 8.94
N ARG G 305 43.24 57.37 7.63
CA ARG G 305 41.96 57.75 7.08
C ARG G 305 41.79 57.15 5.70
N VAL G 306 40.56 56.79 5.34
CA VAL G 306 40.24 56.22 4.03
C VAL G 306 39.24 57.12 3.33
N GLU G 307 39.37 57.25 2.00
CA GLU G 307 38.43 58.07 1.23
C GLU G 307 38.24 57.42 -0.11
N LEU G 308 37.00 57.18 -0.49
CA LEU G 308 36.67 56.52 -1.74
C LEU G 308 36.81 57.50 -2.89
N LEU G 309 37.68 57.20 -3.85
CA LEU G 309 37.90 58.05 -5.02
C LEU G 309 36.81 57.81 -6.09
N GLY G 310 36.66 56.56 -6.53
CA GLY G 310 35.68 56.19 -7.55
C GLY G 310 35.72 54.71 -7.85
N GLU G 311 35.31 54.34 -9.07
CA GLU G 311 35.30 52.94 -9.50
C GLU G 311 36.22 52.78 -10.72
N THR G 312 37.01 51.71 -10.75
CA THR G 312 37.90 51.38 -11.86
C THR G 312 37.67 49.88 -12.24
N SER G 313 38.43 49.32 -13.20
CA SER G 313 38.31 47.90 -13.54
C SER G 313 38.81 47.09 -12.32
N ILE G 314 38.44 45.80 -12.20
CA ILE G 314 38.84 45.01 -11.02
C ILE G 314 40.37 44.83 -11.05
N ALA G 315 41.07 45.61 -10.22
CA ALA G 315 42.52 45.67 -10.24
C ALA G 315 43.24 44.51 -9.61
N GLU G 316 44.13 43.88 -10.38
CA GLU G 316 45.03 42.85 -9.91
C GLU G 316 46.18 43.60 -9.20
N CYS G 317 46.67 44.71 -9.81
CA CYS G 317 47.71 45.56 -9.24
C CYS G 317 47.57 46.99 -9.75
N LEU G 318 47.76 47.95 -8.84
CA LEU G 318 47.74 49.38 -9.12
C LEU G 318 49.17 49.88 -9.18
N THR G 319 49.41 51.00 -9.88
CA THR G 319 50.75 51.61 -9.96
C THR G 319 50.59 53.10 -10.38
N TYR G 320 50.80 54.00 -9.42
CA TYR G 320 50.69 55.42 -9.64
C TYR G 320 51.86 55.92 -10.48
N LEU G 321 51.55 56.62 -11.59
CA LEU G 321 52.53 57.27 -12.48
C LEU G 321 52.56 58.79 -12.19
N ASP G 322 53.51 59.56 -12.75
CA ASP G 322 53.57 61.00 -12.48
C ASP G 322 52.38 61.76 -13.10
N ASN G 323 52.05 62.93 -12.54
CA ASN G 323 50.98 63.82 -12.98
C ASN G 323 49.56 63.26 -12.75
N GLY G 324 49.33 62.70 -11.56
CA GLY G 324 48.01 62.18 -11.18
C GLY G 324 47.43 61.02 -11.96
N VAL G 325 48.21 60.41 -12.89
CA VAL G 325 47.77 59.27 -13.71
C VAL G 325 48.04 57.93 -13.00
N VAL G 326 47.09 57.00 -12.98
CA VAL G 326 47.27 55.68 -12.35
C VAL G 326 47.06 54.61 -13.39
N PHE G 327 47.91 53.58 -13.40
CA PHE G 327 47.71 52.46 -14.31
C PHE G 327 47.06 51.31 -13.52
N VAL G 328 45.83 50.94 -13.90
CA VAL G 328 45.04 49.89 -13.28
C VAL G 328 45.29 48.61 -14.08
N GLY G 329 46.15 47.74 -13.56
CA GLY G 329 46.46 46.48 -14.20
C GLY G 329 45.46 45.45 -13.79
N SER G 330 44.48 45.13 -14.65
CA SER G 330 43.42 44.16 -14.34
C SER G 330 43.68 42.78 -14.95
N ARG G 331 43.19 41.70 -14.27
CA ARG G 331 43.29 40.30 -14.77
C ARG G 331 41.90 39.74 -15.15
N LEU G 332 40.79 40.38 -14.70
CA LEU G 332 39.44 39.94 -15.06
C LEU G 332 38.91 40.73 -16.26
N GLY G 333 39.09 42.06 -16.24
CA GLY G 333 38.63 42.94 -17.32
C GLY G 333 39.72 43.75 -17.97
N ASP G 334 39.31 44.70 -18.82
CA ASP G 334 40.23 45.59 -19.53
C ASP G 334 41.11 46.40 -18.57
N SER G 335 42.45 46.37 -18.79
CA SER G 335 43.41 47.16 -18.03
C SER G 335 43.28 48.61 -18.57
N GLN G 336 43.74 49.64 -17.80
CA GLN G 336 43.49 51.02 -18.22
C GLN G 336 44.32 52.07 -17.51
N LEU G 337 44.35 53.28 -18.08
CA LEU G 337 44.96 54.47 -17.47
C LEU G 337 43.80 55.35 -17.01
N VAL G 338 43.86 55.81 -15.77
CA VAL G 338 42.81 56.64 -15.20
C VAL G 338 43.43 57.88 -14.57
N LYS G 339 42.73 59.02 -14.68
CA LYS G 339 43.18 60.28 -14.12
C LYS G 339 42.46 60.53 -12.81
N LEU G 340 43.21 60.68 -11.71
CA LEU G 340 42.66 61.03 -10.42
C LEU G 340 42.70 62.54 -10.36
N ASN G 341 41.57 63.16 -10.05
CA ASN G 341 41.51 64.60 -9.96
C ASN G 341 41.28 65.03 -8.51
N VAL G 342 41.79 66.22 -8.18
CA VAL G 342 41.58 66.83 -6.86
C VAL G 342 40.07 67.16 -6.68
N ASP G 343 39.36 67.40 -7.82
CA ASP G 343 37.94 67.64 -7.93
C ASP G 343 37.14 66.36 -8.18
N SER G 344 35.98 66.24 -7.51
CA SER G 344 35.05 65.17 -7.85
C SER G 344 34.10 65.65 -8.95
N ASN G 345 33.74 64.73 -9.88
CA ASN G 345 32.80 65.04 -10.97
C ASN G 345 31.32 65.21 -10.45
N GLU G 346 30.33 65.39 -11.34
CA GLU G 346 28.93 65.53 -10.92
C GLU G 346 28.40 64.26 -10.20
N GLN G 347 28.98 63.09 -10.52
CA GLN G 347 28.63 61.80 -9.88
C GLN G 347 29.33 61.62 -8.51
N GLY G 348 30.17 62.57 -8.08
CA GLY G 348 30.94 62.49 -6.83
C GLY G 348 32.24 61.72 -6.94
N SER G 349 32.57 61.22 -8.16
CA SER G 349 33.77 60.42 -8.44
C SER G 349 34.99 61.28 -8.83
N TYR G 350 36.13 61.01 -8.20
CA TYR G 350 37.38 61.69 -8.50
C TYR G 350 38.16 60.97 -9.62
N VAL G 351 37.69 59.79 -10.13
CA VAL G 351 38.40 59.06 -11.19
C VAL G 351 37.74 59.31 -12.56
N VAL G 352 38.57 59.46 -13.61
CA VAL G 352 38.14 59.70 -14.98
C VAL G 352 38.92 58.73 -15.87
N ALA G 353 38.22 57.89 -16.61
CA ALA G 353 38.86 56.89 -17.46
C ALA G 353 39.51 57.54 -18.67
N MET G 354 40.82 57.40 -18.84
CA MET G 354 41.53 58.00 -19.97
C MET G 354 41.61 57.04 -21.17
N GLU G 355 42.35 55.93 -21.03
CA GLU G 355 42.60 54.98 -22.10
C GLU G 355 42.33 53.58 -21.61
N THR G 356 41.75 52.74 -22.46
CA THR G 356 41.44 51.37 -22.10
C THR G 356 42.20 50.44 -22.99
N PHE G 357 42.93 49.50 -22.40
CA PHE G 357 43.71 48.50 -23.13
C PHE G 357 42.92 47.19 -23.05
N THR G 358 42.67 46.56 -24.21
CA THR G 358 41.87 45.36 -24.26
C THR G 358 42.51 44.19 -23.54
N ASN G 359 41.71 43.51 -22.73
CA ASN G 359 42.09 42.31 -22.02
C ASN G 359 41.02 41.30 -22.25
N LEU G 360 41.33 40.27 -23.05
CA LEU G 360 40.38 39.18 -23.27
C LEU G 360 40.08 38.38 -21.97
N GLY G 361 40.70 38.77 -20.83
CA GLY G 361 40.48 38.25 -19.47
C GLY G 361 40.27 36.75 -19.43
N PRO G 362 39.76 36.18 -18.33
CA PRO G 362 39.51 34.72 -18.34
C PRO G 362 38.53 34.33 -19.46
N ILE G 363 39.01 33.62 -20.50
CA ILE G 363 38.16 33.19 -21.61
C ILE G 363 37.54 31.91 -21.07
N VAL G 364 36.33 31.99 -20.50
CA VAL G 364 35.71 30.81 -19.87
C VAL G 364 35.09 29.84 -20.88
N ASP G 365 34.68 30.34 -22.05
CA ASP G 365 34.15 29.50 -23.13
C ASP G 365 34.21 30.27 -24.45
N MET G 366 34.04 29.59 -25.58
CA MET G 366 34.02 30.25 -26.88
C MET G 366 33.41 29.37 -27.96
N CYS G 367 33.10 29.96 -29.12
CA CYS G 367 32.56 29.22 -30.27
C CYS G 367 33.01 29.91 -31.55
N VAL G 368 33.21 29.12 -32.60
CA VAL G 368 33.60 29.64 -33.89
C VAL G 368 32.37 29.70 -34.75
N VAL G 369 32.11 30.88 -35.36
CA VAL G 369 30.95 31.13 -36.24
C VAL G 369 31.41 31.91 -37.45
N ASP G 370 30.70 31.74 -38.55
CA ASP G 370 30.99 32.50 -39.75
C ASP G 370 29.72 33.33 -40.03
N LEU G 371 29.60 34.48 -39.33
CA LEU G 371 28.42 35.35 -39.38
C LEU G 371 28.10 35.86 -40.79
N GLU G 372 29.12 36.33 -41.54
CA GLU G 372 28.94 36.82 -42.91
C GLU G 372 29.02 35.70 -43.97
N ARG G 373 29.35 34.44 -43.57
CA ARG G 373 29.49 33.28 -44.45
C ARG G 373 30.54 33.49 -45.54
N GLN G 374 31.67 34.11 -45.18
CA GLN G 374 32.77 34.33 -46.13
C GLN G 374 33.75 33.13 -46.24
N GLY G 375 33.63 32.15 -45.35
CA GLY G 375 34.57 31.05 -45.25
C GLY G 375 35.81 31.50 -44.51
N GLN G 376 35.67 32.47 -43.57
CA GLN G 376 36.81 32.97 -42.78
C GLN G 376 36.75 32.40 -41.35
N GLY G 377 35.70 32.75 -40.60
CA GLY G 377 35.54 32.30 -39.22
C GLY G 377 35.90 33.37 -38.22
N GLN G 378 35.01 33.58 -37.25
CA GLN G 378 35.14 34.56 -36.16
C GLN G 378 35.03 33.81 -34.84
N LEU G 379 35.69 34.33 -33.80
CA LEU G 379 35.69 33.69 -32.49
C LEU G 379 34.95 34.54 -31.46
N VAL G 380 33.77 34.07 -31.01
CA VAL G 380 32.92 34.74 -30.02
C VAL G 380 33.20 34.08 -28.65
N THR G 381 33.75 34.84 -27.69
CA THR G 381 34.21 34.33 -26.39
C THR G 381 33.49 34.89 -25.14
N CYS G 382 33.22 34.04 -24.14
CA CYS G 382 32.70 34.48 -22.84
C CYS G 382 33.94 34.96 -22.05
N SER G 383 34.15 36.29 -21.94
CA SER G 383 35.36 36.82 -21.30
C SER G 383 35.07 37.65 -20.08
N GLY G 384 36.02 37.63 -19.15
CA GLY G 384 35.89 38.42 -17.93
C GLY G 384 35.05 37.75 -16.85
N ALA G 385 34.83 38.47 -15.76
CA ALA G 385 34.02 37.99 -14.63
C ALA G 385 33.49 39.17 -13.83
N PHE G 386 32.35 38.98 -13.15
CA PHE G 386 31.76 40.02 -12.31
C PHE G 386 31.42 41.25 -13.15
N LYS G 387 31.55 42.51 -12.67
CA LYS G 387 31.23 43.68 -13.50
C LYS G 387 32.01 43.71 -14.83
N GLU G 388 33.15 43.01 -14.88
CA GLU G 388 33.98 42.89 -16.08
C GLU G 388 33.45 41.88 -17.13
N GLY G 389 32.28 41.29 -16.89
CA GLY G 389 31.71 40.33 -17.80
C GLY G 389 31.44 40.93 -19.17
N SER G 390 31.80 40.17 -20.22
CA SER G 390 31.64 40.64 -21.60
C SER G 390 31.76 39.52 -22.62
N LEU G 391 31.34 39.78 -23.86
CA LEU G 391 31.58 38.89 -24.99
C LEU G 391 32.56 39.63 -25.89
N ARG G 392 33.46 38.89 -26.54
CA ARG G 392 34.45 39.49 -27.43
C ARG G 392 34.32 38.82 -28.77
N ILE G 393 34.14 39.60 -29.84
CA ILE G 393 34.06 39.06 -31.18
C ILE G 393 35.41 39.34 -31.83
N ILE G 394 36.26 38.30 -31.95
CA ILE G 394 37.60 38.42 -32.56
C ILE G 394 37.52 37.95 -34.02
N ARG G 395 38.18 38.69 -34.95
CA ARG G 395 38.19 38.36 -36.37
C ARG G 395 39.49 38.78 -37.03
N ASN G 396 39.90 38.05 -38.08
CA ASN G 396 41.10 38.38 -38.82
C ASN G 396 40.81 39.48 -39.82
N GLY G 397 41.66 40.49 -39.85
CA GLY G 397 41.54 41.62 -40.76
C GLY G 397 42.38 41.43 -42.00
N ILE G 398 41.80 40.84 -43.07
CA ILE G 398 42.52 40.62 -44.33
C ILE G 398 42.58 41.94 -45.10
N LYS G 409 46.80 42.05 -37.98
CA LYS G 409 46.37 42.09 -36.58
C LYS G 409 44.87 41.71 -36.43
N LEU G 410 44.45 41.32 -35.21
CA LEU G 410 43.08 40.92 -34.87
C LEU G 410 42.16 42.08 -34.43
N HIS G 411 41.00 42.22 -35.09
CA HIS G 411 40.01 43.24 -34.74
C HIS G 411 39.08 42.63 -33.69
N ILE G 412 38.88 43.31 -32.57
CA ILE G 412 38.09 42.79 -31.47
C ILE G 412 36.97 43.77 -31.07
N ARG G 413 35.71 43.31 -31.08
CA ARG G 413 34.59 44.13 -30.63
C ARG G 413 34.16 43.59 -29.28
N THR G 414 34.03 44.47 -28.30
CA THR G 414 33.59 44.09 -26.96
C THR G 414 32.11 44.38 -26.76
N VAL G 415 31.41 43.50 -26.00
CA VAL G 415 30.00 43.64 -25.66
C VAL G 415 29.92 43.52 -24.14
N PRO G 416 29.91 44.64 -23.40
CA PRO G 416 29.85 44.53 -21.94
C PRO G 416 28.51 44.01 -21.44
N LEU G 417 28.57 43.05 -20.52
CA LEU G 417 27.40 42.43 -19.89
C LEU G 417 27.24 42.86 -18.44
N TYR G 418 28.34 43.29 -17.78
CA TYR G 418 28.32 43.65 -16.37
C TYR G 418 27.93 42.47 -15.45
N GLU G 419 28.11 41.24 -15.92
CA GLU G 419 27.89 40.05 -15.11
C GLU G 419 28.65 38.90 -15.72
N SER G 420 29.02 37.94 -14.92
CA SER G 420 29.87 36.81 -15.34
C SER G 420 29.26 35.92 -16.48
N PRO G 421 29.80 35.92 -17.73
CA PRO G 421 29.26 35.02 -18.76
C PRO G 421 29.93 33.66 -18.58
N ARG G 422 29.17 32.58 -18.43
CA ARG G 422 29.71 31.24 -18.17
C ARG G 422 29.94 30.34 -19.41
N LYS G 423 28.99 30.27 -20.36
CA LYS G 423 29.13 29.44 -21.57
C LYS G 423 28.35 30.04 -22.74
N ILE G 424 28.83 29.85 -24.01
CA ILE G 424 28.17 30.39 -25.22
C ILE G 424 27.76 29.31 -26.20
N CYS G 425 26.73 29.59 -26.99
CA CYS G 425 26.19 28.64 -27.95
C CYS G 425 25.55 29.39 -29.10
N TYR G 426 25.87 29.06 -30.36
CA TYR G 426 25.28 29.75 -31.49
C TYR G 426 24.12 28.94 -32.09
N GLN G 427 23.01 29.61 -32.44
CA GLN G 427 21.81 28.98 -33.02
C GLN G 427 21.51 29.72 -34.30
N GLU G 428 21.98 29.21 -35.43
CA GLU G 428 21.80 29.88 -36.71
C GLU G 428 20.35 30.02 -37.10
N VAL G 429 19.53 29.02 -36.76
CA VAL G 429 18.10 29.01 -37.07
C VAL G 429 17.40 30.28 -36.55
N SER G 430 17.86 30.80 -35.42
CA SER G 430 17.30 31.98 -34.78
C SER G 430 18.17 33.22 -34.91
N GLN G 431 19.29 33.18 -35.68
CA GLN G 431 20.17 34.35 -35.84
C GLN G 431 20.57 34.99 -34.50
N CYS G 432 21.08 34.16 -33.59
CA CYS G 432 21.41 34.65 -32.26
C CYS G 432 22.34 33.68 -31.51
N PHE G 433 22.79 34.13 -30.34
CA PHE G 433 23.61 33.35 -29.44
C PHE G 433 22.88 33.17 -28.14
N GLY G 434 23.11 32.01 -27.53
CA GLY G 434 22.66 31.65 -26.20
C GLY G 434 23.85 31.76 -25.28
N VAL G 435 23.68 32.43 -24.14
CA VAL G 435 24.79 32.62 -23.21
C VAL G 435 24.32 32.42 -21.77
N LEU G 436 24.95 31.48 -21.03
CA LEU G 436 24.65 31.29 -19.61
C LEU G 436 25.41 32.36 -18.82
N SER G 437 24.79 32.96 -17.78
CA SER G 437 25.45 34.01 -17.00
C SER G 437 25.05 34.03 -15.54
N SER G 438 25.93 34.55 -14.70
CA SER G 438 25.73 34.63 -13.27
C SER G 438 25.94 36.04 -12.77
N ARG G 439 25.01 36.54 -11.95
CA ARG G 439 25.14 37.84 -11.31
C ARG G 439 25.03 37.69 -9.81
N ILE G 440 25.78 38.49 -9.05
CA ILE G 440 25.71 38.42 -7.58
C ILE G 440 24.66 39.36 -7.02
N GLU G 441 23.86 38.84 -6.11
CA GLU G 441 22.92 39.62 -5.35
C GLU G 441 23.29 39.37 -3.87
N VAL G 442 23.03 40.36 -3.03
CA VAL G 442 23.34 40.29 -1.61
C VAL G 442 22.02 40.19 -0.81
N GLN G 443 22.02 39.49 0.31
CA GLN G 443 20.81 39.34 1.12
C GLN G 443 20.47 40.68 1.75
N ASP G 444 19.28 41.25 1.48
CA ASP G 444 18.87 42.57 2.01
C ASP G 444 17.86 42.49 3.16
N THR G 445 17.57 43.62 3.83
CA THR G 445 16.64 43.64 4.95
C THR G 445 15.22 43.27 4.59
N SER G 446 14.84 43.35 3.32
CA SER G 446 13.49 42.96 2.90
C SER G 446 13.23 41.45 2.97
N GLY G 447 14.28 40.65 3.10
CA GLY G 447 14.18 39.20 3.06
C GLY G 447 14.79 38.70 1.76
N GLY G 448 14.44 39.35 0.65
CA GLY G 448 14.96 39.01 -0.66
C GLY G 448 16.42 39.38 -0.87
N THR G 449 16.81 39.64 -2.11
CA THR G 449 18.20 39.97 -2.46
C THR G 449 18.23 41.19 -3.41
N THR G 450 19.39 41.93 -3.41
CA THR G 450 19.62 43.16 -4.20
C THR G 450 20.92 43.15 -5.02
N ALA G 451 20.81 43.25 -6.35
CA ALA G 451 21.99 43.34 -7.22
C ALA G 451 22.42 44.78 -7.21
N LEU G 452 23.70 45.07 -6.89
CA LEU G 452 24.15 46.47 -6.80
C LEU G 452 24.39 47.20 -8.16
N ARG G 453 24.47 46.46 -9.25
CA ARG G 453 24.69 47.03 -10.58
C ARG G 453 23.64 46.41 -11.51
N PRO G 454 22.87 47.16 -12.32
CA PRO G 454 22.03 46.50 -13.34
C PRO G 454 22.95 45.88 -14.39
N SER G 455 22.62 44.66 -14.86
CA SER G 455 23.44 43.91 -15.81
C SER G 455 22.60 43.31 -16.95
N ALA G 456 23.25 42.64 -17.93
CA ALA G 456 22.63 42.03 -19.10
C ALA G 456 21.29 41.33 -18.80
N SER G 457 21.24 40.54 -17.72
CA SER G 457 20.05 39.79 -17.33
C SER G 457 18.92 40.68 -16.81
N THR G 458 19.23 41.72 -16.04
CA THR G 458 18.17 42.62 -15.52
C THR G 458 17.66 43.59 -16.61
N GLN G 459 18.55 43.97 -17.53
CA GLN G 459 18.28 44.89 -18.63
C GLN G 459 17.90 44.19 -19.95
N ALA G 460 17.20 43.07 -19.88
CA ALA G 460 16.76 42.36 -21.07
C ALA G 460 15.46 42.97 -21.59
N LEU G 461 15.25 42.94 -22.92
CA LEU G 461 14.03 43.48 -23.55
C LEU G 461 12.79 42.71 -23.05
N SER G 462 12.80 41.39 -23.16
CA SER G 462 11.76 40.50 -22.63
C SER G 462 12.44 39.56 -21.60
N SER G 463 11.76 39.22 -20.51
CA SER G 463 12.38 38.35 -19.49
C SER G 463 11.40 37.37 -18.87
N SER G 464 11.92 36.29 -18.32
CA SER G 464 11.12 35.24 -17.71
C SER G 464 11.84 34.65 -16.48
N VAL G 465 11.11 33.91 -15.63
CA VAL G 465 11.65 33.24 -14.44
C VAL G 465 11.11 31.81 -14.43
N SER G 466 11.94 30.80 -14.08
CA SER G 466 11.47 29.41 -14.09
C SER G 466 10.28 29.22 -13.16
N SER G 467 9.18 28.71 -13.71
CA SER G 467 7.99 28.40 -12.93
C SER G 467 7.95 26.89 -12.63
N SER G 468 9.13 26.27 -12.45
CA SER G 468 9.17 24.86 -12.14
C SER G 468 8.86 24.62 -10.69
N LYS G 469 8.30 23.46 -10.44
CA LYS G 469 7.93 22.98 -9.14
C LYS G 469 8.47 21.53 -9.00
N LEU G 470 9.70 21.25 -9.53
CA LEU G 470 10.31 19.90 -9.44
C LEU G 470 10.86 19.66 -8.06
N PHE G 471 11.50 20.68 -7.47
CA PHE G 471 12.12 20.53 -6.15
C PHE G 471 11.13 20.81 -4.99
N SER G 472 9.94 21.45 -5.31
CA SER G 472 8.80 21.75 -4.43
C SER G 472 9.25 22.36 -3.06
N SER G 473 8.55 22.05 -1.92
CA SER G 473 8.99 22.50 -0.58
C SER G 473 10.39 21.93 -0.30
N SER G 474 10.56 20.61 -0.67
CA SER G 474 11.77 19.80 -0.51
C SER G 474 12.13 19.53 0.98
N THR G 475 11.44 20.20 1.96
CA THR G 475 11.60 20.09 3.43
C THR G 475 13.10 20.28 3.81
N ALA G 476 13.70 21.30 3.11
CA ALA G 476 15.07 21.76 3.17
C ALA G 476 15.11 23.24 3.55
N PRO G 477 15.14 23.57 4.87
CA PRO G 477 15.26 24.99 5.26
C PRO G 477 16.72 25.40 5.16
N HIS G 478 17.07 26.25 4.16
CA HIS G 478 18.46 26.69 4.03
C HIS G 478 18.85 27.64 5.21
N GLU G 479 18.03 28.70 5.44
CA GLU G 479 18.24 29.68 6.51
C GLU G 479 19.37 30.64 6.12
N THR G 480 19.04 31.89 5.72
CA THR G 480 20.07 32.84 5.32
C THR G 480 20.09 34.14 6.13
N SER G 481 21.30 34.56 6.51
CA SER G 481 21.56 35.81 7.24
C SER G 481 21.76 36.99 6.25
N PHE G 482 21.73 38.23 6.75
CA PHE G 482 21.90 39.41 5.93
C PHE G 482 23.33 39.56 5.42
N GLY G 483 23.49 40.25 4.32
CA GLY G 483 24.81 40.49 3.73
C GLY G 483 25.41 39.33 2.97
N GLU G 484 24.83 38.11 3.07
CA GLU G 484 25.36 36.96 2.34
C GLU G 484 25.16 37.13 0.85
N GLU G 485 26.18 36.79 0.05
CA GLU G 485 26.06 36.86 -1.40
C GLU G 485 25.37 35.60 -1.92
N VAL G 486 24.69 35.67 -3.06
CA VAL G 486 24.10 34.52 -3.75
C VAL G 486 24.22 34.75 -5.25
N GLU G 487 24.51 33.72 -6.04
CA GLU G 487 24.57 33.88 -7.50
C GLU G 487 23.18 33.69 -8.06
N VAL G 488 22.88 34.37 -9.17
CA VAL G 488 21.61 34.24 -9.84
C VAL G 488 21.92 33.90 -11.27
N HIS G 489 21.57 32.68 -11.69
CA HIS G 489 21.89 32.17 -13.02
C HIS G 489 20.82 32.41 -14.02
N ASN G 490 21.21 32.71 -15.25
CA ASN G 490 20.25 32.99 -16.32
C ASN G 490 20.78 32.51 -17.66
N LEU G 491 19.86 32.34 -18.62
CA LEU G 491 20.18 32.00 -20.00
C LEU G 491 19.72 33.20 -20.82
N LEU G 492 20.68 33.93 -21.38
CA LEU G 492 20.44 35.11 -22.20
C LEU G 492 20.33 34.73 -23.67
N ILE G 493 19.58 35.51 -24.43
CA ILE G 493 19.42 35.37 -25.86
C ILE G 493 19.93 36.69 -26.42
N ILE G 494 20.93 36.64 -27.29
CA ILE G 494 21.56 37.84 -27.81
C ILE G 494 21.56 37.86 -29.37
N ASP G 495 21.15 38.99 -30.02
CA ASP G 495 21.12 39.08 -31.48
C ASP G 495 22.52 38.94 -32.08
N GLN G 496 22.71 38.10 -33.10
CA GLN G 496 24.03 37.86 -33.69
C GLN G 496 24.66 39.05 -34.45
N HIS G 497 23.94 40.17 -34.61
CA HIS G 497 24.45 41.32 -35.35
C HIS G 497 24.57 42.56 -34.42
N THR G 498 23.49 42.92 -33.69
CA THR G 498 23.52 44.07 -32.77
C THR G 498 24.01 43.73 -31.37
N PHE G 499 23.97 42.45 -31.00
CA PHE G 499 24.33 41.98 -29.68
C PHE G 499 23.50 42.62 -28.56
N GLU G 500 22.25 43.00 -28.86
CA GLU G 500 21.36 43.52 -27.83
C GLU G 500 20.73 42.30 -27.11
N VAL G 501 20.53 42.36 -25.79
CA VAL G 501 19.94 41.24 -25.04
C VAL G 501 18.44 41.19 -25.33
N LEU G 502 18.04 40.28 -26.21
CA LEU G 502 16.66 40.12 -26.65
C LEU G 502 15.81 39.52 -25.54
N HIS G 503 16.31 38.48 -24.88
CA HIS G 503 15.59 37.80 -23.80
C HIS G 503 16.57 37.37 -22.70
N ALA G 504 16.04 37.20 -21.47
CA ALA G 504 16.82 36.72 -20.34
C ALA G 504 15.94 35.84 -19.49
N HIS G 505 16.30 34.56 -19.34
CA HIS G 505 15.51 33.65 -18.54
C HIS G 505 16.24 33.37 -17.28
N GLN G 506 15.69 33.76 -16.13
CA GLN G 506 16.30 33.50 -14.85
C GLN G 506 15.95 32.10 -14.36
N PHE G 507 16.92 31.40 -13.79
CA PHE G 507 16.75 30.04 -13.27
C PHE G 507 16.27 30.05 -11.82
N LEU G 508 15.90 28.86 -11.30
CA LEU G 508 15.37 28.70 -9.95
C LEU G 508 16.34 29.20 -8.87
N GLN G 509 15.82 29.48 -7.68
CA GLN G 509 16.65 29.98 -6.60
C GLN G 509 17.59 28.88 -6.14
N ASN G 510 18.89 29.22 -6.12
CA ASN G 510 19.99 28.30 -5.79
C ASN G 510 20.24 27.28 -6.91
N GLU G 511 19.97 27.63 -8.18
CA GLU G 511 20.21 26.75 -9.33
C GLU G 511 21.32 27.35 -10.18
N TYR G 512 22.32 26.55 -10.54
CA TYR G 512 23.46 27.00 -11.33
C TYR G 512 23.46 26.40 -12.72
N ALA G 513 23.48 27.22 -13.78
CA ALA G 513 23.55 26.72 -15.14
C ALA G 513 25.01 26.37 -15.47
N LEU G 514 25.28 25.09 -15.80
CA LEU G 514 26.61 24.54 -16.06
C LEU G 514 26.90 24.17 -17.52
N SER G 515 25.90 23.70 -18.27
CA SER G 515 26.10 23.27 -19.65
C SER G 515 25.01 23.78 -20.57
N LEU G 516 25.35 24.03 -21.85
CA LEU G 516 24.41 24.57 -22.84
C LEU G 516 24.73 24.05 -24.26
N VAL G 517 23.68 23.63 -25.01
CA VAL G 517 23.77 23.14 -26.39
C VAL G 517 22.59 23.65 -27.21
N SER G 518 22.79 23.84 -28.52
CA SER G 518 21.73 24.24 -29.44
C SER G 518 21.69 23.18 -30.50
N CYS G 519 20.53 22.55 -30.71
CA CYS G 519 20.42 21.46 -31.68
C CYS G 519 18.98 20.98 -31.87
N LYS G 520 18.78 20.16 -32.92
CA LYS G 520 17.55 19.43 -33.15
C LYS G 520 17.84 18.01 -32.60
N LEU G 521 16.81 17.33 -32.09
CA LEU G 521 16.95 15.97 -31.57
C LEU G 521 15.87 15.08 -32.14
N GLY G 522 16.18 13.78 -32.27
CA GLY G 522 15.27 12.77 -32.83
C GLY G 522 14.70 13.18 -34.17
N LYS G 523 13.43 12.91 -34.38
CA LYS G 523 12.75 13.33 -35.60
C LYS G 523 11.99 14.66 -35.36
N ASP G 524 12.47 15.51 -34.43
CA ASP G 524 11.87 16.80 -34.11
C ASP G 524 12.56 17.83 -34.99
N PRO G 525 11.80 18.61 -35.78
CA PRO G 525 12.44 19.58 -36.67
C PRO G 525 12.85 20.92 -36.02
N ASN G 526 12.39 21.23 -34.80
CA ASN G 526 12.74 22.49 -34.14
C ASN G 526 14.16 22.45 -33.58
N THR G 527 14.84 23.61 -33.58
CA THR G 527 16.19 23.74 -33.03
C THR G 527 16.06 24.32 -31.61
N TYR G 528 16.32 23.49 -30.60
CA TYR G 528 16.18 23.88 -29.20
C TYR G 528 17.48 24.35 -28.58
N PHE G 529 17.39 25.04 -27.44
CA PHE G 529 18.50 25.49 -26.62
C PHE G 529 18.32 24.68 -25.34
N ILE G 530 19.22 23.74 -25.03
CA ILE G 530 19.10 22.87 -23.85
C ILE G 530 20.14 23.27 -22.80
N VAL G 531 19.72 23.43 -21.54
CA VAL G 531 20.59 23.82 -20.42
C VAL G 531 20.62 22.70 -19.36
N GLY G 532 21.79 22.53 -18.74
CA GLY G 532 22.04 21.55 -17.70
C GLY G 532 22.35 22.32 -16.43
N THR G 533 21.62 22.04 -15.35
CA THR G 533 21.74 22.82 -14.12
C THR G 533 22.09 21.96 -12.89
N ALA G 534 22.38 22.60 -11.72
CA ALA G 534 22.69 21.91 -10.47
C ALA G 534 22.18 22.71 -9.31
N MET G 535 21.52 22.06 -8.32
CA MET G 535 21.01 22.76 -7.12
C MET G 535 22.14 22.83 -6.11
N VAL G 536 22.78 23.99 -6.11
CA VAL G 536 23.95 24.30 -5.31
C VAL G 536 23.57 24.89 -3.96
N TYR G 537 23.65 24.08 -2.90
CA TYR G 537 23.43 24.55 -1.54
C TYR G 537 24.80 24.54 -0.85
N PRO G 538 25.12 25.49 0.04
CA PRO G 538 26.43 25.44 0.73
C PRO G 538 26.65 24.14 1.53
N GLU G 539 25.55 23.61 2.14
CA GLU G 539 25.56 22.38 2.96
C GLU G 539 26.04 21.14 2.16
N GLU G 540 25.55 20.99 0.91
CA GLU G 540 25.95 19.88 0.05
C GLU G 540 27.43 19.93 -0.33
N ALA G 541 28.11 18.80 -0.17
CA ALA G 541 29.51 18.69 -0.58
C ALA G 541 29.58 18.57 -2.13
N GLU G 542 28.66 17.79 -2.70
CA GLU G 542 28.50 17.65 -4.14
C GLU G 542 26.97 17.73 -4.42
N PRO G 543 26.47 18.33 -5.55
CA PRO G 543 25.01 18.47 -5.71
C PRO G 543 24.28 17.17 -5.90
N LYS G 544 23.09 17.06 -5.31
CA LYS G 544 22.28 15.87 -5.39
C LYS G 544 21.02 16.04 -6.25
N GLN G 545 20.81 17.21 -6.88
CA GLN G 545 19.67 17.45 -7.77
C GLN G 545 20.11 18.35 -8.92
N GLY G 546 19.37 18.28 -10.01
CA GLY G 546 19.63 19.10 -11.19
C GLY G 546 18.51 18.98 -12.20
N ARG G 547 18.65 19.66 -13.34
CA ARG G 547 17.67 19.56 -14.42
C ARG G 547 18.35 19.63 -15.77
N ILE G 548 17.65 19.14 -16.76
CA ILE G 548 18.03 19.29 -18.14
C ILE G 548 16.78 19.92 -18.69
N VAL G 549 16.84 21.23 -19.01
CA VAL G 549 15.68 21.98 -19.49
C VAL G 549 15.84 22.23 -20.99
N VAL G 550 14.79 21.96 -21.78
CA VAL G 550 14.78 22.15 -23.23
C VAL G 550 13.93 23.37 -23.51
N PHE G 551 14.51 24.42 -24.10
CA PHE G 551 13.78 25.64 -24.45
C PHE G 551 13.72 25.82 -25.95
N GLN G 552 12.75 26.63 -26.44
CA GLN G 552 12.69 26.97 -27.85
C GLN G 552 12.51 28.48 -27.96
N TYR G 553 13.37 29.13 -28.73
CA TYR G 553 13.27 30.55 -28.96
C TYR G 553 12.53 30.80 -30.26
N SER G 554 11.40 31.48 -30.19
CA SER G 554 10.60 31.80 -31.38
C SER G 554 9.72 33.01 -31.08
N ASP G 555 9.63 33.94 -32.04
CA ASP G 555 8.84 35.16 -31.87
C ASP G 555 9.31 35.97 -30.66
N GLY G 556 10.62 36.17 -30.57
CA GLY G 556 11.22 36.96 -29.50
C GLY G 556 11.05 36.50 -28.06
N LYS G 557 10.53 35.25 -27.83
CA LYS G 557 10.32 34.72 -26.47
C LYS G 557 10.71 33.25 -26.33
N LEU G 558 11.29 32.92 -25.17
CA LEU G 558 11.86 31.61 -24.83
C LEU G 558 10.88 30.73 -24.05
N GLN G 559 10.23 29.76 -24.70
CA GLN G 559 9.29 28.89 -24.01
C GLN G 559 9.96 27.58 -23.58
N THR G 560 9.48 27.00 -22.46
CA THR G 560 10.02 25.76 -21.91
C THR G 560 9.27 24.57 -22.53
N VAL G 561 10.01 23.74 -23.28
CA VAL G 561 9.49 22.60 -24.04
C VAL G 561 9.37 21.35 -23.18
N ALA G 562 10.40 21.04 -22.39
CA ALA G 562 10.40 19.87 -21.52
C ALA G 562 11.49 20.03 -20.47
N GLU G 563 11.33 19.28 -19.38
CA GLU G 563 12.12 19.32 -18.18
C GLU G 563 12.39 17.88 -17.75
N LYS G 564 13.67 17.51 -17.52
CA LYS G 564 13.99 16.16 -17.06
C LYS G 564 14.77 16.32 -15.78
N GLU G 565 14.29 15.77 -14.66
CA GLU G 565 15.02 15.88 -13.40
C GLU G 565 16.20 14.88 -13.40
N VAL G 566 17.31 15.25 -12.72
CA VAL G 566 18.49 14.40 -12.57
C VAL G 566 18.98 14.42 -11.12
N LYS G 567 19.75 13.39 -10.77
CA LYS G 567 20.29 13.11 -9.45
C LYS G 567 21.56 13.94 -9.07
N GLY G 568 22.03 14.81 -9.95
CA GLY G 568 23.26 15.58 -9.69
C GLY G 568 23.53 16.70 -10.66
N ALA G 569 24.76 17.19 -10.70
CA ALA G 569 25.13 18.30 -11.55
C ALA G 569 25.33 17.89 -12.98
N VAL G 570 24.73 18.61 -13.95
CA VAL G 570 24.90 18.33 -15.39
C VAL G 570 26.09 19.16 -15.91
N TYR G 571 27.30 18.67 -15.64
CA TYR G 571 28.54 19.36 -15.97
C TYR G 571 28.76 19.66 -17.47
N SER G 572 28.33 18.74 -18.37
CA SER G 572 28.55 18.88 -19.81
C SER G 572 27.49 18.13 -20.64
N MET G 573 27.15 18.66 -21.84
CA MET G 573 26.21 18.07 -22.77
C MET G 573 26.71 18.26 -24.21
N VAL G 574 26.37 17.31 -25.11
CA VAL G 574 26.74 17.34 -26.54
C VAL G 574 25.65 16.67 -27.40
N GLU G 575 25.44 17.17 -28.65
CA GLU G 575 24.48 16.54 -29.55
C GLU G 575 25.17 15.30 -30.07
N PHE G 576 24.62 14.12 -29.80
CA PHE G 576 25.23 12.87 -30.23
C PHE G 576 24.32 12.10 -31.17
N ASN G 577 24.50 12.27 -32.48
CA ASN G 577 23.72 11.55 -33.49
C ASN G 577 22.20 11.62 -33.23
N GLY G 578 21.70 12.85 -33.05
CA GLY G 578 20.28 13.09 -32.79
C GLY G 578 19.83 12.84 -31.37
N LYS G 579 20.70 12.30 -30.51
CA LYS G 579 20.41 12.04 -29.12
C LYS G 579 21.16 13.07 -28.24
N LEU G 580 20.81 13.16 -26.95
CA LEU G 580 21.43 14.12 -26.05
C LEU G 580 22.31 13.36 -25.09
N LEU G 581 23.64 13.56 -25.18
CA LEU G 581 24.60 12.92 -24.29
C LEU G 581 24.96 13.93 -23.19
N ALA G 582 24.78 13.55 -21.92
CA ALA G 582 25.03 14.46 -20.81
C ALA G 582 25.71 13.75 -19.67
N SER G 583 26.62 14.43 -18.96
CA SER G 583 27.29 13.85 -17.80
C SER G 583 26.69 14.43 -16.54
N ILE G 584 26.28 13.56 -15.58
CA ILE G 584 25.69 13.95 -14.30
C ILE G 584 26.57 13.44 -13.18
N ASN G 585 27.37 14.32 -12.52
CA ASN G 585 28.32 13.93 -11.49
C ASN G 585 29.30 12.86 -12.04
N SER G 586 29.20 11.57 -11.68
CA SER G 586 30.09 10.52 -12.18
C SER G 586 29.51 9.68 -13.34
N THR G 587 28.25 9.96 -13.76
CA THR G 587 27.56 9.21 -14.80
C THR G 587 27.63 9.89 -16.14
N VAL G 588 27.83 9.13 -17.21
CA VAL G 588 27.80 9.62 -18.59
C VAL G 588 26.56 8.93 -19.13
N ARG G 589 25.51 9.69 -19.41
CA ARG G 589 24.23 9.16 -19.84
C ARG G 589 23.88 9.62 -21.25
N LEU G 590 23.04 8.84 -21.95
CA LEU G 590 22.58 9.13 -23.30
C LEU G 590 21.06 9.10 -23.33
N TYR G 591 20.43 10.26 -23.55
CA TYR G 591 18.98 10.38 -23.60
C TYR G 591 18.50 10.43 -25.03
N GLU G 592 17.28 9.96 -25.25
CA GLU G 592 16.59 9.97 -26.55
C GLU G 592 15.44 10.99 -26.47
N TRP G 593 15.13 11.69 -27.57
CA TRP G 593 14.01 12.66 -27.58
C TRP G 593 12.79 11.96 -28.20
N THR G 594 11.80 11.59 -27.37
CA THR G 594 10.62 10.85 -27.84
C THR G 594 9.69 11.69 -28.70
N THR G 595 8.82 11.03 -29.46
CA THR G 595 7.79 11.71 -30.23
C THR G 595 6.83 12.50 -29.30
N GLU G 596 6.88 12.27 -27.95
CA GLU G 596 6.04 13.00 -26.98
C GLU G 596 6.74 14.27 -26.47
N LYS G 597 7.81 14.74 -27.17
CA LYS G 597 8.63 15.88 -26.78
C LYS G 597 9.08 15.76 -25.32
N GLU G 598 9.72 14.61 -24.99
CA GLU G 598 10.24 14.30 -23.66
C GLU G 598 11.53 13.48 -23.76
N LEU G 599 12.52 13.77 -22.88
CA LEU G 599 13.80 13.05 -22.85
C LEU G 599 13.61 11.72 -22.15
N ARG G 600 14.16 10.63 -22.73
CA ARG G 600 14.07 9.27 -22.18
C ARG G 600 15.44 8.63 -22.23
N THR G 601 15.97 8.24 -21.06
CA THR G 601 17.28 7.59 -20.97
C THR G 601 17.35 6.33 -21.82
N GLU G 602 18.50 6.11 -22.44
CA GLU G 602 18.77 4.91 -23.23
C GLU G 602 19.82 4.05 -22.50
N CYS G 603 20.96 4.64 -22.09
CA CYS G 603 22.05 3.92 -21.44
C CYS G 603 22.93 4.84 -20.57
N ASN G 604 23.74 4.22 -19.66
CA ASN G 604 24.62 4.93 -18.74
C ASN G 604 26.00 4.30 -18.68
N HIS G 605 27.00 5.08 -18.24
CA HIS G 605 28.36 4.63 -17.97
C HIS G 605 28.73 5.27 -16.63
N TYR G 606 28.93 4.47 -15.57
CA TYR G 606 29.19 5.00 -14.25
C TYR G 606 30.63 4.98 -13.78
N ASN G 607 31.59 4.46 -14.57
CA ASN G 607 32.99 4.39 -14.13
C ASN G 607 33.74 5.74 -14.28
N ASN G 608 33.44 6.69 -13.40
CA ASN G 608 34.08 8.00 -13.37
C ASN G 608 34.14 8.56 -11.94
N ILE G 609 35.16 9.38 -11.66
CA ILE G 609 35.25 10.06 -10.37
C ILE G 609 34.26 11.24 -10.50
N MET G 610 34.41 12.04 -11.57
CA MET G 610 33.50 13.14 -11.83
C MET G 610 33.68 13.58 -13.30
N ALA G 611 32.80 13.07 -14.20
CA ALA G 611 32.81 13.33 -15.65
C ALA G 611 32.50 14.77 -15.98
N LEU G 612 33.53 15.61 -16.16
CA LEU G 612 33.35 17.04 -16.37
C LEU G 612 33.30 17.51 -17.82
N TYR G 613 34.05 16.87 -18.73
CA TYR G 613 34.15 17.32 -20.11
C TYR G 613 33.76 16.25 -21.12
N LEU G 614 33.00 16.61 -22.14
CA LEU G 614 32.57 15.65 -23.16
C LEU G 614 32.82 16.20 -24.56
N LYS G 615 33.35 15.34 -25.45
CA LYS G 615 33.59 15.64 -26.86
C LYS G 615 33.30 14.33 -27.66
N THR G 616 32.61 14.41 -28.83
CA THR G 616 32.28 13.20 -29.61
C THR G 616 32.70 13.31 -31.05
N LYS G 617 33.03 12.16 -31.65
CA LYS G 617 33.39 12.04 -33.05
C LYS G 617 32.77 10.74 -33.54
N GLY G 618 31.63 10.85 -34.20
CA GLY G 618 30.92 9.68 -34.68
C GLY G 618 30.30 8.97 -33.51
N ASP G 619 30.47 7.65 -33.41
CA ASP G 619 29.97 6.89 -32.27
C ASP G 619 30.96 6.88 -31.06
N PHE G 620 32.11 7.58 -31.17
CA PHE G 620 33.09 7.66 -30.09
C PHE G 620 32.84 8.86 -29.21
N ILE G 621 33.16 8.74 -27.92
CA ILE G 621 32.98 9.79 -26.92
C ILE G 621 34.24 9.87 -26.10
N LEU G 622 34.84 11.05 -26.00
CA LEU G 622 36.02 11.28 -25.17
C LEU G 622 35.50 11.94 -23.89
N VAL G 623 35.75 11.33 -22.72
CA VAL G 623 35.28 11.84 -21.44
C VAL G 623 36.46 12.36 -20.62
N GLY G 624 36.44 13.64 -20.25
CA GLY G 624 37.46 14.26 -19.43
C GLY G 624 37.04 14.23 -17.97
N ASP G 625 37.72 13.38 -17.16
CA ASP G 625 37.41 13.18 -15.75
C ASP G 625 38.10 14.18 -14.86
N LEU G 626 37.62 14.37 -13.63
CA LEU G 626 38.24 15.31 -12.70
C LEU G 626 39.69 14.92 -12.39
N MET G 627 39.94 13.67 -11.98
CA MET G 627 41.32 13.26 -11.64
C MET G 627 41.86 12.06 -12.44
N ARG G 628 41.02 11.31 -13.18
CA ARG G 628 41.51 10.16 -13.94
C ARG G 628 41.65 10.43 -15.46
N SER G 629 42.44 11.44 -15.80
CA SER G 629 42.73 11.84 -17.18
C SER G 629 41.57 11.76 -18.17
N VAL G 630 41.55 10.78 -19.11
CA VAL G 630 40.60 10.78 -20.20
C VAL G 630 40.29 9.38 -20.65
N LEU G 631 39.02 9.12 -20.90
CA LEU G 631 38.49 7.82 -21.28
C LEU G 631 37.88 7.91 -22.65
N LEU G 632 37.97 6.83 -23.42
CA LEU G 632 37.34 6.77 -24.74
C LEU G 632 36.22 5.72 -24.70
N LEU G 633 34.96 6.18 -24.59
CA LEU G 633 33.79 5.30 -24.64
C LEU G 633 33.32 5.21 -26.08
N ALA G 634 32.42 4.28 -26.34
CA ALA G 634 31.82 4.12 -27.65
C ALA G 634 30.42 3.61 -27.49
N TYR G 635 29.50 4.17 -28.24
CA TYR G 635 28.12 3.72 -28.21
C TYR G 635 28.04 2.52 -29.15
N LYS G 636 27.61 1.37 -28.64
CA LYS G 636 27.44 0.15 -29.43
C LYS G 636 25.98 0.19 -29.94
N PRO G 637 25.72 0.55 -31.22
CA PRO G 637 24.31 0.65 -31.65
C PRO G 637 23.54 -0.64 -31.58
N MET G 638 24.23 -1.74 -31.88
CA MET G 638 23.61 -3.04 -31.86
C MET G 638 23.13 -3.48 -30.49
N GLU G 639 23.77 -3.00 -29.42
CA GLU G 639 23.36 -3.38 -28.06
C GLU G 639 22.58 -2.29 -27.33
N GLY G 640 22.69 -1.04 -27.75
CA GLY G 640 21.99 0.07 -27.12
C GLY G 640 22.59 0.42 -25.78
N ASN G 641 23.95 0.46 -25.72
CA ASN G 641 24.69 0.76 -24.50
C ASN G 641 26.12 1.30 -24.82
N PHE G 642 26.92 1.65 -23.80
CA PHE G 642 28.29 2.11 -24.01
C PHE G 642 29.29 0.94 -23.87
N GLU G 643 30.56 1.18 -24.23
CA GLU G 643 31.62 0.20 -24.07
C GLU G 643 32.93 0.95 -23.91
N GLU G 644 33.69 0.63 -22.88
CA GLU G 644 34.96 1.29 -22.64
C GLU G 644 35.97 0.79 -23.65
N ILE G 645 36.40 1.66 -24.57
CA ILE G 645 37.38 1.29 -25.57
C ILE G 645 38.77 1.31 -24.93
N ALA G 646 39.21 2.46 -24.39
CA ALA G 646 40.53 2.60 -23.77
C ALA G 646 40.59 3.78 -22.82
N ARG G 647 41.39 3.65 -21.75
CA ARG G 647 41.56 4.72 -20.75
C ARG G 647 43.01 5.13 -20.62
N ASP G 648 43.27 6.37 -20.19
CA ASP G 648 44.63 6.83 -19.91
C ASP G 648 44.81 6.63 -18.43
N PHE G 649 45.70 5.70 -18.04
CA PHE G 649 45.95 5.40 -16.63
C PHE G 649 47.02 6.31 -16.01
N ASN G 650 46.92 7.60 -16.25
CA ASN G 650 47.83 8.58 -15.67
C ASN G 650 46.96 9.53 -14.88
N PRO G 651 47.16 9.76 -13.56
CA PRO G 651 46.28 10.71 -12.86
C PRO G 651 46.61 12.11 -13.33
N ASN G 652 45.62 12.79 -13.97
CA ASN G 652 45.78 14.15 -14.46
C ASN G 652 44.54 14.93 -14.12
N TRP G 653 44.69 16.00 -13.36
CA TRP G 653 43.56 16.87 -13.06
C TRP G 653 43.26 17.69 -14.34
N MET G 654 42.10 17.43 -15.00
CA MET G 654 41.77 18.10 -16.27
C MET G 654 41.17 19.53 -16.16
N SER G 655 41.28 20.27 -17.30
CA SER G 655 40.75 21.61 -17.52
C SER G 655 39.96 21.70 -18.86
N ALA G 656 40.32 20.92 -19.88
CA ALA G 656 39.61 20.86 -21.17
C ALA G 656 40.15 19.68 -22.01
N VAL G 657 39.29 19.07 -22.83
CA VAL G 657 39.65 17.94 -23.71
C VAL G 657 39.22 18.22 -25.17
N GLU G 658 39.76 17.46 -26.14
CA GLU G 658 39.38 17.57 -27.56
C GLU G 658 39.84 16.37 -28.33
N ILE G 659 39.05 15.96 -29.31
CA ILE G 659 39.39 14.85 -30.18
C ILE G 659 40.02 15.51 -31.38
N LEU G 660 41.25 15.14 -31.72
CA LEU G 660 41.90 15.70 -32.89
C LEU G 660 41.44 14.90 -34.11
N ASP G 661 41.54 13.57 -34.02
CA ASP G 661 41.10 12.63 -35.04
C ASP G 661 40.72 11.27 -34.38
N ASP G 662 40.20 10.33 -35.18
CA ASP G 662 39.75 9.01 -34.72
C ASP G 662 40.69 8.29 -33.69
N ASP G 663 42.02 8.50 -33.77
CA ASP G 663 42.98 7.84 -32.89
C ASP G 663 43.78 8.79 -32.01
N ASN G 664 43.74 10.13 -32.23
CA ASN G 664 44.49 11.09 -31.41
C ASN G 664 43.57 12.01 -30.56
N PHE G 665 43.83 12.10 -29.23
CA PHE G 665 43.02 12.88 -28.30
C PHE G 665 43.90 13.82 -27.51
N LEU G 666 43.62 15.13 -27.58
CA LEU G 666 44.37 16.16 -26.87
C LEU G 666 43.69 16.50 -25.56
N GLY G 667 44.47 16.93 -24.58
CA GLY G 667 43.94 17.30 -23.28
C GLY G 667 44.82 18.30 -22.58
N ALA G 668 44.22 19.18 -21.76
CA ALA G 668 44.90 20.20 -20.99
C ALA G 668 44.64 19.95 -19.52
N GLU G 669 45.69 20.03 -18.71
CA GLU G 669 45.63 19.72 -17.28
C GLU G 669 46.07 20.91 -16.43
N ASN G 670 45.57 20.95 -15.19
CA ASN G 670 45.67 22.07 -14.24
C ASN G 670 47.06 22.59 -13.92
N ALA G 671 48.14 21.87 -14.29
CA ALA G 671 49.51 22.33 -14.07
C ALA G 671 50.10 23.02 -15.32
N PHE G 672 49.22 23.55 -16.21
CA PHE G 672 49.58 24.27 -17.43
C PHE G 672 50.26 23.38 -18.46
N ASN G 673 49.84 22.13 -18.59
CA ASN G 673 50.43 21.22 -19.56
C ASN G 673 49.42 20.72 -20.57
N LEU G 674 49.89 20.28 -21.72
CA LEU G 674 49.08 19.67 -22.76
C LEU G 674 49.57 18.25 -22.95
N PHE G 675 48.70 17.39 -23.47
CA PHE G 675 49.06 16.02 -23.73
C PHE G 675 48.15 15.39 -24.75
N VAL G 676 48.70 14.45 -25.51
CA VAL G 676 47.94 13.75 -26.54
C VAL G 676 48.05 12.28 -26.27
N CYS G 677 46.94 11.58 -26.21
CA CYS G 677 46.93 10.14 -26.03
C CYS G 677 46.49 9.53 -27.32
N GLN G 678 46.93 8.32 -27.56
CA GLN G 678 46.63 7.58 -28.76
C GLN G 678 46.35 6.11 -28.40
N LYS G 679 45.57 5.43 -29.23
CA LYS G 679 45.30 4.00 -29.05
C LYS G 679 46.64 3.23 -29.39
N ASP G 680 47.00 2.09 -28.74
CA ASP G 680 48.27 1.38 -29.08
C ASP G 680 48.20 0.62 -30.45
N SER G 681 47.74 1.34 -31.49
CA SER G 681 47.51 0.87 -32.85
C SER G 681 46.34 -0.18 -32.75
N ALA G 682 46.49 -1.40 -33.33
CA ALA G 682 45.56 -2.52 -33.25
C ALA G 682 46.40 -3.69 -32.68
N ALA G 683 46.86 -3.52 -31.41
CA ALA G 683 47.69 -4.48 -30.68
C ALA G 683 46.98 -5.82 -30.46
N THR G 684 47.73 -6.95 -30.41
CA THR G 684 47.13 -8.27 -30.21
C THR G 684 46.52 -8.39 -28.78
N THR G 685 47.34 -8.08 -27.75
CA THR G 685 46.95 -8.16 -26.33
C THR G 685 45.75 -7.24 -26.01
N ASP G 686 44.64 -7.83 -25.49
CA ASP G 686 43.39 -7.14 -25.09
C ASP G 686 43.63 -5.92 -24.14
N GLU G 687 44.52 -6.14 -23.15
CA GLU G 687 44.91 -5.17 -22.13
C GLU G 687 45.57 -3.95 -22.80
N GLU G 688 46.60 -4.19 -23.66
CA GLU G 688 47.37 -3.18 -24.42
C GLU G 688 46.47 -2.27 -25.26
N ARG G 689 45.39 -2.82 -25.86
CA ARG G 689 44.43 -2.05 -26.66
C ARG G 689 43.68 -1.06 -25.77
N GLN G 690 43.26 -1.52 -24.57
CA GLN G 690 42.55 -0.69 -23.59
C GLN G 690 43.40 0.38 -22.92
N HIS G 691 44.69 0.37 -23.16
CA HIS G 691 45.58 1.34 -22.62
C HIS G 691 45.79 2.46 -23.62
N LEU G 692 45.40 3.69 -23.24
CA LEU G 692 45.67 4.87 -24.05
C LEU G 692 47.08 5.26 -23.65
N GLN G 693 47.98 5.39 -24.62
CA GLN G 693 49.35 5.78 -24.35
C GLN G 693 49.48 7.32 -24.48
N GLU G 694 49.99 8.03 -23.43
CA GLU G 694 50.24 9.49 -23.57
C GLU G 694 51.48 9.56 -24.47
N VAL G 695 51.31 10.04 -25.71
CA VAL G 695 52.39 10.11 -26.71
C VAL G 695 52.91 11.55 -26.94
N GLY G 696 52.11 12.55 -26.59
CA GLY G 696 52.50 13.96 -26.72
C GLY G 696 52.52 14.64 -25.38
N LEU G 697 53.57 15.41 -25.08
CA LEU G 697 53.73 16.14 -23.83
C LEU G 697 54.28 17.51 -24.12
N PHE G 698 53.77 18.54 -23.44
CA PHE G 698 54.26 19.90 -23.67
C PHE G 698 53.78 20.85 -22.59
N HIS G 699 54.70 21.52 -21.90
CA HIS G 699 54.33 22.51 -20.89
C HIS G 699 53.91 23.78 -21.63
N LEU G 700 52.60 23.99 -21.78
CA LEU G 700 52.07 25.16 -22.49
C LEU G 700 52.36 26.45 -21.74
N GLY G 701 52.23 26.42 -20.42
CA GLY G 701 52.43 27.59 -19.58
C GLY G 701 51.16 28.38 -19.31
N GLU G 702 50.04 28.01 -19.95
CA GLU G 702 48.73 28.66 -19.82
C GLU G 702 47.70 27.69 -19.26
N PHE G 703 46.55 28.20 -18.78
CA PHE G 703 45.50 27.33 -18.29
C PHE G 703 44.40 27.30 -19.33
N VAL G 704 44.23 26.17 -20.05
CA VAL G 704 43.24 26.08 -21.12
C VAL G 704 41.85 25.83 -20.56
N ASN G 705 40.90 26.73 -20.81
CA ASN G 705 39.53 26.54 -20.35
C ASN G 705 38.69 25.86 -21.40
N VAL G 706 38.89 26.21 -22.68
CA VAL G 706 38.07 25.67 -23.77
C VAL G 706 38.85 25.28 -25.02
N PHE G 707 38.47 24.15 -25.64
CA PHE G 707 39.02 23.69 -26.91
C PHE G 707 37.91 23.79 -27.92
N CYS G 708 38.23 24.29 -29.11
CA CYS G 708 37.24 24.56 -30.13
C CYS G 708 37.77 24.29 -31.53
N HIS G 709 37.12 23.39 -32.29
CA HIS G 709 37.53 23.12 -33.65
C HIS G 709 37.17 24.30 -34.55
N GLY G 710 38.13 24.79 -35.33
CA GLY G 710 37.88 25.91 -36.24
C GLY G 710 39.11 26.74 -36.51
N SER G 711 39.06 27.60 -37.53
CA SER G 711 40.20 28.46 -37.88
C SER G 711 39.71 29.83 -38.30
N LEU G 712 40.44 30.88 -37.89
CA LEU G 712 40.09 32.25 -38.25
C LEU G 712 40.63 32.70 -39.61
N VAL G 713 41.52 31.91 -40.25
CA VAL G 713 42.09 32.26 -41.56
C VAL G 713 41.13 31.91 -42.68
N MET G 714 41.33 32.51 -43.86
CA MET G 714 40.47 32.25 -45.01
C MET G 714 40.53 30.79 -45.48
N GLN G 715 39.49 30.01 -45.12
CA GLN G 715 39.34 28.60 -45.48
C GLN G 715 38.99 28.50 -46.97
N ASN G 716 40.00 28.13 -47.77
CA ASN G 716 39.84 27.99 -49.22
C ASN G 716 39.09 26.71 -49.59
N LEU G 717 38.43 26.74 -50.76
CA LEU G 717 37.69 25.63 -51.36
C LEU G 717 38.62 24.94 -52.40
N GLY G 718 39.33 25.72 -53.22
CA GLY G 718 40.26 25.18 -54.21
C GLY G 718 41.62 24.74 -53.66
N GLU G 719 41.78 24.63 -52.33
CA GLU G 719 43.03 24.23 -51.68
C GLU G 719 43.11 22.71 -51.34
N THR G 720 43.92 21.94 -52.15
CA THR G 720 44.11 20.48 -51.99
C THR G 720 45.37 20.08 -51.15
N SER G 721 46.51 20.79 -51.28
CA SER G 721 47.77 20.46 -50.57
C SER G 721 48.11 21.45 -49.43
N THR G 722 48.32 20.96 -48.21
CA THR G 722 48.68 21.83 -47.07
C THR G 722 49.76 21.17 -46.18
N PRO G 723 50.63 21.96 -45.49
CA PRO G 723 51.66 21.35 -44.63
C PRO G 723 51.14 20.82 -43.29
N THR G 724 50.19 21.54 -42.66
CA THR G 724 49.56 21.10 -41.42
C THR G 724 48.09 20.73 -41.74
N GLN G 725 47.55 19.78 -40.96
CA GLN G 725 46.22 19.18 -41.17
C GLN G 725 45.42 19.26 -39.90
N GLY G 726 44.29 19.94 -39.93
CA GLY G 726 43.45 20.11 -38.75
C GLY G 726 43.68 21.45 -38.07
N SER G 727 42.72 21.90 -37.25
CA SER G 727 42.84 23.17 -36.54
C SER G 727 41.93 23.20 -35.34
N VAL G 728 42.53 23.46 -34.15
CA VAL G 728 41.82 23.54 -32.88
C VAL G 728 42.29 24.79 -32.16
N LEU G 729 41.42 25.77 -32.02
CA LEU G 729 41.71 26.97 -31.25
C LEU G 729 41.44 26.70 -29.78
N PHE G 730 42.12 27.41 -28.87
CA PHE G 730 41.88 27.25 -27.43
C PHE G 730 41.97 28.57 -26.70
N GLY G 731 41.11 28.71 -25.69
CA GLY G 731 41.03 29.90 -24.85
C GLY G 731 41.65 29.64 -23.50
N THR G 732 42.37 30.62 -22.94
CA THR G 732 43.08 30.44 -21.68
C THR G 732 42.64 31.45 -20.61
N VAL G 733 43.06 31.22 -19.36
CA VAL G 733 42.72 32.09 -18.26
C VAL G 733 43.34 33.47 -18.41
N ASN G 734 44.54 33.57 -19.01
CA ASN G 734 45.18 34.87 -19.21
C ASN G 734 44.76 35.59 -20.51
N GLY G 735 43.71 35.11 -21.17
CA GLY G 735 43.25 35.74 -22.40
C GLY G 735 44.04 35.36 -23.65
N MET G 736 45.09 34.55 -23.51
CA MET G 736 45.88 34.10 -24.66
C MET G 736 45.00 33.15 -25.48
N ILE G 737 45.07 33.23 -26.83
CA ILE G 737 44.36 32.30 -27.71
C ILE G 737 45.45 31.57 -28.47
N GLY G 738 45.39 30.24 -28.47
CA GLY G 738 46.36 29.42 -29.18
C GLY G 738 45.72 28.55 -30.24
N LEU G 739 46.54 27.81 -31.00
CA LEU G 739 46.05 26.91 -32.04
C LEU G 739 46.90 25.66 -32.07
N VAL G 740 46.25 24.50 -32.25
CA VAL G 740 46.90 23.20 -32.33
C VAL G 740 46.54 22.59 -33.67
N THR G 741 47.53 21.98 -34.33
CA THR G 741 47.34 21.36 -35.64
C THR G 741 48.26 20.14 -35.75
N SER G 742 47.88 19.12 -36.53
CA SER G 742 48.67 17.90 -36.71
C SER G 742 49.67 18.01 -37.88
N LEU G 743 50.80 17.30 -37.78
CA LEU G 743 51.88 17.31 -38.76
C LEU G 743 52.19 15.90 -39.24
N SER G 744 52.73 15.79 -40.46
CA SER G 744 53.18 14.49 -40.96
C SER G 744 54.51 14.13 -40.26
N GLU G 745 54.93 12.86 -40.30
CA GLU G 745 56.16 12.42 -39.64
C GLU G 745 57.38 13.20 -40.17
N SER G 746 57.53 13.27 -41.50
CA SER G 746 58.65 13.99 -42.10
C SER G 746 58.65 15.47 -41.72
N TRP G 747 57.45 16.09 -41.67
CA TRP G 747 57.33 17.51 -41.29
C TRP G 747 57.76 17.74 -39.86
N TYR G 748 57.40 16.82 -38.95
CA TYR G 748 57.78 16.95 -37.56
C TYR G 748 59.29 16.84 -37.36
N ASN G 749 59.95 15.79 -37.89
CA ASN G 749 61.39 15.61 -37.70
C ASN G 749 62.18 16.80 -38.24
N LEU G 750 61.72 17.40 -39.34
CA LEU G 750 62.37 18.57 -39.91
C LEU G 750 62.25 19.74 -38.95
N LEU G 751 61.04 20.01 -38.49
CA LEU G 751 60.80 21.12 -37.57
C LEU G 751 61.46 20.93 -36.22
N LEU G 752 61.58 19.69 -35.76
CA LEU G 752 62.22 19.36 -34.49
C LEU G 752 63.70 19.68 -34.59
N ASP G 753 64.36 19.34 -35.72
CA ASP G 753 65.77 19.66 -35.92
C ASP G 753 65.94 21.18 -35.99
N MET G 754 64.97 21.90 -36.60
CA MET G 754 64.99 23.36 -36.65
C MET G 754 65.01 23.95 -35.25
N GLN G 755 64.21 23.41 -34.33
CA GLN G 755 64.15 23.87 -32.94
C GLN G 755 65.50 23.74 -32.24
N ASN G 756 66.19 22.61 -32.44
CA ASN G 756 67.49 22.38 -31.83
C ASN G 756 68.51 23.38 -32.36
N ARG G 757 68.49 23.64 -33.67
CA ARG G 757 69.38 24.60 -34.29
C ARG G 757 69.03 26.02 -33.84
N LEU G 758 67.74 26.36 -33.81
CA LEU G 758 67.26 27.67 -33.39
C LEU G 758 67.68 28.00 -31.96
N ASN G 759 67.56 27.03 -31.03
CA ASN G 759 67.94 27.26 -29.63
C ASN G 759 69.42 27.58 -29.47
N LYS G 760 70.29 26.95 -30.28
CA LYS G 760 71.73 27.19 -30.18
C LYS G 760 72.11 28.62 -30.56
N VAL G 761 71.24 29.38 -31.29
CA VAL G 761 71.57 30.75 -31.70
C VAL G 761 70.72 31.83 -31.01
N ILE G 762 69.44 31.53 -30.70
CA ILE G 762 68.57 32.51 -30.04
C ILE G 762 69.00 32.69 -28.59
N LYS G 763 69.39 33.93 -28.23
CA LYS G 763 69.80 34.23 -26.86
C LYS G 763 68.53 34.49 -26.03
N SER G 764 68.26 33.64 -25.01
CA SER G 764 67.05 33.73 -24.16
C SER G 764 67.17 34.77 -23.06
N VAL G 765 66.01 35.33 -22.66
CA VAL G 765 65.98 36.31 -21.57
C VAL G 765 66.19 35.51 -20.29
N GLY G 766 67.17 35.92 -19.51
CA GLY G 766 67.52 35.21 -18.29
C GLY G 766 68.32 33.93 -18.50
N LYS G 767 68.79 33.68 -19.76
CA LYS G 767 69.53 32.47 -20.13
C LYS G 767 68.78 31.20 -19.72
N ILE G 768 67.46 31.18 -19.96
CA ILE G 768 66.60 30.06 -19.62
C ILE G 768 66.61 29.06 -20.75
N GLU G 769 66.88 27.79 -20.45
CA GLU G 769 66.90 26.75 -21.47
C GLU G 769 65.48 26.54 -22.02
N HIS G 770 65.31 26.57 -23.35
CA HIS G 770 63.99 26.36 -23.97
C HIS G 770 63.52 24.95 -23.70
N SER G 771 64.41 23.96 -23.79
CA SER G 771 64.10 22.56 -23.53
C SER G 771 63.50 22.38 -22.12
N PHE G 772 64.05 23.09 -21.13
CA PHE G 772 63.59 23.06 -19.73
C PHE G 772 62.20 23.66 -19.58
N TRP G 773 61.99 24.82 -20.20
CA TRP G 773 60.72 25.54 -20.13
C TRP G 773 59.56 24.71 -20.66
N ARG G 774 59.66 24.22 -21.91
CA ARG G 774 58.59 23.41 -22.49
C ARG G 774 58.53 21.99 -21.92
N SER G 775 59.48 21.56 -21.06
CA SER G 775 59.42 20.24 -20.44
C SER G 775 58.22 20.18 -19.51
N PHE G 776 57.33 19.18 -19.68
CA PHE G 776 56.13 18.91 -18.85
C PHE G 776 56.44 19.06 -17.37
N HIS G 777 55.54 19.68 -16.59
CA HIS G 777 55.85 19.93 -15.19
C HIS G 777 54.66 20.02 -14.24
N THR G 778 54.58 19.01 -13.33
CA THR G 778 53.68 18.96 -12.17
C THR G 778 54.61 18.95 -10.95
N GLU G 779 54.08 19.26 -9.76
CA GLU G 779 54.89 19.25 -8.54
C GLU G 779 55.66 17.94 -8.35
N ARG G 780 55.06 16.81 -8.74
CA ARG G 780 55.69 15.51 -8.63
C ARG G 780 56.62 15.14 -9.82
N LYS G 781 56.07 15.00 -11.06
CA LYS G 781 56.90 14.62 -12.21
C LYS G 781 57.25 15.80 -13.16
N THR G 782 58.42 15.71 -13.80
CA THR G 782 58.94 16.67 -14.78
C THR G 782 59.54 15.85 -15.94
N GLU G 783 58.89 15.82 -17.10
CA GLU G 783 59.32 15.03 -18.27
C GLU G 783 59.66 15.93 -19.45
N PRO G 784 60.60 15.53 -20.34
CA PRO G 784 60.91 16.38 -21.50
C PRO G 784 59.77 16.36 -22.51
N ALA G 785 59.51 17.50 -23.15
CA ALA G 785 58.41 17.63 -24.11
C ALA G 785 58.62 16.73 -25.31
N THR G 786 57.58 15.97 -25.72
CA THR G 786 57.67 15.08 -26.89
C THR G 786 56.45 15.20 -27.79
N GLY G 787 56.62 14.97 -29.08
CA GLY G 787 55.53 15.01 -30.04
C GLY G 787 54.87 16.35 -30.17
N PHE G 788 55.62 17.44 -29.89
CA PHE G 788 55.11 18.81 -29.95
C PHE G 788 56.19 19.77 -30.41
N ILE G 789 55.80 20.70 -31.32
CA ILE G 789 56.67 21.73 -31.90
C ILE G 789 56.23 23.11 -31.43
N ASP G 790 57.13 23.86 -30.75
CA ASP G 790 56.83 25.20 -30.29
C ASP G 790 56.76 26.09 -31.51
N GLY G 791 55.54 26.38 -31.94
CA GLY G 791 55.33 27.21 -33.12
C GLY G 791 55.82 28.63 -32.98
N ASP G 792 55.87 29.15 -31.75
CA ASP G 792 56.37 30.49 -31.51
C ASP G 792 57.89 30.57 -31.71
N LEU G 793 58.61 29.49 -31.37
CA LEU G 793 60.06 29.40 -31.58
C LEU G 793 60.31 29.27 -33.08
N ILE G 794 59.51 28.45 -33.80
CA ILE G 794 59.67 28.28 -35.24
C ILE G 794 59.38 29.60 -35.96
N GLU G 795 58.29 30.31 -35.61
CA GLU G 795 57.94 31.60 -36.24
C GLU G 795 58.93 32.73 -35.93
N SER G 796 59.75 32.59 -34.88
CA SER G 796 60.77 33.59 -34.54
C SER G 796 61.98 33.52 -35.48
N PHE G 797 62.18 32.41 -36.24
CA PHE G 797 63.27 32.26 -37.22
C PHE G 797 63.32 33.45 -38.18
N LEU G 798 62.16 33.96 -38.58
CA LEU G 798 62.08 35.08 -39.50
C LEU G 798 62.61 36.39 -38.92
N ASP G 799 62.56 36.55 -37.58
CA ASP G 799 62.98 37.78 -36.90
C ASP G 799 64.49 37.83 -36.51
N ILE G 800 65.29 36.84 -36.91
CA ILE G 800 66.73 36.83 -36.60
C ILE G 800 67.54 37.41 -37.78
N SER G 801 68.82 37.71 -37.54
CA SER G 801 69.71 38.27 -38.57
C SER G 801 70.04 37.23 -39.68
N ARG G 802 70.47 37.71 -40.87
CA ARG G 802 70.84 36.84 -42.02
C ARG G 802 71.98 35.88 -41.67
N PRO G 803 73.09 36.35 -41.05
CA PRO G 803 74.18 35.44 -40.68
C PRO G 803 73.78 34.30 -39.74
N LYS G 804 72.91 34.59 -38.76
CA LYS G 804 72.41 33.57 -37.84
C LYS G 804 71.45 32.60 -38.54
N MET G 805 70.72 33.06 -39.60
CA MET G 805 69.84 32.18 -40.39
C MET G 805 70.68 31.15 -41.12
N GLN G 806 71.77 31.59 -41.79
CA GLN G 806 72.68 30.71 -42.52
C GLN G 806 73.37 29.69 -41.58
N GLU G 807 73.63 30.11 -40.33
CA GLU G 807 74.25 29.27 -39.30
C GLU G 807 73.30 28.09 -38.98
N VAL G 808 72.00 28.39 -38.84
CA VAL G 808 70.94 27.42 -38.55
C VAL G 808 70.75 26.39 -39.70
N VAL G 809 70.81 26.84 -40.98
CA VAL G 809 70.63 25.97 -42.16
C VAL G 809 71.89 25.17 -42.53
N ALA G 810 73.07 25.48 -41.94
CA ALA G 810 74.33 24.80 -42.26
C ALA G 810 74.32 23.31 -41.92
N ASN G 811 74.65 22.46 -42.93
CA ASN G 811 74.69 21.00 -42.80
C ASN G 811 73.34 20.46 -42.37
N LEU G 812 72.30 20.86 -43.10
CA LEU G 812 70.91 20.47 -42.88
C LEU G 812 70.32 19.92 -44.19
N GLN G 813 69.56 18.81 -44.11
CA GLN G 813 68.90 18.19 -45.28
C GLN G 813 67.47 18.70 -45.44
N TYR G 814 66.98 18.73 -46.68
CA TYR G 814 65.63 19.21 -47.04
C TYR G 814 65.02 18.31 -48.13
N ASP G 815 63.78 17.82 -47.95
CA ASP G 815 63.10 17.02 -48.99
C ASP G 815 62.11 17.90 -49.78
N ASP G 816 62.28 17.96 -51.11
CA ASP G 816 61.41 18.73 -52.02
C ASP G 816 60.93 17.79 -53.12
N GLY G 817 59.66 17.89 -53.47
CA GLY G 817 59.08 17.02 -54.49
C GLY G 817 58.96 15.60 -53.96
N SER G 818 59.53 14.63 -54.69
CA SER G 818 59.46 13.21 -54.33
C SER G 818 60.85 12.56 -54.29
N GLY G 819 61.29 12.13 -53.11
CA GLY G 819 62.55 11.43 -52.93
C GLY G 819 63.79 12.30 -52.83
N MET G 820 63.98 13.21 -53.80
CA MET G 820 65.18 14.06 -53.84
C MET G 820 65.35 14.96 -52.63
N LYS G 821 66.38 14.66 -51.82
CA LYS G 821 66.76 15.43 -50.66
C LYS G 821 67.98 16.27 -51.06
N ARG G 822 68.06 17.51 -50.58
CA ARG G 822 69.15 18.42 -50.94
C ARG G 822 69.47 19.42 -49.82
N GLU G 823 70.65 20.08 -49.90
CA GLU G 823 71.09 21.05 -48.89
C GLU G 823 70.05 22.16 -48.69
N ALA G 824 69.61 22.35 -47.43
CA ALA G 824 68.64 23.38 -47.09
C ALA G 824 69.33 24.75 -47.12
N THR G 825 68.78 25.68 -47.95
CA THR G 825 69.26 27.08 -48.08
C THR G 825 68.33 28.00 -47.24
N ALA G 826 68.77 29.24 -46.91
CA ALA G 826 67.95 30.14 -46.12
C ALA G 826 66.60 30.50 -46.83
N ASP G 827 66.56 30.49 -48.18
CA ASP G 827 65.33 30.74 -48.96
C ASP G 827 64.35 29.56 -48.87
N ASP G 828 64.86 28.32 -48.74
CA ASP G 828 64.00 27.14 -48.60
C ASP G 828 63.20 27.25 -47.30
N LEU G 829 63.88 27.53 -46.15
CA LEU G 829 63.23 27.63 -44.83
C LEU G 829 62.40 28.88 -44.63
N ILE G 830 62.81 30.05 -45.19
CA ILE G 830 62.01 31.29 -45.06
C ILE G 830 60.66 31.08 -45.79
N LYS G 831 60.67 30.39 -46.95
CA LYS G 831 59.46 30.03 -47.72
C LYS G 831 58.52 29.12 -46.89
N VAL G 832 59.13 28.23 -46.11
CA VAL G 832 58.42 27.27 -45.25
C VAL G 832 57.88 27.90 -43.95
N VAL G 833 58.69 28.72 -43.24
CA VAL G 833 58.26 29.38 -42.00
C VAL G 833 57.16 30.42 -42.30
N GLU G 834 57.27 31.18 -43.43
CA GLU G 834 56.21 32.11 -43.85
C GLU G 834 54.91 31.33 -44.15
N GLU G 835 55.02 30.09 -44.67
CA GLU G 835 53.87 29.24 -44.93
C GLU G 835 53.17 28.87 -43.61
N LEU G 836 53.96 28.55 -42.56
CA LEU G 836 53.45 28.20 -41.23
C LEU G 836 52.81 29.38 -40.47
N THR G 837 53.22 30.63 -40.76
CA THR G 837 52.60 31.80 -40.14
C THR G 837 51.19 32.07 -40.71
N ARG G 838 50.91 31.60 -41.93
CA ARG G 838 49.60 31.79 -42.55
C ARG G 838 48.49 30.94 -41.93
N ILE G 839 48.79 30.10 -40.91
CA ILE G 839 47.76 29.23 -40.29
C ILE G 839 46.91 29.94 -39.19
N HIS G 840 47.28 31.19 -38.83
CA HIS G 840 46.57 31.96 -37.80
C HIS G 840 46.55 33.46 -38.14
N THR H 7 28.41 -23.11 0.43
CA THR H 7 28.88 -22.47 1.65
C THR H 7 29.77 -21.23 1.33
N GLU H 8 30.16 -20.47 2.37
CA GLU H 8 31.00 -19.27 2.24
C GLU H 8 32.49 -19.63 2.00
N SER H 9 32.94 -20.74 2.63
CA SER H 9 34.30 -21.27 2.56
C SER H 9 34.69 -21.72 1.14
N ASP H 10 33.72 -22.34 0.42
CA ASP H 10 33.87 -22.84 -0.97
C ASP H 10 34.04 -21.66 -1.94
N TRP H 11 35.26 -21.53 -2.50
CA TRP H 11 35.66 -20.47 -3.42
C TRP H 11 35.92 -21.02 -4.81
N GLY H 12 35.85 -20.14 -5.81
CA GLY H 12 36.10 -20.51 -7.20
C GLY H 12 34.92 -21.16 -7.88
N LYS H 13 33.90 -21.58 -7.14
CA LYS H 13 32.72 -22.24 -7.68
C LYS H 13 31.75 -21.21 -8.28
N ARG H 14 31.55 -20.07 -7.59
CA ARG H 14 30.63 -19.01 -8.01
C ARG H 14 31.13 -18.32 -9.28
N CYS H 15 30.20 -17.90 -10.16
CA CYS H 15 30.56 -17.27 -11.43
C CYS H 15 30.69 -15.77 -11.36
N VAL H 16 31.57 -15.20 -12.19
CA VAL H 16 31.77 -13.75 -12.30
C VAL H 16 30.53 -13.03 -12.81
N ASP H 17 29.66 -13.70 -13.59
CA ASP H 17 28.44 -13.08 -14.10
C ASP H 17 27.52 -12.59 -12.98
N LYS H 18 27.70 -13.03 -11.72
CA LYS H 18 26.92 -12.51 -10.60
C LYS H 18 27.36 -11.12 -10.13
N PHE H 19 28.29 -10.49 -10.85
CA PHE H 19 28.76 -9.14 -10.61
C PHE H 19 28.50 -8.37 -11.88
N ASP H 20 27.99 -7.16 -11.72
CA ASP H 20 27.70 -6.29 -12.84
C ASP H 20 28.92 -5.37 -12.96
N ILE H 21 29.73 -5.53 -14.01
CA ILE H 21 30.97 -4.75 -14.15
C ILE H 21 30.66 -3.29 -14.45
N ILE H 22 31.30 -2.39 -13.71
CA ILE H 22 31.15 -0.94 -13.85
C ILE H 22 32.20 -0.37 -14.79
N GLY H 23 33.41 -0.92 -14.78
CA GLY H 23 34.48 -0.46 -15.65
C GLY H 23 35.87 -0.72 -15.15
N ILE H 24 36.84 -0.64 -16.03
CA ILE H 24 38.25 -0.83 -15.69
C ILE H 24 38.81 0.36 -14.88
N ILE H 25 39.45 0.09 -13.71
CA ILE H 25 40.05 1.11 -12.82
C ILE H 25 41.59 1.11 -12.81
N GLY H 26 42.23 0.09 -13.37
CA GLY H 26 43.68 0.03 -13.42
C GLY H 26 44.20 -1.21 -14.11
N GLU H 27 45.48 -1.19 -14.48
CA GLU H 27 46.19 -2.29 -15.12
C GLU H 27 47.11 -2.93 -14.05
N GLY H 28 46.74 -4.11 -13.54
CA GLY H 28 47.48 -4.80 -12.48
C GLY H 28 48.75 -5.52 -12.90
N THR H 29 49.28 -6.32 -11.97
CA THR H 29 50.54 -7.06 -12.19
C THR H 29 50.38 -8.21 -13.22
N TYR H 30 49.25 -8.94 -13.11
CA TYR H 30 48.93 -10.15 -13.89
C TYR H 30 47.64 -10.04 -14.77
N GLY H 31 46.82 -9.03 -14.48
CA GLY H 31 45.58 -8.76 -15.21
C GLY H 31 44.97 -7.42 -14.83
N GLN H 32 43.91 -7.04 -15.51
CA GLN H 32 43.26 -5.76 -15.24
C GLN H 32 42.47 -5.78 -13.93
N VAL H 33 42.12 -4.60 -13.41
CA VAL H 33 41.34 -4.49 -12.19
C VAL H 33 40.07 -3.75 -12.55
N TYR H 34 38.89 -4.32 -12.24
CA TYR H 34 37.61 -3.71 -12.57
C TYR H 34 36.81 -3.36 -11.35
N LYS H 35 36.08 -2.27 -11.40
CA LYS H 35 35.13 -1.94 -10.37
C LYS H 35 33.87 -2.72 -10.77
N ALA H 36 33.09 -3.22 -9.82
CA ALA H 36 31.87 -3.97 -10.13
C ALA H 36 30.94 -3.98 -8.94
N LYS H 37 29.65 -4.27 -9.15
CA LYS H 37 28.67 -4.32 -8.07
C LYS H 37 28.09 -5.72 -7.99
N ASP H 38 27.94 -6.27 -6.76
CA ASP H 38 27.37 -7.59 -6.55
C ASP H 38 25.89 -7.49 -6.91
N LYS H 39 25.42 -8.27 -7.89
CA LYS H 39 24.03 -8.20 -8.32
C LYS H 39 23.04 -8.61 -7.22
N ASP H 40 23.48 -9.44 -6.24
CA ASP H 40 22.60 -9.88 -5.15
C ASP H 40 22.54 -8.87 -3.99
N THR H 41 23.72 -8.52 -3.41
CA THR H 41 23.84 -7.64 -2.25
C THR H 41 24.00 -6.15 -2.56
N GLY H 42 24.31 -5.79 -3.80
CA GLY H 42 24.52 -4.40 -4.16
C GLY H 42 25.82 -3.80 -3.66
N GLU H 43 26.71 -4.60 -3.07
CA GLU H 43 28.00 -4.09 -2.58
C GLU H 43 28.90 -3.79 -3.75
N LEU H 44 29.80 -2.82 -3.57
CA LEU H 44 30.80 -2.52 -4.59
C LEU H 44 32.05 -3.33 -4.28
N VAL H 45 32.66 -3.89 -5.33
CA VAL H 45 33.86 -4.71 -5.23
C VAL H 45 34.85 -4.34 -6.31
N ALA H 46 36.10 -4.68 -6.11
CA ALA H 46 37.16 -4.51 -7.10
C ALA H 46 37.60 -5.93 -7.48
N LEU H 47 37.65 -6.25 -8.79
CA LEU H 47 38.02 -7.57 -9.29
C LEU H 47 39.39 -7.56 -9.98
N LYS H 48 40.38 -8.37 -9.52
CA LYS H 48 41.67 -8.47 -10.22
C LYS H 48 41.53 -9.70 -11.11
N LYS H 49 41.51 -9.54 -12.43
CA LYS H 49 41.37 -10.66 -13.35
C LYS H 49 42.72 -11.39 -13.44
N VAL H 50 42.71 -12.73 -13.40
CA VAL H 50 43.90 -13.58 -13.45
C VAL H 50 43.76 -14.43 -14.68
N ARG H 51 44.45 -14.06 -15.77
CA ARG H 51 44.33 -14.79 -17.04
C ARG H 51 45.38 -15.89 -17.06
N LEU H 52 44.94 -17.15 -17.10
CA LEU H 52 45.87 -18.29 -17.10
C LEU H 52 45.98 -18.99 -18.48
N ASP H 53 45.01 -18.75 -19.40
CA ASP H 53 45.02 -19.37 -20.74
C ASP H 53 46.22 -18.92 -21.63
N ASN H 54 46.50 -17.57 -21.69
CA ASN H 54 47.63 -16.99 -22.45
C ASN H 54 49.02 -17.25 -21.78
N GLU H 55 49.00 -17.72 -20.52
CA GLU H 55 50.17 -17.95 -19.71
C GLU H 55 50.78 -19.37 -19.84
N LYS H 56 52.13 -19.42 -19.70
CA LYS H 56 52.96 -20.62 -19.63
C LYS H 56 53.25 -20.82 -18.15
N GLU H 57 53.29 -22.07 -17.71
CA GLU H 57 53.41 -22.41 -16.29
C GLU H 57 52.12 -21.94 -15.52
N GLY H 58 50.99 -22.10 -16.21
CA GLY H 58 49.62 -21.89 -15.75
C GLY H 58 49.34 -20.70 -14.89
N PHE H 59 48.73 -20.96 -13.73
CA PHE H 59 48.34 -19.92 -12.78
C PHE H 59 49.60 -19.16 -12.34
N PRO H 60 49.60 -17.82 -12.35
CA PRO H 60 50.83 -17.08 -12.05
C PRO H 60 51.20 -17.10 -10.58
N ILE H 61 52.52 -17.18 -10.27
CA ILE H 61 52.96 -17.22 -8.89
C ILE H 61 52.58 -15.96 -8.12
N THR H 62 52.45 -14.81 -8.81
CA THR H 62 52.05 -13.52 -8.19
C THR H 62 50.59 -13.54 -7.66
N ALA H 63 49.70 -14.26 -8.31
CA ALA H 63 48.32 -14.42 -7.85
C ALA H 63 48.29 -15.48 -6.74
N ILE H 64 49.13 -16.54 -6.81
CA ILE H 64 49.24 -17.54 -5.75
C ILE H 64 49.72 -16.85 -4.46
N ARG H 65 50.79 -16.03 -4.52
CA ARG H 65 51.29 -15.31 -3.34
C ARG H 65 50.18 -14.48 -2.71
N GLU H 66 49.51 -13.66 -3.52
CA GLU H 66 48.45 -12.78 -3.04
C GLU H 66 47.29 -13.58 -2.43
N ILE H 67 46.97 -14.78 -2.95
CA ILE H 67 45.89 -15.61 -2.38
C ILE H 67 46.32 -16.25 -1.05
N LYS H 68 47.52 -16.88 -1.04
CA LYS H 68 48.08 -17.58 0.11
C LYS H 68 48.28 -16.64 1.29
N ILE H 69 48.81 -15.45 1.02
CA ILE H 69 49.11 -14.48 2.06
C ILE H 69 47.85 -13.76 2.55
N LEU H 70 46.97 -13.29 1.65
CA LEU H 70 45.77 -12.56 2.08
C LEU H 70 44.69 -13.40 2.77
N ARG H 71 44.56 -14.70 2.46
CA ARG H 71 43.59 -15.54 3.21
C ARG H 71 44.11 -15.76 4.68
N GLN H 72 45.45 -15.64 4.91
CA GLN H 72 46.11 -15.77 6.22
C GLN H 72 46.11 -14.46 7.02
N LEU H 73 46.12 -13.29 6.34
CA LEU H 73 46.15 -11.98 6.99
C LEU H 73 44.78 -11.30 7.06
N ILE H 74 44.33 -11.02 8.29
CA ILE H 74 43.04 -10.37 8.56
C ILE H 74 43.29 -9.17 9.48
N HIS H 75 43.25 -7.94 8.92
CA HIS H 75 43.49 -6.72 9.68
C HIS H 75 42.74 -5.53 9.06
N ARG H 76 42.32 -4.58 9.92
CA ARG H 76 41.57 -3.39 9.51
C ARG H 76 42.33 -2.52 8.50
N SER H 77 43.68 -2.57 8.53
CA SER H 77 44.54 -1.79 7.65
C SER H 77 45.25 -2.65 6.60
N VAL H 78 44.67 -3.81 6.24
CA VAL H 78 45.16 -4.69 5.18
C VAL H 78 43.94 -5.07 4.34
N VAL H 79 44.07 -4.93 3.00
CA VAL H 79 43.00 -5.18 2.02
C VAL H 79 42.36 -6.58 2.20
N ASN H 80 41.02 -6.66 2.05
CA ASN H 80 40.28 -7.90 2.24
C ASN H 80 39.92 -8.56 0.92
N MET H 81 40.31 -9.86 0.76
CA MET H 81 39.93 -10.65 -0.39
C MET H 81 38.69 -11.40 0.01
N LYS H 82 37.55 -11.02 -0.56
CA LYS H 82 36.26 -11.57 -0.20
C LYS H 82 36.03 -13.00 -0.71
N GLU H 83 36.34 -13.27 -1.98
CA GLU H 83 36.19 -14.59 -2.60
C GLU H 83 36.88 -14.63 -3.99
N ILE H 84 36.79 -15.78 -4.68
CA ILE H 84 37.33 -15.93 -6.03
C ILE H 84 36.18 -16.47 -6.88
N VAL H 85 36.02 -15.92 -8.08
CA VAL H 85 34.97 -16.28 -9.03
C VAL H 85 35.58 -16.64 -10.38
N THR H 86 34.82 -17.33 -11.23
CA THR H 86 35.33 -17.81 -12.53
C THR H 86 34.46 -17.40 -13.71
N ASP H 87 35.06 -17.40 -14.92
CA ASP H 87 34.33 -17.16 -16.17
C ASP H 87 33.36 -18.29 -16.42
N LYS H 88 32.30 -18.04 -17.20
CA LYS H 88 31.31 -19.09 -17.51
C LYS H 88 32.02 -20.32 -18.12
N GLN H 89 31.90 -21.48 -17.46
CA GLN H 89 32.62 -22.69 -17.87
C GLN H 89 31.68 -23.87 -18.13
N ASP H 90 31.99 -24.69 -19.17
CA ASP H 90 31.17 -25.86 -19.49
C ASP H 90 31.57 -27.09 -18.66
N ALA H 91 30.59 -27.96 -18.32
CA ALA H 91 30.82 -29.19 -17.55
C ALA H 91 31.54 -30.25 -18.41
N LEU H 92 31.04 -30.51 -19.66
CA LEU H 92 31.70 -31.43 -20.60
C LEU H 92 32.77 -30.65 -21.37
N ASP H 93 33.96 -31.27 -21.60
CA ASP H 93 35.09 -30.64 -22.29
C ASP H 93 35.71 -29.56 -21.39
N PHE H 94 36.03 -29.91 -20.13
CA PHE H 94 36.70 -28.94 -19.23
C PHE H 94 38.10 -28.55 -19.77
N LYS H 95 38.69 -29.42 -20.62
CA LYS H 95 40.00 -29.22 -21.17
C LYS H 95 40.00 -28.11 -22.22
N LYS H 96 39.01 -28.11 -23.12
CA LYS H 96 38.89 -27.06 -24.14
C LYS H 96 38.69 -25.66 -23.49
N ASP H 97 38.21 -25.61 -22.23
CA ASP H 97 38.01 -24.39 -21.46
C ASP H 97 39.34 -23.65 -21.25
N LYS H 98 39.29 -22.35 -21.46
CA LYS H 98 40.39 -21.40 -21.36
C LYS H 98 39.85 -20.16 -20.65
N GLY H 99 39.27 -20.38 -19.47
CA GLY H 99 38.69 -19.29 -18.69
C GLY H 99 39.74 -18.49 -17.95
N ALA H 100 39.26 -17.65 -17.05
CA ALA H 100 40.11 -16.80 -16.21
C ALA H 100 39.42 -16.59 -14.88
N PHE H 101 40.18 -16.59 -13.79
CA PHE H 101 39.63 -16.36 -12.46
C PHE H 101 39.69 -14.88 -12.10
N TYR H 102 38.86 -14.43 -11.15
CA TYR H 102 38.86 -13.05 -10.68
C TYR H 102 38.94 -13.06 -9.18
N LEU H 103 39.85 -12.27 -8.60
CA LEU H 103 39.98 -12.17 -7.15
C LEU H 103 39.09 -11.02 -6.69
N VAL H 104 38.03 -11.33 -5.92
CA VAL H 104 37.07 -10.35 -5.46
C VAL H 104 37.64 -9.66 -4.24
N PHE H 105 37.56 -8.34 -4.21
CA PHE H 105 38.07 -7.54 -3.11
C PHE H 105 37.07 -6.50 -2.64
N GLU H 106 37.35 -5.92 -1.48
CA GLU H 106 36.57 -4.79 -0.99
C GLU H 106 36.88 -3.59 -1.90
N TYR H 107 35.89 -2.79 -2.34
CA TYR H 107 36.20 -1.62 -3.18
C TYR H 107 36.64 -0.44 -2.30
N MET H 108 37.74 0.24 -2.70
CA MET H 108 38.27 1.42 -2.00
C MET H 108 38.06 2.64 -2.87
N ASP H 109 37.83 3.82 -2.28
CA ASP H 109 37.51 4.99 -3.07
C ASP H 109 38.72 5.58 -3.78
N HIS H 110 39.93 5.50 -3.18
CA HIS H 110 41.13 6.04 -3.83
C HIS H 110 42.46 5.32 -3.47
N ASP H 111 43.53 5.70 -4.19
CA ASP H 111 44.91 5.30 -3.93
C ASP H 111 45.64 6.59 -3.60
N LEU H 112 46.61 6.56 -2.69
CA LEU H 112 47.36 7.77 -2.30
C LEU H 112 47.98 8.48 -3.51
N MET H 113 48.39 7.70 -4.52
CA MET H 113 48.98 8.19 -5.76
C MET H 113 48.05 9.20 -6.47
N GLY H 114 46.83 8.78 -6.78
CA GLY H 114 45.87 9.64 -7.46
C GLY H 114 45.53 10.92 -6.73
N LEU H 115 45.47 10.86 -5.40
CA LEU H 115 45.12 12.02 -4.59
C LEU H 115 46.25 13.05 -4.56
N LEU H 116 47.49 12.57 -4.41
CA LEU H 116 48.65 13.45 -4.39
C LEU H 116 48.94 13.97 -5.79
N GLU H 117 48.86 13.10 -6.80
CA GLU H 117 49.16 13.47 -8.17
C GLU H 117 48.23 14.56 -8.71
N SER H 118 46.91 14.40 -8.52
CA SER H 118 45.96 15.44 -8.93
C SER H 118 45.98 16.68 -7.99
N GLY H 119 46.89 16.72 -6.98
CA GLY H 119 47.04 17.84 -6.04
C GLY H 119 45.75 18.37 -5.48
N LEU H 120 44.76 17.44 -5.34
CA LEU H 120 43.38 17.72 -4.89
C LEU H 120 43.22 17.53 -3.36
N VAL H 121 44.25 17.05 -2.62
CA VAL H 121 44.15 16.85 -1.17
C VAL H 121 45.18 17.67 -0.42
N HIS H 122 44.88 17.95 0.83
CA HIS H 122 45.78 18.61 1.76
C HIS H 122 45.71 17.82 3.07
N PHE H 123 46.89 17.50 3.65
CA PHE H 123 46.96 16.76 4.89
C PHE H 123 47.54 17.61 5.98
N SER H 124 46.76 17.79 7.07
CA SER H 124 47.22 18.50 8.27
C SER H 124 48.02 17.51 9.14
N GLU H 125 48.57 17.97 10.28
CA GLU H 125 49.33 17.07 11.15
C GLU H 125 48.44 15.92 11.65
N ASP H 126 47.19 16.22 11.99
CA ASP H 126 46.26 15.21 12.49
C ASP H 126 45.85 14.23 11.43
N HIS H 127 45.83 14.63 10.15
CA HIS H 127 45.51 13.71 9.05
C HIS H 127 46.69 12.75 8.89
N ILE H 128 47.93 13.26 8.93
CA ILE H 128 49.12 12.44 8.76
C ILE H 128 49.23 11.45 9.90
N LYS H 129 48.97 11.90 11.13
CA LYS H 129 48.97 11.05 12.30
C LYS H 129 47.99 9.86 12.13
N SER H 130 46.75 10.13 11.69
CA SER H 130 45.71 9.13 11.49
C SER H 130 46.10 8.15 10.39
N PHE H 131 46.68 8.65 9.32
CA PHE H 131 47.07 7.82 8.19
C PHE H 131 48.21 6.89 8.58
N MET H 132 49.26 7.45 9.16
CA MET H 132 50.45 6.68 9.51
C MET H 132 50.21 5.67 10.62
N LYS H 133 49.34 5.96 11.61
CA LYS H 133 49.02 4.98 12.65
C LYS H 133 48.34 3.77 12.00
N GLN H 134 47.52 3.96 10.96
CA GLN H 134 46.88 2.84 10.28
C GLN H 134 47.89 2.11 9.43
N LEU H 135 48.69 2.83 8.62
CA LEU H 135 49.68 2.18 7.77
C LEU H 135 50.67 1.35 8.58
N MET H 136 51.17 1.89 9.70
CA MET H 136 52.10 1.18 10.55
C MET H 136 51.45 0.05 11.31
N GLU H 137 50.19 0.21 11.75
CA GLU H 137 49.49 -0.89 12.44
C GLU H 137 49.30 -2.06 11.49
N GLY H 138 48.93 -1.77 10.24
CA GLY H 138 48.74 -2.77 9.22
C GLY H 138 50.05 -3.46 8.89
N LEU H 139 51.12 -2.66 8.73
CA LEU H 139 52.42 -3.20 8.41
C LEU H 139 52.98 -4.03 9.56
N GLU H 140 52.83 -3.57 10.80
CA GLU H 140 53.27 -4.32 11.97
C GLU H 140 52.56 -5.66 12.07
N TYR H 141 51.30 -5.77 11.63
CA TYR H 141 50.60 -7.05 11.64
C TYR H 141 51.31 -8.03 10.68
N CYS H 142 51.65 -7.57 9.48
CA CYS H 142 52.33 -8.42 8.50
C CYS H 142 53.68 -8.86 8.98
N HIS H 143 54.49 -7.93 9.47
CA HIS H 143 55.82 -8.23 9.95
C HIS H 143 55.77 -9.18 11.13
N LYS H 144 54.74 -9.06 12.01
CA LYS H 144 54.61 -10.00 13.14
C LYS H 144 54.25 -11.40 12.66
N LYS H 145 53.58 -11.52 11.50
CA LYS H 145 53.27 -12.80 10.85
C LYS H 145 54.44 -13.27 9.92
N ASN H 146 55.60 -12.59 9.95
CA ASN H 146 56.80 -12.86 9.16
C ASN H 146 56.60 -12.71 7.67
N PHE H 147 55.96 -11.61 7.24
CA PHE H 147 55.75 -11.34 5.82
C PHE H 147 56.36 -10.02 5.41
N LEU H 148 57.14 -10.02 4.35
CA LEU H 148 57.70 -8.80 3.80
C LEU H 148 56.70 -8.35 2.71
N HIS H 149 56.30 -7.06 2.65
CA HIS H 149 55.43 -6.57 1.57
C HIS H 149 56.25 -6.45 0.28
N ARG H 150 57.45 -5.87 0.36
CA ARG H 150 58.37 -5.73 -0.77
C ARG H 150 57.89 -4.89 -1.93
N ASP H 151 56.78 -4.15 -1.79
CA ASP H 151 56.32 -3.32 -2.90
C ASP H 151 55.58 -2.09 -2.43
N ILE H 152 56.00 -1.54 -1.27
CA ILE H 152 55.31 -0.37 -0.76
C ILE H 152 55.53 0.83 -1.70
N LYS H 153 54.41 1.50 -2.02
CA LYS H 153 54.39 2.68 -2.88
C LYS H 153 53.04 3.42 -2.75
N CYS H 154 52.97 4.65 -3.26
CA CYS H 154 51.76 5.47 -3.16
C CYS H 154 50.54 4.79 -3.74
N SER H 155 50.70 4.24 -4.93
CA SER H 155 49.63 3.56 -5.63
C SER H 155 49.11 2.30 -4.90
N ASN H 156 49.88 1.74 -3.91
CA ASN H 156 49.50 0.53 -3.15
C ASN H 156 48.96 0.82 -1.75
N ILE H 157 48.68 2.09 -1.42
CA ILE H 157 48.09 2.45 -0.14
C ILE H 157 46.72 2.99 -0.48
N LEU H 158 45.69 2.16 -0.31
CA LEU H 158 44.31 2.55 -0.62
C LEU H 158 43.69 3.24 0.56
N LEU H 159 42.87 4.22 0.24
CA LEU H 159 42.26 5.09 1.21
C LEU H 159 40.84 5.34 0.75
N ASN H 160 39.83 4.98 1.56
CA ASN H 160 38.45 5.27 1.18
C ASN H 160 37.98 6.56 1.92
N ASN H 161 36.83 7.13 1.51
CA ASN H 161 36.33 8.41 2.04
C ASN H 161 36.16 8.44 3.56
N SER H 162 35.92 7.27 4.18
CA SER H 162 35.85 7.13 5.63
C SER H 162 37.15 7.61 6.36
N GLY H 163 38.24 7.76 5.63
CA GLY H 163 39.53 8.05 6.19
C GLY H 163 40.28 6.78 6.58
N GLN H 164 39.77 5.59 6.16
CA GLN H 164 40.42 4.32 6.42
C GLN H 164 41.51 4.06 5.42
N ILE H 165 42.61 3.47 5.88
CA ILE H 165 43.74 3.10 5.05
C ILE H 165 43.85 1.60 5.04
N LYS H 166 44.23 1.05 3.88
CA LYS H 166 44.47 -0.38 3.70
C LYS H 166 45.68 -0.56 2.80
N LEU H 167 46.57 -1.48 3.16
CA LEU H 167 47.79 -1.77 2.40
C LEU H 167 47.44 -2.87 1.41
N ALA H 168 47.68 -2.64 0.11
CA ALA H 168 47.26 -3.60 -0.90
C ALA H 168 48.37 -4.07 -1.85
N ASP H 169 48.13 -5.17 -2.62
CA ASP H 169 49.05 -5.75 -3.60
C ASP H 169 50.17 -6.59 -2.92
N PHE H 170 49.77 -7.79 -2.50
CA PHE H 170 50.68 -8.78 -1.91
C PHE H 170 51.23 -9.73 -3.01
N GLY H 171 51.34 -9.25 -4.26
CA GLY H 171 51.85 -10.01 -5.39
C GLY H 171 53.34 -10.22 -5.27
N LEU H 172 54.06 -9.21 -4.80
CA LEU H 172 55.50 -9.34 -4.58
C LEU H 172 55.83 -9.75 -3.16
N ALA H 173 54.83 -9.96 -2.28
CA ALA H 173 55.08 -10.36 -0.90
C ALA H 173 55.64 -11.78 -0.78
N ARG H 174 56.53 -11.98 0.20
CA ARG H 174 57.20 -13.25 0.48
C ARG H 174 57.30 -13.46 1.97
N LEU H 175 57.47 -14.71 2.38
CA LEU H 175 57.67 -15.03 3.79
C LEU H 175 59.13 -14.66 4.17
N TYR H 176 59.42 -14.45 5.47
CA TYR H 176 60.76 -14.11 5.92
C TYR H 176 61.16 -15.01 7.09
N ASN H 177 62.29 -15.76 6.95
CA ASN H 177 62.76 -16.61 8.05
C ASN H 177 64.00 -15.97 8.68
N SER H 178 63.78 -15.34 9.84
CA SER H 178 64.81 -14.69 10.65
C SER H 178 65.87 -15.70 11.05
N GLU H 179 65.40 -16.89 11.53
CA GLU H 179 66.23 -18.06 11.90
C GLU H 179 66.88 -18.52 10.62
N GLU H 180 68.23 -18.58 10.57
CA GLU H 180 68.92 -18.97 9.34
C GLU H 180 68.61 -17.95 8.20
N SER H 181 69.43 -17.96 7.11
CA SER H 181 69.21 -17.00 6.02
C SER H 181 68.78 -17.66 4.71
N ARG H 182 67.85 -16.98 3.99
CA ARG H 182 67.26 -17.44 2.73
C ARG H 182 67.65 -16.50 1.56
N PRO H 183 68.17 -17.00 0.41
CA PRO H 183 68.53 -16.09 -0.70
C PRO H 183 67.35 -15.54 -1.51
N TYR H 184 67.11 -14.20 -1.48
CA TYR H 184 66.00 -13.53 -2.21
C TYR H 184 66.48 -12.76 -3.43
N TPO H 185 65.56 -11.92 -3.97
CA TPO H 185 65.70 -11.09 -5.16
CB TPO H 185 64.21 -10.96 -5.68
CG2 TPO H 185 64.24 -10.47 -7.13
OG1 TPO H 185 63.35 -12.27 -5.37
P TPO H 185 61.95 -13.04 -5.97
O1P TPO H 185 60.99 -13.41 -4.74
O2P TPO H 185 62.39 -14.43 -6.74
O3P TPO H 185 60.99 -12.24 -6.98
C TPO H 185 66.26 -9.74 -4.76
O TPO H 185 65.84 -9.17 -3.77
HA TPO H 185 66.38 -11.58 -5.86
HB TPO H 185 63.77 -10.14 -5.10
HG21 TPO H 185 63.24 -10.49 -7.57
HG22 TPO H 185 64.86 -11.16 -7.70
HG23 TPO H 185 64.64 -9.47 -7.29
N ASN H 186 67.24 -9.22 -5.52
CA ASN H 186 67.87 -7.94 -5.20
C ASN H 186 66.97 -6.78 -5.64
N LYS H 187 66.62 -6.76 -6.94
CA LYS H 187 65.84 -5.68 -7.54
C LYS H 187 64.38 -5.74 -7.12
N VAL H 188 63.95 -4.99 -6.06
CA VAL H 188 62.54 -5.02 -5.64
C VAL H 188 62.13 -3.69 -4.98
N ILE H 189 60.82 -3.49 -4.75
CA ILE H 189 60.18 -2.39 -3.99
C ILE H 189 60.13 -1.01 -4.78
N THR H 190 60.29 -1.03 -6.13
CA THR H 190 60.33 0.18 -7.02
C THR H 190 61.51 1.09 -6.63
N LEU H 191 61.92 2.02 -7.53
CA LEU H 191 63.14 2.77 -7.27
C LEU H 191 62.99 3.89 -6.29
N TRP H 192 61.93 4.69 -6.41
CA TRP H 192 61.77 5.86 -5.54
C TRP H 192 61.62 5.51 -4.07
N TYR H 193 61.08 4.31 -3.78
CA TYR H 193 60.88 3.88 -2.39
C TYR H 193 61.85 2.77 -1.96
N ARG H 194 62.98 2.60 -2.66
CA ARG H 194 63.89 1.52 -2.35
C ARG H 194 64.95 1.90 -1.32
N PRO H 195 65.19 1.02 -0.29
CA PRO H 195 66.21 1.33 0.72
C PRO H 195 67.65 1.20 0.20
N PRO H 196 68.63 1.78 0.92
CA PRO H 196 70.02 1.71 0.44
C PRO H 196 70.60 0.31 0.36
N GLU H 197 70.29 -0.56 1.33
CA GLU H 197 70.82 -1.92 1.32
C GLU H 197 70.50 -2.69 0.01
N LEU H 198 69.29 -2.52 -0.55
CA LEU H 198 68.94 -3.19 -1.80
C LEU H 198 69.64 -2.57 -3.00
N LEU H 199 69.84 -1.24 -2.97
CA LEU H 199 70.58 -0.56 -4.03
C LEU H 199 72.03 -1.06 -4.03
N LEU H 200 72.61 -1.30 -2.84
CA LEU H 200 73.99 -1.80 -2.72
C LEU H 200 74.14 -3.33 -2.84
N GLY H 201 73.09 -4.02 -3.28
CA GLY H 201 73.15 -5.45 -3.59
C GLY H 201 72.82 -6.45 -2.53
N GLU H 202 72.06 -6.08 -1.48
CA GLU H 202 71.69 -7.05 -0.45
C GLU H 202 70.61 -7.99 -1.01
N GLU H 203 70.80 -9.29 -0.86
CA GLU H 203 69.84 -10.30 -1.29
C GLU H 203 69.27 -11.10 -0.10
N ARG H 204 69.86 -11.00 1.11
CA ARG H 204 69.41 -11.67 2.31
C ARG H 204 69.04 -10.53 3.24
N TYR H 205 67.93 -9.87 2.92
CA TYR H 205 67.43 -8.65 3.60
C TYR H 205 66.30 -8.92 4.58
N THR H 206 66.05 -7.93 5.44
CA THR H 206 65.07 -7.99 6.51
C THR H 206 63.83 -7.20 6.21
N PRO H 207 62.81 -7.28 7.08
CA PRO H 207 61.62 -6.46 6.93
C PRO H 207 61.85 -4.96 7.10
N ALA H 208 63.03 -4.55 7.57
CA ALA H 208 63.37 -3.13 7.67
C ALA H 208 63.27 -2.41 6.32
N ILE H 209 63.21 -3.17 5.18
CA ILE H 209 63.09 -2.59 3.83
C ILE H 209 61.73 -1.89 3.68
N ASP H 210 60.65 -2.50 4.22
CA ASP H 210 59.32 -1.88 4.16
C ASP H 210 59.27 -0.61 5.00
N VAL H 211 60.00 -0.57 6.13
CA VAL H 211 60.03 0.62 6.97
C VAL H 211 60.66 1.80 6.19
N TRP H 212 61.66 1.55 5.33
CA TRP H 212 62.26 2.60 4.52
C TRP H 212 61.22 3.19 3.57
N SER H 213 60.42 2.32 2.91
CA SER H 213 59.35 2.76 1.99
C SER H 213 58.36 3.66 2.72
N CYS H 214 57.99 3.28 3.95
CA CYS H 214 57.07 4.07 4.76
C CYS H 214 57.66 5.37 5.23
N GLY H 215 58.97 5.44 5.42
CA GLY H 215 59.63 6.68 5.76
C GLY H 215 59.56 7.62 4.57
N CYS H 216 59.80 7.08 3.37
CA CYS H 216 59.69 7.83 2.12
C CYS H 216 58.27 8.40 1.97
N ILE H 217 57.24 7.62 2.37
CA ILE H 217 55.84 8.04 2.34
C ILE H 217 55.61 9.13 3.39
N LEU H 218 56.14 8.99 4.60
CA LEU H 218 55.93 9.98 5.65
C LEU H 218 56.41 11.37 5.24
N GLY H 219 57.66 11.48 4.79
CA GLY H 219 58.21 12.76 4.35
C GLY H 219 57.41 13.36 3.21
N GLU H 220 56.98 12.48 2.31
CA GLU H 220 56.16 12.83 1.14
C GLU H 220 54.80 13.42 1.53
N LEU H 221 54.17 12.99 2.63
CA LEU H 221 52.88 13.57 3.06
C LEU H 221 53.05 15.00 3.57
N PHE H 222 54.26 15.37 4.03
CA PHE H 222 54.57 16.72 4.49
C PHE H 222 55.07 17.63 3.34
N THR H 223 55.50 17.08 2.18
CA THR H 223 55.99 17.87 1.05
C THR H 223 55.11 17.82 -0.19
N LYS H 224 54.17 16.86 -0.28
CA LYS H 224 53.33 16.68 -1.46
C LYS H 224 54.18 16.29 -2.69
N LYS H 225 55.29 15.57 -2.48
CA LYS H 225 56.21 15.21 -3.55
C LYS H 225 57.11 14.09 -3.09
N PRO H 226 57.36 13.00 -3.87
CA PRO H 226 58.30 11.97 -3.39
C PRO H 226 59.68 12.56 -3.08
N ILE H 227 60.21 12.24 -1.90
CA ILE H 227 61.45 12.85 -1.44
C ILE H 227 62.67 12.50 -2.36
N PHE H 228 62.79 11.22 -2.75
CA PHE H 228 63.88 10.76 -3.64
C PHE H 228 63.34 10.36 -5.01
N GLN H 229 63.61 11.16 -6.05
CA GLN H 229 63.16 10.83 -7.40
C GLN H 229 64.32 10.78 -8.39
N ALA H 230 64.75 9.58 -8.79
CA ALA H 230 65.83 9.43 -9.76
C ALA H 230 65.50 8.35 -10.78
N ASN H 231 66.16 8.40 -11.94
CA ASN H 231 65.95 7.44 -13.03
C ASN H 231 66.75 6.13 -12.84
N LEU H 232 67.94 6.16 -12.18
CA LEU H 232 68.80 4.98 -12.02
C LEU H 232 69.26 4.76 -10.58
N GLU H 233 69.73 3.53 -10.28
CA GLU H 233 70.20 3.11 -8.96
C GLU H 233 71.31 4.01 -8.43
N LEU H 234 72.32 4.30 -9.25
CA LEU H 234 73.43 5.15 -8.81
C LEU H 234 72.96 6.57 -8.50
N ALA H 235 72.10 7.15 -9.35
CA ALA H 235 71.53 8.49 -9.15
C ALA H 235 70.63 8.54 -7.91
N GLN H 236 69.92 7.44 -7.64
CA GLN H 236 69.04 7.30 -6.48
C GLN H 236 69.87 7.24 -5.21
N LEU H 237 70.95 6.45 -5.22
CA LEU H 237 71.85 6.35 -4.08
C LEU H 237 72.51 7.70 -3.78
N GLU H 238 72.76 8.53 -4.81
CA GLU H 238 73.32 9.86 -4.64
C GLU H 238 72.32 10.77 -3.90
N LEU H 239 71.02 10.70 -4.26
CA LEU H 239 69.99 11.51 -3.59
C LEU H 239 69.86 11.13 -2.13
N ILE H 240 69.79 9.81 -1.86
CA ILE H 240 69.67 9.27 -0.52
C ILE H 240 70.90 9.68 0.30
N SER H 241 72.11 9.62 -0.31
CA SER H 241 73.34 10.01 0.36
C SER H 241 73.37 11.50 0.68
N ARG H 242 72.88 12.37 -0.22
CA ARG H 242 72.87 13.81 0.03
C ARG H 242 72.06 14.18 1.27
N LEU H 243 70.91 13.50 1.47
CA LEU H 243 70.03 13.76 2.60
C LEU H 243 70.45 13.06 3.90
N CYS H 244 70.62 11.72 3.84
CA CYS H 244 70.89 10.82 4.97
C CYS H 244 72.35 10.64 5.37
N GLY H 245 73.28 10.97 4.46
CA GLY H 245 74.71 10.78 4.65
C GLY H 245 75.17 9.61 3.79
N SER H 246 76.42 9.64 3.34
CA SER H 246 76.93 8.57 2.49
C SER H 246 77.04 7.28 3.28
N PRO H 247 76.59 6.11 2.76
CA PRO H 247 76.76 4.86 3.53
C PRO H 247 78.23 4.57 3.76
N CYS H 248 78.65 4.46 5.03
CA CYS H 248 80.05 4.21 5.36
C CYS H 248 80.13 3.42 6.68
N PRO H 249 81.20 2.64 6.94
CA PRO H 249 81.27 1.85 8.17
C PRO H 249 81.11 2.62 9.49
N ALA H 250 81.39 3.93 9.49
CA ALA H 250 81.23 4.74 10.70
C ALA H 250 79.80 4.71 11.23
N VAL H 251 78.82 4.70 10.32
CA VAL H 251 77.39 4.69 10.65
C VAL H 251 76.70 3.36 10.33
N TRP H 252 77.33 2.51 9.52
CA TRP H 252 76.79 1.23 9.05
C TRP H 252 77.94 0.25 8.95
N PRO H 253 78.38 -0.37 10.06
CA PRO H 253 79.57 -1.23 10.00
C PRO H 253 79.53 -2.37 8.99
N ASP H 254 78.36 -2.99 8.79
CA ASP H 254 78.24 -4.10 7.86
C ASP H 254 78.05 -3.67 6.40
N VAL H 255 78.17 -2.36 6.09
CA VAL H 255 78.05 -1.89 4.71
C VAL H 255 79.14 -2.50 3.84
N ILE H 256 80.33 -2.70 4.42
CA ILE H 256 81.49 -3.28 3.76
C ILE H 256 81.24 -4.72 3.28
N ARG H 257 80.22 -5.40 3.82
CA ARG H 257 79.87 -6.77 3.44
C ARG H 257 79.04 -6.83 2.18
N LEU H 258 78.42 -5.72 1.73
CA LEU H 258 77.57 -5.73 0.56
C LEU H 258 78.35 -5.76 -0.75
N PRO H 259 77.77 -6.31 -1.85
CA PRO H 259 78.56 -6.42 -3.09
C PRO H 259 78.92 -5.14 -3.82
N TYR H 260 77.93 -4.25 -4.07
CA TYR H 260 78.19 -3.03 -4.81
C TYR H 260 78.62 -1.88 -3.91
N PHE H 261 79.23 -2.16 -2.75
CA PHE H 261 79.66 -1.09 -1.85
C PHE H 261 80.78 -0.27 -2.51
N ASN H 262 81.85 -0.94 -2.99
CA ASN H 262 82.95 -0.26 -3.68
C ASN H 262 82.58 0.22 -5.07
N THR H 263 81.66 -0.48 -5.75
CA THR H 263 81.23 -0.13 -7.11
C THR H 263 80.38 1.15 -7.09
N MET H 264 79.32 1.18 -6.25
CA MET H 264 78.42 2.33 -6.12
C MET H 264 78.84 3.25 -4.99
N LYS H 265 79.74 4.19 -5.30
CA LYS H 265 80.22 5.16 -4.33
C LYS H 265 79.56 6.53 -4.65
N PRO H 266 78.95 7.26 -3.69
CA PRO H 266 78.39 8.59 -4.04
C PRO H 266 79.48 9.60 -4.44
N LYS H 267 79.09 10.75 -5.00
CA LYS H 267 80.05 11.76 -5.46
C LYS H 267 81.05 12.18 -4.37
N LYS H 268 80.55 12.36 -3.16
CA LYS H 268 81.32 12.81 -1.99
C LYS H 268 80.89 12.00 -0.74
N GLN H 269 81.60 12.19 0.39
CA GLN H 269 81.21 11.57 1.67
C GLN H 269 80.31 12.60 2.38
N TYR H 270 79.00 12.57 2.08
CA TYR H 270 78.04 13.52 2.63
C TYR H 270 77.75 13.26 4.09
N ARG H 271 77.50 14.33 4.84
CA ARG H 271 77.10 14.24 6.22
C ARG H 271 75.56 14.22 6.22
N ARG H 272 74.98 13.69 7.30
CA ARG H 272 73.51 13.63 7.40
C ARG H 272 72.96 15.05 7.57
N ARG H 273 72.00 15.41 6.73
CA ARG H 273 71.34 16.69 6.76
C ARG H 273 69.82 16.49 6.80
N LEU H 274 69.29 15.32 7.22
CA LEU H 274 67.84 15.07 7.22
C LEU H 274 67.09 16.01 8.14
N ARG H 275 67.59 16.23 9.36
CA ARG H 275 66.93 17.13 10.30
C ARG H 275 67.02 18.58 9.81
N GLU H 276 68.16 18.96 9.21
CA GLU H 276 68.36 20.30 8.66
C GLU H 276 67.35 20.55 7.49
N GLU H 277 67.27 19.58 6.53
CA GLU H 277 66.41 19.65 5.33
C GLU H 277 64.93 19.61 5.63
N PHE H 278 64.50 18.84 6.64
CA PHE H 278 63.09 18.74 6.98
C PHE H 278 62.81 19.53 8.27
N SER H 279 63.47 20.68 8.48
CA SER H 279 63.27 21.50 9.69
C SER H 279 61.82 21.98 9.89
N PHE H 280 61.09 22.21 8.78
CA PHE H 280 59.68 22.63 8.77
C PHE H 280 58.65 21.56 9.25
N ILE H 281 59.11 20.40 9.73
CA ILE H 281 58.22 19.33 10.19
C ILE H 281 58.17 19.33 11.71
N PRO H 282 56.99 19.10 12.34
CA PRO H 282 56.94 19.06 13.80
C PRO H 282 57.87 18.01 14.41
N SER H 283 58.62 18.42 15.43
CA SER H 283 59.62 17.62 16.16
C SER H 283 59.29 16.14 16.34
N ALA H 284 58.03 15.82 16.68
CA ALA H 284 57.61 14.44 16.92
C ALA H 284 57.71 13.60 15.64
N ALA H 285 57.25 14.16 14.52
CA ALA H 285 57.28 13.52 13.21
C ALA H 285 58.67 13.55 12.62
N LEU H 286 59.43 14.63 12.85
CA LEU H 286 60.79 14.74 12.34
C LEU H 286 61.67 13.66 12.93
N ASP H 287 61.48 13.36 14.22
CA ASP H 287 62.25 12.31 14.87
C ASP H 287 61.85 10.94 14.30
N LEU H 288 60.55 10.72 14.03
CA LEU H 288 60.06 9.47 13.44
C LEU H 288 60.68 9.28 12.07
N LEU H 289 60.68 10.33 11.26
CA LEU H 289 61.27 10.31 9.92
C LEU H 289 62.77 10.02 10.02
N ASP H 290 63.49 10.69 10.93
CA ASP H 290 64.92 10.49 11.14
C ASP H 290 65.24 9.02 11.42
N HIS H 291 64.40 8.37 12.24
CA HIS H 291 64.60 6.96 12.60
C HIS H 291 64.20 5.99 11.51
N MET H 292 63.14 6.28 10.76
CA MET H 292 62.71 5.40 9.68
C MET H 292 63.67 5.47 8.48
N LEU H 293 64.31 6.63 8.25
CA LEU H 293 65.28 6.77 7.17
C LEU H 293 66.71 6.71 7.70
N THR H 294 66.96 5.67 8.47
CA THR H 294 68.25 5.34 9.04
C THR H 294 68.88 4.35 8.04
N LEU H 295 70.12 4.61 7.59
CA LEU H 295 70.80 3.79 6.57
C LEU H 295 71.00 2.31 6.97
N ASP H 296 71.74 2.03 8.07
CA ASP H 296 72.02 0.66 8.52
C ASP H 296 70.68 0.01 8.89
N PRO H 297 70.18 -1.00 8.17
CA PRO H 297 68.87 -1.57 8.54
C PRO H 297 68.81 -2.17 9.94
N SER H 298 69.95 -2.60 10.48
CA SER H 298 69.99 -3.12 11.84
C SER H 298 69.77 -1.98 12.87
N LYS H 299 70.07 -0.72 12.50
CA LYS H 299 69.84 0.46 13.35
C LYS H 299 68.49 1.14 13.04
N ARG H 300 67.82 0.81 11.94
CA ARG H 300 66.53 1.39 11.58
C ARG H 300 65.43 0.78 12.43
N CYS H 301 64.47 1.60 12.83
CA CYS H 301 63.38 1.18 13.69
C CYS H 301 62.46 0.13 13.05
N THR H 302 61.74 -0.60 13.90
CA THR H 302 60.80 -1.64 13.51
C THR H 302 59.43 -1.02 13.31
N ALA H 303 58.48 -1.77 12.74
CA ALA H 303 57.13 -1.27 12.58
C ALA H 303 56.50 -1.06 13.95
N GLU H 304 56.74 -1.98 14.89
CA GLU H 304 56.23 -1.86 16.26
C GLU H 304 56.76 -0.63 16.96
N GLN H 305 58.03 -0.31 16.75
CA GLN H 305 58.64 0.85 17.38
C GLN H 305 58.01 2.15 16.87
N THR H 306 57.69 2.23 15.57
CA THR H 306 57.05 3.43 15.01
C THR H 306 55.69 3.68 15.66
N LEU H 307 54.97 2.63 16.03
CA LEU H 307 53.69 2.76 16.71
C LEU H 307 53.86 3.21 18.18
N GLN H 308 55.04 2.99 18.80
CA GLN H 308 55.34 3.44 20.15
C GLN H 308 56.30 4.60 20.03
N SER H 309 55.91 5.62 19.28
CA SER H 309 56.66 6.84 19.05
C SER H 309 55.85 8.01 19.51
N ASP H 310 56.49 9.13 19.92
CA ASP H 310 55.72 10.29 20.40
C ASP H 310 54.70 10.77 19.37
N PHE H 311 55.05 10.64 18.07
CA PHE H 311 54.15 11.06 17.02
C PHE H 311 52.86 10.23 16.97
N LEU H 312 52.96 8.90 16.91
CA LEU H 312 51.78 8.05 16.75
C LEU H 312 51.18 7.37 17.98
N LYS H 313 51.96 7.03 19.01
CA LYS H 313 51.47 6.27 20.16
C LYS H 313 50.17 6.79 20.77
N ASP H 314 50.08 8.10 20.97
CA ASP H 314 48.91 8.70 21.61
C ASP H 314 47.74 8.95 20.65
N VAL H 315 47.93 8.71 19.32
CA VAL H 315 46.89 8.94 18.30
C VAL H 315 45.66 8.05 18.55
N GLU H 316 44.50 8.67 18.88
CA GLU H 316 43.26 7.96 19.13
C GLU H 316 42.62 7.67 17.78
N LEU H 317 42.54 6.39 17.40
CA LEU H 317 42.00 6.02 16.09
C LEU H 317 40.48 6.14 15.99
N SER H 318 39.78 6.16 17.13
CA SER H 318 38.32 6.35 17.17
C SER H 318 37.89 7.69 16.56
N LYS H 319 38.73 8.73 16.74
CA LYS H 319 38.46 10.06 16.18
C LYS H 319 38.48 9.98 14.64
N MET H 320 39.47 9.20 14.09
CA MET H 320 39.67 8.86 12.66
C MET H 320 40.13 10.08 11.82
N ALA H 321 39.30 11.18 11.80
CA ALA H 321 39.57 12.44 11.07
C ALA H 321 39.74 12.20 9.53
N PRO H 322 38.62 12.22 8.75
CA PRO H 322 38.73 11.97 7.28
C PRO H 322 39.48 13.08 6.51
N PRO H 323 40.61 12.78 5.77
CA PRO H 323 41.36 13.86 5.09
C PRO H 323 40.62 14.52 3.94
N ASP H 324 40.10 15.72 4.24
CA ASP H 324 39.32 16.55 3.31
C ASP H 324 39.93 16.66 1.88
N LEU H 325 39.13 16.23 0.89
CA LEU H 325 39.45 16.30 -0.53
C LEU H 325 38.54 17.41 -1.07
N PRO H 326 39.03 18.66 -1.22
CA PRO H 326 38.14 19.72 -1.72
C PRO H 326 37.71 19.47 -3.15
N HIS H 327 36.40 19.62 -3.45
CA HIS H 327 35.91 19.35 -4.81
C HIS H 327 34.60 20.03 -5.11
N TRP H 328 34.24 20.03 -6.40
CA TRP H 328 33.07 20.67 -6.95
C TRP H 328 33.27 22.21 -6.78
N GLN H 329 32.83 22.85 -5.67
CA GLN H 329 33.00 24.29 -5.50
C GLN H 329 34.47 24.74 -5.55
N ASP H 330 35.42 23.79 -5.44
CA ASP H 330 36.83 24.11 -5.51
C ASP H 330 37.42 23.99 -6.93
N CYS H 331 38.10 25.08 -7.35
CA CYS H 331 38.88 25.27 -8.58
C CYS H 331 38.09 25.30 -9.90
N HIS H 332 36.78 24.99 -9.92
CA HIS H 332 36.03 25.07 -11.20
C HIS H 332 36.07 26.49 -11.80
N GLU H 333 36.22 27.52 -10.93
CA GLU H 333 36.37 28.92 -11.30
C GLU H 333 37.31 29.59 -10.23
N LEU H 334 38.62 29.72 -10.53
CA LEU H 334 39.58 30.31 -9.57
C LEU H 334 39.54 31.88 -9.50
N TRP H 335 38.50 32.53 -10.05
CA TRP H 335 38.46 34.00 -10.09
C TRP H 335 38.18 34.54 -8.68
N SER H 336 37.07 34.09 -8.05
CA SER H 336 36.72 34.49 -6.69
C SER H 336 36.96 33.35 -5.69
N LYS H 337 37.12 33.72 -4.42
CA LYS H 337 37.33 32.79 -3.32
C LYS H 337 38.73 32.11 -3.32
N LYS H 338 39.46 32.08 -4.46
CA LYS H 338 40.84 31.54 -4.57
C LYS H 338 41.86 32.59 -5.15
N ARG H 339 41.33 33.63 -5.91
CA ARG H 339 42.06 34.73 -6.54
C ARG H 339 43.45 34.34 -7.04
N THR I 24 34.29 -19.13 6.78
CA THR I 24 35.61 -18.48 6.81
C THR I 24 36.63 -19.33 5.95
N LYS I 25 37.34 -20.35 6.57
CA LYS I 25 38.26 -21.28 5.90
C LYS I 25 37.57 -22.67 5.80
N PRO I 26 37.80 -23.45 4.72
CA PRO I 26 37.14 -24.78 4.64
C PRO I 26 37.67 -25.83 5.61
N CYS I 27 36.80 -26.80 5.95
CA CYS I 27 37.15 -27.92 6.83
C CYS I 27 37.74 -29.02 5.95
N TRP I 28 38.97 -29.46 6.25
CA TRP I 28 39.61 -30.49 5.45
C TRP I 28 39.82 -31.81 6.19
N TYR I 29 38.88 -32.14 7.10
CA TYR I 29 38.96 -33.36 7.89
C TYR I 29 37.67 -34.17 7.85
N TRP I 30 37.82 -35.51 7.79
CA TRP I 30 36.72 -36.48 7.71
C TRP I 30 36.95 -37.65 8.68
N ASP I 31 35.89 -38.43 8.94
CA ASP I 31 35.98 -39.62 9.79
C ASP I 31 36.45 -40.79 8.96
N LYS I 32 36.95 -41.87 9.59
CA LYS I 32 37.30 -43.09 8.83
C LYS I 32 36.03 -43.62 8.08
N LYS I 33 34.86 -43.52 8.78
CA LYS I 33 33.54 -43.92 8.28
C LYS I 33 33.21 -43.28 6.92
N ASP I 34 33.55 -42.01 6.77
CA ASP I 34 33.24 -41.21 5.59
C ASP I 34 34.00 -41.70 4.36
N LEU I 35 35.23 -42.20 4.53
CA LEU I 35 36.02 -42.69 3.39
C LEU I 35 35.37 -43.82 2.62
N ALA I 36 34.41 -44.53 3.23
CA ALA I 36 33.68 -45.59 2.54
C ALA I 36 32.73 -45.02 1.45
N HIS I 37 32.54 -43.67 1.41
CA HIS I 37 31.68 -42.96 0.48
C HIS I 37 32.43 -41.90 -0.34
N THR I 38 33.69 -42.18 -0.73
CA THR I 38 34.39 -41.26 -1.64
C THR I 38 33.74 -41.45 -3.04
N PRO I 39 33.97 -40.56 -4.02
CA PRO I 39 33.38 -40.79 -5.35
C PRO I 39 33.91 -42.08 -5.96
N SER I 40 35.23 -42.33 -5.79
CA SER I 40 35.90 -43.53 -6.27
C SER I 40 35.21 -44.79 -5.71
N GLN I 41 34.83 -44.82 -4.40
CA GLN I 41 34.15 -45.99 -3.83
C GLN I 41 32.84 -46.22 -4.49
N LEU I 42 32.08 -45.14 -4.62
CA LEU I 42 30.73 -45.18 -5.14
C LEU I 42 30.68 -45.38 -6.65
N GLU I 43 31.79 -45.22 -7.37
CA GLU I 43 31.84 -45.51 -8.80
C GLU I 43 32.23 -47.00 -9.09
N GLY I 44 32.18 -47.88 -8.07
CA GLY I 44 32.47 -49.30 -8.23
C GLY I 44 33.84 -49.76 -7.78
N LEU I 45 34.71 -48.81 -7.42
CA LEU I 45 36.05 -49.14 -6.97
C LEU I 45 35.95 -49.65 -5.54
N ASP I 46 36.67 -50.74 -5.21
CA ASP I 46 36.60 -51.29 -3.85
C ASP I 46 37.58 -50.58 -2.89
N PRO I 47 37.45 -50.74 -1.55
CA PRO I 47 38.32 -50.01 -0.63
C PRO I 47 39.79 -50.30 -0.78
N ALA I 48 40.17 -51.57 -0.95
CA ALA I 48 41.57 -51.94 -1.09
C ALA I 48 42.21 -51.26 -2.30
N THR I 49 41.47 -51.16 -3.41
CA THR I 49 41.98 -50.54 -4.63
C THR I 49 42.14 -49.03 -4.49
N GLU I 50 41.17 -48.33 -3.84
CA GLU I 50 41.33 -46.88 -3.67
C GLU I 50 42.54 -46.61 -2.75
N ALA I 51 42.76 -47.46 -1.73
CA ALA I 51 43.91 -47.33 -0.85
C ALA I 51 45.21 -47.54 -1.60
N ARG I 52 45.22 -48.48 -2.58
CA ARG I 52 46.38 -48.76 -3.41
C ARG I 52 46.69 -47.55 -4.27
N TYR I 53 45.67 -46.96 -4.90
CA TYR I 53 45.86 -45.78 -5.73
C TYR I 53 46.37 -44.57 -4.93
N ARG I 54 45.94 -44.44 -3.65
CA ARG I 54 46.42 -43.36 -2.81
C ARG I 54 47.91 -43.54 -2.45
N ARG I 55 48.38 -44.80 -2.20
CA ARG I 55 49.81 -45.02 -1.91
C ARG I 55 50.59 -44.78 -3.18
N GLU I 56 50.10 -45.33 -4.32
CA GLU I 56 50.77 -45.20 -5.62
C GLU I 56 50.94 -43.75 -5.99
N GLY I 57 49.87 -42.98 -5.83
CA GLY I 57 49.90 -41.57 -6.16
C GLY I 57 50.81 -40.78 -5.25
N ALA I 58 50.75 -41.03 -3.94
CA ALA I 58 51.60 -40.33 -2.99
C ALA I 58 53.09 -40.62 -3.26
N ARG I 59 53.48 -41.92 -3.33
CA ARG I 59 54.86 -42.33 -3.60
C ARG I 59 55.33 -41.80 -4.95
N PHE I 60 54.43 -41.63 -5.93
CA PHE I 60 54.79 -41.04 -7.22
C PHE I 60 55.20 -39.57 -7.00
N ILE I 61 54.35 -38.77 -6.33
CA ILE I 61 54.64 -37.36 -6.03
C ILE I 61 55.95 -37.25 -5.24
N PHE I 62 56.13 -38.13 -4.27
CA PHE I 62 57.31 -38.13 -3.43
C PHE I 62 58.56 -38.40 -4.25
N ASP I 63 58.57 -39.45 -5.08
CA ASP I 63 59.73 -39.83 -5.87
C ASP I 63 60.03 -38.87 -7.01
N VAL I 64 58.99 -38.28 -7.63
CA VAL I 64 59.18 -37.31 -8.71
C VAL I 64 59.85 -36.07 -8.10
N GLY I 65 59.31 -35.58 -7.00
CA GLY I 65 59.83 -34.39 -6.33
C GLY I 65 61.16 -34.56 -5.64
N THR I 66 61.46 -35.79 -5.16
CA THR I 66 62.75 -36.08 -4.53
C THR I 66 63.82 -36.00 -5.60
N ARG I 67 63.58 -36.61 -6.78
CA ARG I 67 64.51 -36.56 -7.90
C ARG I 67 64.71 -35.13 -8.40
N LEU I 68 63.66 -34.27 -8.37
CA LEU I 68 63.78 -32.86 -8.74
C LEU I 68 64.55 -32.03 -7.70
N GLY I 69 64.77 -32.57 -6.52
CA GLY I 69 65.47 -31.89 -5.45
C GLY I 69 64.61 -30.84 -4.82
N LEU I 70 63.44 -31.26 -4.33
CA LEU I 70 62.49 -30.36 -3.69
C LEU I 70 62.49 -30.54 -2.18
N HIS I 71 62.05 -29.50 -1.48
CA HIS I 71 61.98 -29.48 -0.03
C HIS I 71 60.88 -30.43 0.50
N TYR I 72 61.11 -31.05 1.67
CA TYR I 72 60.12 -31.96 2.27
C TYR I 72 58.72 -31.36 2.39
N ASP I 73 58.61 -30.02 2.55
CA ASP I 73 57.31 -29.36 2.65
C ASP I 73 56.64 -29.29 1.32
N THR I 74 57.41 -29.06 0.23
CA THR I 74 56.82 -29.02 -1.12
C THR I 74 56.26 -30.38 -1.51
N LEU I 75 56.92 -31.47 -1.10
CA LEU I 75 56.43 -32.81 -1.42
C LEU I 75 55.12 -33.09 -0.65
N ALA I 76 55.10 -32.78 0.66
CA ALA I 76 53.94 -33.00 1.50
C ALA I 76 52.76 -32.16 1.04
N THR I 77 53.00 -30.89 0.65
CA THR I 77 51.93 -30.01 0.18
C THR I 77 51.24 -30.63 -1.05
N GLY I 78 52.05 -31.16 -1.97
CA GLY I 78 51.53 -31.83 -3.17
C GLY I 78 50.74 -33.08 -2.83
N ILE I 79 51.24 -33.89 -1.89
CA ILE I 79 50.53 -35.10 -1.46
C ILE I 79 49.18 -34.74 -0.80
N ILE I 80 49.14 -33.66 0.00
CA ILE I 80 47.93 -33.20 0.69
C ILE I 80 46.90 -32.78 -0.36
N TYR I 81 47.32 -32.00 -1.37
CA TYR I 81 46.44 -31.58 -2.46
C TYR I 81 45.90 -32.82 -3.18
N PHE I 82 46.77 -33.80 -3.43
CA PHE I 82 46.37 -35.03 -4.09
C PHE I 82 45.31 -35.77 -3.27
N HIS I 83 45.57 -36.04 -2.01
CA HIS I 83 44.63 -36.74 -1.14
C HIS I 83 43.29 -36.02 -1.08
N ARG I 84 43.32 -34.68 -0.90
CA ARG I 84 42.13 -33.83 -0.85
C ARG I 84 41.36 -33.88 -2.17
N PHE I 85 42.07 -33.93 -3.31
CA PHE I 85 41.42 -33.97 -4.61
C PHE I 85 40.58 -35.23 -4.77
N TYR I 86 41.13 -36.42 -4.44
CA TYR I 86 40.36 -37.66 -4.61
C TYR I 86 39.29 -37.88 -3.53
N MET I 87 39.02 -36.84 -2.72
CA MET I 87 37.87 -36.75 -1.85
C MET I 87 36.71 -36.15 -2.64
N PHE I 88 36.98 -35.27 -3.63
CA PHE I 88 35.99 -34.66 -4.50
C PHE I 88 35.86 -35.32 -5.84
N HIS I 89 36.79 -36.20 -6.25
CA HIS I 89 36.75 -36.82 -7.57
C HIS I 89 37.06 -38.30 -7.52
N SER I 90 36.75 -39.01 -8.63
CA SER I 90 36.98 -40.44 -8.75
C SER I 90 38.29 -40.76 -9.49
N PHE I 91 38.99 -41.78 -9.01
CA PHE I 91 40.20 -42.25 -9.66
C PHE I 91 39.89 -42.79 -11.06
N LYS I 92 38.66 -43.30 -11.30
CA LYS I 92 38.25 -43.80 -12.61
C LYS I 92 38.19 -42.66 -13.63
N GLN I 93 37.78 -41.46 -13.19
CA GLN I 93 37.64 -40.28 -14.03
C GLN I 93 38.90 -39.42 -14.17
N PHE I 94 39.81 -39.44 -13.18
CA PHE I 94 41.04 -38.65 -13.23
C PHE I 94 42.25 -39.54 -13.02
N PRO I 95 43.10 -39.79 -14.05
CA PRO I 95 44.26 -40.66 -13.85
C PRO I 95 45.15 -40.21 -12.70
N ARG I 96 45.38 -41.10 -11.73
CA ARG I 96 46.13 -40.78 -10.52
C ARG I 96 47.49 -40.10 -10.77
N TYR I 97 48.29 -40.59 -11.74
CA TYR I 97 49.62 -40.02 -11.99
C TYR I 97 49.55 -38.64 -12.65
N VAL I 98 48.55 -38.38 -13.51
CA VAL I 98 48.41 -37.05 -14.12
C VAL I 98 48.02 -36.04 -13.05
N THR I 99 47.11 -36.42 -12.15
CA THR I 99 46.71 -35.57 -11.02
C THR I 99 47.88 -35.34 -10.06
N GLY I 100 48.67 -36.38 -9.82
CA GLY I 100 49.86 -36.28 -8.98
C GLY I 100 50.88 -35.30 -9.52
N ALA I 101 51.14 -35.32 -10.83
CA ALA I 101 52.07 -34.39 -11.47
C ALA I 101 51.57 -32.94 -11.30
N CYS I 102 50.25 -32.75 -11.46
CA CYS I 102 49.60 -31.44 -11.32
C CYS I 102 49.74 -30.91 -9.91
N CYS I 103 49.53 -31.78 -8.90
CA CYS I 103 49.65 -31.37 -7.50
C CYS I 103 51.04 -30.87 -7.19
N LEU I 104 52.06 -31.62 -7.63
CA LEU I 104 53.45 -31.25 -7.39
C LEU I 104 53.80 -29.97 -8.11
N PHE I 105 53.26 -29.78 -9.32
CA PHE I 105 53.50 -28.56 -10.08
C PHE I 105 52.98 -27.33 -9.32
N LEU I 106 51.73 -27.39 -8.83
CA LEU I 106 51.12 -26.30 -8.08
C LEU I 106 51.81 -26.10 -6.75
N ALA I 107 52.10 -27.21 -6.03
CA ALA I 107 52.77 -27.18 -4.74
C ALA I 107 54.12 -26.46 -4.81
N GLY I 108 54.83 -26.61 -5.92
CA GLY I 108 56.10 -25.91 -6.13
C GLY I 108 55.91 -24.41 -6.10
N LYS I 109 54.92 -23.90 -6.85
CA LYS I 109 54.60 -22.48 -6.87
C LYS I 109 54.11 -21.97 -5.51
N VAL I 110 53.33 -22.79 -4.80
CA VAL I 110 52.80 -22.42 -3.51
C VAL I 110 53.94 -22.28 -2.50
N GLU I 111 54.79 -23.30 -2.38
CA GLU I 111 55.90 -23.28 -1.42
C GLU I 111 57.12 -22.44 -1.84
N GLU I 112 57.03 -21.69 -2.95
CA GLU I 112 58.14 -20.87 -3.45
C GLU I 112 59.36 -21.69 -3.85
N THR I 113 59.16 -22.95 -4.28
CA THR I 113 60.21 -23.81 -4.81
C THR I 113 59.71 -24.23 -6.20
N PRO I 114 59.49 -23.30 -7.15
CA PRO I 114 58.87 -23.68 -8.42
C PRO I 114 59.76 -24.48 -9.34
N LYS I 115 59.13 -25.37 -10.13
CA LYS I 115 59.81 -26.22 -11.10
C LYS I 115 59.01 -26.16 -12.40
N LYS I 116 59.70 -26.03 -13.57
CA LYS I 116 59.00 -25.95 -14.86
C LYS I 116 58.24 -27.25 -15.11
N CYS I 117 57.06 -27.15 -15.72
CA CYS I 117 56.21 -28.30 -15.96
C CYS I 117 56.92 -29.34 -16.82
N LYS I 118 57.68 -28.87 -17.84
CA LYS I 118 58.45 -29.76 -18.73
C LYS I 118 59.36 -30.71 -17.95
N ASP I 119 59.98 -30.22 -16.86
CA ASP I 119 60.89 -30.99 -16.01
C ASP I 119 60.15 -32.03 -15.18
N ILE I 120 58.94 -31.69 -14.69
CA ILE I 120 58.12 -32.63 -13.95
C ILE I 120 57.70 -33.77 -14.88
N ILE I 121 57.28 -33.43 -16.10
CA ILE I 121 56.91 -34.41 -17.12
C ILE I 121 58.11 -35.32 -17.44
N LYS I 122 59.29 -34.72 -17.69
CA LYS I 122 60.51 -35.46 -18.00
C LYS I 122 60.83 -36.46 -16.90
N THR I 123 60.69 -36.05 -15.64
CA THR I 123 60.97 -36.91 -14.49
C THR I 123 59.90 -38.00 -14.32
N ALA I 124 58.63 -37.70 -14.59
CA ALA I 124 57.55 -38.68 -14.50
C ALA I 124 57.74 -39.75 -15.55
N ARG I 125 58.11 -39.38 -16.79
CA ARG I 125 58.38 -40.34 -17.87
C ARG I 125 59.56 -41.28 -17.55
N SER I 126 60.49 -40.81 -16.70
CA SER I 126 61.64 -41.57 -16.25
C SER I 126 61.22 -42.61 -15.20
N LEU I 127 60.36 -42.22 -14.24
CA LEU I 127 59.92 -43.14 -13.16
C LEU I 127 58.78 -44.08 -13.52
N LEU I 128 57.91 -43.71 -14.46
CA LEU I 128 56.79 -44.57 -14.86
C LEU I 128 57.16 -45.41 -16.07
N ASN I 129 56.45 -46.53 -16.23
CA ASN I 129 56.62 -47.42 -17.39
C ASN I 129 55.80 -46.89 -18.60
N ASP I 130 55.72 -47.66 -19.70
CA ASP I 130 54.98 -47.23 -20.89
C ASP I 130 53.48 -47.23 -20.63
N VAL I 131 52.98 -48.26 -19.93
CA VAL I 131 51.55 -48.39 -19.62
C VAL I 131 51.12 -47.26 -18.69
N GLN I 132 51.91 -47.03 -17.65
CA GLN I 132 51.67 -46.00 -16.64
C GLN I 132 51.67 -44.61 -17.27
N PHE I 133 52.68 -44.32 -18.11
CA PHE I 133 52.75 -43.03 -18.75
C PHE I 133 51.66 -42.80 -19.82
N GLY I 134 50.96 -43.85 -20.26
CA GLY I 134 49.86 -43.72 -21.21
C GLY I 134 48.79 -42.75 -20.74
N GLN I 135 48.60 -42.67 -19.40
CA GLN I 135 47.65 -41.75 -18.75
C GLN I 135 47.86 -40.30 -19.20
N PHE I 136 49.11 -39.90 -19.43
CA PHE I 136 49.46 -38.56 -19.85
C PHE I 136 49.08 -38.19 -21.29
N GLY I 137 48.46 -39.11 -22.03
CA GLY I 137 47.99 -38.82 -23.37
C GLY I 137 49.09 -38.46 -24.35
N ASP I 138 48.71 -37.78 -25.43
CA ASP I 138 49.64 -37.38 -26.48
C ASP I 138 50.48 -36.18 -26.08
N ASP I 139 49.85 -35.19 -25.42
CA ASP I 139 50.54 -33.98 -24.95
C ASP I 139 50.61 -34.08 -23.40
N PRO I 140 51.72 -34.57 -22.82
CA PRO I 140 51.78 -34.70 -21.36
C PRO I 140 51.69 -33.37 -20.62
N LYS I 141 52.38 -32.32 -21.10
CA LYS I 141 52.36 -31.01 -20.43
C LYS I 141 50.95 -30.45 -20.43
N GLU I 142 50.26 -30.49 -21.56
CA GLU I 142 48.92 -29.96 -21.66
C GLU I 142 47.97 -30.69 -20.75
N GLU I 143 48.09 -32.01 -20.65
CA GLU I 143 47.20 -32.81 -19.80
C GLU I 143 47.24 -32.32 -18.35
N VAL I 144 48.46 -32.03 -17.87
CA VAL I 144 48.71 -31.54 -16.52
C VAL I 144 48.28 -30.06 -16.34
N MET I 145 48.71 -29.18 -17.25
CA MET I 145 48.39 -27.74 -17.14
C MET I 145 46.91 -27.47 -17.11
N VAL I 146 46.19 -28.16 -17.96
CA VAL I 146 44.75 -28.04 -18.10
C VAL I 146 44.04 -28.39 -16.79
N LEU I 147 44.51 -29.44 -16.12
CA LEU I 147 43.93 -29.91 -14.86
C LEU I 147 44.13 -28.93 -13.69
N GLU I 148 45.09 -27.98 -13.81
CA GLU I 148 45.34 -27.00 -12.75
C GLU I 148 44.10 -26.21 -12.36
N ARG I 149 43.27 -25.81 -13.36
CA ARG I 149 42.03 -25.08 -13.10
C ARG I 149 41.13 -25.87 -12.16
N ILE I 150 40.94 -27.16 -12.39
CA ILE I 150 40.10 -28.00 -11.54
C ILE I 150 40.76 -28.20 -10.19
N LEU I 151 42.09 -28.43 -10.15
CA LEU I 151 42.76 -28.65 -8.87
C LEU I 151 42.56 -27.43 -7.95
N LEU I 152 42.77 -26.20 -8.46
CA LEU I 152 42.56 -24.99 -7.68
C LEU I 152 41.12 -24.87 -7.19
N GLN I 153 40.16 -25.18 -8.05
CA GLN I 153 38.76 -25.13 -7.69
C GLN I 153 38.40 -26.19 -6.65
N THR I 154 39.00 -27.38 -6.78
CA THR I 154 38.76 -28.51 -5.89
C THR I 154 39.28 -28.19 -4.50
N ILE I 155 40.56 -27.75 -4.39
CA ILE I 155 41.13 -27.37 -3.08
C ILE I 155 40.54 -26.00 -2.59
N LYS I 156 39.51 -25.45 -3.26
CA LYS I 156 38.81 -24.25 -2.85
C LYS I 156 39.77 -23.09 -2.62
N PHE I 157 40.87 -23.03 -3.38
CA PHE I 157 41.90 -21.99 -3.24
C PHE I 157 42.51 -21.90 -1.85
N ASP I 158 42.32 -22.92 -0.98
CA ASP I 158 42.96 -22.92 0.34
C ASP I 158 44.30 -23.58 0.09
N LEU I 159 45.28 -22.74 -0.29
CA LEU I 159 46.63 -23.14 -0.68
C LEU I 159 47.58 -23.30 0.51
N GLN I 160 47.33 -22.56 1.60
CA GLN I 160 48.20 -22.64 2.79
C GLN I 160 47.99 -23.98 3.46
N VAL I 161 49.08 -24.76 3.58
CA VAL I 161 49.03 -26.08 4.20
C VAL I 161 50.16 -26.20 5.24
N GLU I 162 49.81 -26.72 6.46
CA GLU I 162 50.78 -26.99 7.55
C GLU I 162 51.04 -28.51 7.59
N HIS I 163 52.29 -28.91 7.86
CA HIS I 163 52.66 -30.33 7.86
C HIS I 163 53.16 -30.80 9.23
N PRO I 164 53.04 -32.12 9.56
CA PRO I 164 53.49 -32.58 10.89
C PRO I 164 54.95 -32.26 11.21
N TYR I 165 55.82 -32.22 10.19
CA TYR I 165 57.26 -31.95 10.33
C TYR I 165 57.56 -30.74 11.22
N GLN I 166 57.00 -29.57 10.89
CA GLN I 166 57.25 -28.36 11.66
C GLN I 166 56.88 -28.50 13.14
N PHE I 167 55.77 -29.19 13.42
CA PHE I 167 55.30 -29.39 14.78
C PHE I 167 56.21 -30.37 15.48
N LEU I 168 56.55 -31.50 14.83
CA LEU I 168 57.48 -32.49 15.37
C LEU I 168 58.79 -31.86 15.83
N LEU I 169 59.28 -30.91 15.04
CA LEU I 169 60.52 -30.20 15.34
C LEU I 169 60.32 -29.21 16.48
N LYS I 170 59.20 -28.48 16.49
CA LYS I 170 58.91 -27.51 17.55
C LYS I 170 58.78 -28.20 18.91
N TYR I 171 58.10 -29.35 18.97
CA TYR I 171 57.90 -30.06 20.23
C TYR I 171 59.19 -30.72 20.68
N ALA I 172 59.91 -31.40 19.77
CA ALA I 172 61.17 -32.03 20.13
C ALA I 172 62.21 -31.01 20.59
N LYS I 173 62.17 -29.78 20.06
CA LYS I 173 63.07 -28.72 20.48
C LYS I 173 62.88 -28.38 21.97
N GLN I 174 61.64 -28.45 22.45
CA GLN I 174 61.32 -28.18 23.85
C GLN I 174 61.70 -29.34 24.81
N LEU I 175 62.07 -30.54 24.29
CA LEU I 175 62.51 -31.64 25.15
C LEU I 175 63.95 -31.36 25.55
N LYS I 176 64.31 -31.69 26.78
CA LYS I 176 65.64 -31.45 27.32
C LYS I 176 66.08 -32.76 27.98
N GLY I 177 67.12 -33.37 27.47
CA GLY I 177 67.60 -34.64 28.00
C GLY I 177 68.80 -35.15 27.22
N ASP I 178 68.98 -36.48 27.12
CA ASP I 178 70.12 -37.03 26.37
C ASP I 178 69.96 -36.71 24.89
N LYS I 179 70.86 -35.87 24.34
CA LYS I 179 70.81 -35.47 22.94
C LYS I 179 70.72 -36.65 21.99
N ASN I 180 71.38 -37.77 22.30
CA ASN I 180 71.35 -38.96 21.46
C ASN I 180 69.99 -39.64 21.48
N LYS I 181 69.38 -39.82 22.65
CA LYS I 181 68.07 -40.46 22.74
C LYS I 181 67.01 -39.57 22.11
N ILE I 182 67.04 -38.26 22.39
CA ILE I 182 66.09 -37.32 21.78
C ILE I 182 66.25 -37.33 20.25
N GLN I 183 67.49 -37.36 19.75
CA GLN I 183 67.72 -37.43 18.31
C GLN I 183 67.12 -38.70 17.69
N LYS I 184 67.27 -39.88 18.33
CA LYS I 184 66.69 -41.14 17.81
C LYS I 184 65.19 -41.03 17.73
N LEU I 185 64.56 -40.40 18.74
CA LEU I 185 63.11 -40.23 18.74
C LEU I 185 62.69 -39.36 17.55
N VAL I 186 63.33 -38.20 17.37
CA VAL I 186 63.03 -37.27 16.28
C VAL I 186 63.21 -37.95 14.92
N GLN I 187 64.33 -38.65 14.74
CA GLN I 187 64.68 -39.31 13.49
C GLN I 187 63.68 -40.40 13.13
N MET I 188 63.25 -41.17 14.13
CA MET I 188 62.30 -42.24 13.89
C MET I 188 60.91 -41.67 13.63
N ALA I 189 60.48 -40.68 14.44
CA ALA I 189 59.19 -40.03 14.24
C ALA I 189 59.12 -39.35 12.90
N TRP I 190 60.24 -38.79 12.40
CA TRP I 190 60.27 -38.16 11.08
C TRP I 190 59.92 -39.19 10.00
N THR I 191 60.49 -40.40 10.12
CA THR I 191 60.23 -41.49 9.18
C THR I 191 58.75 -41.84 9.15
N PHE I 192 58.12 -41.97 10.33
CA PHE I 192 56.70 -42.27 10.39
C PHE I 192 55.85 -41.20 9.73
N VAL I 193 56.30 -39.92 9.72
CA VAL I 193 55.56 -38.85 9.03
C VAL I 193 55.64 -39.10 7.53
N ASN I 194 56.81 -39.50 7.03
CA ASN I 194 56.98 -39.80 5.61
C ASN I 194 56.07 -40.95 5.19
N ASP I 195 55.81 -41.93 6.06
CA ASP I 195 54.93 -43.05 5.74
C ASP I 195 53.46 -42.65 5.83
N SER I 196 53.11 -41.88 6.87
CA SER I 196 51.74 -41.39 7.03
C SER I 196 51.27 -40.53 5.83
N LEU I 197 52.19 -40.15 4.92
CA LEU I 197 51.85 -39.43 3.71
C LEU I 197 51.08 -40.37 2.77
N CYS I 198 51.45 -41.66 2.70
CA CYS I 198 50.77 -42.64 1.85
C CYS I 198 49.34 -42.92 2.31
N THR I 199 48.95 -42.49 3.54
CA THR I 199 47.65 -42.77 4.15
C THR I 199 46.73 -41.54 4.19
N THR I 200 45.43 -41.82 4.38
CA THR I 200 44.41 -40.81 4.56
C THR I 200 44.46 -40.15 5.96
N LEU I 201 45.46 -40.46 6.83
CA LEU I 201 45.62 -39.78 8.14
C LEU I 201 45.67 -38.28 7.95
N SER I 202 46.27 -37.84 6.85
CA SER I 202 46.37 -36.44 6.42
C SER I 202 44.98 -35.79 6.39
N LEU I 203 43.96 -36.52 5.90
CA LEU I 203 42.56 -36.10 5.80
C LEU I 203 41.73 -36.33 7.07
N GLN I 204 42.30 -36.86 8.15
CA GLN I 204 41.53 -37.16 9.36
C GLN I 204 41.94 -36.32 10.57
N TRP I 205 43.25 -36.07 10.72
CA TRP I 205 43.79 -35.38 11.89
C TRP I 205 44.71 -34.26 11.51
N GLU I 206 44.76 -33.25 12.37
CA GLU I 206 45.57 -32.07 12.16
C GLU I 206 47.04 -32.43 12.30
N PRO I 207 47.93 -31.72 11.59
CA PRO I 207 49.37 -32.04 11.67
C PRO I 207 49.93 -32.00 13.08
N GLU I 208 49.38 -31.18 13.97
CA GLU I 208 49.83 -31.11 15.36
C GLU I 208 49.57 -32.47 16.03
N ILE I 209 48.38 -33.08 15.76
CA ILE I 209 47.97 -34.39 16.29
C ILE I 209 48.85 -35.49 15.70
N ILE I 210 49.11 -35.45 14.39
CA ILE I 210 49.95 -36.46 13.75
C ILE I 210 51.37 -36.36 14.30
N ALA I 211 51.90 -35.13 14.48
CA ALA I 211 53.26 -34.92 15.01
C ALA I 211 53.40 -35.54 16.40
N VAL I 212 52.39 -35.37 17.24
CA VAL I 212 52.35 -35.94 18.58
C VAL I 212 52.24 -37.46 18.47
N ALA I 213 51.38 -37.96 17.58
CA ALA I 213 51.18 -39.40 17.40
C ALA I 213 52.47 -40.10 16.98
N VAL I 214 53.24 -39.54 16.04
CA VAL I 214 54.51 -40.16 15.63
C VAL I 214 55.52 -40.11 16.78
N MET I 215 55.51 -39.07 17.63
CA MET I 215 56.40 -39.02 18.80
C MET I 215 55.99 -40.12 19.79
N TYR I 216 54.68 -40.29 20.01
CA TYR I 216 54.12 -41.33 20.87
C TYR I 216 54.53 -42.72 20.37
N LEU I 217 54.45 -42.94 19.06
CA LEU I 217 54.83 -44.22 18.48
C LEU I 217 56.33 -44.46 18.61
N ALA I 218 57.18 -43.48 18.20
CA ALA I 218 58.64 -43.61 18.31
C ALA I 218 59.06 -43.90 19.76
N GLY I 219 58.40 -43.25 20.71
CA GLY I 219 58.67 -43.44 22.12
C GLY I 219 58.37 -44.84 22.59
N ARG I 220 57.17 -45.37 22.24
CA ARG I 220 56.79 -46.73 22.62
C ARG I 220 57.80 -47.77 22.11
N LEU I 221 58.26 -47.58 20.87
CA LEU I 221 59.19 -48.52 20.27
C LEU I 221 60.56 -48.41 20.93
N CYS I 222 61.01 -47.18 21.20
CA CYS I 222 62.32 -46.97 21.83
C CYS I 222 62.35 -47.27 23.34
N LYS I 223 61.17 -47.42 23.98
CA LYS I 223 61.07 -47.61 25.43
C LYS I 223 61.60 -46.35 26.12
N PHE I 224 61.13 -45.18 25.66
CA PHE I 224 61.51 -43.88 26.19
C PHE I 224 60.33 -43.30 26.96
N GLU I 225 60.62 -42.65 28.09
CA GLU I 225 59.58 -42.00 28.89
C GLU I 225 59.60 -40.52 28.51
N ILE I 226 58.93 -40.15 27.40
CA ILE I 226 59.00 -38.78 26.86
C ILE I 226 58.69 -37.70 27.92
N GLN I 227 57.79 -37.98 28.89
CA GLN I 227 57.45 -37.02 29.95
C GLN I 227 58.67 -36.58 30.75
N GLU I 228 59.71 -37.43 30.86
CA GLU I 228 60.90 -37.06 31.60
C GLU I 228 61.64 -35.90 30.97
N TRP I 229 61.67 -35.83 29.64
CA TRP I 229 62.37 -34.75 28.96
C TRP I 229 61.54 -33.46 28.88
N THR I 230 60.36 -33.38 29.50
CA THR I 230 59.53 -32.18 29.41
C THR I 230 59.72 -31.24 30.60
N SER I 231 59.14 -30.05 30.48
CA SER I 231 59.07 -29.06 31.53
C SER I 231 58.23 -29.54 32.76
N LYS I 232 57.53 -30.67 32.60
CA LYS I 232 56.62 -31.25 33.58
C LYS I 232 56.96 -32.75 33.71
N PRO I 233 58.12 -33.09 34.29
CA PRO I 233 58.53 -34.50 34.36
C PRO I 233 57.57 -35.48 35.01
N MET I 234 56.68 -35.01 35.89
CA MET I 234 55.75 -35.90 36.57
C MET I 234 54.34 -35.85 35.99
N TYR I 235 54.17 -35.35 34.73
CA TYR I 235 52.90 -35.33 33.98
C TYR I 235 52.91 -36.45 32.90
N ARG I 236 52.18 -37.55 33.13
CA ARG I 236 52.15 -38.72 32.26
C ARG I 236 51.72 -38.43 30.86
N ARG I 237 50.66 -37.64 30.71
CA ARG I 237 50.09 -37.28 29.42
C ARG I 237 50.90 -36.12 28.83
N TRP I 238 52.22 -36.31 28.71
CA TRP I 238 53.16 -35.29 28.24
C TRP I 238 52.68 -34.49 27.04
N TRP I 239 52.03 -35.16 26.07
CA TRP I 239 51.55 -34.54 24.85
C TRP I 239 50.54 -33.45 25.03
N GLU I 240 49.80 -33.46 26.15
CA GLU I 240 48.80 -32.43 26.41
C GLU I 240 49.45 -31.04 26.49
N GLN I 241 50.77 -30.94 26.83
CA GLN I 241 51.43 -29.63 26.86
C GLN I 241 51.82 -29.11 25.44
N PHE I 242 51.51 -29.88 24.39
CA PHE I 242 51.77 -29.51 23.00
C PHE I 242 50.46 -29.38 22.24
N VAL I 243 49.55 -30.32 22.43
CA VAL I 243 48.25 -30.33 21.77
C VAL I 243 47.24 -30.64 22.85
N GLN I 244 46.68 -29.58 23.41
CA GLN I 244 45.69 -29.73 24.48
C GLN I 244 44.43 -30.42 23.94
N ASP I 245 43.93 -31.40 24.70
CA ASP I 245 42.69 -32.06 24.37
C ASP I 245 42.81 -33.08 23.25
N VAL I 246 43.65 -34.09 23.46
CA VAL I 246 43.80 -35.18 22.53
C VAL I 246 43.83 -36.45 23.33
N PRO I 247 42.88 -37.36 23.17
CA PRO I 247 42.86 -38.57 24.00
C PRO I 247 43.80 -39.63 23.48
N VAL I 248 44.35 -40.46 24.38
CA VAL I 248 45.29 -41.51 24.03
C VAL I 248 44.74 -42.44 22.95
N ASP I 249 43.45 -42.78 22.99
CA ASP I 249 42.85 -43.64 21.97
C ASP I 249 42.94 -43.07 20.54
N VAL I 250 42.99 -41.74 20.37
CA VAL I 250 43.21 -41.12 19.05
C VAL I 250 44.65 -41.43 18.64
N LEU I 251 45.61 -41.27 19.56
CA LEU I 251 47.00 -41.54 19.27
C LEU I 251 47.19 -43.03 18.94
N GLU I 252 46.49 -43.92 19.63
CA GLU I 252 46.59 -45.35 19.35
C GLU I 252 46.02 -45.71 18.00
N ASP I 253 44.96 -45.01 17.53
CA ASP I 253 44.40 -45.27 16.21
C ASP I 253 45.37 -44.82 15.14
N ILE I 254 46.02 -43.66 15.32
CA ILE I 254 47.01 -43.18 14.36
C ILE I 254 48.20 -44.13 14.35
N CYS I 255 48.64 -44.60 15.54
CA CYS I 255 49.75 -45.54 15.66
C CYS I 255 49.42 -46.83 14.93
N HIS I 256 48.24 -47.41 15.20
CA HIS I 256 47.81 -48.65 14.57
C HIS I 256 47.80 -48.52 13.04
N GLN I 257 47.27 -47.41 12.51
CA GLN I 257 47.26 -47.20 11.06
C GLN I 257 48.67 -47.10 10.48
N ILE I 258 49.61 -46.48 11.21
CA ILE I 258 51.00 -46.35 10.75
C ILE I 258 51.67 -47.71 10.72
N LEU I 259 51.45 -48.53 11.75
CA LEU I 259 52.04 -49.85 11.81
C LEU I 259 51.51 -50.82 10.77
N ASP I 260 50.27 -50.64 10.29
CA ASP I 260 49.72 -51.54 9.27
C ASP I 260 50.45 -51.49 7.94
N LEU I 261 51.12 -50.36 7.64
CA LEU I 261 51.95 -50.25 6.43
C LEU I 261 53.14 -51.21 6.60
N TYR I 262 53.80 -51.14 7.77
CA TYR I 262 54.96 -51.94 8.13
C TYR I 262 54.68 -53.45 8.28
N SER I 263 53.41 -53.80 8.58
CA SER I 263 52.98 -55.19 8.74
C SER I 263 52.93 -55.95 7.40
N GLN I 264 52.95 -55.25 6.24
CA GLN I 264 52.96 -55.87 4.91
C GLN I 264 54.40 -56.27 4.48
N GLY I 265 55.35 -55.34 4.64
CA GLY I 265 56.75 -55.56 4.30
C GLY I 265 57.56 -56.18 5.44
N LYS I 266 58.88 -56.38 5.19
CA LYS I 266 59.86 -57.00 6.11
C LYS I 266 60.65 -56.03 7.04
N GLN I 267 60.71 -54.72 6.70
CA GLN I 267 61.43 -53.68 7.46
C GLN I 267 60.95 -53.63 8.95
N GLN I 268 59.62 -53.80 9.21
CA GLN I 268 59.01 -53.97 10.54
C GLN I 268 58.88 -52.64 11.45
N MET I 269 59.98 -52.15 12.02
CA MET I 269 60.00 -51.01 12.97
C MET I 269 61.48 -50.59 13.15
N PRO I 270 62.12 -50.05 12.07
CA PRO I 270 63.58 -49.88 12.11
C PRO I 270 64.17 -48.97 13.21
N HIS I 271 65.42 -49.31 13.68
CA HIS I 271 66.20 -48.57 14.69
C HIS I 271 65.50 -48.48 16.06
C2 RC8 J . -20.37 -37.79 4.54
C4 RC8 J . -20.56 -35.63 5.54
C5 RC8 J . -19.27 -35.39 5.23
C6 RC8 J . -18.56 -36.40 4.55
C8 RC8 J . -20.09 -33.64 6.25
C9 RC8 J . -22.41 -34.33 6.73
C10 RC8 J . -23.12 -35.66 7.08
C12 RC8 J . -22.38 -38.85 3.47
C14 RC8 J . -24.09 -39.28 5.43
O1 RC8 J . -20.50 -40.09 2.51
C15 RC8 J . -21.91 -40.08 2.68
C13 RC8 J . -23.87 -38.93 3.92
N2 RC8 J . -21.53 -38.67 4.63
N1 RC8 J . -19.09 -37.55 4.23
N9 RC8 J . -21.06 -34.55 6.19
C11 RC8 J . -23.23 -33.62 5.63
N7 RC8 J . -18.99 -34.15 5.67
N3 RC8 J . -21.11 -36.84 5.20
N6 RC8 J . -17.20 -35.92 4.37
CA' RC8 J . -16.22 -36.99 4.13
C1' RC8 J . -16.06 -37.08 2.60
C6' RC8 J . -15.62 -35.93 1.98
C5' RC8 J . -15.49 -35.89 0.61
C4' RC8 J . -15.77 -37.03 -0.14
C3' RC8 J . -16.26 -38.18 0.50
C2' RC8 J . -16.40 -38.20 1.89
C1B RC8 J . -15.62 -36.98 -1.54
N1B RC8 J . -16.41 -37.73 -2.33
C5B RC8 J . -16.28 -37.68 -3.68
C4B RC8 J . -15.33 -36.83 -4.25
C3B RC8 J . -14.52 -36.08 -3.47
C2B RC8 J . -14.66 -36.13 -2.12
H8 RC8 J . -20.15 -32.80 6.64
H9 RC8 J . -22.36 -33.77 7.52
H10 RC8 J . -23.97 -35.46 7.51
H10A RC8 J . -22.57 -36.18 7.68
H10B RC8 J . -23.28 -36.17 6.27
H12 RC8 J . -22.28 -38.07 2.89
H14 RC8 J . -25.03 -39.44 5.58
H14A RC8 J . -23.79 -38.54 5.99
H14B RC8 J . -23.59 -40.09 5.65
HO1 RC8 J . -20.26 -40.77 2.08
H15 RC8 J . -22.33 -40.08 1.81
H15A RC8 J . -22.17 -40.88 3.16
H13 RC8 J . -24.31 -39.59 3.37
H13A RC8 J . -24.28 -38.07 3.74
HN2 RC8 J . -21.66 -39.15 5.33
H11 RC8 J . -23.05 -32.68 5.66
H11A RC8 J . -24.17 -33.78 5.79
H11B RC8 J . -22.97 -33.98 4.76
HN6 RC8 J . -16.99 -35.08 4.39
HA' RC8 J . -16.53 -37.83 4.50
HA'A RC8 J . -15.38 -36.74 4.53
H6' RC8 J . -15.42 -35.17 2.48
H5' RC8 J . -15.18 -35.11 0.20
H3' RC8 J . -16.44 -38.94 0.01
H2' RC8 J . -16.70 -38.98 2.31
H5B RC8 J . -16.83 -38.19 -4.22
H4B RC8 J . -15.24 -36.80 -5.17
H3B RC8 J . -13.89 -35.51 -3.85
H2B RC8 J . -14.11 -35.61 -1.60
C2 RC8 K . -22.12 38.39 7.06
C4 RC8 K . -19.93 37.54 7.37
C5 RC8 K . -20.43 36.29 7.33
C6 RC8 K . -21.80 36.13 7.14
C8 RC8 K . -18.27 36.17 7.61
C9 RC8 K . -17.61 38.55 7.68
C10 RC8 K . -18.24 39.87 8.19
C12 RC8 K . -22.45 40.58 5.83
C14 RC8 K . -21.33 42.41 7.36
O1 RC8 K . -24.64 39.50 5.71
C15 RC8 K . -23.94 40.72 5.55
C13 RC8 K . -21.68 41.92 5.91
N2 RC8 K . -22.28 39.85 7.08
N1 RC8 K . -22.62 37.15 7.01
N9 RC8 K . -18.59 37.46 7.56
C11 RC8 K . -17.04 38.80 6.27
N7 RC8 K . -19.40 35.44 7.49
N3 RC8 K . -20.79 38.58 7.25
N6 RC8 K . -22.09 34.70 7.17
CA' RC8 K . -23.49 34.38 7.47
C1' RC8 K . -24.18 34.16 6.10
C6' RC8 K . -23.66 33.15 5.32
C5' RC8 K . -24.19 32.90 4.08
C4' RC8 K . -25.26 33.65 3.61
C3' RC8 K . -25.73 34.73 4.37
C2' RC8 K . -25.21 34.98 5.64
C1B RC8 K . -25.78 33.38 2.33
N1B RC8 K . -26.29 34.39 1.58
C5B RC8 K . -26.77 34.15 0.34
C4B RC8 K . -26.72 32.86 -0.17
C3B RC8 K . -26.21 31.84 0.56
C2B RC8 K . -25.73 32.08 1.80
H8 RC8 K . -17.42 35.83 7.74
H9 RC8 K . -16.89 38.28 8.28
H10 RC8 K . -17.54 40.53 8.32
H10A RC8 K . -18.71 39.72 9.02
H10B RC8 K . -18.86 40.20 7.52
H12 RC8 K . -22.05 40.05 5.13
H14 RC8 K . -20.98 43.31 7.31
H14A RC8 K . -20.68 41.83 7.76
H14B RC8 K . -22.15 42.41 7.89
HO1 RC8 K . -25.47 39.61 5.57
H15 RC8 K . -24.07 41.02 4.63
H15A RC8 K . -24.31 41.39 6.14
H13 RC8 K . -22.21 42.61 5.47
H13A RC8 K . -20.84 41.82 5.42
HN2 RC8 K . -22.38 40.25 7.83
H11 RC8 K . -16.33 38.16 6.09
H11A RC8 K . -16.69 39.71 6.22
H11B RC8 K . -17.74 38.70 5.62
HN6 RC8 K . -21.50 34.09 7.01
HA' RC8 K . -23.92 35.09 7.95
HA'A RC8 K . -23.54 33.55 7.98
H6' RC8 K . -22.96 32.63 5.64
H5' RC8 K . -23.83 32.21 3.58
H3' RC8 K . -26.45 35.24 4.08
H2' RC8 K . -25.55 35.66 6.16
H5B RC8 K . -27.14 34.84 -0.16
H4B RC8 K . -27.06 32.70 -1.03
H3B RC8 K . -26.18 30.98 0.21
H2B RC8 K . -25.37 31.38 2.30
C2 RC8 L . 43.53 -0.07 -6.49
C4 RC8 L . 42.01 -1.55 -5.41
C5 RC8 L . 41.13 -0.53 -5.31
C6 RC8 L . 41.49 0.72 -5.82
C8 RC8 L . 40.24 -2.34 -4.43
C9 RC8 L . 42.03 -4.01 -4.72
C10 RC8 L . 43.59 -3.99 -4.71
C12 RC8 L . 45.15 -0.96 -8.19
C14 RC8 L . 46.76 -2.57 -6.87
O1 RC8 L . 45.11 1.46 -8.63
C15 RC8 L . 45.81 0.25 -8.88
C13 RC8 L . 46.03 -2.24 -8.20
N2 RC8 L . 44.87 -0.60 -6.82
N1 RC8 L . 42.66 0.93 -6.39
N9 RC8 L . 41.46 -2.65 -4.85
C11 RC8 L . 41.57 -4.81 -5.95
N7 RC8 L . 40.03 -1.03 -4.68
N3 RC8 L . 43.22 -1.31 -6.00
N6 RC8 L . 40.41 1.64 -5.54
CA' RC8 L . 40.82 3.06 -5.56
C1' RC8 L . 40.48 3.58 -6.97
C6' RC8 L . 39.15 3.49 -7.35
C5' RC8 L . 38.75 3.87 -8.61
C4' RC8 L . 39.69 4.37 -9.51
C3' RC8 L . 41.04 4.43 -9.13
C2' RC8 L . 41.44 4.04 -7.85
C1B RC8 L . 39.25 4.78 -10.79
N1B RC8 L . 40.11 4.67 -11.85
C5B RC8 L . 39.70 5.04 -13.08
C4B RC8 L . 38.41 5.51 -13.26
C3B RC8 L . 37.55 5.61 -12.23
C2B RC8 L . 37.95 5.24 -11.00
H8 RC8 L . 39.63 -2.91 -4.01
H9 RC8 L . 41.71 -4.43 -3.91
H10 RC8 L . 43.91 -4.89 -4.55
H10A RC8 L . 43.91 -3.40 -4.02
H10B RC8 L . 43.91 -3.69 -5.57
H12 RC8 L . 44.32 -1.15 -8.63
H14 RC8 L . 47.38 -3.31 -7.02
H14A RC8 L . 46.11 -2.83 -6.20
H14B RC8 L . 47.26 -1.80 -6.57
HO1 RC8 L . 45.50 2.10 -9.02
H15 RC8 L . 45.82 0.09 -9.83
H15A RC8 L . 46.72 0.34 -8.57
H13 RC8 L . 46.70 -2.15 -8.91
H13A RC8 L . 45.45 -2.99 -8.42
HN2 RC8 L . 45.48 -0.60 -6.22
H11 RC8 L . 40.69 -5.16 -5.79
H11A RC8 L . 42.19 -5.55 -6.10
H11B RC8 L . 41.56 -4.24 -6.74
HN6 RC8 L . 39.61 1.39 -5.39
HA' RC8 L . 41.75 3.16 -5.38
HA'A RC8 L . 40.30 3.55 -4.90
H6' RC8 L . 38.52 3.15 -6.75
H5' RC8 L . 37.85 3.81 -8.83
H3' RC8 L . 41.66 4.78 -9.71
H2' RC8 L . 42.32 4.09 -7.60
H5B RC8 L . 40.29 4.97 -13.80
H4B RC8 L . 38.14 5.77 -14.12
H3B RC8 L . 36.68 5.94 -12.37
H2B RC8 L . 37.35 5.33 -10.29
#